data_3SZ9
#
_entry.id   3SZ9
#
_cell.length_a   140.522
_cell.length_b   151.052
_cell.length_c   177.021
_cell.angle_alpha   90.000
_cell.angle_beta   90.000
_cell.angle_gamma   90.000
#
_symmetry.space_group_name_H-M   'P 21 21 21'
#
loop_
_entity.id
_entity.type
_entity.pdbx_description
1 polymer 'Aldehyde dehydrogenase, mitochondrial'
2 non-polymer 'SODIUM ION'
3 non-polymer GUANIDINE
4 non-polymer 1,2-ETHANEDIOL
5 non-polymer 1-(4-ethylphenyl)propan-1-one
6 water water
#
_entity_poly.entity_id   1
_entity_poly.type   'polypeptide(L)'
_entity_poly.pdbx_seq_one_letter_code
;SAAATQAVPAPNQQPEVFCNQIFINNEWHDAVSRKTFPTVNPSTGEVICQVAEGDKEDVDKAVKAARAAFQLGSPWRRMD
ASHRGRLLNRLADLIERDRTYLAALETLDNGKPYVISYLVDLDMVLKCLRYYAGWADKYHGKTIPIDGDFFSYTRHEPVG
VCGQIIPWNFPLLMQAWKLGPALATGNVVVMKVAEQTPLTALYVANLIKEAGFPPGVVNIVPGFGPTAGAAIASHEDVDK
VAFTGSTEIGRVIQVAAGSSNLKRVTLELGGKSPNIIMSDADMDWAVEQAHFALFFNQGQCCCAGSRTFVQEDIYDEFVE
RSVARAKSRVVGNPFDSKTEQGPQVDETQFKKILGYINTGKQEGAKLLCGGGIAADRGYFIQPTVFGDVQDGMTIAKEEI
FGPVMQILKFKTIEEVVGRANNSTYGLAAAVFTKDLDKANYLSQALQAGTVWVNCYDVFGAQSPFGGYKMSGSGRELGEY
GLQAYTEVKTVTVKVPQKNS
;
_entity_poly.pdbx_strand_id   A,B,C,D,E,F,G,H
#
loop_
_chem_comp.id
_chem_comp.type
_chem_comp.name
_chem_comp.formula
EDO non-polymer 1,2-ETHANEDIOL 'C2 H6 O2'
GAI non-polymer GUANIDINE 'C H5 N3'
I3E non-polymer 1-(4-ethylphenyl)propan-1-one 'C11 H14 O'
NA non-polymer 'SODIUM ION' 'Na 1'
#
# COMPACT_ATOMS: atom_id res chain seq x y z
N ALA A 7 -13.14 14.44 8.05
CA ALA A 7 -14.56 14.24 8.54
C ALA A 7 -15.59 14.48 7.42
N VAL A 8 -15.66 13.58 6.45
CA VAL A 8 -16.32 13.86 5.17
C VAL A 8 -17.66 13.13 5.00
N PRO A 9 -18.68 13.80 4.47
CA PRO A 9 -19.94 13.12 4.11
C PRO A 9 -19.79 12.08 2.99
N ALA A 10 -20.47 10.96 3.15
CA ALA A 10 -20.46 9.88 2.17
C ALA A 10 -20.94 10.37 0.81
N PRO A 11 -20.22 9.99 -0.25
CA PRO A 11 -20.54 10.46 -1.60
C PRO A 11 -21.68 9.67 -2.23
N ASN A 12 -22.43 10.31 -3.11
CA ASN A 12 -23.18 9.57 -4.13
C ASN A 12 -22.22 9.27 -5.27
N GLN A 13 -21.92 7.98 -5.46
CA GLN A 13 -20.87 7.57 -6.40
C GLN A 13 -21.37 7.53 -7.84
N GLN A 14 -22.66 7.79 -8.01
CA GLN A 14 -23.22 8.05 -9.34
C GLN A 14 -24.13 9.29 -9.36
N PRO A 15 -23.55 10.49 -9.33
CA PRO A 15 -24.37 11.69 -9.23
C PRO A 15 -25.09 11.97 -10.54
N GLU A 16 -26.35 12.38 -10.45
CA GLU A 16 -27.11 12.75 -11.64
C GLU A 16 -26.52 13.99 -12.33
N VAL A 17 -26.48 13.99 -13.66
CA VAL A 17 -26.04 15.16 -14.40
C VAL A 17 -27.26 15.94 -14.83
N PHE A 18 -27.31 17.23 -14.49
CA PHE A 18 -28.46 18.06 -14.81
C PHE A 18 -28.14 19.06 -15.91
N CYS A 19 -26.86 19.31 -16.14
CA CYS A 19 -26.44 20.41 -17.01
C CYS A 19 -25.39 19.95 -18.00
N ASN A 20 -25.71 20.09 -19.29
CA ASN A 20 -24.84 19.57 -20.34
C ASN A 20 -24.93 20.37 -21.63
N GLN A 21 -25.49 21.56 -21.55
CA GLN A 21 -25.61 22.42 -22.73
C GLN A 21 -24.72 23.66 -22.68
N ILE A 22 -24.88 24.54 -23.67
CA ILE A 22 -24.23 25.85 -23.67
C ILE A 22 -25.04 26.87 -22.85
N PHE A 23 -24.35 27.66 -22.05
CA PHE A 23 -25.01 28.57 -21.10
C PHE A 23 -24.82 29.99 -21.59
N ILE A 24 -25.92 30.60 -22.02
CA ILE A 24 -25.90 31.95 -22.53
C ILE A 24 -27.14 32.71 -22.06
N ASN A 25 -26.91 33.92 -21.56
CA ASN A 25 -27.99 34.78 -21.07
C ASN A 25 -28.85 34.05 -20.03
N ASN A 26 -28.18 33.30 -19.16
CA ASN A 26 -28.83 32.52 -18.10
C ASN A 26 -29.79 31.45 -18.64
N GLU A 27 -29.73 31.16 -19.94
CA GLU A 27 -30.48 30.00 -20.45
C GLU A 27 -29.58 28.92 -21.03
N TRP A 28 -30.14 27.73 -21.19
CA TRP A 28 -29.44 26.63 -21.84
C TRP A 28 -29.79 26.54 -23.33
N HIS A 29 -28.76 26.37 -24.16
CA HIS A 29 -28.92 26.33 -25.61
C HIS A 29 -28.17 25.09 -26.10
N ASP A 30 -28.69 24.46 -27.14
CA ASP A 30 -27.92 23.44 -27.87
C ASP A 30 -26.90 24.14 -28.75
N ALA A 31 -25.86 23.42 -29.14
CA ALA A 31 -25.02 23.88 -30.22
C ALA A 31 -25.90 24.26 -31.43
N VAL A 32 -25.66 25.43 -31.99
CA VAL A 32 -26.28 25.83 -33.25
C VAL A 32 -26.26 24.69 -34.26
N SER A 33 -25.16 23.96 -34.29
CA SER A 33 -24.96 22.82 -35.19
C SER A 33 -25.66 21.57 -34.69
N ARG A 34 -26.36 21.67 -33.56
CA ARG A 34 -26.97 20.51 -32.91
C ARG A 34 -26.00 19.40 -32.49
N LYS A 35 -24.73 19.49 -32.87
CA LYS A 35 -23.74 18.48 -32.49
C LYS A 35 -23.43 18.42 -30.99
N THR A 36 -23.21 17.21 -30.47
CA THR A 36 -22.73 17.02 -29.09
C THR A 36 -21.42 16.24 -29.05
N PHE A 37 -20.87 16.06 -27.84
CA PHE A 37 -19.70 15.20 -27.66
C PHE A 37 -19.80 14.37 -26.38
N PRO A 38 -19.03 13.26 -26.29
CA PRO A 38 -19.00 12.50 -25.04
C PRO A 38 -18.04 13.08 -24.02
N THR A 39 -18.42 13.07 -22.74
CA THR A 39 -17.44 13.14 -21.66
C THR A 39 -17.36 11.83 -20.89
N VAL A 40 -16.14 11.46 -20.52
CA VAL A 40 -15.84 10.10 -20.08
C VAL A 40 -15.42 10.08 -18.63
N ASN A 41 -15.90 9.09 -17.90
CA ASN A 41 -15.41 8.80 -16.56
C ASN A 41 -14.07 8.06 -16.54
N PRO A 42 -12.96 8.78 -16.30
CA PRO A 42 -11.63 8.17 -16.42
C PRO A 42 -11.37 6.98 -15.49
N SER A 43 -12.25 6.71 -14.53
CA SER A 43 -12.06 5.55 -13.66
C SER A 43 -12.53 4.23 -14.29
N THR A 44 -13.30 4.34 -15.38
CA THR A 44 -13.92 3.17 -16.00
C THR A 44 -13.89 3.26 -17.52
N GLY A 45 -13.51 4.41 -18.06
CA GLY A 45 -13.45 4.58 -19.50
C GLY A 45 -14.80 4.76 -20.18
N GLU A 46 -15.88 4.72 -19.39
CA GLU A 46 -17.24 4.79 -19.93
C GLU A 46 -17.76 6.23 -20.13
N VAL A 47 -18.64 6.42 -21.11
CA VAL A 47 -19.27 7.72 -21.32
C VAL A 47 -20.20 8.07 -20.17
N ILE A 48 -20.06 9.28 -19.63
CA ILE A 48 -20.99 9.80 -18.62
C ILE A 48 -22.24 10.36 -19.29
N CYS A 49 -22.06 11.18 -20.32
CA CYS A 49 -23.20 11.77 -21.02
C CYS A 49 -22.68 12.59 -22.18
N GLN A 50 -23.59 13.10 -23.00
CA GLN A 50 -23.23 13.95 -24.12
C GLN A 50 -23.26 15.41 -23.68
N VAL A 51 -22.49 16.26 -24.36
CA VAL A 51 -22.40 17.68 -24.03
C VAL A 51 -22.39 18.52 -25.31
N ALA A 52 -23.18 19.58 -25.33
CA ALA A 52 -23.22 20.43 -26.49
C ALA A 52 -21.81 20.82 -26.96
N GLU A 53 -21.59 20.73 -28.28
CA GLU A 53 -20.30 20.97 -28.89
C GLU A 53 -20.26 22.39 -29.45
N GLY A 54 -19.69 23.30 -28.69
CA GLY A 54 -19.69 24.70 -29.07
C GLY A 54 -18.68 24.97 -30.15
N ASP A 55 -18.95 25.99 -30.96
CA ASP A 55 -18.07 26.37 -32.05
C ASP A 55 -18.17 27.87 -32.25
N LYS A 56 -17.40 28.37 -33.23
CA LYS A 56 -17.39 29.78 -33.59
C LYS A 56 -18.75 30.47 -33.46
N GLU A 57 -19.80 29.83 -33.94
CA GLU A 57 -21.10 30.49 -34.02
C GLU A 57 -21.74 30.68 -32.66
N ASP A 58 -21.48 29.73 -31.75
CA ASP A 58 -22.00 29.83 -30.39
C ASP A 58 -21.19 30.81 -29.54
N VAL A 59 -19.87 30.81 -29.74
CA VAL A 59 -19.00 31.82 -29.16
C VAL A 59 -19.49 33.22 -29.54
N ASP A 60 -19.82 33.42 -30.82
CA ASP A 60 -20.30 34.72 -31.29
C ASP A 60 -21.59 35.09 -30.58
N LYS A 61 -22.42 34.11 -30.29
CA LYS A 61 -23.66 34.39 -29.59
C LYS A 61 -23.37 34.82 -28.14
N ALA A 62 -22.50 34.05 -27.49
CA ALA A 62 -22.08 34.36 -26.13
C ALA A 62 -21.49 35.77 -26.03
N VAL A 63 -20.63 36.13 -26.98
CA VAL A 63 -19.98 37.43 -26.96
C VAL A 63 -20.97 38.57 -27.08
N LYS A 64 -21.97 38.39 -27.94
CA LYS A 64 -22.98 39.43 -28.13
C LYS A 64 -23.83 39.58 -26.87
N ALA A 65 -24.15 38.45 -26.25
CA ALA A 65 -24.80 38.40 -24.93
C ALA A 65 -24.01 39.16 -23.84
N ALA A 66 -22.74 38.80 -23.69
CA ALA A 66 -21.80 39.47 -22.79
C ALA A 66 -21.69 40.96 -23.07
N ARG A 67 -21.52 41.31 -24.34
CA ARG A 67 -21.35 42.70 -24.73
C ARG A 67 -22.59 43.53 -24.36
N ALA A 68 -23.76 42.91 -24.48
CA ALA A 68 -25.02 43.59 -24.19
C ALA A 68 -25.14 43.79 -22.69
N ALA A 69 -24.80 42.76 -21.91
CA ALA A 69 -24.83 42.91 -20.46
C ALA A 69 -23.85 44.01 -20.02
N PHE A 70 -22.90 44.36 -20.87
CA PHE A 70 -21.84 45.30 -20.49
C PHE A 70 -22.14 46.73 -20.89
N GLN A 71 -23.25 46.96 -21.60
CA GLN A 71 -23.59 48.30 -22.05
C GLN A 71 -23.75 49.29 -20.91
N LEU A 72 -23.22 50.49 -21.09
CA LEU A 72 -23.42 51.56 -20.14
C LEU A 72 -24.90 51.65 -19.81
N GLY A 73 -25.22 51.71 -18.52
CA GLY A 73 -26.60 51.85 -18.08
C GLY A 73 -27.34 50.56 -17.82
N SER A 74 -26.73 49.42 -18.16
CA SER A 74 -27.34 48.11 -17.91
C SER A 74 -27.30 47.78 -16.41
N PRO A 75 -28.04 46.73 -16.00
CA PRO A 75 -28.09 46.30 -14.60
C PRO A 75 -26.71 45.99 -14.02
N TRP A 76 -25.90 45.26 -14.77
CA TRP A 76 -24.58 44.87 -14.29
C TRP A 76 -23.66 46.07 -14.15
N ARG A 77 -23.79 47.06 -15.03
CA ARG A 77 -22.87 48.18 -15.06
C ARG A 77 -23.29 49.16 -13.98
N ARG A 78 -24.59 49.23 -13.73
CA ARG A 78 -25.15 50.11 -12.71
C ARG A 78 -25.09 49.54 -11.30
N MET A 79 -25.03 48.22 -11.18
CA MET A 79 -25.00 47.59 -9.85
C MET A 79 -23.89 48.17 -8.96
N ASP A 80 -24.21 48.49 -7.72
CA ASP A 80 -23.22 48.85 -6.70
C ASP A 80 -22.11 47.82 -6.62
N ALA A 81 -20.87 48.32 -6.56
CA ALA A 81 -19.70 47.46 -6.32
C ALA A 81 -19.95 46.49 -5.15
N SER A 82 -20.49 47.00 -4.05
CA SER A 82 -20.71 46.17 -2.86
C SER A 82 -21.69 45.04 -3.16
N HIS A 83 -22.63 45.29 -4.06
CA HIS A 83 -23.63 44.25 -4.45
C HIS A 83 -23.03 43.15 -5.33
N ARG A 84 -22.09 43.49 -6.22
CA ARG A 84 -21.31 42.45 -6.89
C ARG A 84 -20.69 41.54 -5.83
N GLY A 85 -20.23 42.13 -4.73
CA GLY A 85 -19.69 41.35 -3.63
C GLY A 85 -20.73 40.41 -3.02
N ARG A 86 -21.93 40.94 -2.74
CA ARG A 86 -23.04 40.14 -2.23
C ARG A 86 -23.37 38.96 -3.12
N LEU A 87 -23.34 39.16 -4.42
CA LEU A 87 -23.64 38.10 -5.39
C LEU A 87 -22.57 37.02 -5.42
N LEU A 88 -21.30 37.41 -5.34
CA LEU A 88 -20.24 36.42 -5.21
C LEU A 88 -20.37 35.63 -3.92
N ASN A 89 -20.78 36.29 -2.84
CA ASN A 89 -20.95 35.59 -1.57
C ASN A 89 -22.12 34.63 -1.61
N ARG A 90 -23.18 35.02 -2.30
CA ARG A 90 -24.38 34.17 -2.41
C ARG A 90 -24.03 32.94 -3.25
N LEU A 91 -23.32 33.14 -4.36
CA LEU A 91 -22.85 32.02 -5.17
C LEU A 91 -22.01 31.04 -4.35
N ALA A 92 -21.10 31.54 -3.53
CA ALA A 92 -20.33 30.66 -2.66
C ALA A 92 -21.24 29.92 -1.67
N ASP A 93 -22.26 30.59 -1.15
CA ASP A 93 -23.21 29.91 -0.29
C ASP A 93 -23.91 28.76 -1.01
N LEU A 94 -24.34 29.00 -2.25
CA LEU A 94 -24.96 27.95 -3.06
C LEU A 94 -23.99 26.80 -3.33
N ILE A 95 -22.76 27.13 -3.70
CA ILE A 95 -21.74 26.10 -3.83
C ILE A 95 -21.57 25.31 -2.54
N GLU A 96 -21.56 25.98 -1.39
CA GLU A 96 -21.45 25.25 -0.14
C GLU A 96 -22.69 24.39 0.16
N ARG A 97 -23.88 24.87 -0.18
CA ARG A 97 -25.08 24.02 -0.05
C ARG A 97 -24.92 22.73 -0.84
N ASP A 98 -24.39 22.81 -2.05
CA ASP A 98 -24.31 21.67 -2.94
C ASP A 98 -22.91 21.08 -2.96
N ARG A 99 -22.18 21.24 -1.86
CA ARG A 99 -20.77 20.83 -1.80
C ARG A 99 -20.59 19.33 -2.05
N THR A 100 -21.48 18.53 -1.45
CA THR A 100 -21.28 17.08 -1.44
C THR A 100 -21.50 16.54 -2.85
N TYR A 101 -22.57 16.99 -3.49
CA TYR A 101 -22.82 16.71 -4.89
C TYR A 101 -21.71 17.19 -5.85
N LEU A 102 -21.31 18.45 -5.73
CA LEU A 102 -20.28 18.99 -6.62
C LEU A 102 -18.95 18.24 -6.50
N ALA A 103 -18.58 17.84 -5.29
CA ALA A 103 -17.33 17.10 -5.10
C ALA A 103 -17.41 15.73 -5.80
N ALA A 104 -18.54 15.05 -5.69
CA ALA A 104 -18.72 13.74 -6.35
C ALA A 104 -18.65 13.88 -7.85
N LEU A 105 -19.36 14.88 -8.39
CA LEU A 105 -19.38 15.15 -9.82
C LEU A 105 -18.01 15.52 -10.39
N GLU A 106 -17.22 16.27 -9.62
CA GLU A 106 -15.84 16.57 -9.97
C GLU A 106 -15.01 15.29 -10.09
N THR A 107 -15.09 14.44 -9.07
CA THR A 107 -14.45 13.13 -9.10
C THR A 107 -14.85 12.26 -10.30
N LEU A 108 -16.14 12.14 -10.55
CA LEU A 108 -16.66 11.30 -11.64
C LEU A 108 -16.10 11.70 -13.00
N ASP A 109 -15.91 12.99 -13.20
CA ASP A 109 -15.54 13.51 -14.49
C ASP A 109 -14.03 13.70 -14.56
N ASN A 110 -13.38 13.87 -13.41
CA ASN A 110 -11.95 14.18 -13.42
C ASN A 110 -11.04 13.03 -12.98
N GLY A 111 -11.50 12.20 -12.05
CA GLY A 111 -10.70 11.10 -11.55
C GLY A 111 -10.06 11.29 -10.19
N LYS A 112 -10.03 12.54 -9.70
CA LYS A 112 -9.35 12.83 -8.44
C LYS A 112 -10.13 12.26 -7.26
N PRO A 113 -9.43 11.83 -6.20
CA PRO A 113 -10.14 11.21 -5.11
C PRO A 113 -11.23 12.13 -4.51
N TYR A 114 -12.38 11.54 -4.14
CA TYR A 114 -13.54 12.31 -3.71
C TYR A 114 -13.26 13.09 -2.42
N VAL A 115 -12.46 12.49 -1.55
CA VAL A 115 -12.11 13.11 -0.28
C VAL A 115 -11.31 14.37 -0.55
N ILE A 116 -10.47 14.34 -1.58
CA ILE A 116 -9.69 15.50 -1.96
C ILE A 116 -10.58 16.56 -2.60
N SER A 117 -11.47 16.13 -3.49
CA SER A 117 -12.47 17.02 -4.09
C SER A 117 -13.22 17.79 -3.02
N TYR A 118 -13.61 17.09 -1.96
CA TYR A 118 -14.44 17.67 -0.91
C TYR A 118 -13.64 18.63 -0.03
N LEU A 119 -12.47 18.18 0.44
CA LEU A 119 -11.74 18.83 1.51
C LEU A 119 -10.77 19.88 0.97
N VAL A 120 -10.41 19.74 -0.30
CA VAL A 120 -9.41 20.61 -0.88
C VAL A 120 -10.02 21.48 -1.97
N ASP A 121 -10.35 20.87 -3.12
CA ASP A 121 -10.91 21.59 -4.26
C ASP A 121 -12.10 22.50 -3.85
N LEU A 122 -13.11 21.93 -3.19
CA LEU A 122 -14.34 22.68 -2.94
C LEU A 122 -14.10 23.73 -1.86
N ASP A 123 -13.27 23.39 -0.89
CA ASP A 123 -12.85 24.37 0.12
C ASP A 123 -12.15 25.59 -0.53
N MET A 124 -11.23 25.34 -1.47
CA MET A 124 -10.50 26.42 -2.13
C MET A 124 -11.39 27.22 -3.08
N VAL A 125 -12.39 26.54 -3.66
CA VAL A 125 -13.38 27.24 -4.47
C VAL A 125 -14.15 28.26 -3.62
N LEU A 126 -14.60 27.82 -2.45
CA LEU A 126 -15.34 28.67 -1.52
C LEU A 126 -14.47 29.81 -1.01
N LYS A 127 -13.23 29.49 -0.66
CA LYS A 127 -12.32 30.51 -0.15
C LYS A 127 -11.99 31.60 -1.16
N CYS A 128 -11.81 31.18 -2.41
CA CYS A 128 -11.51 32.08 -3.52
C CYS A 128 -12.67 33.00 -3.83
N LEU A 129 -13.89 32.47 -3.93
CA LEU A 129 -15.02 33.33 -4.27
C LEU A 129 -15.30 34.27 -3.11
N ARG A 130 -15.16 33.76 -1.90
CA ARG A 130 -15.39 34.62 -0.74
C ARG A 130 -14.32 35.71 -0.61
N TYR A 131 -13.08 35.38 -0.96
CA TYR A 131 -12.00 36.35 -0.89
C TYR A 131 -12.30 37.46 -1.88
N TYR A 132 -12.63 37.08 -3.12
CA TYR A 132 -12.85 38.05 -4.19
C TYR A 132 -14.13 38.87 -3.99
N ALA A 133 -15.11 38.30 -3.31
CA ALA A 133 -16.34 39.05 -2.97
C ALA A 133 -15.95 40.28 -2.13
N GLY A 134 -14.97 40.11 -1.25
CA GLY A 134 -14.44 41.19 -0.40
C GLY A 134 -13.75 42.29 -1.19
N TRP A 135 -13.19 41.97 -2.36
CA TRP A 135 -12.43 42.91 -3.16
C TRP A 135 -13.31 43.83 -3.98
N ALA A 136 -14.57 43.45 -4.16
CA ALA A 136 -15.48 44.11 -5.12
C ALA A 136 -15.59 45.62 -4.95
N ASP A 137 -15.69 46.10 -3.71
CA ASP A 137 -15.79 47.54 -3.44
C ASP A 137 -14.55 48.15 -2.82
N LYS A 138 -13.40 47.54 -3.03
CA LYS A 138 -12.19 48.02 -2.35
C LYS A 138 -10.99 48.27 -3.26
N TYR A 139 -11.15 48.04 -4.57
CA TYR A 139 -10.06 48.24 -5.50
C TYR A 139 -10.03 49.67 -6.01
N HIS A 140 -9.44 50.59 -5.24
CA HIS A 140 -9.61 52.05 -5.45
C HIS A 140 -8.78 52.57 -6.60
N GLY A 141 -9.31 53.56 -7.33
CA GLY A 141 -8.41 54.42 -8.11
C GLY A 141 -7.66 55.43 -7.24
N LYS A 142 -7.05 56.42 -7.87
CA LYS A 142 -6.17 57.35 -7.17
C LYS A 142 -6.56 58.79 -7.40
N THR A 143 -6.37 59.65 -6.39
CA THR A 143 -6.26 61.09 -6.66
C THR A 143 -4.80 61.50 -6.69
N ILE A 144 -4.46 62.31 -7.67
CA ILE A 144 -3.05 62.47 -8.07
C ILE A 144 -2.60 63.94 -8.06
N PRO A 145 -1.50 64.25 -7.34
CA PRO A 145 -1.06 65.63 -7.17
C PRO A 145 -0.20 66.08 -8.35
N ILE A 146 -0.83 66.21 -9.51
CA ILE A 146 -0.13 66.59 -10.75
C ILE A 146 0.25 68.08 -10.67
N ASP A 147 1.27 68.50 -11.41
CA ASP A 147 1.65 69.93 -11.46
C ASP A 147 0.51 70.74 -12.07
N GLY A 148 0.36 71.99 -11.62
CA GLY A 148 -0.53 72.95 -12.27
C GLY A 148 -1.88 72.97 -11.60
N ASP A 149 -2.73 73.88 -12.08
CA ASP A 149 -4.06 74.05 -11.54
C ASP A 149 -5.02 73.00 -12.12
N PHE A 150 -4.84 71.75 -11.69
CA PHE A 150 -5.65 70.62 -12.19
C PHE A 150 -6.03 69.71 -11.02
N PHE A 151 -7.18 69.07 -11.14
CA PHE A 151 -7.56 67.95 -10.31
C PHE A 151 -7.47 66.74 -11.23
N SER A 152 -6.62 65.78 -10.86
CA SER A 152 -6.42 64.58 -11.68
C SER A 152 -6.67 63.29 -10.86
N TYR A 153 -7.39 62.36 -11.48
CA TYR A 153 -7.71 61.14 -10.78
C TYR A 153 -7.88 59.99 -11.75
N THR A 154 -7.84 58.77 -11.22
CA THR A 154 -8.01 57.63 -12.07
C THR A 154 -9.28 56.93 -11.66
N ARG A 155 -10.00 56.43 -12.66
CA ARG A 155 -11.04 55.43 -12.46
C ARG A 155 -10.53 54.06 -12.81
N HIS A 156 -10.77 53.10 -11.92
CA HIS A 156 -10.54 51.71 -12.29
C HIS A 156 -11.83 51.13 -12.85
N GLU A 157 -11.92 51.08 -14.18
CA GLU A 157 -13.08 50.56 -14.89
C GLU A 157 -12.83 49.11 -15.26
N PRO A 158 -13.89 48.34 -15.56
CA PRO A 158 -13.73 46.95 -15.98
C PRO A 158 -13.15 46.88 -17.39
N VAL A 159 -12.40 45.83 -17.67
CA VAL A 159 -11.77 45.69 -18.99
C VAL A 159 -12.82 45.51 -20.08
N GLY A 160 -13.88 44.79 -19.74
CA GLY A 160 -14.97 44.59 -20.69
C GLY A 160 -15.31 43.11 -20.82
N VAL A 161 -15.47 42.64 -22.04
CA VAL A 161 -15.79 41.24 -22.29
C VAL A 161 -14.53 40.41 -22.22
N CYS A 162 -14.49 39.43 -21.31
CA CYS A 162 -13.27 38.68 -21.04
C CYS A 162 -13.50 37.24 -21.44
N GLY A 163 -12.64 36.74 -22.33
CA GLY A 163 -12.64 35.34 -22.66
C GLY A 163 -11.76 34.59 -21.69
N GLN A 164 -12.22 33.45 -21.24
CA GLN A 164 -11.50 32.73 -20.21
C GLN A 164 -11.49 31.25 -20.53
N ILE A 165 -10.29 30.69 -20.68
CA ILE A 165 -10.13 29.34 -21.16
C ILE A 165 -9.46 28.54 -20.07
N ILE A 166 -10.09 27.46 -19.63
CA ILE A 166 -9.60 26.77 -18.45
C ILE A 166 -9.42 25.27 -18.66
N PRO A 167 -8.41 24.68 -17.99
CA PRO A 167 -7.96 23.32 -18.27
C PRO A 167 -8.73 22.33 -17.41
N TRP A 168 -8.34 21.06 -17.43
CA TRP A 168 -9.14 19.97 -16.87
C TRP A 168 -8.63 19.45 -15.53
N ASN A 169 -7.46 19.92 -15.08
CA ASN A 169 -6.85 19.37 -13.85
C ASN A 169 -7.53 19.79 -12.55
N PHE A 170 -8.03 21.02 -12.53
CA PHE A 170 -8.79 21.51 -11.37
C PHE A 170 -9.98 22.25 -11.92
N PRO A 171 -11.01 21.48 -12.32
CA PRO A 171 -12.07 22.10 -13.10
C PRO A 171 -12.77 23.24 -12.34
N LEU A 172 -13.31 22.95 -11.17
CA LEU A 172 -14.02 23.94 -10.37
C LEU A 172 -13.12 25.05 -9.82
N LEU A 173 -11.95 24.67 -9.35
CA LEU A 173 -11.04 25.66 -8.78
C LEU A 173 -10.60 26.67 -9.84
N MET A 174 -10.23 26.18 -11.02
CA MET A 174 -9.82 27.06 -12.11
C MET A 174 -10.98 27.96 -12.55
N GLN A 175 -12.19 27.44 -12.53
CA GLN A 175 -13.33 28.32 -12.83
C GLN A 175 -13.45 29.42 -11.78
N ALA A 176 -13.34 29.05 -10.50
CA ALA A 176 -13.37 30.06 -9.43
C ALA A 176 -12.25 31.11 -9.51
N TRP A 177 -11.01 30.67 -9.80
CA TRP A 177 -9.88 31.58 -9.93
C TRP A 177 -10.09 32.57 -11.05
N LYS A 178 -10.86 32.17 -12.07
CA LYS A 178 -11.18 33.06 -13.19
C LYS A 178 -12.36 33.99 -12.91
N LEU A 179 -13.46 33.42 -12.41
CA LEU A 179 -14.69 34.20 -12.19
C LEU A 179 -14.51 35.21 -11.05
N GLY A 180 -13.93 34.76 -9.95
CA GLY A 180 -13.66 35.61 -8.79
C GLY A 180 -13.22 37.01 -9.13
N PRO A 181 -12.02 37.17 -9.69
CA PRO A 181 -11.48 38.50 -9.99
C PRO A 181 -12.24 39.23 -11.09
N ALA A 182 -12.73 38.49 -12.08
CA ALA A 182 -13.41 39.09 -13.24
C ALA A 182 -14.74 39.74 -12.80
N LEU A 183 -15.55 38.99 -12.05
CA LEU A 183 -16.85 39.49 -11.63
C LEU A 183 -16.72 40.53 -10.49
N ALA A 184 -15.74 40.35 -9.60
CA ALA A 184 -15.46 41.32 -8.55
C ALA A 184 -15.20 42.71 -9.12
N THR A 185 -14.60 42.78 -10.30
CA THR A 185 -14.27 44.06 -10.91
C THR A 185 -15.27 44.52 -11.99
N GLY A 186 -16.35 43.77 -12.16
CA GLY A 186 -17.47 44.27 -12.97
C GLY A 186 -17.38 43.92 -14.45
N ASN A 187 -16.57 42.93 -14.76
CA ASN A 187 -16.44 42.45 -16.13
C ASN A 187 -17.56 41.49 -16.48
N VAL A 188 -17.64 41.14 -17.76
CA VAL A 188 -18.47 40.04 -18.24
C VAL A 188 -17.59 38.97 -18.87
N VAL A 189 -18.08 37.73 -18.89
CA VAL A 189 -17.24 36.56 -19.13
C VAL A 189 -17.79 35.67 -20.22
N VAL A 190 -16.92 35.24 -21.13
CA VAL A 190 -17.25 34.11 -22.01
C VAL A 190 -16.17 33.06 -21.80
N MET A 191 -16.59 31.94 -21.19
CA MET A 191 -15.68 30.96 -20.65
C MET A 191 -15.76 29.68 -21.46
N LYS A 192 -14.61 29.11 -21.76
CA LYS A 192 -14.55 27.81 -22.40
C LYS A 192 -14.00 26.83 -21.39
N VAL A 193 -14.74 25.76 -21.15
CA VAL A 193 -14.30 24.72 -20.25
C VAL A 193 -13.71 23.55 -21.04
N ALA A 194 -12.93 22.71 -20.36
CA ALA A 194 -12.20 21.64 -21.01
C ALA A 194 -13.13 20.50 -21.39
N GLU A 195 -12.83 19.85 -22.51
CA GLU A 195 -13.71 18.81 -23.04
C GLU A 195 -13.76 17.62 -22.10
N GLN A 196 -12.66 17.39 -21.40
CA GLN A 196 -12.56 16.27 -20.46
C GLN A 196 -13.35 16.50 -19.17
N THR A 197 -13.64 17.77 -18.84
CA THR A 197 -14.27 18.10 -17.54
C THR A 197 -15.25 19.26 -17.62
N PRO A 198 -16.31 19.13 -18.45
CA PRO A 198 -17.22 20.26 -18.67
C PRO A 198 -18.29 20.39 -17.61
N LEU A 199 -18.52 19.33 -16.86
CA LEU A 199 -19.78 19.19 -16.14
C LEU A 199 -19.90 20.04 -14.87
N THR A 200 -18.92 19.94 -13.98
CA THR A 200 -18.98 20.75 -12.77
C THR A 200 -19.22 22.23 -13.05
N ALA A 201 -18.54 22.77 -14.06
CA ALA A 201 -18.63 24.20 -14.37
C ALA A 201 -20.01 24.58 -14.91
N LEU A 202 -20.61 23.68 -15.67
CA LEU A 202 -21.96 23.88 -16.18
C LEU A 202 -22.99 23.89 -15.06
N TYR A 203 -22.80 23.04 -14.05
CA TYR A 203 -23.70 23.09 -12.91
C TYR A 203 -23.53 24.39 -12.11
N VAL A 204 -22.29 24.82 -11.89
CA VAL A 204 -22.06 26.13 -11.25
C VAL A 204 -22.75 27.23 -12.03
N ALA A 205 -22.75 27.11 -13.37
CA ALA A 205 -23.49 28.02 -14.22
C ALA A 205 -24.94 28.14 -13.76
N ASN A 206 -25.54 27.02 -13.38
CA ASN A 206 -26.90 27.01 -12.82
C ASN A 206 -26.97 27.80 -11.52
N LEU A 207 -25.97 27.61 -10.65
CA LEU A 207 -25.92 28.34 -9.38
C LEU A 207 -25.76 29.85 -9.61
N ILE A 208 -24.98 30.22 -10.63
CA ILE A 208 -24.82 31.62 -11.03
C ILE A 208 -26.15 32.27 -11.39
N LYS A 209 -26.96 31.59 -12.21
CA LYS A 209 -28.34 32.01 -12.45
C LYS A 209 -29.13 32.13 -11.13
N GLU A 210 -29.09 31.07 -10.34
CA GLU A 210 -29.78 31.03 -9.06
C GLU A 210 -29.35 32.17 -8.12
N ALA A 211 -28.07 32.53 -8.14
CA ALA A 211 -27.56 33.58 -7.26
C ALA A 211 -28.12 34.95 -7.64
N GLY A 212 -28.57 35.12 -8.89
CA GLY A 212 -29.11 36.38 -9.37
C GLY A 212 -28.20 37.28 -10.20
N PHE A 213 -27.14 36.71 -10.75
CA PHE A 213 -26.34 37.47 -11.69
C PHE A 213 -27.20 37.81 -12.91
N PRO A 214 -27.10 39.05 -13.40
CA PRO A 214 -27.88 39.38 -14.61
C PRO A 214 -27.50 38.49 -15.79
N PRO A 215 -28.46 38.28 -16.71
CA PRO A 215 -28.21 37.45 -17.88
C PRO A 215 -27.11 38.02 -18.78
N GLY A 216 -26.19 37.18 -19.24
CA GLY A 216 -25.14 37.69 -20.12
C GLY A 216 -23.82 37.99 -19.41
N VAL A 217 -23.83 37.96 -18.08
CA VAL A 217 -22.67 38.35 -17.28
C VAL A 217 -21.63 37.21 -17.24
N VAL A 218 -22.12 35.99 -17.14
CA VAL A 218 -21.28 34.81 -17.35
C VAL A 218 -21.94 33.96 -18.43
N ASN A 219 -21.17 33.59 -19.45
CA ASN A 219 -21.61 32.64 -20.45
C ASN A 219 -20.56 31.55 -20.60
N ILE A 220 -21.01 30.30 -20.63
CA ILE A 220 -20.11 29.17 -20.76
C ILE A 220 -20.40 28.38 -22.05
N VAL A 221 -19.38 28.23 -22.87
CA VAL A 221 -19.48 27.47 -24.11
C VAL A 221 -18.48 26.32 -24.01
N PRO A 222 -18.97 25.10 -23.68
CA PRO A 222 -18.14 23.90 -23.79
C PRO A 222 -17.86 23.54 -25.25
N GLY A 223 -16.79 22.78 -25.50
CA GLY A 223 -16.37 22.50 -26.87
C GLY A 223 -14.89 22.14 -26.93
N PHE A 224 -14.31 22.22 -28.13
CA PHE A 224 -12.92 21.82 -28.35
C PHE A 224 -12.01 23.03 -28.52
N GLY A 225 -10.70 22.82 -28.38
CA GLY A 225 -9.74 23.91 -28.36
C GLY A 225 -9.63 24.63 -29.69
N PRO A 226 -9.39 23.86 -30.78
CA PRO A 226 -9.20 24.46 -32.10
C PRO A 226 -10.43 25.25 -32.59
N THR A 227 -11.59 25.02 -31.98
CA THR A 227 -12.82 25.63 -32.45
C THR A 227 -13.30 26.70 -31.47
N ALA A 228 -13.93 26.28 -30.39
CA ALA A 228 -14.45 27.18 -29.38
C ALA A 228 -13.36 28.12 -28.85
N GLY A 229 -12.28 27.53 -28.34
CA GLY A 229 -11.11 28.28 -27.86
C GLY A 229 -10.52 29.32 -28.79
N ALA A 230 -10.33 28.97 -30.06
CA ALA A 230 -9.71 29.88 -31.04
C ALA A 230 -10.61 31.06 -31.38
N ALA A 231 -11.90 30.78 -31.50
CA ALA A 231 -12.90 31.82 -31.72
C ALA A 231 -12.78 32.92 -30.66
N ILE A 232 -12.79 32.49 -29.40
CA ILE A 232 -12.60 33.41 -28.29
C ILE A 232 -11.33 34.23 -28.47
N ALA A 233 -10.21 33.53 -28.64
CA ALA A 233 -8.91 34.19 -28.80
C ALA A 233 -8.90 35.21 -29.94
N SER A 234 -9.65 34.92 -30.99
CA SER A 234 -9.53 35.70 -32.22
C SER A 234 -10.61 36.76 -32.35
N HIS A 235 -11.63 36.66 -31.50
CA HIS A 235 -12.81 37.52 -31.65
C HIS A 235 -12.49 39.00 -31.65
N GLU A 236 -13.16 39.73 -32.55
CA GLU A 236 -12.96 41.16 -32.69
C GLU A 236 -13.60 41.95 -31.54
N ASP A 237 -14.44 41.31 -30.74
CA ASP A 237 -15.18 42.04 -29.71
C ASP A 237 -14.92 41.54 -28.29
N VAL A 238 -13.91 40.67 -28.15
CA VAL A 238 -13.43 40.25 -26.85
C VAL A 238 -12.31 41.20 -26.47
N ASP A 239 -12.41 41.78 -25.28
CA ASP A 239 -11.49 42.83 -24.86
C ASP A 239 -10.22 42.24 -24.21
N LYS A 240 -10.31 40.99 -23.76
CA LYS A 240 -9.30 40.40 -22.90
C LYS A 240 -9.50 38.90 -22.87
N VAL A 241 -8.41 38.17 -23.00
CA VAL A 241 -8.43 36.72 -22.84
C VAL A 241 -7.45 36.29 -21.74
N ALA A 242 -7.87 35.28 -20.97
CA ALA A 242 -7.00 34.64 -19.99
C ALA A 242 -6.93 33.17 -20.33
N PHE A 243 -5.73 32.66 -20.56
CA PHE A 243 -5.59 31.27 -20.94
C PHE A 243 -4.77 30.53 -19.89
N THR A 244 -5.31 29.42 -19.41
CA THR A 244 -4.55 28.47 -18.61
C THR A 244 -4.53 27.13 -19.37
N GLY A 245 -3.37 26.50 -19.40
CA GLY A 245 -3.17 25.25 -20.13
C GLY A 245 -1.70 25.00 -20.40
N SER A 246 -1.36 24.73 -21.66
CA SER A 246 0.00 24.35 -22.06
C SER A 246 0.74 25.53 -22.65
N THR A 247 2.08 25.54 -22.50
CA THR A 247 2.92 26.52 -23.19
C THR A 247 2.65 26.61 -24.71
N GLU A 248 2.37 25.46 -25.33
CA GLU A 248 2.12 25.41 -26.78
C GLU A 248 0.92 26.26 -27.24
N ILE A 249 -0.22 26.09 -26.58
CA ILE A 249 -1.43 26.82 -26.93
C ILE A 249 -1.34 28.30 -26.52
N GLY A 250 -0.62 28.56 -25.44
CA GLY A 250 -0.30 29.92 -25.00
C GLY A 250 0.34 30.82 -26.05
N ARG A 251 1.10 30.24 -26.99
CA ARG A 251 1.64 31.00 -28.12
C ARG A 251 0.56 31.33 -29.15
N VAL A 252 -0.31 30.34 -29.39
CA VAL A 252 -1.48 30.51 -30.27
C VAL A 252 -2.34 31.67 -29.79
N ILE A 253 -2.64 31.69 -28.49
CA ILE A 253 -3.46 32.77 -27.91
C ILE A 253 -2.87 34.18 -28.14
N GLN A 254 -1.59 34.36 -27.81
CA GLN A 254 -0.96 35.67 -27.94
C GLN A 254 -0.81 36.14 -29.40
N VAL A 255 -0.58 35.20 -30.31
CA VAL A 255 -0.55 35.49 -31.75
C VAL A 255 -1.94 35.91 -32.23
N ALA A 256 -2.96 35.13 -31.86
CA ALA A 256 -4.35 35.42 -32.22
C ALA A 256 -4.87 36.77 -31.69
N ALA A 257 -4.36 37.22 -30.54
CA ALA A 257 -4.72 38.53 -30.01
C ALA A 257 -4.07 39.67 -30.79
N GLY A 258 -2.79 39.50 -31.12
CA GLY A 258 -2.08 40.49 -31.94
C GLY A 258 -2.57 40.49 -33.38
N SER A 259 -3.03 39.33 -33.83
CA SER A 259 -3.59 39.20 -35.18
C SER A 259 -5.02 39.74 -35.29
N SER A 260 -5.74 39.80 -34.17
CA SER A 260 -7.11 40.30 -34.14
C SER A 260 -7.19 41.76 -33.69
N ASN A 261 -7.65 41.99 -32.45
CA ASN A 261 -8.02 43.33 -32.01
C ASN A 261 -7.08 43.92 -30.95
N LEU A 262 -5.91 43.28 -30.76
CA LEU A 262 -4.99 43.66 -29.68
C LEU A 262 -5.62 43.55 -28.29
N LYS A 263 -6.50 42.58 -28.12
CA LYS A 263 -7.04 42.28 -26.80
C LYS A 263 -5.91 42.03 -25.77
N ARG A 264 -6.13 42.48 -24.53
CA ARG A 264 -5.17 42.24 -23.45
C ARG A 264 -5.08 40.73 -23.19
N VAL A 265 -3.90 40.27 -22.78
CA VAL A 265 -3.68 38.85 -22.57
C VAL A 265 -3.00 38.56 -21.22
N THR A 266 -3.49 37.53 -20.53
CA THR A 266 -2.71 36.88 -19.47
C THR A 266 -2.65 35.38 -19.71
N LEU A 267 -1.58 34.76 -19.23
CA LEU A 267 -1.34 33.34 -19.47
C LEU A 267 -0.82 32.67 -18.22
N GLU A 268 -1.34 31.47 -17.96
CA GLU A 268 -0.81 30.56 -16.96
C GLU A 268 -0.51 29.23 -17.65
N LEU A 269 0.77 28.94 -17.85
CA LEU A 269 1.16 27.79 -18.67
C LEU A 269 1.83 26.67 -17.86
N GLY A 270 2.79 25.96 -18.47
CA GLY A 270 3.36 24.79 -17.83
C GLY A 270 4.52 25.14 -16.91
N GLY A 271 5.09 24.11 -16.28
CA GLY A 271 6.36 24.26 -15.58
C GLY A 271 7.13 22.96 -15.46
N LYS A 272 8.40 23.06 -15.07
CA LYS A 272 9.14 21.92 -14.58
C LYS A 272 9.85 22.25 -13.26
N SER A 273 9.06 22.30 -12.19
CA SER A 273 9.45 22.98 -10.95
C SER A 273 10.47 22.25 -10.08
N PRO A 274 11.56 22.95 -9.72
CA PRO A 274 12.58 22.34 -8.87
C PRO A 274 12.24 22.35 -7.38
N ASN A 275 12.33 21.19 -6.75
CA ASN A 275 12.13 21.03 -5.33
C ASN A 275 13.43 20.64 -4.66
N ILE A 276 14.06 21.58 -3.95
CA ILE A 276 15.46 21.45 -3.56
C ILE A 276 15.62 21.08 -2.10
N ILE A 277 16.22 19.91 -1.85
CA ILE A 277 16.41 19.43 -0.50
C ILE A 277 17.86 19.61 -0.06
N MET A 278 18.11 20.55 0.87
CA MET A 278 19.43 20.71 1.47
C MET A 278 19.68 19.64 2.53
N SER A 279 20.95 19.38 2.85
CA SER A 279 21.30 18.25 3.71
C SER A 279 20.89 18.50 5.17
N ASP A 280 20.68 19.76 5.51
CA ASP A 280 20.22 20.09 6.86
C ASP A 280 18.69 20.03 7.02
N ALA A 281 17.99 19.47 6.02
CA ALA A 281 16.53 19.50 6.02
C ALA A 281 16.01 18.54 7.07
N ASP A 282 14.77 18.73 7.51
CA ASP A 282 14.07 17.73 8.32
C ASP A 282 13.64 16.55 7.45
N MET A 283 14.26 15.39 7.68
CA MET A 283 14.23 14.31 6.68
C MET A 283 12.81 13.74 6.49
N ASP A 284 12.15 13.37 7.59
CA ASP A 284 10.78 12.88 7.51
C ASP A 284 9.85 13.85 6.78
N TRP A 285 9.92 15.12 7.21
CA TRP A 285 9.11 16.18 6.61
C TRP A 285 9.42 16.32 5.12
N ALA A 286 10.71 16.45 4.76
CA ALA A 286 11.06 16.70 3.37
C ALA A 286 10.66 15.54 2.45
N VAL A 287 10.74 14.32 2.97
CA VAL A 287 10.35 13.16 2.17
C VAL A 287 8.85 13.21 1.86
N GLU A 288 8.04 13.43 2.89
CA GLU A 288 6.58 13.44 2.70
C GLU A 288 6.13 14.61 1.83
N GLN A 289 6.73 15.78 2.05
CA GLN A 289 6.44 16.96 1.22
C GLN A 289 6.86 16.79 -0.24
N ALA A 290 8.05 16.21 -0.48
CA ALA A 290 8.50 15.93 -1.85
C ALA A 290 7.58 14.94 -2.53
N HIS A 291 7.13 13.93 -1.79
CA HIS A 291 6.08 13.04 -2.27
C HIS A 291 4.82 13.82 -2.68
N PHE A 292 4.22 14.51 -1.72
CA PHE A 292 3.06 15.35 -2.01
C PHE A 292 3.32 16.22 -3.23
N ALA A 293 4.44 16.94 -3.20
CA ALA A 293 4.80 17.91 -4.25
C ALA A 293 4.70 17.40 -5.69
N LEU A 294 5.02 16.12 -5.88
CA LEU A 294 5.05 15.52 -7.21
C LEU A 294 3.71 14.86 -7.54
N PHE A 295 3.22 14.03 -6.61
CA PHE A 295 2.14 13.09 -6.88
C PHE A 295 0.75 13.70 -6.66
N PHE A 296 0.68 14.80 -5.92
CA PHE A 296 -0.65 15.36 -5.62
C PHE A 296 -1.43 15.44 -6.92
N ASN A 297 -2.75 15.23 -6.84
CA ASN A 297 -3.61 15.28 -8.03
C ASN A 297 -3.18 14.40 -9.22
N GLN A 298 -2.71 13.19 -8.94
CA GLN A 298 -2.27 12.28 -10.00
C GLN A 298 -1.11 12.88 -10.79
N GLY A 299 -0.35 13.78 -10.16
CA GLY A 299 0.77 14.48 -10.82
C GLY A 299 0.33 15.58 -11.75
N GLN A 300 -0.98 15.82 -11.82
CA GLN A 300 -1.53 16.75 -12.81
C GLN A 300 -1.64 18.17 -12.28
N CYS A 301 -0.49 18.74 -11.92
CA CYS A 301 -0.39 20.14 -11.46
C CYS A 301 0.67 20.85 -12.27
N CYS A 302 0.32 22.02 -12.78
CA CYS A 302 1.23 22.87 -13.52
C CYS A 302 2.52 23.11 -12.73
N CYS A 303 2.41 23.11 -11.41
CA CYS A 303 3.55 23.43 -10.56
C CYS A 303 4.11 22.23 -9.79
N ALA A 304 3.80 21.02 -10.24
CA ALA A 304 4.40 19.79 -9.71
C ALA A 304 5.90 19.91 -9.45
N GLY A 305 6.33 19.46 -8.28
CA GLY A 305 7.76 19.38 -7.99
C GLY A 305 8.40 18.22 -8.75
N SER A 306 8.61 18.42 -10.06
CA SER A 306 8.96 17.35 -10.99
C SER A 306 10.46 17.24 -11.24
N ARG A 307 11.23 18.10 -10.58
CA ARG A 307 12.67 17.91 -10.44
C ARG A 307 13.01 17.98 -8.96
N THR A 308 13.20 16.83 -8.32
CA THR A 308 13.65 16.79 -6.93
C THR A 308 15.18 16.75 -6.82
N PHE A 309 15.79 17.90 -6.56
CA PHE A 309 17.23 17.98 -6.28
C PHE A 309 17.51 17.69 -4.81
N VAL A 310 18.39 16.72 -4.56
CA VAL A 310 18.73 16.31 -3.20
C VAL A 310 20.25 16.35 -2.99
N GLN A 311 20.70 17.03 -1.94
CA GLN A 311 22.12 17.22 -1.69
C GLN A 311 22.79 15.84 -1.45
N GLU A 312 24.01 15.67 -1.94
CA GLU A 312 24.62 14.34 -2.07
C GLU A 312 24.72 13.59 -0.74
N ASP A 313 25.07 14.32 0.33
CA ASP A 313 25.20 13.73 1.66
C ASP A 313 23.96 13.03 2.19
N ILE A 314 22.77 13.35 1.67
CA ILE A 314 21.55 12.69 2.14
C ILE A 314 20.83 12.00 0.99
N TYR A 315 21.35 12.18 -0.22
CA TYR A 315 20.73 11.60 -1.40
C TYR A 315 20.23 10.19 -1.12
N ASP A 316 21.13 9.32 -0.66
CA ASP A 316 20.81 7.90 -0.62
C ASP A 316 19.59 7.57 0.24
N GLU A 317 19.59 8.02 1.48
CA GLU A 317 18.47 7.80 2.40
C GLU A 317 17.17 8.44 1.92
N PHE A 318 17.27 9.61 1.31
CA PHE A 318 16.05 10.32 0.93
C PHE A 318 15.36 9.56 -0.18
N VAL A 319 16.15 9.18 -1.18
CA VAL A 319 15.74 8.31 -2.28
C VAL A 319 15.10 7.04 -1.74
N GLU A 320 15.83 6.37 -0.87
CA GLU A 320 15.34 5.19 -0.20
C GLU A 320 13.98 5.46 0.43
N ARG A 321 13.89 6.55 1.19
CA ARG A 321 12.69 6.84 1.97
C ARG A 321 11.53 7.15 1.04
N SER A 322 11.84 7.76 -0.10
CA SER A 322 10.84 8.11 -1.11
C SER A 322 10.26 6.88 -1.80
N VAL A 323 11.14 5.92 -2.07
CA VAL A 323 10.73 4.67 -2.67
C VAL A 323 9.68 3.97 -1.79
N ALA A 324 9.97 3.85 -0.50
CA ALA A 324 9.00 3.25 0.42
C ALA A 324 7.63 3.94 0.43
N ARG A 325 7.65 5.27 0.29
CA ARG A 325 6.41 6.04 0.31
C ARG A 325 5.67 5.92 -1.02
N ALA A 326 6.40 6.01 -2.13
CA ALA A 326 5.80 5.78 -3.44
C ALA A 326 5.22 4.38 -3.56
N LYS A 327 5.83 3.41 -2.90
CA LYS A 327 5.42 2.01 -2.98
C LYS A 327 4.14 1.73 -2.22
N SER A 328 3.85 2.55 -1.22
CA SER A 328 2.65 2.34 -0.40
C SER A 328 1.51 3.29 -0.71
N ARG A 329 1.68 4.12 -1.73
CA ARG A 329 0.63 5.04 -2.16
C ARG A 329 -0.53 4.26 -2.80
N VAL A 330 -1.67 4.25 -2.09
CA VAL A 330 -2.86 3.53 -2.51
C VAL A 330 -3.38 4.12 -3.81
N VAL A 331 -3.26 3.38 -4.91
CA VAL A 331 -4.04 3.62 -6.12
C VAL A 331 -5.38 2.87 -6.04
N GLY A 332 -6.42 3.43 -6.65
CA GLY A 332 -7.74 2.82 -6.55
C GLY A 332 -8.90 3.66 -7.04
N ASN A 333 -10.09 3.07 -6.97
CA ASN A 333 -11.35 3.81 -7.04
C ASN A 333 -11.28 5.09 -6.19
N PRO A 334 -11.41 6.26 -6.82
CA PRO A 334 -11.26 7.53 -6.13
C PRO A 334 -12.46 7.85 -5.22
N PHE A 335 -13.56 7.10 -5.39
CA PHE A 335 -14.69 7.16 -4.46
C PHE A 335 -14.49 6.44 -3.13
N ASP A 336 -13.42 5.66 -3.03
CA ASP A 336 -13.09 4.96 -1.79
C ASP A 336 -12.17 5.81 -0.94
N SER A 337 -12.49 5.95 0.33
CA SER A 337 -11.84 6.91 1.20
C SER A 337 -10.35 6.64 1.41
N LYS A 338 -9.89 5.44 1.05
CA LYS A 338 -8.49 5.07 1.24
C LYS A 338 -7.63 5.44 0.03
N THR A 339 -8.28 5.58 -1.13
CA THR A 339 -7.56 5.93 -2.36
C THR A 339 -6.81 7.27 -2.24
N GLU A 340 -5.53 7.24 -2.59
CA GLU A 340 -4.69 8.43 -2.63
C GLU A 340 -4.58 8.91 -4.05
N GLN A 341 -4.61 7.97 -5.00
CA GLN A 341 -4.47 8.29 -6.41
C GLN A 341 -5.57 7.63 -7.25
N GLY A 342 -6.23 8.43 -8.08
CA GLY A 342 -7.20 7.90 -9.03
C GLY A 342 -6.56 7.80 -10.39
N PRO A 343 -7.36 7.68 -11.46
CA PRO A 343 -6.79 7.62 -12.81
C PRO A 343 -6.28 8.98 -13.29
N GLN A 344 -5.48 8.96 -14.35
CA GLN A 344 -5.27 10.16 -15.13
C GLN A 344 -6.56 10.51 -15.84
N VAL A 345 -6.60 11.70 -16.42
CA VAL A 345 -7.87 12.29 -16.82
C VAL A 345 -8.49 11.71 -18.11
N ASP A 346 -7.65 11.14 -18.99
CA ASP A 346 -8.12 10.54 -20.24
C ASP A 346 -7.05 9.67 -20.91
N GLU A 347 -7.40 9.10 -22.07
CA GLU A 347 -6.53 8.15 -22.76
C GLU A 347 -5.23 8.80 -23.27
N THR A 348 -5.37 9.95 -23.92
CA THR A 348 -4.24 10.67 -24.51
C THR A 348 -3.12 10.94 -23.50
N GLN A 349 -3.50 11.57 -22.38
CA GLN A 349 -2.61 11.71 -21.21
C GLN A 349 -2.06 10.39 -20.71
N PHE A 350 -2.94 9.41 -20.58
CA PHE A 350 -2.57 8.06 -20.13
C PHE A 350 -1.42 7.45 -20.94
N LYS A 351 -1.38 7.70 -22.26
CA LYS A 351 -0.37 7.07 -23.09
C LYS A 351 0.89 7.92 -23.15
N LYS A 352 0.71 9.23 -23.21
CA LYS A 352 1.82 10.19 -23.15
C LYS A 352 2.74 9.91 -21.96
N ILE A 353 2.14 9.64 -20.80
CA ILE A 353 2.84 9.38 -19.55
C ILE A 353 3.59 8.04 -19.58
N LEU A 354 3.00 7.05 -20.24
CA LEU A 354 3.66 5.77 -20.42
C LEU A 354 4.87 5.93 -21.35
N GLY A 355 4.66 6.65 -22.44
CA GLY A 355 5.74 7.06 -23.34
C GLY A 355 6.90 7.72 -22.61
N TYR A 356 6.60 8.78 -21.86
CA TYR A 356 7.63 9.43 -21.04
C TYR A 356 8.35 8.42 -20.16
N ILE A 357 7.62 7.47 -19.59
CA ILE A 357 8.26 6.44 -18.79
C ILE A 357 9.16 5.52 -19.64
N ASN A 358 8.77 5.26 -20.89
CA ASN A 358 9.67 4.54 -21.79
C ASN A 358 10.92 5.34 -22.08
N THR A 359 10.73 6.55 -22.60
CA THR A 359 11.82 7.49 -22.79
C THR A 359 12.77 7.57 -21.59
N GLY A 360 12.27 7.20 -20.42
CA GLY A 360 13.03 7.39 -19.19
C GLY A 360 14.00 6.26 -18.92
N LYS A 361 13.47 5.04 -18.84
CA LYS A 361 14.27 3.81 -18.94
C LYS A 361 15.33 3.97 -20.02
N GLN A 362 14.85 4.29 -21.23
CA GLN A 362 15.66 4.20 -22.43
C GLN A 362 16.73 5.29 -22.56
N GLU A 363 16.68 6.31 -21.70
CA GLU A 363 17.72 7.33 -21.73
C GLU A 363 18.65 7.25 -20.52
N GLY A 364 18.46 6.24 -19.69
CA GLY A 364 19.45 5.87 -18.68
C GLY A 364 19.22 6.35 -17.25
N ALA A 365 18.02 6.80 -16.95
CA ALA A 365 17.62 7.03 -15.58
C ALA A 365 17.37 5.68 -14.92
N LYS A 366 17.66 5.60 -13.64
CA LYS A 366 17.38 4.38 -12.88
C LYS A 366 15.93 4.35 -12.38
N LEU A 367 15.20 3.30 -12.76
CA LEU A 367 13.81 3.12 -12.36
C LEU A 367 13.71 2.39 -11.03
N LEU A 368 13.16 3.04 -10.01
CA LEU A 368 13.30 2.55 -8.64
C LEU A 368 12.05 1.88 -8.08
N CYS A 369 10.90 2.15 -8.70
CA CYS A 369 9.65 1.45 -8.40
C CYS A 369 8.60 1.74 -9.45
N GLY A 370 7.48 1.02 -9.40
CA GLY A 370 6.45 1.08 -10.43
C GLY A 370 6.94 1.25 -11.86
N GLY A 371 6.11 1.82 -12.71
CA GLY A 371 6.54 2.15 -14.05
C GLY A 371 5.63 1.60 -15.13
N GLY A 372 4.60 0.87 -14.73
CA GLY A 372 3.60 0.38 -15.68
C GLY A 372 2.18 0.79 -15.34
N ILE A 373 1.24 0.29 -16.12
CA ILE A 373 -0.18 0.38 -15.78
C ILE A 373 -0.42 -0.23 -14.39
N ALA A 374 -1.47 0.21 -13.71
CA ALA A 374 -1.78 -0.26 -12.36
C ALA A 374 -3.15 -0.92 -12.23
N ALA A 375 -3.98 -0.80 -13.27
CA ALA A 375 -5.25 -1.52 -13.33
C ALA A 375 -5.63 -1.83 -14.77
N ASP A 376 -6.53 -2.79 -14.94
CA ASP A 376 -6.92 -3.23 -16.28
C ASP A 376 -8.02 -2.33 -16.82
N ARG A 377 -8.70 -1.66 -15.89
CA ARG A 377 -9.88 -0.89 -16.20
C ARG A 377 -9.69 0.58 -15.80
N GLY A 378 -9.71 1.48 -16.78
CA GLY A 378 -9.51 2.90 -16.52
C GLY A 378 -8.07 3.31 -16.76
N TYR A 379 -7.70 4.52 -16.35
CA TYR A 379 -6.38 5.04 -16.67
C TYR A 379 -5.42 5.12 -15.49
N PHE A 380 -5.36 4.07 -14.68
CA PHE A 380 -4.51 4.04 -13.49
C PHE A 380 -3.04 3.69 -13.76
N ILE A 381 -2.14 4.64 -13.55
CA ILE A 381 -0.70 4.39 -13.64
C ILE A 381 -0.14 4.13 -12.24
N GLN A 382 0.95 3.38 -12.16
CA GLN A 382 1.61 3.12 -10.87
C GLN A 382 2.48 4.31 -10.46
N PRO A 383 2.54 4.58 -9.16
CA PRO A 383 3.43 5.64 -8.69
C PRO A 383 4.85 5.32 -9.14
N THR A 384 5.46 6.22 -9.90
CA THR A 384 6.75 5.93 -10.52
C THR A 384 7.88 6.86 -10.06
N VAL A 385 8.95 6.27 -9.51
CA VAL A 385 10.17 6.99 -9.16
C VAL A 385 11.39 6.63 -10.01
N PHE A 386 11.92 7.60 -10.74
CA PHE A 386 13.26 7.55 -11.31
C PHE A 386 14.32 8.10 -10.35
N GLY A 387 15.49 7.45 -10.30
CA GLY A 387 16.66 7.93 -9.58
C GLY A 387 17.83 8.31 -10.49
N ASP A 388 18.88 8.88 -9.92
CA ASP A 388 20.05 9.33 -10.69
C ASP A 388 19.64 9.96 -12.03
N VAL A 389 18.82 11.00 -11.99
CA VAL A 389 18.39 11.69 -13.20
C VAL A 389 19.39 12.81 -13.51
N GLN A 390 19.49 13.21 -14.77
CA GLN A 390 20.48 14.23 -15.19
C GLN A 390 19.79 15.32 -16.00
N ASP A 391 20.37 16.52 -15.98
CA ASP A 391 19.68 17.69 -16.52
C ASP A 391 19.31 17.50 -17.99
N GLY A 392 20.04 16.60 -18.65
CA GLY A 392 20.00 16.53 -20.09
C GLY A 392 18.83 15.70 -20.57
N MET A 393 18.42 14.74 -19.74
CA MET A 393 17.41 13.78 -20.12
C MET A 393 16.03 14.41 -20.34
N THR A 394 15.23 13.74 -21.16
CA THR A 394 13.92 14.27 -21.55
C THR A 394 13.01 14.41 -20.34
N ILE A 395 13.03 13.41 -19.46
CA ILE A 395 12.20 13.45 -18.26
C ILE A 395 12.63 14.55 -17.28
N ALA A 396 13.78 15.18 -17.54
CA ALA A 396 14.28 16.24 -16.68
C ALA A 396 13.98 17.61 -17.27
N LYS A 397 13.45 17.63 -18.48
CA LYS A 397 13.23 18.88 -19.20
C LYS A 397 11.75 19.11 -19.52
N GLU A 398 11.01 18.03 -19.71
CA GLU A 398 9.70 18.12 -20.31
C GLU A 398 8.59 17.81 -19.29
N GLU A 399 7.54 18.64 -19.32
CA GLU A 399 6.43 18.49 -18.37
C GLU A 399 5.69 17.19 -18.67
N ILE A 400 5.70 16.28 -17.71
CA ILE A 400 5.08 14.96 -17.88
C ILE A 400 3.63 14.92 -17.39
N PHE A 401 3.33 15.62 -16.30
CA PHE A 401 1.95 15.79 -15.84
C PHE A 401 1.34 14.47 -15.38
N GLY A 402 2.17 13.62 -14.80
CA GLY A 402 1.71 12.34 -14.27
C GLY A 402 2.53 11.91 -13.07
N PRO A 403 2.21 10.73 -12.52
CA PRO A 403 2.81 10.27 -11.27
C PRO A 403 4.22 9.70 -11.43
N VAL A 404 5.12 10.51 -11.96
CA VAL A 404 6.48 10.08 -12.23
C VAL A 404 7.45 11.11 -11.62
N MET A 405 8.17 10.68 -10.60
CA MET A 405 9.07 11.54 -9.83
C MET A 405 10.52 11.40 -10.29
N GLN A 406 11.15 12.53 -10.61
CA GLN A 406 12.59 12.58 -10.89
C GLN A 406 13.39 13.02 -9.66
N ILE A 407 14.38 12.24 -9.28
CA ILE A 407 15.32 12.67 -8.26
C ILE A 407 16.72 12.90 -8.86
N LEU A 408 17.31 14.06 -8.61
CA LEU A 408 18.64 14.42 -9.12
C LEU A 408 19.55 14.78 -7.97
N LYS A 409 20.86 14.72 -8.20
CA LYS A 409 21.82 14.91 -7.13
C LYS A 409 22.64 16.16 -7.38
N PHE A 410 22.94 16.89 -6.31
CA PHE A 410 23.80 18.06 -6.44
C PHE A 410 24.76 18.13 -5.26
N LYS A 411 25.69 19.07 -5.30
CA LYS A 411 26.66 19.18 -4.21
C LYS A 411 26.58 20.51 -3.47
N THR A 412 26.56 21.61 -4.23
CA THR A 412 26.63 22.93 -3.65
C THR A 412 25.38 23.76 -3.92
N ILE A 413 25.18 24.75 -3.05
CA ILE A 413 24.07 25.67 -3.17
C ILE A 413 24.18 26.53 -4.43
N GLU A 414 25.40 26.98 -4.74
CA GLU A 414 25.69 27.72 -5.98
C GLU A 414 25.39 26.86 -7.22
N GLU A 415 25.69 25.56 -7.13
CA GLU A 415 25.47 24.66 -8.24
C GLU A 415 23.98 24.48 -8.48
N VAL A 416 23.25 24.11 -7.43
CA VAL A 416 21.83 23.81 -7.58
C VAL A 416 21.04 25.01 -8.13
N VAL A 417 21.45 26.22 -7.77
CA VAL A 417 20.80 27.41 -8.30
C VAL A 417 20.85 27.45 -9.82
N GLY A 418 22.06 27.32 -10.37
CA GLY A 418 22.27 27.30 -11.80
C GLY A 418 21.43 26.25 -12.51
N ARG A 419 21.41 25.04 -11.96
CA ARG A 419 20.65 23.94 -12.55
C ARG A 419 19.14 24.12 -12.40
N ALA A 420 18.70 24.62 -11.24
CA ALA A 420 17.28 24.88 -11.01
C ALA A 420 16.74 25.88 -12.00
N ASN A 421 17.51 26.94 -12.24
CA ASN A 421 17.13 28.05 -13.10
C ASN A 421 17.31 27.81 -14.59
N ASN A 422 17.97 26.71 -14.95
CA ASN A 422 18.30 26.43 -16.34
C ASN A 422 17.11 25.76 -17.00
N SER A 423 16.14 26.59 -17.39
CA SER A 423 14.84 26.11 -17.84
C SER A 423 14.13 27.26 -18.52
N THR A 424 13.33 26.94 -19.54
CA THR A 424 12.43 27.92 -20.15
C THR A 424 11.18 28.11 -19.28
N TYR A 425 11.10 27.36 -18.20
CA TYR A 425 9.98 27.41 -17.25
C TYR A 425 10.36 28.17 -15.98
N GLY A 426 9.36 28.57 -15.22
CA GLY A 426 9.62 29.41 -14.05
C GLY A 426 8.37 29.62 -13.23
N LEU A 427 7.56 28.59 -13.13
CA LEU A 427 6.28 28.62 -12.42
C LEU A 427 6.45 28.63 -10.89
N ALA A 428 7.10 27.62 -10.35
CA ALA A 428 7.24 27.41 -8.91
C ALA A 428 8.62 26.81 -8.61
N ALA A 429 9.01 26.87 -7.34
CA ALA A 429 10.17 26.16 -6.80
C ALA A 429 10.02 26.00 -5.29
N ALA A 430 10.78 25.08 -4.69
CA ALA A 430 10.82 24.99 -3.24
C ALA A 430 12.22 24.71 -2.71
N VAL A 431 12.38 24.98 -1.41
CA VAL A 431 13.63 24.86 -0.70
C VAL A 431 13.32 24.26 0.66
N PHE A 432 13.98 23.15 0.99
CA PHE A 432 13.89 22.53 2.30
C PHE A 432 15.22 22.58 3.01
N THR A 433 15.25 23.32 4.13
CA THR A 433 16.48 23.60 4.87
C THR A 433 16.10 24.12 6.25
N LYS A 434 16.99 23.93 7.23
CA LYS A 434 16.80 24.53 8.54
C LYS A 434 17.50 25.87 8.69
N ASP A 435 18.35 26.19 7.72
CA ASP A 435 19.26 27.33 7.83
C ASP A 435 18.62 28.62 7.29
N LEU A 436 18.59 29.67 8.11
CA LEU A 436 18.06 30.96 7.69
C LEU A 436 18.70 31.52 6.42
N ASP A 437 20.04 31.55 6.40
CA ASP A 437 20.74 32.14 5.27
C ASP A 437 20.55 31.40 3.97
N LYS A 438 20.51 30.06 4.03
CA LYS A 438 20.25 29.26 2.84
C LYS A 438 18.84 29.51 2.28
N ALA A 439 17.85 29.52 3.15
CA ALA A 439 16.48 29.80 2.74
C ALA A 439 16.37 31.16 2.04
N ASN A 440 17.00 32.17 2.60
CA ASN A 440 16.90 33.51 2.02
C ASN A 440 17.68 33.66 0.71
N TYR A 441 18.84 33.01 0.67
CA TYR A 441 19.66 32.99 -0.53
C TYR A 441 18.94 32.29 -1.69
N LEU A 442 18.42 31.09 -1.44
CA LEU A 442 17.65 30.41 -2.48
C LEU A 442 16.36 31.13 -2.92
N SER A 443 15.57 31.63 -1.98
CA SER A 443 14.28 32.20 -2.39
C SER A 443 14.50 33.42 -3.27
N GLN A 444 15.58 34.16 -3.00
CA GLN A 444 15.96 35.30 -3.83
C GLN A 444 16.41 34.81 -5.21
N ALA A 445 17.20 33.75 -5.22
CA ALA A 445 17.98 33.39 -6.40
C ALA A 445 17.15 32.61 -7.41
N LEU A 446 16.18 31.84 -6.92
CA LEU A 446 15.38 30.98 -7.81
C LEU A 446 14.50 31.83 -8.70
N GLN A 447 14.51 31.53 -9.99
CA GLN A 447 13.69 32.28 -10.93
C GLN A 447 12.34 31.58 -11.08
N ALA A 448 11.43 31.91 -10.16
CA ALA A 448 10.11 31.27 -10.14
C ALA A 448 9.06 32.20 -9.58
N GLY A 449 7.81 32.02 -9.99
CA GLY A 449 6.72 32.88 -9.56
C GLY A 449 6.36 32.70 -8.09
N THR A 450 6.43 31.46 -7.63
CA THR A 450 6.20 31.11 -6.23
C THR A 450 7.37 30.24 -5.76
N VAL A 451 7.98 30.62 -4.66
CA VAL A 451 8.99 29.80 -4.01
C VAL A 451 8.47 29.38 -2.63
N TRP A 452 8.29 28.09 -2.39
CA TRP A 452 7.94 27.61 -1.05
C TRP A 452 9.17 27.26 -0.22
N VAL A 453 9.13 27.58 1.07
CA VAL A 453 10.18 27.19 1.99
C VAL A 453 9.66 26.24 3.06
N ASN A 454 10.17 25.01 3.02
CA ASN A 454 9.78 23.97 3.96
C ASN A 454 8.33 23.56 3.84
N CYS A 455 7.78 23.74 2.65
CA CYS A 455 6.43 23.30 2.34
C CYS A 455 6.32 23.20 0.83
N TYR A 456 5.16 22.75 0.34
CA TYR A 456 4.89 22.70 -1.09
C TYR A 456 3.41 22.89 -1.37
N ASP A 457 3.11 23.47 -2.52
CA ASP A 457 1.71 23.60 -2.99
C ASP A 457 0.84 24.31 -1.96
N VAL A 458 1.40 25.35 -1.35
CA VAL A 458 0.65 26.12 -0.35
C VAL A 458 0.14 27.34 -1.11
N PHE A 459 -1.17 27.38 -1.31
CA PHE A 459 -1.81 28.48 -2.04
C PHE A 459 -2.72 29.23 -1.08
N GLY A 460 -2.81 30.54 -1.24
CA GLY A 460 -3.85 31.26 -0.50
C GLY A 460 -4.57 32.09 -1.53
N ALA A 461 -5.88 32.26 -1.33
CA ALA A 461 -6.62 33.20 -2.16
C ALA A 461 -5.94 34.60 -2.11
N GLN A 462 -5.25 34.87 -0.98
CA GLN A 462 -4.60 36.16 -0.74
C GLN A 462 -3.25 36.33 -1.48
N SER A 463 -2.62 35.22 -1.87
CA SER A 463 -1.27 35.25 -2.43
C SER A 463 -1.26 35.01 -3.95
N PRO A 464 -0.61 35.94 -4.72
CA PRO A 464 -0.67 35.82 -6.17
C PRO A 464 0.19 34.64 -6.65
N PHE A 465 -0.13 34.19 -7.86
CA PHE A 465 0.41 32.98 -8.42
C PHE A 465 0.46 33.13 -9.94
N GLY A 466 1.62 32.83 -10.53
CA GLY A 466 1.79 32.92 -11.98
C GLY A 466 3.26 32.82 -12.36
N GLY A 467 3.54 32.76 -13.66
CA GLY A 467 4.84 32.31 -14.14
C GLY A 467 5.90 33.37 -14.38
N TYR A 468 7.16 32.97 -14.18
CA TYR A 468 8.31 33.61 -14.82
C TYR A 468 8.52 32.98 -16.21
N LYS A 469 9.30 33.67 -17.05
CA LYS A 469 9.72 33.17 -18.37
C LYS A 469 8.52 32.65 -19.16
N MET A 470 8.59 31.41 -19.61
CA MET A 470 7.52 30.85 -20.44
C MET A 470 6.46 30.07 -19.68
N SER A 471 6.49 30.15 -18.35
CA SER A 471 5.38 29.61 -17.53
C SER A 471 4.15 30.50 -17.61
N GLY A 472 4.29 31.68 -18.22
CA GLY A 472 3.16 32.58 -18.45
C GLY A 472 3.49 34.03 -18.13
N SER A 473 2.45 34.84 -17.94
CA SER A 473 2.61 36.22 -17.48
C SER A 473 1.29 36.79 -16.93
N GLY A 474 1.41 37.77 -16.04
CA GLY A 474 0.28 38.16 -15.19
C GLY A 474 0.24 37.27 -13.95
N ARG A 475 -0.51 37.73 -12.95
CA ARG A 475 -0.70 36.95 -11.75
C ARG A 475 -2.19 36.69 -11.56
N GLU A 476 -2.52 35.53 -11.02
CA GLU A 476 -3.83 35.30 -10.43
C GLU A 476 -3.77 35.29 -8.90
N LEU A 477 -4.92 35.60 -8.30
CA LEU A 477 -5.07 35.61 -6.84
C LEU A 477 -4.53 36.91 -6.19
N GLY A 478 -4.82 37.09 -4.90
CA GLY A 478 -4.53 38.33 -4.18
C GLY A 478 -4.99 39.61 -4.87
N GLU A 479 -4.47 40.76 -4.40
CA GLU A 479 -4.82 42.04 -5.01
C GLU A 479 -4.38 42.04 -6.48
N TYR A 480 -3.26 41.37 -6.78
CA TYR A 480 -2.64 41.48 -8.10
C TYR A 480 -3.54 40.85 -9.17
N GLY A 481 -4.33 39.86 -8.76
CA GLY A 481 -5.32 39.25 -9.64
C GLY A 481 -6.39 40.18 -10.17
N LEU A 482 -6.55 41.37 -9.56
CA LEU A 482 -7.44 42.40 -10.11
C LEU A 482 -6.86 43.23 -11.26
N GLN A 483 -5.53 43.34 -11.30
CA GLN A 483 -4.86 44.22 -12.25
C GLN A 483 -5.25 43.94 -13.72
N ALA A 484 -5.22 42.68 -14.12
CA ALA A 484 -5.55 42.31 -15.50
C ALA A 484 -7.03 42.51 -15.87
N TYR A 485 -7.90 42.71 -14.88
CA TYR A 485 -9.34 42.84 -15.13
C TYR A 485 -9.84 44.29 -15.07
N THR A 486 -8.89 45.23 -15.00
CA THR A 486 -9.18 46.64 -14.77
C THR A 486 -8.56 47.42 -15.91
N GLU A 487 -9.30 48.38 -16.46
CA GLU A 487 -8.76 49.36 -17.42
C GLU A 487 -8.71 50.72 -16.75
N VAL A 488 -7.56 51.38 -16.83
CA VAL A 488 -7.35 52.55 -15.99
C VAL A 488 -7.69 53.76 -16.84
N LYS A 489 -8.65 54.57 -16.38
CA LYS A 489 -8.95 55.87 -17.02
C LYS A 489 -8.41 57.02 -16.18
N THR A 490 -7.62 57.89 -16.79
CA THR A 490 -7.21 59.12 -16.15
C THR A 490 -8.19 60.25 -16.47
N VAL A 491 -8.65 60.97 -15.46
CA VAL A 491 -9.44 62.16 -15.69
C VAL A 491 -8.71 63.36 -15.11
N THR A 492 -8.53 64.39 -15.93
CA THR A 492 -7.73 65.52 -15.52
C THR A 492 -8.48 66.80 -15.81
N VAL A 493 -8.78 67.55 -14.75
CA VAL A 493 -9.78 68.61 -14.80
C VAL A 493 -9.11 69.93 -14.49
N LYS A 494 -9.29 70.89 -15.38
CA LYS A 494 -8.90 72.25 -15.06
C LYS A 494 -9.68 72.78 -13.86
N VAL A 495 -8.98 73.32 -12.87
CA VAL A 495 -9.62 73.97 -11.72
C VAL A 495 -9.02 75.35 -11.49
N PRO A 496 -9.75 76.22 -10.76
CA PRO A 496 -9.40 77.65 -10.62
C PRO A 496 -7.98 77.91 -10.05
N GLN A 497 -7.64 77.21 -8.96
CA GLN A 497 -6.32 77.36 -8.34
C GLN A 497 -6.05 76.20 -7.37
N LYS A 498 -5.16 75.29 -7.78
CA LYS A 498 -4.82 74.13 -6.95
C LYS A 498 -4.13 74.57 -5.66
N ASN A 499 -4.56 74.02 -4.54
CA ASN A 499 -3.79 74.11 -3.29
C ASN A 499 -3.56 72.72 -2.71
N SER A 500 -2.49 72.58 -1.92
CA SER A 500 -2.18 71.29 -1.31
C SER A 500 -3.34 70.89 -0.41
N ALA B 7 11.72 83.49 -20.74
CA ALA B 7 13.15 83.60 -21.15
C ALA B 7 13.57 82.23 -21.66
N VAL B 8 13.77 82.16 -22.98
CA VAL B 8 14.46 81.03 -23.58
C VAL B 8 15.88 81.47 -23.94
N PRO B 9 16.89 80.76 -23.42
CA PRO B 9 18.24 81.11 -23.85
C PRO B 9 18.36 80.94 -25.36
N ALA B 10 19.19 81.80 -25.98
CA ALA B 10 19.36 81.79 -27.41
C ALA B 10 19.90 80.43 -27.85
N PRO B 11 19.38 79.89 -28.96
CA PRO B 11 19.83 78.60 -29.46
C PRO B 11 21.15 78.68 -30.23
N ASN B 12 21.82 77.54 -30.37
CA ASN B 12 22.75 77.29 -31.45
C ASN B 12 21.98 76.65 -32.61
N GLN B 13 21.76 77.39 -33.69
CA GLN B 13 20.98 76.86 -34.80
C GLN B 13 21.71 75.77 -35.58
N GLN B 14 23.00 75.60 -35.30
CA GLN B 14 23.75 74.51 -35.94
C GLN B 14 24.55 73.71 -34.90
N PRO B 15 23.86 72.95 -34.02
CA PRO B 15 24.60 72.28 -32.96
C PRO B 15 25.44 71.17 -33.55
N GLU B 16 26.67 71.02 -33.06
CA GLU B 16 27.57 69.99 -33.59
C GLU B 16 27.12 68.64 -33.07
N VAL B 17 27.22 67.61 -33.91
CA VAL B 17 26.85 66.28 -33.49
C VAL B 17 28.06 65.53 -32.94
N PHE B 18 27.89 64.94 -31.76
CA PHE B 18 28.97 64.26 -31.05
C PHE B 18 28.80 62.74 -31.04
N CYS B 19 27.55 62.26 -31.03
CA CYS B 19 27.33 60.82 -30.91
C CYS B 19 26.43 60.37 -32.06
N ASN B 20 26.85 59.31 -32.75
CA ASN B 20 26.18 58.88 -33.97
C ASN B 20 26.43 57.41 -34.22
N GLN B 21 26.82 56.71 -33.16
CA GLN B 21 27.09 55.27 -33.24
C GLN B 21 26.17 54.48 -32.29
N ILE B 22 26.32 53.15 -32.30
CA ILE B 22 25.60 52.23 -31.43
C ILE B 22 26.21 52.25 -30.04
N PHE B 23 25.38 52.25 -29.00
CA PHE B 23 25.84 52.46 -27.63
C PHE B 23 25.71 51.14 -26.92
N ILE B 24 26.84 50.52 -26.62
CA ILE B 24 26.81 49.26 -25.91
C ILE B 24 27.93 49.22 -24.87
N ASN B 25 27.56 48.80 -23.67
CA ASN B 25 28.52 48.69 -22.59
C ASN B 25 29.23 50.00 -22.32
N ASN B 26 28.45 51.08 -22.38
CA ASN B 26 28.97 52.44 -22.21
C ASN B 26 30.04 52.82 -23.24
N GLU B 27 30.09 52.08 -24.34
CA GLU B 27 31.01 52.44 -25.44
C GLU B 27 30.33 52.58 -26.80
N TRP B 28 31.00 53.30 -27.71
CA TRP B 28 30.44 53.59 -29.02
C TRP B 28 30.99 52.64 -30.08
N HIS B 29 30.10 51.98 -30.81
CA HIS B 29 30.46 51.00 -31.84
C HIS B 29 29.87 51.40 -33.19
N ASP B 30 30.63 51.24 -34.29
CA ASP B 30 30.04 51.18 -35.60
C ASP B 30 29.17 49.94 -35.68
N ALA B 31 28.23 49.94 -36.63
CA ALA B 31 27.53 48.71 -36.99
C ALA B 31 28.54 47.62 -37.31
N VAL B 32 28.13 46.37 -37.14
CA VAL B 32 28.94 45.21 -37.55
C VAL B 32 29.24 45.25 -39.05
N SER B 33 28.24 45.62 -39.84
CA SER B 33 28.40 45.77 -41.29
C SER B 33 29.11 47.08 -41.66
N ARG B 34 29.32 47.96 -40.70
CA ARG B 34 29.90 49.29 -40.97
C ARG B 34 29.00 50.25 -41.75
N LYS B 35 27.78 49.81 -42.08
CA LYS B 35 26.79 50.67 -42.76
C LYS B 35 26.37 51.86 -41.92
N THR B 36 26.18 53.00 -42.57
CA THR B 36 25.49 54.14 -41.96
C THR B 36 24.23 54.53 -42.73
N PHE B 37 23.35 55.27 -42.06
CA PHE B 37 22.23 55.89 -42.76
C PHE B 37 22.20 57.39 -42.44
N PRO B 38 21.63 58.18 -43.35
CA PRO B 38 21.51 59.62 -43.14
C PRO B 38 20.34 59.97 -42.22
N THR B 39 20.55 60.88 -41.28
CA THR B 39 19.38 61.57 -40.71
C THR B 39 19.34 62.98 -41.27
N VAL B 40 18.12 63.50 -41.42
CA VAL B 40 17.82 64.65 -42.25
C VAL B 40 17.19 65.73 -41.41
N ASN B 41 17.55 66.97 -41.73
CA ASN B 41 16.93 68.14 -41.18
C ASN B 41 15.66 68.52 -41.94
N PRO B 42 14.49 68.30 -41.32
CA PRO B 42 13.25 68.39 -42.11
C PRO B 42 12.85 69.83 -42.49
N SER B 43 13.49 70.82 -41.89
CA SER B 43 13.33 72.21 -42.28
C SER B 43 13.99 72.56 -43.61
N THR B 44 15.07 71.85 -43.98
CA THR B 44 15.83 72.21 -45.18
C THR B 44 15.90 71.06 -46.16
N GLY B 45 15.48 69.88 -45.73
CA GLY B 45 15.63 68.67 -46.54
C GLY B 45 17.05 68.13 -46.61
N GLU B 46 18.00 68.77 -45.92
CA GLU B 46 19.40 68.37 -46.03
C GLU B 46 19.87 67.42 -44.93
N VAL B 47 20.89 66.62 -45.25
CA VAL B 47 21.42 65.63 -44.31
C VAL B 47 22.13 66.31 -43.15
N ILE B 48 21.86 65.84 -41.93
CA ILE B 48 22.60 66.33 -40.77
C ILE B 48 23.93 65.58 -40.65
N CYS B 49 23.85 64.25 -40.73
CA CYS B 49 25.03 63.41 -40.56
C CYS B 49 24.63 61.97 -40.80
N GLN B 50 25.62 61.08 -40.77
CA GLN B 50 25.39 59.65 -40.98
C GLN B 50 25.31 59.01 -39.59
N VAL B 51 24.51 57.97 -39.46
CA VAL B 51 24.35 57.32 -38.16
C VAL B 51 24.57 55.82 -38.36
N ALA B 52 25.27 55.19 -37.42
CA ALA B 52 25.49 53.75 -37.50
C ALA B 52 24.17 52.99 -37.71
N GLU B 53 24.13 52.10 -38.70
CA GLU B 53 22.88 51.41 -39.05
C GLU B 53 22.83 50.03 -38.42
N GLY B 54 22.30 49.95 -37.20
CA GLY B 54 22.22 48.68 -36.47
C GLY B 54 21.27 47.68 -37.09
N ASP B 55 21.55 46.40 -36.90
CA ASP B 55 20.71 45.31 -37.41
C ASP B 55 20.67 44.18 -36.37
N LYS B 56 20.15 43.02 -36.75
CA LYS B 56 20.07 41.87 -35.85
C LYS B 56 21.33 41.63 -35.01
N GLU B 57 22.50 41.63 -35.65
CA GLU B 57 23.75 41.29 -34.98
C GLU B 57 24.16 42.34 -33.94
N ASP B 58 23.91 43.60 -34.25
CA ASP B 58 24.07 44.66 -33.27
C ASP B 58 23.10 44.54 -32.09
N VAL B 59 21.85 44.21 -32.38
CA VAL B 59 20.86 43.88 -31.35
C VAL B 59 21.35 42.73 -30.45
N ASP B 60 21.90 41.68 -31.06
CA ASP B 60 22.38 40.55 -30.25
C ASP B 60 23.54 40.93 -29.36
N LYS B 61 24.42 41.80 -29.84
CA LYS B 61 25.48 42.35 -28.99
C LYS B 61 24.90 43.15 -27.81
N ALA B 62 23.85 43.93 -28.08
CA ALA B 62 23.24 44.77 -27.04
C ALA B 62 22.50 43.92 -26.01
N VAL B 63 21.79 42.90 -26.47
CA VAL B 63 21.09 42.02 -25.56
C VAL B 63 22.02 41.25 -24.61
N LYS B 64 23.12 40.74 -25.14
CA LYS B 64 24.09 40.02 -24.32
C LYS B 64 24.75 40.99 -23.33
N ALA B 65 25.05 42.20 -23.79
CA ALA B 65 25.52 43.24 -22.88
C ALA B 65 24.54 43.42 -21.71
N ALA B 66 23.24 43.55 -22.03
CA ALA B 66 22.21 43.78 -21.03
C ALA B 66 22.04 42.57 -20.10
N ARG B 67 21.91 41.38 -20.70
CA ARG B 67 21.81 40.16 -19.93
C ARG B 67 22.94 40.05 -18.90
N ALA B 68 24.17 40.31 -19.33
CA ALA B 68 25.32 40.27 -18.42
C ALA B 68 25.17 41.30 -17.32
N ALA B 69 24.68 42.48 -17.69
CA ALA B 69 24.50 43.53 -16.70
C ALA B 69 23.45 43.12 -15.65
N PHE B 70 22.62 42.14 -16.00
CA PHE B 70 21.48 41.74 -15.19
C PHE B 70 21.74 40.50 -14.31
N GLN B 71 22.97 39.97 -14.37
CA GLN B 71 23.30 38.75 -13.67
C GLN B 71 23.22 38.94 -12.18
N LEU B 72 22.66 37.96 -11.50
CA LEU B 72 22.69 37.93 -10.04
C LEU B 72 24.11 38.24 -9.60
N GLY B 73 24.27 39.28 -8.79
CA GLY B 73 25.59 39.60 -8.25
C GLY B 73 26.27 40.78 -8.91
N SER B 74 25.80 41.17 -10.09
CA SER B 74 26.40 42.28 -10.84
C SER B 74 26.29 43.58 -10.05
N PRO B 75 27.03 44.60 -10.47
CA PRO B 75 26.88 45.89 -9.79
C PRO B 75 25.45 46.50 -9.87
N TRP B 76 24.78 46.37 -11.01
CA TRP B 76 23.41 46.91 -11.17
C TRP B 76 22.38 46.20 -10.28
N ARG B 77 22.46 44.87 -10.22
CA ARG B 77 21.62 44.02 -9.37
C ARG B 77 21.83 44.21 -7.87
N ARG B 78 23.05 44.51 -7.46
CA ARG B 78 23.34 44.67 -6.03
C ARG B 78 23.15 46.10 -5.61
N MET B 79 23.12 47.00 -6.58
CA MET B 79 22.96 48.39 -6.23
C MET B 79 21.71 48.60 -5.35
N ASP B 80 21.84 49.42 -4.32
CA ASP B 80 20.72 49.81 -3.46
C ASP B 80 19.67 50.54 -4.29
N ALA B 81 18.40 50.24 -4.06
CA ALA B 81 17.34 50.87 -4.84
C ALA B 81 17.43 52.41 -4.73
N SER B 82 17.73 52.91 -3.53
CA SER B 82 17.97 54.34 -3.35
C SER B 82 19.08 54.87 -4.30
N HIS B 83 20.03 54.02 -4.66
CA HIS B 83 21.16 54.45 -5.48
C HIS B 83 20.81 54.55 -6.97
N ARG B 84 19.92 53.67 -7.43
CA ARG B 84 19.29 53.86 -8.73
C ARG B 84 18.61 55.22 -8.81
N GLY B 85 17.92 55.60 -7.74
CA GLY B 85 17.32 56.94 -7.66
C GLY B 85 18.35 58.03 -7.91
N ARG B 86 19.44 58.01 -7.14
CA ARG B 86 20.55 58.97 -7.27
C ARG B 86 21.06 59.05 -8.69
N LEU B 87 21.20 57.90 -9.32
CA LEU B 87 21.67 57.88 -10.68
C LEU B 87 20.71 58.62 -11.61
N LEU B 88 19.42 58.34 -11.45
CA LEU B 88 18.41 58.96 -12.29
C LEU B 88 18.37 60.46 -12.03
N ASN B 89 18.48 60.85 -10.77
CA ASN B 89 18.65 62.25 -10.42
C ASN B 89 19.91 62.93 -11.03
N ARG B 90 20.98 62.16 -11.16
CA ARG B 90 22.23 62.69 -11.74
C ARG B 90 22.10 62.81 -13.26
N LEU B 91 21.50 61.81 -13.90
CA LEU B 91 21.12 61.92 -15.32
C LEU B 91 20.31 63.19 -15.62
N ALA B 92 19.31 63.48 -14.81
CA ALA B 92 18.48 64.67 -14.99
C ALA B 92 19.30 65.97 -14.82
N ASP B 93 20.18 66.01 -13.82
CA ASP B 93 21.04 67.18 -13.65
C ASP B 93 21.91 67.44 -14.87
N LEU B 94 22.49 66.37 -15.43
CA LEU B 94 23.27 66.42 -16.66
C LEU B 94 22.45 66.91 -17.87
N ILE B 95 21.26 66.34 -18.04
CA ILE B 95 20.37 66.79 -19.10
C ILE B 95 20.08 68.27 -18.89
N GLU B 96 19.85 68.68 -17.65
CA GLU B 96 19.59 70.09 -17.37
C GLU B 96 20.77 71.04 -17.66
N ARG B 97 21.99 70.61 -17.35
CA ARG B 97 23.21 71.32 -17.73
C ARG B 97 23.24 71.51 -19.25
N ASP B 98 22.82 70.47 -19.98
CA ASP B 98 22.91 70.46 -21.43
C ASP B 98 21.58 70.79 -22.14
N ARG B 99 20.69 71.49 -21.44
CA ARG B 99 19.32 71.69 -21.93
C ARG B 99 19.22 72.46 -23.25
N THR B 100 19.93 73.58 -23.35
CA THR B 100 19.88 74.40 -24.57
C THR B 100 20.42 73.62 -25.77
N TYR B 101 21.48 72.83 -25.55
CA TYR B 101 22.06 72.03 -26.63
C TYR B 101 21.07 70.95 -27.07
N LEU B 102 20.48 70.23 -26.12
CA LEU B 102 19.58 69.12 -26.47
C LEU B 102 18.31 69.66 -27.09
N ALA B 103 17.83 70.79 -26.61
CA ALA B 103 16.67 71.39 -27.23
C ALA B 103 16.96 71.80 -28.67
N ALA B 104 18.14 72.40 -28.91
CA ALA B 104 18.52 72.76 -30.29
C ALA B 104 18.65 71.53 -31.15
N LEU B 105 19.27 70.48 -30.60
CA LEU B 105 19.44 69.26 -31.39
C LEU B 105 18.10 68.56 -31.70
N GLU B 106 17.19 68.56 -30.73
CA GLU B 106 15.85 68.01 -30.96
C GLU B 106 15.18 68.77 -32.11
N THR B 107 15.26 70.09 -32.09
CA THR B 107 14.67 70.88 -33.16
C THR B 107 15.33 70.62 -34.51
N LEU B 108 16.66 70.60 -34.54
CA LEU B 108 17.40 70.34 -35.79
C LEU B 108 16.96 69.07 -36.49
N ASP B 109 16.82 67.99 -35.72
CA ASP B 109 16.61 66.64 -36.27
C ASP B 109 15.13 66.31 -36.41
N ASN B 110 14.28 66.96 -35.60
CA ASN B 110 12.85 66.65 -35.57
C ASN B 110 11.93 67.64 -36.30
N GLY B 111 12.23 68.94 -36.23
CA GLY B 111 11.35 69.94 -36.83
C GLY B 111 10.62 70.85 -35.84
N LYS B 112 10.37 70.38 -34.62
CA LYS B 112 9.54 71.19 -33.72
C LYS B 112 10.25 72.50 -33.35
N PRO B 113 9.47 73.56 -33.03
CA PRO B 113 10.03 74.84 -32.61
C PRO B 113 10.97 74.73 -31.41
N TYR B 114 12.06 75.50 -31.44
CA TYR B 114 13.09 75.37 -30.43
C TYR B 114 12.58 75.86 -29.09
N VAL B 115 11.67 76.83 -29.14
CA VAL B 115 11.03 77.31 -27.93
C VAL B 115 10.27 76.17 -27.25
N ILE B 116 9.55 75.37 -28.03
CA ILE B 116 8.80 74.25 -27.49
C ILE B 116 9.74 73.16 -26.97
N SER B 117 10.71 72.74 -27.79
CA SER B 117 11.76 71.82 -27.36
C SER B 117 12.31 72.19 -25.99
N TYR B 118 12.60 73.46 -25.80
CA TYR B 118 13.23 73.92 -24.60
C TYR B 118 12.28 74.01 -23.41
N LEU B 119 11.11 74.61 -23.64
CA LEU B 119 10.20 74.91 -22.55
C LEU B 119 9.30 73.75 -22.19
N VAL B 120 9.12 72.83 -23.14
CA VAL B 120 8.13 71.76 -23.01
C VAL B 120 8.83 70.40 -22.98
N ASP B 121 9.34 69.96 -24.12
CA ASP B 121 9.98 68.65 -24.20
C ASP B 121 11.03 68.48 -23.09
N LEU B 122 11.96 69.42 -22.98
CA LEU B 122 13.08 69.25 -22.08
C LEU B 122 12.63 69.37 -20.64
N ASP B 123 11.68 70.27 -20.37
CA ASP B 123 11.10 70.38 -19.04
C ASP B 123 10.46 69.03 -18.65
N MET B 124 9.73 68.43 -19.59
CA MET B 124 8.99 67.19 -19.29
C MET B 124 9.93 65.99 -19.15
N VAL B 125 11.04 66.00 -19.90
CA VAL B 125 12.11 65.03 -19.68
C VAL B 125 12.64 65.08 -18.26
N LEU B 126 13.06 66.26 -17.81
CA LEU B 126 13.56 66.44 -16.47
C LEU B 126 12.53 66.02 -15.39
N LYS B 127 11.29 66.44 -15.57
CA LYS B 127 10.26 66.14 -14.58
C LYS B 127 10.00 64.63 -14.55
N CYS B 128 9.98 64.02 -15.73
CA CYS B 128 9.83 62.58 -15.80
C CYS B 128 10.94 61.79 -15.09
N LEU B 129 12.19 62.16 -15.36
CA LEU B 129 13.31 61.42 -14.78
C LEU B 129 13.39 61.60 -13.27
N ARG B 130 13.12 62.82 -12.79
CA ARG B 130 13.17 63.13 -11.38
C ARG B 130 11.99 62.52 -10.62
N TYR B 131 10.84 62.45 -11.30
CA TYR B 131 9.70 61.74 -10.75
C TYR B 131 10.05 60.26 -10.52
N TYR B 132 10.53 59.59 -11.55
CA TYR B 132 10.85 58.18 -11.40
C TYR B 132 12.03 57.87 -10.46
N ALA B 133 13.05 58.74 -10.45
CA ALA B 133 14.10 58.66 -9.44
C ALA B 133 13.49 58.43 -8.05
N GLY B 134 12.44 59.19 -7.76
CA GLY B 134 11.70 59.09 -6.50
C GLY B 134 11.06 57.74 -6.23
N TRP B 135 10.65 57.03 -7.29
CA TRP B 135 10.01 55.73 -7.15
C TRP B 135 10.99 54.60 -6.84
N ALA B 136 12.27 54.80 -7.18
CA ALA B 136 13.23 53.69 -7.21
C ALA B 136 13.16 52.81 -5.96
N ASP B 137 12.97 53.41 -4.80
CA ASP B 137 13.01 52.64 -3.56
C ASP B 137 11.68 52.66 -2.80
N LYS B 138 10.57 52.83 -3.51
CA LYS B 138 9.28 53.02 -2.87
C LYS B 138 8.19 52.12 -3.45
N TYR B 139 8.53 51.30 -4.42
CA TYR B 139 7.54 50.34 -4.95
C TYR B 139 7.53 49.03 -4.18
N HIS B 140 6.80 48.98 -3.06
CA HIS B 140 6.90 47.90 -2.07
C HIS B 140 6.19 46.62 -2.51
N GLY B 141 6.72 45.46 -2.15
CA GLY B 141 5.95 44.20 -2.19
C GLY B 141 5.02 44.14 -0.99
N LYS B 142 4.46 42.96 -0.73
CA LYS B 142 3.44 42.79 0.32
C LYS B 142 3.79 41.68 1.30
N THR B 143 3.41 41.85 2.56
CA THR B 143 3.22 40.70 3.44
C THR B 143 1.73 40.34 3.57
N ILE B 144 1.42 39.05 3.42
CA ILE B 144 0.08 38.61 3.07
C ILE B 144 -0.45 37.67 4.13
N PRO B 145 -1.62 37.99 4.70
CA PRO B 145 -2.18 37.18 5.79
C PRO B 145 -2.88 35.91 5.26
N ILE B 146 -2.10 35.02 4.65
CA ILE B 146 -2.58 33.72 4.17
C ILE B 146 -3.04 32.80 5.30
N ASP B 147 -3.97 31.88 5.00
CA ASP B 147 -4.47 30.90 5.98
C ASP B 147 -3.34 29.98 6.42
N GLY B 148 -3.33 29.58 7.68
CA GLY B 148 -2.45 28.51 8.14
C GLY B 148 -1.14 29.07 8.67
N ASP B 149 -0.29 28.16 9.11
CA ASP B 149 0.97 28.54 9.75
C ASP B 149 2.02 28.83 8.68
N PHE B 150 1.85 29.96 8.00
CA PHE B 150 2.77 30.38 6.94
C PHE B 150 3.00 31.86 7.03
N PHE B 151 4.17 32.27 6.56
CA PHE B 151 4.51 33.68 6.36
C PHE B 151 4.67 33.76 4.85
N SER B 152 3.83 34.59 4.23
CA SER B 152 3.83 34.73 2.79
C SER B 152 4.02 36.22 2.42
N TYR B 153 4.91 36.49 1.47
CA TYR B 153 5.19 37.85 1.03
C TYR B 153 5.55 37.82 -0.44
N THR B 154 5.55 38.99 -1.07
CA THR B 154 5.97 39.10 -2.44
C THR B 154 7.21 39.99 -2.57
N ARG B 155 8.01 39.69 -3.58
CA ARG B 155 9.15 40.54 -3.95
C ARG B 155 8.74 41.14 -5.28
N HIS B 156 8.93 42.45 -5.43
CA HIS B 156 8.76 43.06 -6.74
C HIS B 156 10.12 43.10 -7.42
N GLU B 157 10.37 42.12 -8.29
CA GLU B 157 11.64 42.00 -8.99
C GLU B 157 11.56 42.63 -10.38
N PRO B 158 12.72 42.98 -10.96
CA PRO B 158 12.69 43.51 -12.31
C PRO B 158 12.29 42.39 -13.28
N VAL B 159 11.58 42.73 -14.36
CA VAL B 159 11.26 41.73 -15.37
C VAL B 159 12.51 41.32 -16.17
N GLY B 160 13.47 42.24 -16.32
CA GLY B 160 14.79 41.88 -16.82
C GLY B 160 15.29 42.71 -17.99
N VAL B 161 15.53 42.04 -19.13
CA VAL B 161 16.04 42.72 -20.30
C VAL B 161 14.86 43.28 -21.07
N CYS B 162 14.80 44.61 -21.17
CA CYS B 162 13.63 45.27 -21.74
C CYS B 162 13.97 45.91 -23.08
N GLY B 163 13.30 45.44 -24.11
CA GLY B 163 13.37 46.06 -25.41
C GLY B 163 12.40 47.22 -25.48
N GLN B 164 12.92 48.38 -25.86
CA GLN B 164 12.06 49.55 -25.97
C GLN B 164 12.23 50.19 -27.33
N ILE B 165 11.12 50.33 -28.03
CA ILE B 165 11.11 50.89 -29.38
C ILE B 165 10.35 52.22 -29.35
N ILE B 166 11.05 53.31 -29.58
CA ILE B 166 10.41 54.62 -29.48
C ILE B 166 10.35 55.34 -30.82
N PRO B 167 9.32 56.21 -30.97
CA PRO B 167 9.00 56.87 -32.23
C PRO B 167 9.64 58.24 -32.29
N TRP B 168 9.30 59.00 -33.32
CA TRP B 168 10.09 60.19 -33.69
C TRP B 168 9.41 61.50 -33.30
N ASN B 169 8.19 61.42 -32.79
CA ASN B 169 7.40 62.63 -32.55
C ASN B 169 7.84 63.39 -31.31
N PHE B 170 8.26 62.66 -30.28
CA PHE B 170 8.83 63.24 -29.06
C PHE B 170 10.03 62.40 -28.67
N PRO B 171 11.15 62.54 -29.40
CA PRO B 171 12.27 61.61 -29.27
C PRO B 171 12.84 61.55 -27.85
N LEU B 172 13.22 62.68 -27.28
CA LEU B 172 13.78 62.69 -25.93
C LEU B 172 12.77 62.37 -24.82
N LEU B 173 11.56 62.89 -24.96
CA LEU B 173 10.51 62.59 -23.97
C LEU B 173 10.12 61.11 -24.01
N MET B 174 9.97 60.53 -25.19
CA MET B 174 9.64 59.08 -25.23
C MET B 174 10.77 58.23 -24.64
N GLN B 175 12.01 58.61 -24.92
CA GLN B 175 13.15 57.97 -24.26
C GLN B 175 13.04 58.02 -22.73
N ALA B 176 12.79 59.20 -22.18
CA ALA B 176 12.66 59.34 -20.74
C ALA B 176 11.47 58.55 -20.20
N TRP B 177 10.34 58.56 -20.94
CA TRP B 177 9.15 57.83 -20.46
C TRP B 177 9.43 56.34 -20.39
N LYS B 178 10.36 55.88 -21.21
CA LYS B 178 10.68 54.45 -21.19
C LYS B 178 11.80 54.19 -20.18
N LEU B 179 12.84 55.01 -20.20
CA LEU B 179 13.97 54.78 -19.28
C LEU B 179 13.58 54.93 -17.79
N GLY B 180 12.75 55.92 -17.48
CA GLY B 180 12.48 56.25 -16.08
C GLY B 180 11.95 55.08 -15.26
N PRO B 181 10.81 54.51 -15.69
CA PRO B 181 10.26 53.33 -15.01
C PRO B 181 11.17 52.10 -15.08
N ALA B 182 11.75 51.81 -16.24
CA ALA B 182 12.59 50.61 -16.39
C ALA B 182 13.78 50.60 -15.41
N LEU B 183 14.52 51.70 -15.39
CA LEU B 183 15.67 51.82 -14.50
C LEU B 183 15.27 52.01 -13.03
N ALA B 184 14.19 52.74 -12.78
CA ALA B 184 13.77 52.92 -11.40
C ALA B 184 13.57 51.57 -10.71
N THR B 185 13.12 50.59 -11.48
CA THR B 185 12.87 49.24 -10.94
C THR B 185 13.94 48.20 -11.31
N GLY B 186 15.12 48.63 -11.77
CA GLY B 186 16.27 47.73 -11.82
C GLY B 186 16.36 46.89 -13.09
N ASN B 187 15.58 47.26 -14.09
CA ASN B 187 15.67 46.53 -15.34
C ASN B 187 16.89 47.01 -16.10
N VAL B 188 17.23 46.35 -17.19
CA VAL B 188 18.26 46.81 -18.11
C VAL B 188 17.58 46.91 -19.47
N VAL B 189 18.11 47.77 -20.35
CA VAL B 189 17.39 48.23 -21.52
C VAL B 189 18.15 48.06 -22.84
N VAL B 190 17.48 47.53 -23.86
CA VAL B 190 17.97 47.60 -25.24
C VAL B 190 16.99 48.46 -26.05
N MET B 191 17.42 49.67 -26.37
CA MET B 191 16.49 50.65 -26.93
C MET B 191 16.73 50.91 -28.40
N LYS B 192 15.63 50.94 -29.14
CA LYS B 192 15.70 51.20 -30.57
C LYS B 192 15.04 52.55 -30.84
N VAL B 193 15.84 53.52 -31.28
CA VAL B 193 15.35 54.87 -31.53
C VAL B 193 15.02 55.03 -33.01
N ALA B 194 14.23 56.05 -33.33
CA ALA B 194 13.64 56.17 -34.67
C ALA B 194 14.70 56.70 -35.64
N GLU B 195 14.69 56.13 -36.86
CA GLU B 195 15.68 56.50 -37.87
C GLU B 195 15.59 57.99 -38.20
N GLN B 196 14.39 58.56 -38.06
CA GLN B 196 14.16 59.99 -38.30
C GLN B 196 14.76 60.88 -37.21
N THR B 197 14.88 60.35 -35.99
CA THR B 197 15.31 61.17 -34.85
C THR B 197 16.24 60.40 -33.89
N PRO B 198 17.43 60.02 -34.38
CA PRO B 198 18.30 59.21 -33.54
C PRO B 198 19.18 60.03 -32.59
N LEU B 199 19.45 61.28 -32.95
CA LEU B 199 20.62 61.98 -32.48
C LEU B 199 20.50 62.40 -31.01
N THR B 200 19.34 62.91 -30.60
CA THR B 200 19.20 63.32 -29.20
C THR B 200 19.33 62.18 -28.20
N ALA B 201 18.74 61.02 -28.52
CA ALA B 201 18.80 59.82 -27.66
C ALA B 201 20.23 59.30 -27.51
N LEU B 202 21.01 59.40 -28.59
CA LEU B 202 22.43 59.03 -28.51
C LEU B 202 23.21 59.98 -27.59
N TYR B 203 22.98 61.28 -27.72
CA TYR B 203 23.64 62.17 -26.78
C TYR B 203 23.34 61.83 -25.30
N VAL B 204 22.06 61.61 -24.99
CA VAL B 204 21.67 61.21 -23.64
C VAL B 204 22.42 59.94 -23.19
N ALA B 205 22.61 58.99 -24.10
CA ALA B 205 23.41 57.82 -23.78
C ALA B 205 24.79 58.19 -23.23
N ASN B 206 25.43 59.19 -23.83
CA ASN B 206 26.67 59.76 -23.30
C ASN B 206 26.51 60.33 -21.89
N LEU B 207 25.36 60.95 -21.62
CA LEU B 207 25.05 61.46 -20.29
C LEU B 207 24.80 60.35 -19.26
N ILE B 208 24.23 59.24 -19.73
CA ILE B 208 24.00 58.06 -18.91
C ILE B 208 25.33 57.46 -18.44
N LYS B 209 26.26 57.32 -19.39
CA LYS B 209 27.63 56.96 -19.07
C LYS B 209 28.25 57.96 -18.08
N GLU B 210 28.15 59.26 -18.34
CA GLU B 210 28.66 60.25 -17.41
C GLU B 210 28.01 60.15 -16.03
N ALA B 211 26.72 59.80 -15.99
CA ALA B 211 25.96 59.83 -14.75
C ALA B 211 26.51 58.75 -13.86
N GLY B 212 27.07 57.72 -14.49
CA GLY B 212 27.69 56.65 -13.73
C GLY B 212 26.93 55.35 -13.77
N PHE B 213 25.99 55.21 -14.70
CA PHE B 213 25.28 53.94 -14.83
C PHE B 213 26.25 52.85 -15.23
N PRO B 214 26.14 51.66 -14.61
CA PRO B 214 27.06 50.57 -14.93
C PRO B 214 26.94 50.16 -16.40
N PRO B 215 28.05 49.73 -17.01
CA PRO B 215 28.08 49.27 -18.40
C PRO B 215 27.00 48.24 -18.69
N GLY B 216 26.25 48.43 -19.76
CA GLY B 216 25.30 47.41 -20.20
C GLY B 216 23.88 47.62 -19.69
N VAL B 217 23.71 48.55 -18.76
CA VAL B 217 22.37 48.80 -18.20
C VAL B 217 21.48 49.46 -19.25
N VAL B 218 21.99 50.48 -19.93
CA VAL B 218 21.28 51.03 -21.09
C VAL B 218 22.11 50.89 -22.37
N ASN B 219 21.50 50.31 -23.39
CA ASN B 219 22.11 50.16 -24.70
C ASN B 219 21.15 50.70 -25.76
N ILE B 220 21.69 51.42 -26.73
CA ILE B 220 20.87 52.01 -27.79
C ILE B 220 21.33 51.56 -29.18
N VAL B 221 20.40 51.05 -29.96
CA VAL B 221 20.69 50.61 -31.33
C VAL B 221 19.89 51.42 -32.37
N PRO B 222 20.48 52.52 -32.89
CA PRO B 222 19.79 53.22 -33.97
C PRO B 222 19.72 52.28 -35.14
N GLY B 223 18.76 52.47 -36.04
CA GLY B 223 18.52 51.52 -37.12
C GLY B 223 17.12 51.62 -37.70
N PHE B 224 16.81 50.76 -38.65
CA PHE B 224 15.47 50.71 -39.27
C PHE B 224 14.53 49.74 -38.57
N GLY B 225 13.25 49.84 -38.90
CA GLY B 225 12.20 49.11 -38.17
C GLY B 225 12.13 47.64 -38.54
N PRO B 226 12.03 47.35 -39.85
CA PRO B 226 11.97 45.96 -40.30
C PRO B 226 13.21 45.16 -39.88
N THR B 227 14.30 45.85 -39.53
CA THR B 227 15.52 45.16 -39.13
C THR B 227 15.75 45.20 -37.60
N ALA B 228 16.25 46.34 -37.10
CA ALA B 228 16.62 46.47 -35.69
C ALA B 228 15.43 46.23 -34.75
N GLY B 229 14.33 46.92 -35.01
CA GLY B 229 13.14 46.77 -34.18
C GLY B 229 12.57 45.36 -34.18
N ALA B 230 12.41 44.78 -35.37
CA ALA B 230 11.94 43.39 -35.46
C ALA B 230 12.85 42.41 -34.71
N ALA B 231 14.15 42.67 -34.72
CA ALA B 231 15.13 41.85 -34.01
C ALA B 231 14.90 41.85 -32.51
N ILE B 232 14.68 43.05 -31.94
CA ILE B 232 14.33 43.18 -30.54
C ILE B 232 13.04 42.40 -30.19
N ALA B 233 12.00 42.57 -31.01
CA ALA B 233 10.71 41.95 -30.72
C ALA B 233 10.75 40.42 -30.80
N SER B 234 11.64 39.90 -31.62
CA SER B 234 11.69 38.44 -31.81
C SER B 234 12.73 37.75 -30.94
N HIS B 235 13.48 38.51 -30.15
CA HIS B 235 14.68 37.94 -29.57
C HIS B 235 14.28 36.99 -28.47
N GLU B 236 15.02 35.89 -28.35
CA GLU B 236 14.65 34.83 -27.40
C GLU B 236 15.10 35.16 -25.99
N ASP B 237 15.98 36.16 -25.86
CA ASP B 237 16.51 36.52 -24.56
C ASP B 237 16.03 37.88 -24.04
N VAL B 238 15.11 38.51 -24.77
CA VAL B 238 14.43 39.74 -24.33
C VAL B 238 13.16 39.38 -23.55
N ASP B 239 13.06 39.86 -22.31
CA ASP B 239 11.96 39.43 -21.42
C ASP B 239 10.66 40.21 -21.67
N LYS B 240 10.81 41.42 -22.18
CA LYS B 240 9.71 42.38 -22.18
C LYS B 240 9.99 43.39 -23.27
N VAL B 241 9.01 43.61 -24.13
CA VAL B 241 9.09 44.68 -25.11
C VAL B 241 7.98 45.73 -24.92
N ALA B 242 8.38 47.00 -25.07
CA ALA B 242 7.47 48.13 -25.03
C ALA B 242 7.61 48.92 -26.33
N PHE B 243 6.51 49.00 -27.07
CA PHE B 243 6.51 49.63 -28.38
C PHE B 243 5.60 50.85 -28.40
N THR B 244 6.11 51.94 -28.95
CA THR B 244 5.23 53.06 -29.28
C THR B 244 5.34 53.39 -30.76
N GLY B 245 4.20 53.34 -31.44
CA GLY B 245 4.10 53.75 -32.83
C GLY B 245 2.70 53.50 -33.33
N SER B 246 2.62 53.17 -34.62
CA SER B 246 1.34 53.01 -35.32
C SER B 246 0.63 51.76 -34.81
N THR B 247 -0.69 51.82 -34.78
CA THR B 247 -1.54 50.66 -34.47
C THR B 247 -1.21 49.43 -35.34
N GLU B 248 -0.83 49.69 -36.58
CA GLU B 248 -0.48 48.64 -37.54
C GLU B 248 0.76 47.83 -37.14
N ILE B 249 1.84 48.51 -36.76
CA ILE B 249 3.07 47.83 -36.32
C ILE B 249 2.93 47.23 -34.92
N GLY B 250 2.23 47.94 -34.04
CA GLY B 250 1.79 47.36 -32.76
C GLY B 250 1.41 45.88 -32.83
N ARG B 251 0.62 45.52 -33.85
CA ARG B 251 0.18 44.14 -34.03
C ARG B 251 1.33 43.21 -34.43
N VAL B 252 2.17 43.69 -35.33
CA VAL B 252 3.40 43.01 -35.73
C VAL B 252 4.25 42.62 -34.52
N ILE B 253 4.44 43.58 -33.60
CA ILE B 253 5.16 43.37 -32.35
C ILE B 253 4.50 42.30 -31.47
N GLN B 254 3.17 42.38 -31.33
CA GLN B 254 2.43 41.44 -30.48
C GLN B 254 2.49 40.00 -30.99
N VAL B 255 2.43 39.85 -32.31
CA VAL B 255 2.57 38.54 -32.95
C VAL B 255 3.99 38.00 -32.74
N ALA B 256 4.98 38.85 -32.98
CA ALA B 256 6.38 38.48 -32.81
C ALA B 256 6.68 38.03 -31.37
N ALA B 257 6.12 38.73 -30.40
CA ALA B 257 6.22 38.32 -28.99
C ALA B 257 5.59 36.96 -28.71
N GLY B 258 4.41 36.71 -29.28
CA GLY B 258 3.74 35.41 -29.16
C GLY B 258 4.44 34.28 -29.90
N SER B 259 5.11 34.62 -31.01
CA SER B 259 5.80 33.65 -31.84
C SER B 259 7.24 33.37 -31.41
N SER B 260 7.77 34.20 -30.51
CA SER B 260 9.14 34.02 -30.02
C SER B 260 9.19 33.37 -28.62
N ASN B 261 9.29 34.18 -27.57
CA ASN B 261 9.46 33.66 -26.22
C ASN B 261 8.35 34.03 -25.22
N LEU B 262 7.20 34.45 -25.75
CA LEU B 262 6.11 34.89 -24.87
C LEU B 262 6.58 36.01 -23.93
N LYS B 263 7.30 36.97 -24.48
CA LYS B 263 7.70 38.14 -23.73
C LYS B 263 6.49 39.03 -23.42
N ARG B 264 6.54 39.74 -22.29
CA ARG B 264 5.50 40.68 -21.90
C ARG B 264 5.47 41.85 -22.88
N VAL B 265 4.27 42.28 -23.27
CA VAL B 265 4.11 43.39 -24.20
C VAL B 265 3.27 44.51 -23.59
N THR B 266 3.71 45.75 -23.78
CA THR B 266 2.83 46.91 -23.73
C THR B 266 2.97 47.76 -24.99
N LEU B 267 1.92 48.53 -25.28
CA LEU B 267 1.78 49.23 -26.55
C LEU B 267 1.12 50.56 -26.31
N GLU B 268 1.75 51.62 -26.81
CA GLU B 268 1.07 52.90 -26.93
C GLU B 268 0.94 53.22 -28.42
N LEU B 269 -0.29 53.23 -28.91
CA LEU B 269 -0.55 53.25 -30.35
C LEU B 269 -1.30 54.52 -30.81
N GLY B 270 -1.90 54.49 -31.99
CA GLY B 270 -2.58 55.69 -32.49
C GLY B 270 -3.87 56.07 -31.75
N GLY B 271 -4.49 57.17 -32.18
CA GLY B 271 -5.83 57.52 -31.72
C GLY B 271 -6.55 58.32 -32.79
N LYS B 272 -7.86 58.52 -32.61
CA LYS B 272 -8.59 59.55 -33.33
C LYS B 272 -9.46 60.31 -32.31
N SER B 273 -8.80 61.04 -31.41
CA SER B 273 -9.38 61.51 -30.15
C SER B 273 -10.42 62.62 -30.35
N PRO B 274 -11.61 62.45 -29.73
CA PRO B 274 -12.71 63.40 -29.77
C PRO B 274 -12.55 64.50 -28.70
N ASN B 275 -12.67 65.75 -29.14
CA ASN B 275 -12.62 66.93 -28.32
C ASN B 275 -14.00 67.58 -28.42
N ILE B 276 -14.79 67.46 -27.36
CA ILE B 276 -16.21 67.80 -27.39
C ILE B 276 -16.48 69.15 -26.75
N ILE B 277 -17.04 70.07 -27.54
CA ILE B 277 -17.30 71.43 -27.09
C ILE B 277 -18.80 71.62 -26.87
N MET B 278 -19.21 71.67 -25.62
CA MET B 278 -20.63 71.84 -25.28
C MET B 278 -20.99 73.31 -25.47
N SER B 279 -22.28 73.60 -25.65
CA SER B 279 -22.69 74.97 -25.95
C SER B 279 -22.46 75.97 -24.84
N ASP B 280 -22.32 75.49 -23.61
CA ASP B 280 -22.03 76.36 -22.48
C ASP B 280 -20.53 76.54 -22.23
N ALA B 281 -19.68 75.95 -23.08
CA ALA B 281 -18.22 76.10 -22.90
C ALA B 281 -17.87 77.59 -22.87
N ASP B 282 -16.78 77.93 -22.21
CA ASP B 282 -16.15 79.23 -22.44
C ASP B 282 -15.60 79.28 -23.88
N MET B 283 -16.07 80.22 -24.70
CA MET B 283 -15.79 80.20 -26.14
C MET B 283 -14.32 80.47 -26.45
N ASP B 284 -13.80 81.56 -25.89
CA ASP B 284 -12.40 81.93 -26.12
C ASP B 284 -11.45 80.80 -25.72
N TRP B 285 -11.69 80.24 -24.53
CA TRP B 285 -10.82 79.20 -23.99
C TRP B 285 -10.96 77.95 -24.86
N ALA B 286 -12.19 77.58 -25.17
CA ALA B 286 -12.39 76.38 -25.96
C ALA B 286 -11.73 76.46 -27.35
N VAL B 287 -11.85 77.62 -28.01
CA VAL B 287 -11.27 77.77 -29.35
C VAL B 287 -9.76 77.61 -29.27
N GLU B 288 -9.13 78.24 -28.28
CA GLU B 288 -7.66 78.20 -28.21
C GLU B 288 -7.20 76.80 -27.82
N GLN B 289 -7.93 76.14 -26.91
CA GLN B 289 -7.56 74.79 -26.51
C GLN B 289 -7.76 73.78 -27.61
N ALA B 290 -8.81 73.95 -28.41
CA ALA B 290 -9.08 73.04 -29.55
C ALA B 290 -8.01 73.17 -30.62
N HIS B 291 -7.53 74.38 -30.80
CA HIS B 291 -6.42 74.64 -31.73
C HIS B 291 -5.14 73.97 -31.24
N PHE B 292 -4.81 74.18 -29.97
CA PHE B 292 -3.67 73.51 -29.34
C PHE B 292 -3.83 72.00 -29.51
N ALA B 293 -5.03 71.51 -29.22
CA ALA B 293 -5.31 70.09 -29.16
C ALA B 293 -4.95 69.40 -30.46
N LEU B 294 -5.13 70.12 -31.56
CA LEU B 294 -4.94 69.51 -32.87
C LEU B 294 -3.57 69.80 -33.44
N PHE B 295 -3.15 71.06 -33.36
CA PHE B 295 -1.97 71.53 -34.09
C PHE B 295 -0.66 71.40 -33.30
N PHE B 296 -0.75 71.05 -32.01
CA PHE B 296 0.47 70.88 -31.22
C PHE B 296 1.43 69.90 -31.90
N ASN B 297 2.72 70.26 -31.88
CA ASN B 297 3.75 69.40 -32.45
C ASN B 297 3.53 69.04 -33.91
N GLN B 298 3.08 70.02 -34.69
CA GLN B 298 2.84 69.83 -36.11
C GLN B 298 1.75 68.78 -36.31
N GLY B 299 0.86 68.64 -35.32
CA GLY B 299 -0.19 67.64 -35.38
C GLY B 299 0.30 66.22 -35.11
N GLN B 300 1.55 66.09 -34.71
CA GLN B 300 2.19 64.78 -34.64
C GLN B 300 2.16 64.24 -33.19
N CYS B 301 0.94 64.03 -32.72
CA CYS B 301 0.68 63.62 -31.34
C CYS B 301 -0.30 62.46 -31.40
N CYS B 302 0.00 61.37 -30.68
CA CYS B 302 -0.89 60.22 -30.69
C CYS B 302 -2.28 60.60 -30.21
N CYS B 303 -2.37 61.54 -29.27
CA CYS B 303 -3.64 61.91 -28.66
C CYS B 303 -4.20 63.20 -29.27
N ALA B 304 -3.77 63.55 -30.48
CA ALA B 304 -4.22 64.79 -31.11
C ALA B 304 -5.75 64.88 -31.11
N GLY B 305 -6.28 66.05 -30.76
CA GLY B 305 -7.73 66.26 -30.80
C GLY B 305 -8.23 66.36 -32.24
N SER B 306 -8.33 65.23 -32.93
CA SER B 306 -8.53 65.24 -34.39
C SER B 306 -9.98 65.05 -34.84
N ARG B 307 -10.89 65.01 -33.87
CA ARG B 307 -12.33 65.16 -34.15
C ARG B 307 -12.90 66.22 -33.19
N THR B 308 -13.05 67.45 -33.68
CA THR B 308 -13.53 68.51 -32.81
C THR B 308 -15.03 68.54 -32.95
N PHE B 309 -15.75 68.01 -31.96
CA PHE B 309 -17.21 67.95 -32.01
C PHE B 309 -17.73 69.23 -31.37
N VAL B 310 -18.56 69.99 -32.10
CA VAL B 310 -19.07 71.27 -31.59
C VAL B 310 -20.60 71.34 -31.61
N GLN B 311 -21.21 71.68 -30.46
CA GLN B 311 -22.67 71.61 -30.36
C GLN B 311 -23.26 72.66 -31.33
N GLU B 312 -24.38 72.34 -31.94
CA GLU B 312 -24.83 73.13 -33.10
C GLU B 312 -25.07 74.62 -32.82
N ASP B 313 -25.51 74.98 -31.61
CA ASP B 313 -25.81 76.38 -31.30
C ASP B 313 -24.61 77.32 -31.34
N ILE B 314 -23.40 76.77 -31.20
CA ILE B 314 -22.18 77.58 -31.19
C ILE B 314 -21.26 77.22 -32.35
N TYR B 315 -21.71 76.27 -33.17
CA TYR B 315 -20.93 75.78 -34.32
C TYR B 315 -20.38 76.91 -35.21
N ASP B 316 -21.26 77.75 -35.76
CA ASP B 316 -20.81 78.77 -36.72
C ASP B 316 -19.72 79.65 -36.09
N GLU B 317 -19.98 80.18 -34.90
CA GLU B 317 -18.99 81.02 -34.26
C GLU B 317 -17.67 80.30 -33.97
N PHE B 318 -17.76 79.09 -33.42
CA PHE B 318 -16.57 78.30 -33.12
C PHE B 318 -15.71 78.12 -34.38
N VAL B 319 -16.38 77.76 -35.47
CA VAL B 319 -15.71 77.52 -36.74
C VAL B 319 -15.01 78.79 -37.21
N GLU B 320 -15.74 79.90 -37.20
CA GLU B 320 -15.21 81.19 -37.65
C GLU B 320 -13.94 81.55 -36.87
N ARG B 321 -14.03 81.45 -35.55
CA ARG B 321 -12.89 81.75 -34.69
C ARG B 321 -11.77 80.73 -34.87
N SER B 322 -12.13 79.47 -35.11
CA SER B 322 -11.08 78.47 -35.30
C SER B 322 -10.28 78.69 -36.61
N VAL B 323 -10.98 79.11 -37.66
CA VAL B 323 -10.34 79.39 -38.94
C VAL B 323 -9.42 80.60 -38.81
N ALA B 324 -9.88 81.63 -38.12
CA ALA B 324 -9.05 82.80 -37.85
C ALA B 324 -7.79 82.43 -37.07
N ARG B 325 -7.91 81.57 -36.05
CA ARG B 325 -6.71 81.13 -35.33
C ARG B 325 -5.77 80.34 -36.23
N ALA B 326 -6.32 79.48 -37.08
CA ALA B 326 -5.49 78.66 -37.98
C ALA B 326 -4.76 79.50 -39.02
N LYS B 327 -5.45 80.49 -39.58
CA LYS B 327 -4.81 81.39 -40.53
C LYS B 327 -3.68 82.23 -39.94
N SER B 328 -3.79 82.57 -38.65
CA SER B 328 -2.81 83.40 -37.97
C SER B 328 -1.61 82.60 -37.47
N ARG B 329 -1.69 81.29 -37.59
CA ARG B 329 -0.67 80.41 -37.05
C ARG B 329 0.60 80.45 -37.90
N VAL B 330 1.72 80.85 -37.29
CA VAL B 330 2.95 81.15 -38.03
C VAL B 330 3.72 79.85 -38.32
N VAL B 331 3.95 79.58 -39.61
CA VAL B 331 4.74 78.46 -40.07
C VAL B 331 6.10 78.97 -40.56
N GLY B 332 7.18 78.25 -40.26
CA GLY B 332 8.51 78.65 -40.71
C GLY B 332 9.63 78.05 -39.89
N ASN B 333 10.79 78.72 -39.92
CA ASN B 333 12.03 78.27 -39.28
C ASN B 333 11.84 78.01 -37.79
N PRO B 334 11.93 76.74 -37.39
CA PRO B 334 11.63 76.37 -36.00
C PRO B 334 12.62 76.96 -35.00
N PHE B 335 13.76 77.46 -35.48
CA PHE B 335 14.64 78.27 -34.64
C PHE B 335 14.23 79.74 -34.49
N ASP B 336 13.35 80.26 -35.34
CA ASP B 336 12.80 81.62 -35.13
C ASP B 336 11.83 81.70 -33.94
N SER B 337 12.03 82.65 -33.03
CA SER B 337 11.17 82.70 -31.85
C SER B 337 9.69 82.90 -32.19
N LYS B 338 9.43 83.37 -33.41
CA LYS B 338 8.08 83.71 -33.83
C LYS B 338 7.35 82.47 -34.34
N THR B 339 8.08 81.45 -34.76
CA THR B 339 7.47 80.26 -35.36
C THR B 339 6.64 79.40 -34.40
N GLU B 340 5.40 79.11 -34.77
CA GLU B 340 4.56 78.25 -33.95
C GLU B 340 4.57 76.82 -34.49
N GLN B 341 4.82 76.70 -35.78
CA GLN B 341 4.76 75.40 -36.42
C GLN B 341 5.97 75.18 -37.33
N GLY B 342 6.71 74.10 -37.09
CA GLY B 342 7.82 73.71 -37.96
C GLY B 342 7.36 72.78 -39.07
N PRO B 343 8.32 72.09 -39.73
CA PRO B 343 8.04 71.08 -40.75
C PRO B 343 7.47 69.79 -40.17
N GLN B 344 6.79 69.02 -41.00
CA GLN B 344 6.57 67.60 -40.70
C GLN B 344 7.90 66.83 -40.66
N VAL B 345 7.90 65.64 -40.07
CA VAL B 345 9.17 65.03 -39.69
C VAL B 345 9.98 64.55 -40.89
N ASP B 346 9.29 64.11 -41.95
CA ASP B 346 10.00 63.52 -43.07
C ASP B 346 9.14 63.52 -44.33
N GLU B 347 9.69 62.99 -45.43
CA GLU B 347 9.00 63.09 -46.70
C GLU B 347 7.78 62.18 -46.74
N THR B 348 7.92 61.00 -46.15
CA THR B 348 6.86 60.02 -46.13
C THR B 348 5.64 60.61 -45.43
N GLN B 349 5.84 61.20 -44.25
CA GLN B 349 4.75 61.83 -43.51
C GLN B 349 4.16 62.98 -44.32
N PHE B 350 5.04 63.88 -44.78
CA PHE B 350 4.69 64.99 -45.67
C PHE B 350 3.69 64.57 -46.75
N LYS B 351 3.98 63.47 -47.43
CA LYS B 351 3.17 63.01 -48.54
C LYS B 351 1.92 62.29 -48.09
N LYS B 352 2.02 61.59 -46.97
CA LYS B 352 0.84 60.99 -46.37
C LYS B 352 -0.18 62.08 -46.04
N ILE B 353 0.29 63.18 -45.43
CA ILE B 353 -0.62 64.23 -45.03
C ILE B 353 -1.31 64.87 -46.24
N LEU B 354 -0.56 65.13 -47.31
CA LEU B 354 -1.11 65.75 -48.52
C LEU B 354 -2.13 64.83 -49.17
N GLY B 355 -1.89 63.53 -49.12
CA GLY B 355 -2.87 62.55 -49.52
C GLY B 355 -4.16 62.61 -48.73
N TYR B 356 -4.05 62.73 -47.40
CA TYR B 356 -5.25 62.81 -46.55
C TYR B 356 -6.04 64.07 -46.86
N ILE B 357 -5.32 65.18 -47.05
CA ILE B 357 -5.98 66.41 -47.47
C ILE B 357 -6.72 66.22 -48.79
N ASN B 358 -6.11 65.53 -49.74
CA ASN B 358 -6.76 65.27 -51.01
C ASN B 358 -8.06 64.50 -50.81
N THR B 359 -7.97 63.46 -49.99
CA THR B 359 -9.17 62.70 -49.63
C THR B 359 -10.26 63.54 -48.94
N GLY B 360 -9.85 64.41 -48.02
CA GLY B 360 -10.79 65.34 -47.41
C GLY B 360 -11.55 66.15 -48.47
N LYS B 361 -10.81 66.70 -49.42
CA LYS B 361 -11.43 67.40 -50.55
C LYS B 361 -12.35 66.49 -51.38
N GLN B 362 -11.88 65.29 -51.74
CA GLN B 362 -12.60 64.39 -52.62
C GLN B 362 -13.93 63.96 -52.03
N GLU B 363 -13.93 63.72 -50.73
CA GLU B 363 -15.09 63.16 -50.06
C GLU B 363 -16.08 64.23 -49.59
N GLY B 364 -15.76 65.50 -49.80
CA GLY B 364 -16.78 66.54 -49.68
C GLY B 364 -16.81 67.29 -48.35
N ALA B 365 -15.75 67.20 -47.56
CA ALA B 365 -15.64 68.03 -46.38
C ALA B 365 -15.24 69.44 -46.86
N LYS B 366 -15.63 70.45 -46.10
CA LYS B 366 -15.44 71.82 -46.56
C LYS B 366 -14.07 72.36 -46.13
N LEU B 367 -13.18 72.55 -47.11
CA LEU B 367 -11.87 73.13 -46.84
C LEU B 367 -12.06 74.58 -46.46
N LEU B 368 -11.66 74.96 -45.25
CA LEU B 368 -11.90 76.33 -44.80
C LEU B 368 -10.64 77.19 -44.80
N CYS B 369 -9.48 76.56 -44.78
CA CYS B 369 -8.22 77.28 -44.95
C CYS B 369 -7.09 76.28 -45.16
N GLY B 370 -5.94 76.79 -45.60
CA GLY B 370 -4.77 75.95 -45.82
C GLY B 370 -4.99 74.95 -46.95
N GLY B 371 -4.55 73.71 -46.73
CA GLY B 371 -4.83 72.64 -47.69
C GLY B 371 -3.67 72.30 -48.61
N GLY B 372 -2.56 73.02 -48.48
CA GLY B 372 -1.42 72.77 -49.34
C GLY B 372 -0.07 72.94 -48.68
N ILE B 373 0.97 72.90 -49.51
CA ILE B 373 2.34 73.03 -49.04
C ILE B 373 2.53 74.46 -48.54
N ALA B 374 3.37 74.65 -47.53
CA ALA B 374 3.51 75.99 -46.96
C ALA B 374 4.85 76.66 -47.27
N ALA B 375 5.72 75.94 -47.98
CA ALA B 375 7.02 76.49 -48.38
C ALA B 375 7.57 75.74 -49.57
N ASP B 376 8.57 76.32 -50.22
CA ASP B 376 9.20 75.69 -51.36
C ASP B 376 10.29 74.70 -50.95
N ARG B 377 10.77 74.86 -49.72
CA ARG B 377 11.79 73.97 -49.18
C ARG B 377 11.42 73.49 -47.78
N GLY B 378 11.69 72.22 -47.51
CA GLY B 378 11.35 71.61 -46.20
C GLY B 378 9.93 71.07 -46.21
N TYR B 379 9.58 70.28 -45.21
CA TYR B 379 8.32 69.51 -45.24
C TYR B 379 7.19 70.29 -44.57
N PHE B 380 6.99 71.53 -45.02
CA PHE B 380 6.05 72.41 -44.33
C PHE B 380 4.67 72.31 -44.93
N ILE B 381 3.66 72.20 -44.08
CA ILE B 381 2.28 72.10 -44.53
C ILE B 381 1.43 73.16 -43.89
N GLN B 382 0.54 73.78 -44.67
CA GLN B 382 -0.32 74.85 -44.17
C GLN B 382 -1.26 74.32 -43.08
N PRO B 383 -1.52 75.13 -42.03
CA PRO B 383 -2.59 74.79 -41.08
C PRO B 383 -3.92 74.67 -41.81
N THR B 384 -4.51 73.48 -41.74
CA THR B 384 -5.65 73.20 -42.59
C THR B 384 -6.86 72.87 -41.73
N VAL B 385 -8.00 73.44 -42.06
CA VAL B 385 -9.24 73.18 -41.31
C VAL B 385 -10.33 72.65 -42.24
N PHE B 386 -10.89 71.49 -41.92
CA PHE B 386 -12.10 71.04 -42.62
C PHE B 386 -13.31 71.19 -41.73
N GLY B 387 -14.37 71.80 -42.28
CA GLY B 387 -15.62 71.92 -41.59
C GLY B 387 -16.67 70.99 -42.16
N ASP B 388 -17.78 70.83 -41.44
CA ASP B 388 -18.86 69.95 -41.84
C ASP B 388 -18.40 68.52 -42.08
N VAL B 389 -17.51 68.03 -41.22
CA VAL B 389 -17.01 66.69 -41.40
C VAL B 389 -18.08 65.71 -40.92
N GLN B 390 -18.21 64.57 -41.58
CA GLN B 390 -19.18 63.55 -41.20
C GLN B 390 -18.41 62.32 -40.74
N ASP B 391 -19.04 61.49 -39.91
CA ASP B 391 -18.40 60.36 -39.25
C ASP B 391 -17.87 59.30 -40.23
N GLY B 392 -18.54 59.15 -41.38
CA GLY B 392 -18.13 58.18 -42.42
C GLY B 392 -16.97 58.63 -43.28
N MET B 393 -16.57 59.89 -43.20
CA MET B 393 -15.43 60.35 -43.99
C MET B 393 -14.10 59.78 -43.51
N THR B 394 -13.24 59.44 -44.47
CA THR B 394 -11.86 59.06 -44.18
C THR B 394 -11.16 59.96 -43.18
N ILE B 395 -11.26 61.28 -43.36
CA ILE B 395 -10.58 62.18 -42.43
C ILE B 395 -11.20 62.19 -41.04
N ALA B 396 -12.41 61.65 -40.90
CA ALA B 396 -12.99 61.42 -39.58
C ALA B 396 -12.61 60.06 -38.95
N LYS B 397 -11.94 59.19 -39.70
CA LYS B 397 -11.65 57.84 -39.18
C LYS B 397 -10.18 57.54 -39.04
N GLU B 398 -9.36 58.09 -39.91
CA GLU B 398 -7.97 57.66 -39.94
C GLU B 398 -7.11 58.74 -39.35
N GLU B 399 -6.09 58.31 -38.59
CA GLU B 399 -5.19 59.23 -37.92
C GLU B 399 -4.21 59.81 -38.94
N ILE B 400 -4.20 61.13 -39.06
CA ILE B 400 -3.57 61.81 -40.17
C ILE B 400 -2.18 62.22 -39.68
N PHE B 401 -2.08 62.57 -38.40
CA PHE B 401 -0.82 62.94 -37.76
C PHE B 401 -0.21 64.18 -38.38
N GLY B 402 -1.07 65.13 -38.73
CA GLY B 402 -0.63 66.34 -39.39
C GLY B 402 -1.46 67.53 -38.98
N PRO B 403 -1.13 68.72 -39.52
CA PRO B 403 -1.83 69.92 -39.06
C PRO B 403 -3.16 70.06 -39.81
N VAL B 404 -4.05 69.07 -39.64
CA VAL B 404 -5.32 69.04 -40.34
C VAL B 404 -6.46 68.83 -39.32
N MET B 405 -7.30 69.86 -39.18
CA MET B 405 -8.31 69.89 -38.14
C MET B 405 -9.67 69.53 -38.75
N GLN B 406 -10.37 68.57 -38.13
CA GLN B 406 -11.74 68.20 -38.51
C GLN B 406 -12.78 68.76 -37.54
N ILE B 407 -13.76 69.47 -38.07
CA ILE B 407 -14.83 69.99 -37.20
C ILE B 407 -16.20 69.39 -37.53
N LEU B 408 -16.81 68.76 -36.53
CA LEU B 408 -18.09 68.06 -36.69
C LEU B 408 -19.14 68.72 -35.83
N LYS B 409 -20.38 68.74 -36.33
CA LYS B 409 -21.49 69.35 -35.61
C LYS B 409 -22.34 68.28 -34.96
N PHE B 410 -22.82 68.55 -33.74
CA PHE B 410 -23.73 67.62 -33.05
C PHE B 410 -24.81 68.36 -32.30
N LYS B 411 -25.87 67.65 -31.93
CA LYS B 411 -26.97 68.27 -31.22
C LYS B 411 -27.03 67.92 -29.72
N THR B 412 -27.01 66.63 -29.38
CA THR B 412 -27.26 66.25 -27.98
C THR B 412 -26.09 65.56 -27.33
N ILE B 413 -26.08 65.57 -26.00
CA ILE B 413 -25.06 64.89 -25.23
C ILE B 413 -25.07 63.37 -25.44
N GLU B 414 -26.27 62.79 -25.55
CA GLU B 414 -26.42 61.37 -25.86
C GLU B 414 -25.83 61.00 -27.22
N GLU B 415 -26.04 61.87 -28.20
CA GLU B 415 -25.59 61.60 -29.56
C GLU B 415 -24.06 61.65 -29.61
N VAL B 416 -23.48 62.66 -28.96
CA VAL B 416 -22.05 62.88 -29.10
C VAL B 416 -21.26 61.76 -28.40
N VAL B 417 -21.83 61.19 -27.34
CA VAL B 417 -21.20 60.07 -26.66
C VAL B 417 -21.03 58.89 -27.60
N GLY B 418 -22.14 58.50 -28.25
CA GLY B 418 -22.12 57.40 -29.19
C GLY B 418 -21.20 57.60 -30.38
N ARG B 419 -21.25 58.82 -30.94
CA ARG B 419 -20.34 59.17 -32.04
C ARG B 419 -18.88 59.29 -31.61
N ALA B 420 -18.65 59.84 -30.43
CA ALA B 420 -17.26 59.87 -29.90
C ALA B 420 -16.69 58.46 -29.72
N ASN B 421 -17.50 57.56 -29.21
CA ASN B 421 -17.05 56.23 -28.79
C ASN B 421 -17.08 55.25 -29.96
N ASN B 422 -17.72 55.66 -31.06
CA ASN B 422 -17.76 54.84 -32.28
C ASN B 422 -16.43 54.92 -33.00
N SER B 423 -15.43 54.26 -32.42
CA SER B 423 -14.08 54.25 -33.00
C SER B 423 -13.37 53.02 -32.45
N THR B 424 -12.42 52.50 -33.21
CA THR B 424 -11.57 51.42 -32.70
C THR B 424 -10.43 51.97 -31.84
N TYR B 425 -10.28 53.30 -31.87
CA TYR B 425 -9.32 54.03 -31.03
C TYR B 425 -9.94 54.50 -29.71
N GLY B 426 -9.09 54.80 -28.73
CA GLY B 426 -9.54 55.13 -27.39
C GLY B 426 -8.39 55.63 -26.55
N LEU B 427 -7.51 56.44 -27.14
CA LEU B 427 -6.36 56.94 -26.40
C LEU B 427 -6.78 58.07 -25.44
N ALA B 428 -7.52 59.04 -25.96
CA ALA B 428 -7.83 60.25 -25.20
C ALA B 428 -9.14 60.86 -25.68
N ALA B 429 -9.67 61.78 -24.89
CA ALA B 429 -10.84 62.59 -25.23
C ALA B 429 -10.85 63.80 -24.30
N ALA B 430 -11.62 64.82 -24.69
CA ALA B 430 -11.80 66.01 -23.88
C ALA B 430 -13.24 66.51 -23.94
N VAL B 431 -13.62 67.21 -22.89
CA VAL B 431 -14.94 67.80 -22.74
C VAL B 431 -14.77 69.22 -22.24
N PHE B 432 -15.40 70.15 -22.95
CA PHE B 432 -15.39 71.56 -22.60
C PHE B 432 -16.82 71.98 -22.25
N THR B 433 -17.02 72.42 -21.01
CA THR B 433 -18.35 72.70 -20.47
C THR B 433 -18.19 73.40 -19.12
N LYS B 434 -19.18 74.20 -18.74
CA LYS B 434 -19.17 74.83 -17.42
C LYS B 434 -19.98 74.00 -16.42
N ASP B 435 -20.68 73.00 -16.94
CA ASP B 435 -21.68 72.30 -16.17
C ASP B 435 -21.12 71.07 -15.49
N LEU B 436 -21.26 71.00 -14.17
CA LEU B 436 -20.78 69.88 -13.34
C LEU B 436 -21.31 68.52 -13.81
N ASP B 437 -22.62 68.44 -14.01
CA ASP B 437 -23.24 67.16 -14.36
C ASP B 437 -22.85 66.67 -15.74
N LYS B 438 -22.79 67.60 -16.70
CA LYS B 438 -22.33 67.25 -18.04
C LYS B 438 -20.88 66.76 -18.01
N ALA B 439 -20.03 67.44 -17.25
CA ALA B 439 -18.60 67.05 -17.19
C ALA B 439 -18.46 65.64 -16.62
N ASN B 440 -19.18 65.34 -15.53
CA ASN B 440 -19.19 64.00 -14.94
C ASN B 440 -19.84 62.92 -15.79
N TYR B 441 -20.99 63.21 -16.38
CA TYR B 441 -21.61 62.32 -17.34
C TYR B 441 -20.63 61.95 -18.46
N LEU B 442 -20.03 62.94 -19.11
CA LEU B 442 -19.13 62.67 -20.21
C LEU B 442 -17.82 61.95 -19.85
N SER B 443 -17.16 62.37 -18.77
CA SER B 443 -15.90 61.74 -18.41
C SER B 443 -16.11 60.27 -18.01
N GLN B 444 -17.28 59.94 -17.46
CA GLN B 444 -17.60 58.54 -17.23
C GLN B 444 -17.92 57.78 -18.53
N ALA B 445 -18.73 58.37 -19.40
CA ALA B 445 -19.20 57.70 -20.64
C ALA B 445 -18.16 57.52 -21.72
N LEU B 446 -17.17 58.41 -21.79
CA LEU B 446 -16.24 58.40 -22.91
C LEU B 446 -15.27 57.23 -22.76
N GLN B 447 -15.12 56.44 -23.82
CA GLN B 447 -14.26 55.28 -23.75
C GLN B 447 -12.82 55.61 -24.18
N ALA B 448 -12.05 56.18 -23.24
CA ALA B 448 -10.76 56.72 -23.56
C ALA B 448 -9.84 56.62 -22.35
N GLY B 449 -8.56 56.43 -22.61
CA GLY B 449 -7.55 56.22 -21.57
C GLY B 449 -7.39 57.46 -20.72
N THR B 450 -7.44 58.62 -21.38
CA THR B 450 -7.44 59.90 -20.68
C THR B 450 -8.59 60.76 -21.16
N VAL B 451 -9.33 61.34 -20.22
CA VAL B 451 -10.33 62.37 -20.52
C VAL B 451 -9.94 63.70 -19.88
N TRP B 452 -9.72 64.71 -20.70
CA TRP B 452 -9.45 66.04 -20.18
C TRP B 452 -10.75 66.82 -20.04
N VAL B 453 -10.86 67.62 -18.99
CA VAL B 453 -12.05 68.45 -18.80
C VAL B 453 -11.64 69.91 -18.79
N ASN B 454 -12.14 70.66 -19.77
CA ASN B 454 -11.75 72.04 -20.00
C ASN B 454 -10.25 72.24 -20.14
N CYS B 455 -9.54 71.23 -20.65
CA CYS B 455 -8.14 71.40 -21.00
C CYS B 455 -7.80 70.32 -22.02
N TYR B 456 -6.55 70.30 -22.46
CA TYR B 456 -6.11 69.27 -23.38
C TYR B 456 -4.60 69.11 -23.25
N ASP B 457 -4.12 67.88 -23.45
CA ASP B 457 -2.69 67.61 -23.53
C ASP B 457 -2.01 68.00 -22.21
N VAL B 458 -2.75 67.83 -21.11
CA VAL B 458 -2.20 68.04 -19.77
C VAL B 458 -1.70 66.69 -19.23
N PHE B 459 -0.37 66.54 -19.23
CA PHE B 459 0.25 65.34 -18.69
C PHE B 459 0.99 65.72 -17.42
N GLY B 460 1.10 64.77 -16.51
CA GLY B 460 2.07 64.91 -15.45
C GLY B 460 2.77 63.60 -15.33
N ALA B 461 4.02 63.65 -14.90
CA ALA B 461 4.75 62.43 -14.62
C ALA B 461 3.91 61.58 -13.62
N GLN B 462 3.05 62.26 -12.85
CA GLN B 462 2.23 61.63 -11.81
C GLN B 462 0.99 60.86 -12.32
N SER B 463 0.46 61.20 -13.48
CA SER B 463 -0.80 60.64 -13.92
C SER B 463 -0.60 59.66 -15.07
N PRO B 464 -1.18 58.46 -14.98
CA PRO B 464 -0.93 57.45 -16.03
C PRO B 464 -1.54 57.85 -17.39
N PHE B 465 -1.01 57.26 -18.45
CA PHE B 465 -1.44 57.55 -19.81
C PHE B 465 -1.31 56.30 -20.68
N GLY B 466 -2.34 56.05 -21.48
CA GLY B 466 -2.39 54.88 -22.33
C GLY B 466 -3.79 54.59 -22.86
N GLY B 467 -3.89 53.62 -23.77
CA GLY B 467 -5.09 53.48 -24.57
C GLY B 467 -6.14 52.55 -24.00
N TYR B 468 -7.39 52.80 -24.40
CA TYR B 468 -8.44 51.79 -24.50
C TYR B 468 -8.39 51.17 -25.89
N LYS B 469 -8.93 49.97 -26.01
CA LYS B 469 -9.26 49.44 -27.32
C LYS B 469 -7.96 49.28 -28.10
N MET B 470 -7.97 49.71 -29.37
CA MET B 470 -6.80 49.54 -30.22
C MET B 470 -5.81 50.70 -30.20
N SER B 471 -5.96 51.60 -29.22
CA SER B 471 -4.94 52.61 -28.97
C SER B 471 -3.83 52.09 -28.07
N GLY B 472 -4.00 50.86 -27.58
CA GLY B 472 -2.93 50.19 -26.84
C GLY B 472 -3.36 49.40 -25.61
N SER B 473 -2.38 48.97 -24.83
CA SER B 473 -2.59 48.25 -23.57
C SER B 473 -1.53 48.66 -22.56
N GLY B 474 -1.91 48.62 -21.29
CA GLY B 474 -1.04 49.08 -20.21
C GLY B 474 -0.94 50.59 -20.18
N ARG B 475 -0.22 51.11 -19.19
CA ARG B 475 -0.17 52.54 -18.94
C ARG B 475 1.27 52.95 -18.66
N GLU B 476 1.65 54.15 -19.11
CA GLU B 476 2.91 54.79 -18.71
C GLU B 476 2.70 56.00 -17.79
N LEU B 477 3.77 56.40 -17.11
CA LEU B 477 3.76 57.45 -16.08
C LEU B 477 2.99 57.02 -14.82
N GLY B 478 3.09 57.85 -13.79
CA GLY B 478 2.54 57.51 -12.47
C GLY B 478 3.08 56.22 -11.89
N GLU B 479 2.45 55.81 -10.79
CA GLU B 479 2.70 54.51 -10.18
C GLU B 479 2.41 53.34 -11.13
N TYR B 480 1.33 53.44 -11.90
CA TYR B 480 0.96 52.43 -12.88
C TYR B 480 2.09 52.08 -13.85
N GLY B 481 2.96 53.06 -14.13
CA GLY B 481 4.04 52.85 -15.12
C GLY B 481 5.07 51.83 -14.66
N LEU B 482 5.05 51.48 -13.37
CA LEU B 482 6.00 50.50 -12.84
C LEU B 482 5.51 49.06 -12.97
N GLN B 483 4.20 48.89 -13.18
CA GLN B 483 3.61 47.55 -13.14
C GLN B 483 4.21 46.65 -14.21
N ALA B 484 4.38 47.18 -15.42
CA ALA B 484 4.89 46.42 -16.56
C ALA B 484 6.37 46.08 -16.43
N TYR B 485 7.06 46.78 -15.55
CA TYR B 485 8.51 46.59 -15.39
C TYR B 485 8.85 45.76 -14.15
N THR B 486 7.84 45.14 -13.56
CA THR B 486 7.98 44.39 -12.32
C THR B 486 7.54 42.96 -12.56
N GLU B 487 8.33 41.98 -12.11
CA GLU B 487 7.85 40.59 -12.02
C GLU B 487 7.62 40.28 -10.54
N VAL B 488 6.45 39.72 -10.23
CA VAL B 488 6.08 39.50 -8.83
C VAL B 488 6.40 38.08 -8.42
N LYS B 489 7.24 37.92 -7.41
CA LYS B 489 7.55 36.62 -6.85
C LYS B 489 6.86 36.49 -5.48
N THR B 490 6.13 35.40 -5.29
CA THR B 490 5.57 35.06 -3.99
C THR B 490 6.49 34.08 -3.24
N VAL B 491 6.84 34.42 -2.00
CA VAL B 491 7.60 33.52 -1.15
C VAL B 491 6.70 33.13 0.03
N THR B 492 6.53 31.83 0.21
CA THR B 492 5.64 31.31 1.25
C THR B 492 6.37 30.29 2.12
N VAL B 493 6.55 30.66 3.39
CA VAL B 493 7.44 29.96 4.31
C VAL B 493 6.61 29.29 5.42
N LYS B 494 6.85 28.01 5.66
CA LYS B 494 6.30 27.34 6.83
C LYS B 494 6.86 27.95 8.12
N VAL B 495 5.99 28.29 9.08
CA VAL B 495 6.44 28.84 10.36
C VAL B 495 5.86 28.09 11.54
N PRO B 496 6.48 28.22 12.73
CA PRO B 496 6.05 27.34 13.83
C PRO B 496 4.57 27.47 14.23
N GLN B 497 4.10 28.65 14.59
CA GLN B 497 2.67 28.83 14.83
C GLN B 497 2.21 30.27 14.57
N LYS B 498 1.46 30.50 13.50
CA LYS B 498 1.05 31.87 13.13
C LYS B 498 0.09 32.44 14.20
N ASN B 499 0.42 33.63 14.71
CA ASN B 499 -0.56 34.53 15.33
C ASN B 499 -0.84 35.80 14.53
N SER B 500 -1.99 36.41 14.77
CA SER B 500 -2.34 37.69 14.13
C SER B 500 -1.37 38.82 14.52
N GLN C 6 -39.74 52.30 1.14
CA GLN C 6 -39.97 51.09 0.36
C GLN C 6 -40.77 50.09 1.18
N ALA C 7 -40.47 48.80 0.99
CA ALA C 7 -41.16 47.75 1.71
C ALA C 7 -40.70 47.65 3.16
N VAL C 8 -41.64 47.80 4.09
CA VAL C 8 -41.33 47.68 5.52
C VAL C 8 -42.39 46.84 6.23
N PRO C 9 -41.98 45.76 6.94
CA PRO C 9 -42.92 44.96 7.72
C PRO C 9 -43.35 45.61 9.02
N ALA C 10 -44.58 45.34 9.46
CA ALA C 10 -45.15 46.05 10.60
C ALA C 10 -44.34 45.77 11.87
N PRO C 11 -44.08 46.81 12.66
CA PRO C 11 -43.31 46.64 13.90
C PRO C 11 -44.11 45.98 15.02
N ASN C 12 -43.40 45.32 15.92
CA ASN C 12 -43.93 45.16 17.27
C ASN C 12 -43.66 46.49 18.00
N GLN C 13 -44.72 47.19 18.41
CA GLN C 13 -44.54 48.49 19.04
C GLN C 13 -44.10 48.36 20.50
N GLN C 14 -44.10 47.13 20.99
CA GLN C 14 -43.67 46.80 22.35
C GLN C 14 -42.76 45.59 22.36
N PRO C 15 -41.59 45.70 21.73
CA PRO C 15 -40.70 44.55 21.68
C PRO C 15 -40.27 44.13 23.09
N GLU C 16 -40.18 42.84 23.34
CA GLU C 16 -39.69 42.33 24.60
C GLU C 16 -38.19 42.61 24.70
N VAL C 17 -37.69 42.89 25.90
CA VAL C 17 -36.25 43.01 26.14
C VAL C 17 -35.71 41.68 26.64
N PHE C 18 -34.65 41.18 26.00
CA PHE C 18 -34.01 39.93 26.39
C PHE C 18 -32.67 40.14 27.08
N CYS C 19 -32.02 41.25 26.77
CA CYS C 19 -30.65 41.43 27.22
C CYS C 19 -30.55 42.75 27.96
N ASN C 20 -30.18 42.68 29.23
CA ASN C 20 -30.13 43.90 30.03
C ASN C 20 -29.03 43.87 31.09
N GLN C 21 -28.00 43.06 30.83
CA GLN C 21 -26.93 42.88 31.79
C GLN C 21 -25.58 43.27 31.18
N ILE C 22 -24.51 42.95 31.86
CA ILE C 22 -23.15 43.22 31.36
C ILE C 22 -22.69 41.96 30.64
N PHE C 23 -22.03 42.14 29.49
CA PHE C 23 -21.63 41.02 28.63
C PHE C 23 -20.11 40.85 28.70
N ILE C 24 -19.66 39.77 29.33
CA ILE C 24 -18.21 39.50 29.41
C ILE C 24 -17.98 38.03 29.15
N ASN C 25 -17.01 37.73 28.30
CA ASN C 25 -16.73 36.33 27.97
C ASN C 25 -17.97 35.61 27.46
N ASN C 26 -18.74 36.27 26.61
CA ASN C 26 -19.93 35.68 25.96
C ASN C 26 -21.03 35.30 26.95
N GLU C 27 -20.97 35.82 28.16
CA GLU C 27 -21.94 35.49 29.20
C GLU C 27 -22.49 36.77 29.83
N TRP C 28 -23.63 36.64 30.50
CA TRP C 28 -24.32 37.78 31.08
C TRP C 28 -24.08 37.87 32.60
N HIS C 29 -23.79 39.08 33.06
CA HIS C 29 -23.42 39.30 34.45
C HIS C 29 -24.17 40.51 35.01
N ASP C 30 -24.63 40.39 36.25
CA ASP C 30 -25.02 41.58 37.02
C ASP C 30 -23.76 42.37 37.33
N ALA C 31 -23.92 43.65 37.61
CA ALA C 31 -22.83 44.48 38.14
C ALA C 31 -22.38 43.91 39.50
N VAL C 32 -21.10 43.98 39.80
CA VAL C 32 -20.61 43.57 41.10
C VAL C 32 -21.52 44.16 42.19
N SER C 33 -21.98 45.39 41.97
CA SER C 33 -22.73 46.14 42.98
C SER C 33 -24.20 45.74 42.98
N ARG C 34 -24.62 45.04 41.93
CA ARG C 34 -26.01 44.68 41.71
C ARG C 34 -26.89 45.84 41.32
N LYS C 35 -26.29 47.01 41.11
CA LYS C 35 -27.09 48.19 40.78
C LYS C 35 -27.58 48.09 39.34
N THR C 36 -28.77 48.65 39.12
CA THR C 36 -29.31 48.82 37.80
C THR C 36 -29.82 50.27 37.62
N PHE C 37 -29.94 50.70 36.37
CA PHE C 37 -30.52 52.01 36.04
C PHE C 37 -31.66 51.84 35.06
N PRO C 38 -32.68 52.69 35.16
CA PRO C 38 -33.78 52.60 34.20
C PRO C 38 -33.37 53.22 32.87
N THR C 39 -33.82 52.62 31.77
CA THR C 39 -33.79 53.33 30.49
C THR C 39 -35.19 53.69 30.07
N VAL C 40 -35.31 54.87 29.46
CA VAL C 40 -36.60 55.53 29.23
C VAL C 40 -36.94 55.50 27.73
N ASN C 41 -38.21 55.25 27.44
CA ASN C 41 -38.76 55.46 26.12
C ASN C 41 -39.07 56.93 25.90
N PRO C 42 -38.32 57.59 24.99
CA PRO C 42 -38.47 59.05 24.92
C PRO C 42 -39.76 59.50 24.24
N SER C 43 -40.47 58.57 23.61
CA SER C 43 -41.80 58.89 23.06
C SER C 43 -42.88 59.07 24.15
N THR C 44 -42.76 58.29 25.22
CA THR C 44 -43.78 58.27 26.30
C THR C 44 -43.29 58.92 27.60
N GLY C 45 -41.98 58.86 27.83
CA GLY C 45 -41.40 59.32 29.08
C GLY C 45 -41.48 58.24 30.14
N GLU C 46 -41.81 57.03 29.74
CA GLU C 46 -41.99 55.92 30.66
C GLU C 46 -40.79 54.97 30.61
N VAL C 47 -40.47 54.38 31.75
CA VAL C 47 -39.37 53.42 31.88
C VAL C 47 -39.63 52.14 31.06
N ILE C 48 -38.68 51.75 30.22
CA ILE C 48 -38.80 50.49 29.48
C ILE C 48 -38.41 49.32 30.36
N CYS C 49 -37.28 49.45 31.05
CA CYS C 49 -36.78 48.40 31.91
C CYS C 49 -35.54 48.90 32.62
N GLN C 50 -34.97 48.06 33.48
CA GLN C 50 -33.71 48.38 34.12
C GLN C 50 -32.56 47.60 33.48
N VAL C 51 -31.35 48.15 33.61
CA VAL C 51 -30.16 47.59 32.99
C VAL C 51 -29.05 47.62 34.04
N ALA C 52 -28.25 46.57 34.09
CA ALA C 52 -27.06 46.53 34.92
C ALA C 52 -26.21 47.81 34.78
N GLU C 53 -25.84 48.38 35.93
CA GLU C 53 -25.03 49.60 35.96
C GLU C 53 -23.55 49.29 36.17
N GLY C 54 -22.82 49.12 35.07
CA GLY C 54 -21.42 48.79 35.14
C GLY C 54 -20.63 49.95 35.72
N ASP C 55 -19.58 49.63 36.46
CA ASP C 55 -18.66 50.63 36.99
C ASP C 55 -17.23 50.10 36.86
N LYS C 56 -16.30 50.73 37.58
CA LYS C 56 -14.87 50.48 37.35
C LYS C 56 -14.51 49.00 37.53
N GLU C 57 -15.12 48.35 38.52
CA GLU C 57 -14.82 46.94 38.80
C GLU C 57 -15.33 46.03 37.68
N ASP C 58 -16.53 46.34 37.19
CA ASP C 58 -17.01 45.66 36.00
C ASP C 58 -16.11 45.83 34.77
N VAL C 59 -15.72 47.06 34.48
CA VAL C 59 -14.75 47.34 33.43
C VAL C 59 -13.44 46.56 33.62
N ASP C 60 -12.93 46.52 34.86
CA ASP C 60 -11.71 45.76 35.11
C ASP C 60 -11.89 44.28 34.75
N LYS C 61 -13.06 43.73 35.06
CA LYS C 61 -13.41 42.37 34.63
C LYS C 61 -13.40 42.18 33.11
N ALA C 62 -14.07 43.10 32.41
CA ALA C 62 -14.07 43.07 30.95
C ALA C 62 -12.68 43.21 30.34
N VAL C 63 -11.86 44.11 30.89
CA VAL C 63 -10.53 44.33 30.34
C VAL C 63 -9.69 43.06 30.50
N LYS C 64 -9.83 42.41 31.64
CA LYS C 64 -9.15 41.14 31.89
C LYS C 64 -9.59 40.06 30.93
N ALA C 65 -10.89 39.91 30.73
CA ALA C 65 -11.38 38.94 29.75
C ALA C 65 -10.83 39.24 28.35
N ALA C 66 -10.81 40.52 27.97
CA ALA C 66 -10.31 40.91 26.65
C ALA C 66 -8.83 40.59 26.52
N ARG C 67 -8.07 40.90 27.56
CA ARG C 67 -6.63 40.65 27.54
C ARG C 67 -6.33 39.16 27.40
N ALA C 68 -7.10 38.34 28.11
CA ALA C 68 -6.93 36.88 28.01
C ALA C 68 -7.22 36.36 26.58
N ALA C 69 -8.32 36.80 25.98
CA ALA C 69 -8.64 36.45 24.60
C ALA C 69 -7.58 36.91 23.59
N PHE C 70 -6.79 37.93 23.94
CA PHE C 70 -5.72 38.44 23.07
C PHE C 70 -4.33 37.79 23.24
N GLN C 71 -4.20 36.85 24.18
CA GLN C 71 -2.91 36.20 24.44
C GLN C 71 -2.42 35.42 23.22
N LEU C 72 -1.11 35.46 22.99
CA LEU C 72 -0.51 34.71 21.90
C LEU C 72 -0.98 33.24 22.01
N GLY C 73 -1.30 32.60 20.90
CA GLY C 73 -1.77 31.23 20.94
C GLY C 73 -3.23 31.03 21.32
N SER C 74 -3.96 32.11 21.61
CA SER C 74 -5.40 32.00 21.87
C SER C 74 -6.15 31.70 20.57
N PRO C 75 -7.42 31.27 20.66
CA PRO C 75 -8.27 31.03 19.48
C PRO C 75 -8.43 32.26 18.59
N TRP C 76 -8.75 33.40 19.19
CA TRP C 76 -8.78 34.66 18.45
C TRP C 76 -7.44 35.00 17.77
N ARG C 77 -6.31 34.86 18.48
CA ARG C 77 -5.01 35.17 17.85
C ARG C 77 -4.58 34.22 16.74
N ARG C 78 -4.94 32.93 16.85
CA ARG C 78 -4.48 31.96 15.87
C ARG C 78 -5.41 31.86 14.66
N MET C 79 -6.62 32.36 14.83
CA MET C 79 -7.63 32.24 13.78
C MET C 79 -7.13 32.86 12.47
N ASP C 80 -7.34 32.20 11.35
CA ASP C 80 -7.05 32.77 10.04
C ASP C 80 -7.75 34.12 9.85
N ALA C 81 -7.08 35.06 9.18
CA ALA C 81 -7.69 36.38 8.92
C ALA C 81 -8.99 36.19 8.13
N SER C 82 -8.96 35.29 7.15
CA SER C 82 -10.12 35.04 6.29
C SER C 82 -11.29 34.64 7.17
N HIS C 83 -11.00 33.95 8.26
CA HIS C 83 -12.03 33.42 9.13
C HIS C 83 -12.67 34.49 10.03
N ARG C 84 -11.87 35.43 10.51
CA ARG C 84 -12.42 36.66 11.10
C ARG C 84 -13.44 37.29 10.16
N GLY C 85 -13.14 37.27 8.86
CA GLY C 85 -14.10 37.73 7.85
C GLY C 85 -15.40 36.92 7.81
N ARG C 86 -15.29 35.59 7.79
CA ARG C 86 -16.47 34.71 7.92
C ARG C 86 -17.30 35.04 9.16
N LEU C 87 -16.64 35.29 10.28
CA LEU C 87 -17.37 35.61 11.50
C LEU C 87 -18.16 36.91 11.36
N LEU C 88 -17.53 37.95 10.82
CA LEU C 88 -18.20 39.22 10.63
C LEU C 88 -19.40 39.09 9.68
N ASN C 89 -19.24 38.34 8.59
CA ASN C 89 -20.36 38.06 7.67
C ASN C 89 -21.47 37.27 8.37
N ARG C 90 -21.09 36.32 9.23
CA ARG C 90 -22.10 35.57 9.98
C ARG C 90 -22.89 36.49 10.92
N LEU C 91 -22.20 37.39 11.60
CA LEU C 91 -22.87 38.34 12.47
C LEU C 91 -23.86 39.18 11.70
N ALA C 92 -23.46 39.64 10.52
CA ALA C 92 -24.35 40.47 9.71
C ALA C 92 -25.61 39.68 9.32
N ASP C 93 -25.44 38.42 8.95
CA ASP C 93 -26.59 37.54 8.63
C ASP C 93 -27.55 37.39 9.80
N LEU C 94 -27.03 37.31 11.03
CA LEU C 94 -27.88 37.18 12.19
C LEU C 94 -28.63 38.48 12.47
N ILE C 95 -27.96 39.61 12.28
CA ILE C 95 -28.58 40.88 12.46
C ILE C 95 -29.68 41.09 11.39
N GLU C 96 -29.40 40.68 10.16
CA GLU C 96 -30.43 40.69 9.14
C GLU C 96 -31.59 39.77 9.50
N ARG C 97 -31.32 38.55 9.98
CA ARG C 97 -32.39 37.69 10.46
C ARG C 97 -33.28 38.46 11.45
N ASP C 98 -32.67 39.21 12.36
CA ASP C 98 -33.41 39.86 13.44
C ASP C 98 -33.72 41.33 13.18
N ARG C 99 -33.73 41.73 11.89
CA ARG C 99 -33.79 43.14 11.51
C ARG C 99 -35.05 43.83 12.02
N THR C 100 -36.18 43.14 11.89
CA THR C 100 -37.46 43.76 12.27
C THR C 100 -37.47 44.04 13.77
N TYR C 101 -37.01 43.07 14.55
CA TYR C 101 -36.97 43.24 16.00
C TYR C 101 -35.98 44.35 16.41
N LEU C 102 -34.79 44.34 15.82
CA LEU C 102 -33.76 45.30 16.19
C LEU C 102 -34.17 46.70 15.83
N ALA C 103 -34.90 46.85 14.72
CA ALA C 103 -35.33 48.17 14.29
C ALA C 103 -36.36 48.74 15.28
N ALA C 104 -37.28 47.88 15.71
CA ALA C 104 -38.30 48.27 16.70
C ALA C 104 -37.69 48.61 18.07
N LEU C 105 -36.81 47.74 18.55
CA LEU C 105 -36.04 48.04 19.76
C LEU C 105 -35.28 49.36 19.65
N GLU C 106 -34.60 49.59 18.52
CA GLU C 106 -33.86 50.86 18.36
C GLU C 106 -34.81 52.08 18.49
N THR C 107 -35.93 52.02 17.79
CA THR C 107 -36.97 53.05 17.89
C THR C 107 -37.53 53.19 19.30
N LEU C 108 -37.83 52.08 19.96
CA LEU C 108 -38.36 52.13 21.34
C LEU C 108 -37.44 52.93 22.27
N ASP C 109 -36.13 52.64 22.18
CA ASP C 109 -35.16 53.15 23.15
C ASP C 109 -34.67 54.53 22.74
N ASN C 110 -34.62 54.80 21.42
CA ASN C 110 -33.96 56.02 20.95
C ASN C 110 -34.94 57.10 20.49
N GLY C 111 -36.06 56.69 19.91
CA GLY C 111 -37.03 57.70 19.48
C GLY C 111 -37.20 57.85 17.97
N LYS C 112 -36.18 57.45 17.19
CA LYS C 112 -36.18 57.72 15.74
C LYS C 112 -37.32 56.93 15.08
N PRO C 113 -37.86 57.41 13.95
CA PRO C 113 -38.96 56.69 13.30
C PRO C 113 -38.56 55.27 12.94
N TYR C 114 -39.46 54.32 13.18
CA TYR C 114 -39.20 52.91 12.91
C TYR C 114 -38.90 52.64 11.42
N VAL C 115 -39.51 53.41 10.53
CA VAL C 115 -39.26 53.20 9.11
C VAL C 115 -37.79 53.55 8.81
N ILE C 116 -37.26 54.54 9.51
CA ILE C 116 -35.86 54.93 9.37
C ILE C 116 -34.93 53.93 10.01
N SER C 117 -35.29 53.43 11.20
CA SER C 117 -34.51 52.40 11.86
C SER C 117 -34.33 51.19 10.94
N TYR C 118 -35.43 50.82 10.30
CA TYR C 118 -35.44 49.61 9.49
C TYR C 118 -34.68 49.81 8.20
N LEU C 119 -34.95 50.94 7.53
CA LEU C 119 -34.47 51.16 6.15
C LEU C 119 -33.13 51.85 6.09
N VAL C 120 -32.79 52.64 7.10
CA VAL C 120 -31.51 53.30 7.09
C VAL C 120 -30.56 52.63 8.08
N ASP C 121 -30.80 52.79 9.39
CA ASP C 121 -29.89 52.29 10.40
C ASP C 121 -29.50 50.84 10.19
N LEU C 122 -30.50 49.97 10.04
CA LEU C 122 -30.22 48.56 10.00
C LEU C 122 -29.50 48.23 8.71
N ASP C 123 -29.92 48.87 7.62
CA ASP C 123 -29.28 48.71 6.33
C ASP C 123 -27.80 49.09 6.42
N MET C 124 -27.50 50.24 7.04
CA MET C 124 -26.10 50.68 7.14
C MET C 124 -25.24 49.78 8.06
N VAL C 125 -25.87 49.20 9.08
CA VAL C 125 -25.20 48.28 9.97
C VAL C 125 -24.76 47.06 9.13
N LEU C 126 -25.69 46.51 8.37
CA LEU C 126 -25.39 45.40 7.49
C LEU C 126 -24.29 45.70 6.48
N LYS C 127 -24.38 46.85 5.83
CA LYS C 127 -23.36 47.22 4.88
C LYS C 127 -22.00 47.47 5.54
N CYS C 128 -22.01 48.05 6.72
CA CYS C 128 -20.76 48.33 7.39
C CYS C 128 -20.05 47.02 7.74
N LEU C 129 -20.79 46.08 8.32
CA LEU C 129 -20.23 44.82 8.79
C LEU C 129 -19.74 43.92 7.64
N ARG C 130 -20.51 43.82 6.56
CA ARG C 130 -20.08 43.09 5.37
C ARG C 130 -18.89 43.70 4.63
N TYR C 131 -18.79 45.03 4.65
CA TYR C 131 -17.67 45.75 4.05
C TYR C 131 -16.39 45.37 4.79
N TYR C 132 -16.42 45.53 6.12
CA TYR C 132 -15.25 45.20 6.94
C TYR C 132 -14.89 43.72 6.97
N ALA C 133 -15.87 42.85 6.89
CA ALA C 133 -15.60 41.41 6.73
C ALA C 133 -14.63 41.20 5.58
N GLY C 134 -14.83 41.97 4.51
CA GLY C 134 -14.00 41.91 3.32
C GLY C 134 -12.55 42.38 3.51
N TRP C 135 -12.33 43.31 4.46
CA TRP C 135 -10.99 43.82 4.78
C TRP C 135 -10.10 42.88 5.58
N ALA C 136 -10.73 41.89 6.23
CA ALA C 136 -10.05 41.11 7.25
C ALA C 136 -8.72 40.52 6.75
N ASP C 137 -8.69 40.01 5.53
CA ASP C 137 -7.50 39.32 5.01
C ASP C 137 -6.85 40.08 3.84
N LYS C 138 -7.03 41.40 3.83
CA LYS C 138 -6.54 42.21 2.71
C LYS C 138 -5.76 43.47 3.13
N TYR C 139 -5.49 43.63 4.41
CA TYR C 139 -4.69 44.76 4.88
C TYR C 139 -3.20 44.40 4.96
N HIS C 140 -2.50 44.46 3.84
CA HIS C 140 -1.14 43.92 3.71
C HIS C 140 -0.09 44.77 4.42
N GLY C 141 0.93 44.13 4.97
CA GLY C 141 2.20 44.83 5.23
C GLY C 141 3.03 44.98 3.98
N LYS C 142 4.29 45.42 4.14
CA LYS C 142 5.12 45.76 3.00
C LYS C 142 6.44 44.97 3.04
N THR C 143 7.01 44.69 1.87
CA THR C 143 8.42 44.32 1.81
C THR C 143 9.14 45.51 1.19
N ILE C 144 10.27 45.89 1.78
CA ILE C 144 10.83 47.20 1.66
C ILE C 144 12.30 47.17 1.21
N PRO C 145 12.61 47.80 0.07
CA PRO C 145 13.94 47.72 -0.55
C PRO C 145 14.98 48.62 0.12
N ILE C 146 15.28 48.35 1.39
CA ILE C 146 16.23 49.08 2.22
C ILE C 146 17.67 48.99 1.67
N ASP C 147 18.51 49.97 1.98
CA ASP C 147 19.92 49.93 1.59
C ASP C 147 20.62 48.78 2.30
N GLY C 148 21.60 48.17 1.65
CA GLY C 148 22.49 47.24 2.31
C GLY C 148 22.00 45.82 2.11
N ASP C 149 22.71 44.84 2.66
CA ASP C 149 22.37 43.43 2.44
C ASP C 149 21.38 42.97 3.49
N PHE C 150 20.13 43.39 3.33
CA PHE C 150 19.04 43.10 4.29
C PHE C 150 17.75 42.83 3.54
N PHE C 151 16.90 42.01 4.15
CA PHE C 151 15.49 41.84 3.79
C PHE C 151 14.71 42.53 4.91
N SER C 152 13.92 43.54 4.54
CA SER C 152 13.13 44.26 5.50
C SER C 152 11.65 44.26 5.11
N TYR C 153 10.78 43.96 6.06
CA TYR C 153 9.35 43.90 5.81
C TYR C 153 8.53 44.38 7.02
N THR C 154 7.24 44.66 6.82
CA THR C 154 6.41 45.02 7.96
C THR C 154 5.24 44.03 8.08
N ARG C 155 4.82 43.83 9.32
CA ARG C 155 3.63 43.07 9.69
C ARG C 155 2.68 44.09 10.30
N HIS C 156 1.43 44.01 9.90
CA HIS C 156 0.37 44.80 10.50
C HIS C 156 -0.27 43.90 11.56
N GLU C 157 0.00 44.18 12.84
CA GLU C 157 -0.55 43.41 13.95
C GLU C 157 -1.67 44.21 14.63
N PRO C 158 -2.54 43.52 15.37
CA PRO C 158 -3.62 44.27 16.02
C PRO C 158 -3.03 45.07 17.17
N VAL C 159 -3.66 46.20 17.48
CA VAL C 159 -3.16 47.09 18.51
C VAL C 159 -3.40 46.47 19.86
N GLY C 160 -4.52 45.78 20.03
CA GLY C 160 -4.71 44.99 21.24
C GLY C 160 -6.08 45.17 21.86
N VAL C 161 -6.11 45.52 23.14
CA VAL C 161 -7.37 45.75 23.84
C VAL C 161 -7.93 47.15 23.55
N CYS C 162 -9.06 47.18 22.87
CA CYS C 162 -9.61 48.46 22.38
C CYS C 162 -10.82 48.84 23.16
N GLY C 163 -10.71 49.95 23.90
CA GLY C 163 -11.86 50.55 24.56
C GLY C 163 -12.65 51.45 23.62
N GLN C 164 -13.97 51.21 23.54
CA GLN C 164 -14.81 51.85 22.54
C GLN C 164 -16.05 52.42 23.23
N ILE C 165 -16.23 53.72 23.11
CA ILE C 165 -17.29 54.42 23.83
C ILE C 165 -18.18 55.04 22.78
N ILE C 166 -19.46 54.66 22.76
CA ILE C 166 -20.34 55.06 21.67
C ILE C 166 -21.58 55.81 22.16
N PRO C 167 -22.04 56.77 21.36
CA PRO C 167 -23.06 57.66 21.84
C PRO C 167 -24.44 57.09 21.51
N TRP C 168 -25.48 57.91 21.72
CA TRP C 168 -26.86 57.46 21.71
C TRP C 168 -27.60 57.86 20.44
N ASN C 169 -27.00 58.67 19.57
CA ASN C 169 -27.75 59.09 18.37
C ASN C 169 -27.95 58.04 17.30
N PHE C 170 -26.95 57.18 17.09
CA PHE C 170 -27.13 56.02 16.22
C PHE C 170 -26.52 54.81 16.92
N PRO C 171 -27.31 54.19 17.80
CA PRO C 171 -26.77 53.15 18.68
C PRO C 171 -26.26 51.93 17.93
N LEU C 172 -27.09 51.33 17.10
CA LEU C 172 -26.64 50.15 16.34
C LEU C 172 -25.53 50.51 15.34
N LEU C 173 -25.69 51.62 14.63
CA LEU C 173 -24.74 51.95 13.59
C LEU C 173 -23.37 52.26 14.17
N MET C 174 -23.35 53.03 15.25
CA MET C 174 -22.07 53.37 15.89
C MET C 174 -21.37 52.13 16.45
N GLN C 175 -22.12 51.25 17.08
CA GLN C 175 -21.60 49.93 17.44
C GLN C 175 -20.92 49.23 16.26
N ALA C 176 -21.62 49.18 15.12
CA ALA C 176 -21.06 48.51 13.93
C ALA C 176 -19.81 49.20 13.39
N TRP C 177 -19.84 50.53 13.35
CA TRP C 177 -18.72 51.32 12.89
C TRP C 177 -17.46 51.09 13.74
N LYS C 178 -17.66 50.78 15.01
CA LYS C 178 -16.56 50.51 15.93
C LYS C 178 -16.12 49.06 15.84
N LEU C 179 -17.06 48.12 15.81
CA LEU C 179 -16.71 46.69 15.82
C LEU C 179 -16.13 46.22 14.48
N GLY C 180 -16.72 46.70 13.39
CA GLY C 180 -16.28 46.33 12.06
C GLY C 180 -14.75 46.35 11.92
N PRO C 181 -14.14 47.54 12.03
CA PRO C 181 -12.71 47.62 11.77
C PRO C 181 -11.86 46.99 12.88
N ALA C 182 -12.32 47.06 14.13
CA ALA C 182 -11.49 46.53 15.22
C ALA C 182 -11.35 45.01 15.09
N LEU C 183 -12.44 44.33 14.75
CA LEU C 183 -12.47 42.89 14.65
C LEU C 183 -11.86 42.39 13.34
N ALA C 184 -12.03 43.14 12.25
CA ALA C 184 -11.45 42.76 10.97
C ALA C 184 -9.94 42.65 11.13
N THR C 185 -9.38 43.48 12.01
CA THR C 185 -7.92 43.54 12.19
C THR C 185 -7.45 42.70 13.39
N GLY C 186 -8.36 42.00 14.06
CA GLY C 186 -7.94 41.03 15.08
C GLY C 186 -7.76 41.57 16.49
N ASN C 187 -8.36 42.72 16.78
CA ASN C 187 -8.30 43.28 18.12
C ASN C 187 -9.35 42.65 19.01
N VAL C 188 -9.33 43.01 20.29
CA VAL C 188 -10.44 42.71 21.19
C VAL C 188 -11.00 44.00 21.76
N VAL C 189 -12.24 43.93 22.25
CA VAL C 189 -13.03 45.12 22.46
C VAL C 189 -13.64 45.14 23.85
N VAL C 190 -13.52 46.26 24.54
CA VAL C 190 -14.38 46.56 25.66
C VAL C 190 -15.16 47.84 25.31
N MET C 191 -16.48 47.68 25.17
CA MET C 191 -17.31 48.73 24.62
C MET C 191 -18.25 49.25 25.71
N LYS C 192 -18.34 50.57 25.82
CA LYS C 192 -19.28 51.19 26.72
C LYS C 192 -20.39 51.80 25.86
N VAL C 193 -21.62 51.34 26.04
CA VAL C 193 -22.76 51.89 25.30
C VAL C 193 -23.45 52.97 26.11
N ALA C 194 -24.24 53.80 25.44
CA ALA C 194 -24.83 54.97 26.05
C ALA C 194 -25.98 54.61 27.00
N GLU C 195 -26.09 55.34 28.11
CA GLU C 195 -27.12 55.07 29.12
C GLU C 195 -28.54 55.30 28.60
N GLN C 196 -28.68 56.28 27.73
CA GLN C 196 -29.95 56.53 27.05
C GLN C 196 -30.37 55.42 26.10
N THR C 197 -29.42 54.66 25.58
CA THR C 197 -29.75 53.68 24.52
C THR C 197 -28.94 52.38 24.61
N PRO C 198 -29.03 51.63 25.73
CA PRO C 198 -28.14 50.46 25.82
C PRO C 198 -28.69 49.19 25.16
N LEU C 199 -30.00 49.15 24.91
CA LEU C 199 -30.66 47.86 24.68
C LEU C 199 -30.25 47.15 23.38
N THR C 200 -30.22 47.86 22.25
CA THR C 200 -29.96 47.19 21.00
C THR C 200 -28.54 46.63 20.96
N ALA C 201 -27.57 47.32 21.55
CA ALA C 201 -26.18 46.83 21.52
C ALA C 201 -26.03 45.55 22.32
N LEU C 202 -26.83 45.43 23.38
CA LEU C 202 -26.80 44.26 24.26
C LEU C 202 -27.42 43.07 23.56
N TYR C 203 -28.49 43.30 22.81
CA TYR C 203 -29.05 42.21 22.03
C TYR C 203 -28.00 41.73 21.02
N VAL C 204 -27.31 42.68 20.38
CA VAL C 204 -26.29 42.31 19.41
C VAL C 204 -25.16 41.47 20.00
N ALA C 205 -24.79 41.76 21.24
CA ALA C 205 -23.87 40.89 21.97
C ALA C 205 -24.31 39.43 21.91
N ASN C 206 -25.60 39.19 22.04
CA ASN C 206 -26.15 37.82 21.96
C ASN C 206 -25.82 37.20 20.61
N LEU C 207 -25.95 38.01 19.58
CA LEU C 207 -25.71 37.57 18.21
C LEU C 207 -24.22 37.37 17.98
N ILE C 208 -23.39 38.14 18.70
CA ILE C 208 -21.93 37.98 18.59
C ILE C 208 -21.53 36.63 19.13
N LYS C 209 -22.10 36.26 20.27
CA LYS C 209 -21.87 34.92 20.80
C LYS C 209 -22.40 33.87 19.81
N GLU C 210 -23.62 34.07 19.34
CA GLU C 210 -24.20 33.11 18.41
C GLU C 210 -23.40 32.99 17.10
N ALA C 211 -22.85 34.10 16.63
CA ALA C 211 -22.06 34.07 15.40
C ALA C 211 -20.79 33.22 15.56
N GLY C 212 -20.38 32.93 16.80
CA GLY C 212 -19.14 32.19 17.03
C GLY C 212 -17.87 32.92 17.45
N PHE C 213 -17.94 34.19 17.82
CA PHE C 213 -16.73 34.86 18.28
C PHE C 213 -16.28 34.27 19.62
N PRO C 214 -14.96 34.02 19.77
CA PRO C 214 -14.47 33.47 21.01
C PRO C 214 -14.81 34.40 22.19
N PRO C 215 -15.03 33.83 23.38
CA PRO C 215 -15.36 34.63 24.56
C PRO C 215 -14.27 35.65 24.83
N GLY C 216 -14.65 36.86 25.21
CA GLY C 216 -13.68 37.88 25.57
C GLY C 216 -13.26 38.72 24.39
N VAL C 217 -13.68 38.33 23.19
CA VAL C 217 -13.38 39.12 21.99
C VAL C 217 -14.17 40.43 21.94
N VAL C 218 -15.45 40.35 22.26
CA VAL C 218 -16.24 41.56 22.50
C VAL C 218 -16.90 41.51 23.88
N ASN C 219 -16.67 42.56 24.66
CA ASN C 219 -17.29 42.67 25.98
C ASN C 219 -18.00 44.01 26.06
N ILE C 220 -19.22 44.02 26.59
CA ILE C 220 -19.98 45.25 26.62
C ILE C 220 -20.38 45.59 28.04
N VAL C 221 -20.09 46.83 28.47
CA VAL C 221 -20.50 47.29 29.78
C VAL C 221 -21.43 48.48 29.65
N PRO C 222 -22.74 48.29 29.89
CA PRO C 222 -23.61 49.47 30.02
C PRO C 222 -23.37 50.17 31.37
N GLY C 223 -23.68 51.47 31.42
CA GLY C 223 -23.41 52.31 32.57
C GLY C 223 -23.35 53.77 32.18
N PHE C 224 -22.80 54.59 33.07
CA PHE C 224 -22.65 56.03 32.84
C PHE C 224 -21.25 56.45 32.47
N GLY C 225 -21.11 57.68 31.96
CA GLY C 225 -19.83 58.19 31.47
C GLY C 225 -18.79 58.42 32.56
N PRO C 226 -19.12 59.24 33.57
CA PRO C 226 -18.15 59.59 34.60
C PRO C 226 -17.64 58.33 35.33
N THR C 227 -18.30 57.18 35.14
CA THR C 227 -17.93 55.94 35.83
C THR C 227 -17.37 54.91 34.87
N ALA C 228 -18.26 54.19 34.18
CA ALA C 228 -17.80 53.15 33.25
C ALA C 228 -16.86 53.74 32.19
N GLY C 229 -17.25 54.88 31.58
CA GLY C 229 -16.48 55.46 30.49
C GLY C 229 -15.08 55.90 30.90
N ALA C 230 -15.00 56.60 32.04
CA ALA C 230 -13.73 57.08 32.53
C ALA C 230 -12.83 55.89 32.88
N ALA C 231 -13.43 54.84 33.44
CA ALA C 231 -12.66 53.67 33.83
C ALA C 231 -11.98 53.03 32.62
N ILE C 232 -12.69 52.92 31.50
CA ILE C 232 -12.05 52.48 30.27
C ILE C 232 -10.94 53.43 29.80
N ALA C 233 -11.23 54.72 29.76
CA ALA C 233 -10.26 55.69 29.26
C ALA C 233 -8.98 55.69 30.12
N SER C 234 -9.15 55.42 31.42
CA SER C 234 -8.07 55.41 32.38
C SER C 234 -7.30 54.10 32.51
N HIS C 235 -7.84 53.02 31.97
CA HIS C 235 -7.31 51.70 32.30
C HIS C 235 -5.90 51.50 31.81
N GLU C 236 -5.06 50.95 32.68
CA GLU C 236 -3.65 50.84 32.36
C GLU C 236 -3.42 49.68 31.41
N ASP C 237 -4.40 48.81 31.24
CA ASP C 237 -4.22 47.67 30.34
C ASP C 237 -5.05 47.79 29.07
N VAL C 238 -5.65 48.96 28.87
CA VAL C 238 -6.29 49.26 27.58
C VAL C 238 -5.29 49.93 26.63
N ASP C 239 -5.15 49.39 25.43
CA ASP C 239 -4.14 49.88 24.49
C ASP C 239 -4.58 51.07 23.61
N LYS C 240 -5.89 51.22 23.44
CA LYS C 240 -6.44 52.17 22.48
C LYS C 240 -7.85 52.50 22.94
N VAL C 241 -8.22 53.76 22.77
CA VAL C 241 -9.59 54.17 23.07
C VAL C 241 -10.15 54.95 21.89
N ALA C 242 -11.33 54.56 21.45
CA ALA C 242 -12.08 55.31 20.44
C ALA C 242 -13.34 55.85 21.08
N PHE C 243 -13.49 57.17 21.09
CA PHE C 243 -14.66 57.80 21.66
C PHE C 243 -15.39 58.59 20.58
N THR C 244 -16.70 58.39 20.51
CA THR C 244 -17.58 59.26 19.74
C THR C 244 -18.54 59.91 20.74
N GLY C 245 -18.71 61.22 20.65
CA GLY C 245 -19.56 61.93 21.61
C GLY C 245 -19.41 63.43 21.44
N SER C 246 -19.66 64.18 22.51
CA SER C 246 -19.47 65.63 22.48
C SER C 246 -17.98 66.03 22.54
N THR C 247 -17.67 67.17 21.92
CA THR C 247 -16.32 67.77 21.96
C THR C 247 -15.87 68.02 23.40
N GLU C 248 -16.83 68.26 24.29
CA GLU C 248 -16.56 68.43 25.72
C GLU C 248 -15.97 67.16 26.32
N ILE C 249 -16.73 66.06 26.24
CA ILE C 249 -16.30 64.81 26.88
C ILE C 249 -15.14 64.15 26.14
N GLY C 250 -15.01 64.47 24.85
CA GLY C 250 -13.84 64.09 24.06
C GLY C 250 -12.50 64.54 24.63
N ARG C 251 -12.50 65.68 25.31
CA ARG C 251 -11.30 66.20 25.96
C ARG C 251 -10.84 65.35 27.16
N VAL C 252 -11.80 64.94 27.99
CA VAL C 252 -11.54 64.10 29.17
C VAL C 252 -10.79 62.84 28.76
N ILE C 253 -11.20 62.26 27.63
CA ILE C 253 -10.66 61.03 27.08
C ILE C 253 -9.19 61.14 26.67
N GLN C 254 -8.83 62.25 26.03
CA GLN C 254 -7.44 62.46 25.62
C GLN C 254 -6.56 62.79 26.82
N VAL C 255 -7.15 63.47 27.79
CA VAL C 255 -6.50 63.75 29.07
C VAL C 255 -6.29 62.48 29.89
N ALA C 256 -7.35 61.69 30.07
CA ALA C 256 -7.24 60.41 30.75
C ALA C 256 -6.14 59.53 30.12
N ALA C 257 -6.15 59.46 28.79
CA ALA C 257 -5.22 58.63 28.02
C ALA C 257 -3.75 59.02 28.18
N GLY C 258 -3.47 60.31 28.10
CA GLY C 258 -2.12 60.82 28.33
C GLY C 258 -1.64 60.64 29.75
N SER C 259 -2.59 60.55 30.71
CA SER C 259 -2.29 60.41 32.14
C SER C 259 -2.14 58.96 32.61
N SER C 260 -2.61 58.01 31.80
CA SER C 260 -2.47 56.59 32.14
C SER C 260 -1.28 55.97 31.42
N ASN C 261 -1.53 55.28 30.30
CA ASN C 261 -0.51 54.43 29.68
C ASN C 261 -0.15 54.81 28.23
N LEU C 262 -0.38 56.06 27.85
CA LEU C 262 -0.04 56.51 26.48
C LEU C 262 -0.79 55.70 25.41
N LYS C 263 -2.00 55.26 25.75
CA LYS C 263 -2.87 54.59 24.79
C LYS C 263 -3.13 55.46 23.55
N ARG C 264 -3.25 54.81 22.40
CA ARG C 264 -3.59 55.50 21.15
C ARG C 264 -5.06 55.91 21.19
N VAL C 265 -5.37 57.10 20.68
CA VAL C 265 -6.71 57.65 20.76
C VAL C 265 -7.24 58.07 19.37
N THR C 266 -8.49 57.72 19.08
CA THR C 266 -9.27 58.35 18.00
C THR C 266 -10.60 58.93 18.52
N LEU C 267 -11.00 60.09 17.96
CA LEU C 267 -12.21 60.82 18.38
C LEU C 267 -13.07 61.28 17.20
N GLU C 268 -14.37 61.03 17.32
CA GLU C 268 -15.33 61.62 16.40
C GLU C 268 -16.27 62.47 17.26
N LEU C 269 -16.19 63.79 17.11
CA LEU C 269 -16.89 64.73 17.98
C LEU C 269 -18.06 65.48 17.29
N GLY C 270 -18.43 66.65 17.79
CA GLY C 270 -19.52 67.43 17.21
C GLY C 270 -19.12 68.25 15.98
N GLY C 271 -20.05 69.08 15.50
CA GLY C 271 -19.73 70.10 14.51
C GLY C 271 -20.75 71.21 14.43
N LYS C 272 -20.50 72.19 13.57
CA LYS C 272 -21.55 73.13 13.16
C LYS C 272 -21.46 73.29 11.63
N SER C 273 -21.89 72.27 10.89
CA SER C 273 -21.46 72.11 9.50
C SER C 273 -22.20 73.08 8.58
N PRO C 274 -21.46 73.77 7.71
CA PRO C 274 -22.07 74.70 6.74
C PRO C 274 -22.61 73.98 5.48
N ASN C 275 -23.83 74.32 5.09
CA ASN C 275 -24.47 73.84 3.88
C ASN C 275 -24.74 75.06 2.97
N ILE C 276 -23.97 75.15 1.89
CA ILE C 276 -23.87 76.36 1.09
C ILE C 276 -24.68 76.19 -0.20
N ILE C 277 -25.70 77.03 -0.34
CA ILE C 277 -26.59 77.00 -1.49
C ILE C 277 -26.29 78.17 -2.43
N MET C 278 -25.63 77.88 -3.54
CA MET C 278 -25.29 78.94 -4.51
C MET C 278 -26.53 79.34 -5.34
N SER C 279 -26.56 80.54 -5.90
CA SER C 279 -27.75 80.96 -6.65
C SER C 279 -28.12 80.03 -7.82
N ASP C 280 -27.12 79.37 -8.42
CA ASP C 280 -27.40 78.49 -9.55
C ASP C 280 -27.83 77.08 -9.19
N ALA C 281 -28.07 76.81 -7.90
CA ALA C 281 -28.49 75.47 -7.50
C ALA C 281 -29.89 75.10 -8.00
N ASP C 282 -30.15 73.81 -8.17
CA ASP C 282 -31.52 73.35 -8.33
C ASP C 282 -32.32 73.64 -7.06
N MET C 283 -33.34 74.51 -7.18
CA MET C 283 -33.99 75.06 -6.01
C MET C 283 -34.72 73.99 -5.22
N ASP C 284 -35.60 73.25 -5.88
CA ASP C 284 -36.32 72.17 -5.20
C ASP C 284 -35.42 71.13 -4.53
N TRP C 285 -34.38 70.67 -5.23
CA TRP C 285 -33.42 69.70 -4.67
C TRP C 285 -32.75 70.30 -3.42
N ALA C 286 -32.30 71.55 -3.55
CA ALA C 286 -31.53 72.20 -2.51
C ALA C 286 -32.39 72.47 -1.26
N VAL C 287 -33.66 72.85 -1.47
CA VAL C 287 -34.60 73.03 -0.36
C VAL C 287 -34.79 71.73 0.41
N GLU C 288 -35.06 70.64 -0.31
CA GLU C 288 -35.35 69.37 0.32
C GLU C 288 -34.09 68.78 0.96
N GLN C 289 -32.94 68.92 0.30
CA GLN C 289 -31.70 68.44 0.91
C GLN C 289 -31.27 69.26 2.14
N ALA C 290 -31.55 70.57 2.16
CA ALA C 290 -31.15 71.40 3.30
C ALA C 290 -32.02 71.04 4.50
N HIS C 291 -33.27 70.72 4.23
CA HIS C 291 -34.19 70.24 5.26
C HIS C 291 -33.69 68.93 5.87
N PHE C 292 -33.51 67.93 5.02
CA PHE C 292 -32.95 66.65 5.42
C PHE C 292 -31.63 66.80 6.20
N ALA C 293 -30.78 67.71 5.72
CA ALA C 293 -29.44 67.91 6.24
C ALA C 293 -29.47 68.38 7.69
N LEU C 294 -30.45 69.21 8.02
CA LEU C 294 -30.65 69.65 9.41
C LEU C 294 -31.54 68.74 10.25
N PHE C 295 -32.68 68.32 9.71
CA PHE C 295 -33.72 67.68 10.52
C PHE C 295 -33.58 66.17 10.68
N PHE C 296 -32.77 65.54 9.82
CA PHE C 296 -32.61 64.10 9.90
C PHE C 296 -32.28 63.65 11.32
N ASN C 297 -32.90 62.55 11.75
CA ASN C 297 -32.66 62.00 13.07
C ASN C 297 -32.94 62.99 14.19
N GLN C 298 -34.01 63.79 14.04
CA GLN C 298 -34.39 64.77 15.07
C GLN C 298 -33.29 65.81 15.30
N GLY C 299 -32.53 66.09 14.24
CA GLY C 299 -31.37 66.98 14.32
C GLY C 299 -30.18 66.41 15.09
N GLN C 300 -30.26 65.14 15.48
CA GLN C 300 -29.25 64.57 16.34
C GLN C 300 -28.13 63.88 15.53
N CYS C 301 -27.38 64.69 14.81
CA CYS C 301 -26.32 64.21 13.92
C CYS C 301 -25.12 65.10 14.16
N CYS C 302 -23.95 64.51 14.42
CA CYS C 302 -22.71 65.27 14.55
C CYS C 302 -22.48 66.10 13.28
N CYS C 303 -22.88 65.57 12.14
CA CYS C 303 -22.69 66.27 10.86
C CYS C 303 -23.89 67.07 10.36
N ALA C 304 -24.87 67.35 11.23
CA ALA C 304 -26.07 68.10 10.82
C ALA C 304 -25.72 69.40 10.10
N GLY C 305 -26.46 69.73 9.06
CA GLY C 305 -26.20 70.96 8.31
C GLY C 305 -26.87 72.16 8.99
N SER C 306 -26.22 72.68 10.03
CA SER C 306 -26.85 73.58 10.99
C SER C 306 -26.48 75.04 10.72
N ARG C 307 -25.68 75.27 9.69
CA ARG C 307 -25.57 76.61 9.12
C ARG C 307 -25.88 76.51 7.63
N THR C 308 -27.09 76.90 7.25
CA THR C 308 -27.52 76.88 5.86
C THR C 308 -27.23 78.26 5.26
N PHE C 309 -26.13 78.38 4.53
CA PHE C 309 -25.79 79.64 3.90
C PHE C 309 -26.47 79.69 2.54
N VAL C 310 -27.21 80.76 2.28
CA VAL C 310 -27.95 80.91 1.02
C VAL C 310 -27.60 82.22 0.30
N GLN C 311 -27.28 82.15 -1.00
CA GLN C 311 -26.80 83.31 -1.75
C GLN C 311 -27.98 84.29 -1.86
N GLU C 312 -27.69 85.58 -1.75
CA GLU C 312 -28.74 86.57 -1.52
C GLU C 312 -29.83 86.66 -2.59
N ASP C 313 -29.49 86.31 -3.84
CA ASP C 313 -30.50 86.38 -4.91
C ASP C 313 -31.63 85.38 -4.79
N ILE C 314 -31.40 84.29 -4.07
CA ILE C 314 -32.43 83.26 -3.89
C ILE C 314 -32.84 83.13 -2.43
N TYR C 315 -32.29 83.98 -1.57
CA TYR C 315 -32.54 83.86 -0.13
C TYR C 315 -34.04 83.84 0.22
N ASP C 316 -34.80 84.83 -0.25
CA ASP C 316 -36.22 84.95 0.14
C ASP C 316 -37.02 83.74 -0.27
N GLU C 317 -36.86 83.32 -1.51
CA GLU C 317 -37.59 82.14 -1.96
C GLU C 317 -37.10 80.90 -1.20
N PHE C 318 -35.80 80.78 -0.97
CA PHE C 318 -35.31 79.58 -0.28
C PHE C 318 -35.92 79.52 1.13
N VAL C 319 -35.91 80.65 1.83
CA VAL C 319 -36.52 80.72 3.16
C VAL C 319 -38.00 80.33 3.16
N GLU C 320 -38.76 80.88 2.23
CA GLU C 320 -40.19 80.60 2.16
C GLU C 320 -40.44 79.11 1.88
N ARG C 321 -39.69 78.52 0.96
CA ARG C 321 -39.82 77.09 0.73
C ARG C 321 -39.40 76.27 1.96
N SER C 322 -38.31 76.65 2.61
CA SER C 322 -37.86 75.94 3.83
C SER C 322 -38.88 76.02 4.98
N VAL C 323 -39.42 77.21 5.21
CA VAL C 323 -40.46 77.38 6.23
C VAL C 323 -41.62 76.42 5.95
N ALA C 324 -42.18 76.48 4.74
CA ALA C 324 -43.27 75.58 4.36
C ALA C 324 -42.96 74.12 4.61
N ARG C 325 -41.74 73.69 4.25
CA ARG C 325 -41.33 72.30 4.44
C ARG C 325 -41.23 71.96 5.94
N ALA C 326 -40.64 72.86 6.72
CA ALA C 326 -40.58 72.69 8.16
C ALA C 326 -41.97 72.56 8.74
N LYS C 327 -42.91 73.41 8.31
CA LYS C 327 -44.25 73.38 8.92
C LYS C 327 -45.01 72.11 8.60
N SER C 328 -44.69 71.48 7.47
CA SER C 328 -45.40 70.26 7.07
C SER C 328 -44.79 68.99 7.67
N ARG C 329 -43.63 69.11 8.30
CA ARG C 329 -42.92 67.93 8.83
C ARG C 329 -43.74 67.30 9.95
N VAL C 330 -44.14 66.04 9.77
CA VAL C 330 -45.02 65.37 10.71
C VAL C 330 -44.25 64.85 11.92
N VAL C 331 -44.59 65.40 13.08
CA VAL C 331 -44.03 65.02 14.38
C VAL C 331 -45.00 64.09 15.09
N GLY C 332 -44.51 62.97 15.61
CA GLY C 332 -45.38 62.08 16.35
C GLY C 332 -44.79 60.75 16.73
N ASN C 333 -45.68 59.80 16.97
CA ASN C 333 -45.30 58.46 17.37
C ASN C 333 -44.39 57.83 16.31
N PRO C 334 -43.14 57.47 16.70
CA PRO C 334 -42.17 57.00 15.70
C PRO C 334 -42.57 55.67 15.07
N PHE C 335 -43.43 54.91 15.74
CA PHE C 335 -43.96 53.68 15.21
C PHE C 335 -45.06 53.88 14.15
N ASP C 336 -45.54 55.11 14.02
CA ASP C 336 -46.52 55.47 13.00
C ASP C 336 -45.83 55.79 11.67
N SER C 337 -46.32 55.20 10.59
CA SER C 337 -45.65 55.29 9.29
C SER C 337 -45.60 56.69 8.73
N LYS C 338 -46.61 57.51 9.02
CA LYS C 338 -46.59 58.90 8.57
C LYS C 338 -45.59 59.78 9.33
N THR C 339 -45.09 59.32 10.48
CA THR C 339 -44.20 60.16 11.30
C THR C 339 -42.85 60.40 10.59
N GLU C 340 -42.48 61.67 10.48
CA GLU C 340 -41.16 62.02 10.01
C GLU C 340 -40.18 62.31 11.16
N GLN C 341 -40.69 62.83 12.28
CA GLN C 341 -39.83 63.20 13.41
C GLN C 341 -40.35 62.62 14.73
N GLY C 342 -39.52 61.82 15.40
CA GLY C 342 -39.81 61.36 16.77
C GLY C 342 -39.42 62.40 17.81
N PRO C 343 -39.38 62.00 19.10
CA PRO C 343 -38.97 62.86 20.21
C PRO C 343 -37.44 63.03 20.18
N GLN C 344 -36.93 64.03 20.88
CA GLN C 344 -35.51 64.00 21.26
C GLN C 344 -35.17 62.83 22.19
N VAL C 345 -33.89 62.53 22.38
CA VAL C 345 -33.53 61.26 23.02
C VAL C 345 -33.86 61.19 24.52
N ASP C 346 -33.86 62.34 25.20
CA ASP C 346 -34.11 62.33 26.65
C ASP C 346 -34.37 63.73 27.15
N GLU C 347 -34.61 63.86 28.45
CA GLU C 347 -35.04 65.13 29.04
C GLU C 347 -33.95 66.17 29.04
N THR C 348 -32.73 65.75 29.34
CA THR C 348 -31.59 66.64 29.27
C THR C 348 -31.49 67.34 27.91
N GLN C 349 -31.59 66.58 26.82
CA GLN C 349 -31.45 67.16 25.49
C GLN C 349 -32.64 68.03 25.20
N PHE C 350 -33.81 67.53 25.59
CA PHE C 350 -35.05 68.28 25.50
C PHE C 350 -34.89 69.71 26.03
N LYS C 351 -34.48 69.83 27.29
CA LYS C 351 -34.26 71.13 27.90
C LYS C 351 -33.14 71.93 27.25
N LYS C 352 -32.08 71.24 26.83
CA LYS C 352 -30.95 71.95 26.22
C LYS C 352 -31.40 72.65 24.93
N ILE C 353 -32.29 72.02 24.19
CA ILE C 353 -32.75 72.57 22.91
C ILE C 353 -33.76 73.73 23.14
N LEU C 354 -34.62 73.58 24.15
CA LEU C 354 -35.47 74.70 24.55
C LEU C 354 -34.67 75.91 24.99
N GLY C 355 -33.59 75.68 25.73
CA GLY C 355 -32.63 76.73 26.06
C GLY C 355 -32.08 77.40 24.81
N TYR C 356 -31.63 76.59 23.86
CA TYR C 356 -31.02 77.11 22.62
C TYR C 356 -32.04 77.92 21.80
N ILE C 357 -33.26 77.43 21.71
CA ILE C 357 -34.32 78.16 21.03
C ILE C 357 -34.54 79.52 21.69
N ASN C 358 -34.69 79.53 23.01
CA ASN C 358 -34.82 80.80 23.69
C ASN C 358 -33.58 81.67 23.47
N THR C 359 -32.40 81.08 23.44
CA THR C 359 -31.17 81.85 23.18
C THR C 359 -31.24 82.52 21.81
N GLY C 360 -31.72 81.77 20.81
CA GLY C 360 -31.90 82.35 19.48
C GLY C 360 -32.78 83.59 19.46
N LYS C 361 -33.95 83.50 20.11
CA LYS C 361 -34.90 84.63 20.10
C LYS C 361 -34.33 85.82 20.82
N GLN C 362 -33.62 85.58 21.92
CA GLN C 362 -32.98 86.65 22.68
C GLN C 362 -31.85 87.34 21.92
N GLU C 363 -31.12 86.58 21.10
CA GLU C 363 -30.00 87.10 20.30
C GLU C 363 -30.53 87.95 19.15
N GLY C 364 -31.81 87.85 18.86
CA GLY C 364 -32.40 88.65 17.80
C GLY C 364 -32.48 87.95 16.44
N ALA C 365 -32.30 86.64 16.43
CA ALA C 365 -32.54 85.86 15.22
C ALA C 365 -34.04 85.75 15.00
N LYS C 366 -34.44 85.67 13.74
CA LYS C 366 -35.85 85.76 13.39
C LYS C 366 -36.49 84.38 13.42
N LEU C 367 -37.45 84.23 14.31
CA LEU C 367 -38.14 82.98 14.48
C LEU C 367 -39.21 82.90 13.42
N LEU C 368 -39.21 81.85 12.60
CA LEU C 368 -40.02 81.83 11.39
C LEU C 368 -41.07 80.75 11.47
N CYS C 369 -40.84 79.76 12.31
CA CYS C 369 -41.81 78.73 12.63
C CYS C 369 -41.25 77.90 13.79
N GLY C 370 -42.12 77.07 14.35
CA GLY C 370 -41.84 76.27 15.55
C GLY C 370 -41.44 77.11 16.74
N GLY C 371 -40.44 76.62 17.48
CA GLY C 371 -39.92 77.37 18.61
C GLY C 371 -40.39 76.84 19.94
N GLY C 372 -41.33 75.92 19.94
CA GLY C 372 -41.93 75.43 21.19
C GLY C 372 -41.99 73.91 21.27
N ILE C 373 -42.60 73.43 22.35
CA ILE C 373 -42.77 72.01 22.60
C ILE C 373 -43.91 71.53 21.73
N ALA C 374 -43.91 70.26 21.34
CA ALA C 374 -44.79 69.79 20.29
C ALA C 374 -45.81 68.79 20.77
N ALA C 375 -45.67 68.37 22.03
CA ALA C 375 -46.60 67.43 22.65
C ALA C 375 -46.42 67.48 24.17
N ASP C 376 -47.35 66.88 24.92
CA ASP C 376 -47.18 66.85 26.37
C ASP C 376 -46.61 65.56 26.99
N ARG C 377 -46.69 64.44 26.29
CA ARG C 377 -45.92 63.25 26.68
C ARG C 377 -44.62 63.19 25.88
N GLY C 378 -43.55 62.67 26.48
CA GLY C 378 -42.30 62.46 25.74
C GLY C 378 -41.57 63.75 25.46
N TYR C 379 -40.56 63.71 24.59
CA TYR C 379 -39.64 64.84 24.45
C TYR C 379 -39.67 65.44 23.05
N PHE C 380 -40.88 65.81 22.60
CA PHE C 380 -41.10 66.29 21.24
C PHE C 380 -40.99 67.81 21.09
N ILE C 381 -40.19 68.24 20.13
CA ILE C 381 -39.95 69.65 19.89
C ILE C 381 -40.40 70.00 18.47
N GLN C 382 -41.02 71.17 18.31
CA GLN C 382 -41.44 71.66 16.99
C GLN C 382 -40.26 71.95 16.08
N PRO C 383 -40.34 71.47 14.83
CA PRO C 383 -39.37 71.88 13.82
C PRO C 383 -39.28 73.41 13.76
N THR C 384 -38.09 73.94 13.95
CA THR C 384 -37.94 75.34 14.23
C THR C 384 -36.93 75.93 13.24
N VAL C 385 -37.28 77.07 12.62
CA VAL C 385 -36.40 77.67 11.64
C VAL C 385 -36.13 79.11 12.03
N PHE C 386 -34.85 79.45 12.15
CA PHE C 386 -34.45 80.84 12.34
C PHE C 386 -33.91 81.43 11.04
N GLY C 387 -34.35 82.64 10.71
CA GLY C 387 -33.81 83.39 9.57
C GLY C 387 -32.95 84.56 9.99
N ASP C 388 -32.16 85.06 9.04
CA ASP C 388 -31.32 86.24 9.24
C ASP C 388 -30.29 86.02 10.34
N VAL C 389 -29.84 84.78 10.47
CA VAL C 389 -28.84 84.46 11.48
C VAL C 389 -27.53 85.12 11.09
N GLN C 390 -26.78 85.56 12.11
CA GLN C 390 -25.49 86.18 11.89
C GLN C 390 -24.41 85.36 12.53
N ASP C 391 -23.18 85.46 12.00
CA ASP C 391 -22.06 84.64 12.40
C ASP C 391 -21.79 84.70 13.91
N GLY C 392 -22.10 85.84 14.51
CA GLY C 392 -21.65 86.15 15.86
C GLY C 392 -22.63 85.58 16.87
N MET C 393 -23.79 85.14 16.41
CA MET C 393 -24.78 84.61 17.31
C MET C 393 -24.41 83.24 17.85
N THR C 394 -24.83 82.98 19.08
CA THR C 394 -24.60 81.69 19.71
C THR C 394 -25.20 80.51 18.94
N ILE C 395 -26.40 80.69 18.39
CA ILE C 395 -27.03 79.63 17.62
C ILE C 395 -26.31 79.39 16.27
N ALA C 396 -25.46 80.31 15.86
CA ALA C 396 -24.62 80.12 14.66
C ALA C 396 -23.28 79.47 14.98
N LYS C 397 -22.95 79.40 16.27
CA LYS C 397 -21.63 78.93 16.69
C LYS C 397 -21.70 77.59 17.38
N GLU C 398 -22.75 77.36 18.17
CA GLU C 398 -22.80 76.15 18.99
C GLU C 398 -23.73 75.10 18.42
N GLU C 399 -23.30 73.85 18.51
CA GLU C 399 -24.08 72.72 18.05
C GLU C 399 -25.28 72.47 18.96
N ILE C 400 -26.47 72.49 18.37
CA ILE C 400 -27.73 72.43 19.13
C ILE C 400 -28.20 70.98 19.24
N PHE C 401 -27.88 70.17 18.24
CA PHE C 401 -28.27 68.76 18.21
C PHE C 401 -29.78 68.54 18.25
N GLY C 402 -30.52 69.46 17.64
CA GLY C 402 -31.97 69.49 17.76
C GLY C 402 -32.58 69.92 16.43
N PRO C 403 -33.92 69.89 16.33
CA PRO C 403 -34.58 70.25 15.09
C PRO C 403 -34.67 71.76 14.92
N VAL C 404 -33.53 72.43 14.91
CA VAL C 404 -33.48 73.90 14.89
C VAL C 404 -32.54 74.30 13.76
N MET C 405 -33.09 74.99 12.76
CA MET C 405 -32.40 75.33 11.52
C MET C 405 -32.01 76.80 11.50
N GLN C 406 -30.77 77.11 11.14
CA GLN C 406 -30.28 78.49 10.99
C GLN C 406 -30.06 78.81 9.51
N ILE C 407 -30.66 79.88 9.04
CA ILE C 407 -30.43 80.29 7.65
C ILE C 407 -29.68 81.62 7.62
N LEU C 408 -28.52 81.64 6.98
CA LEU C 408 -27.71 82.85 6.86
C LEU C 408 -27.59 83.30 5.40
N LYS C 409 -27.43 84.60 5.19
CA LYS C 409 -27.41 85.15 3.83
C LYS C 409 -25.98 85.54 3.51
N PHE C 410 -25.53 85.27 2.30
CA PHE C 410 -24.22 85.75 1.85
C PHE C 410 -24.29 86.33 0.43
N LYS C 411 -23.23 87.04 0.05
CA LYS C 411 -23.15 87.58 -1.32
C LYS C 411 -22.24 86.76 -2.25
N THR C 412 -20.95 86.68 -1.93
CA THR C 412 -19.97 86.13 -2.83
C THR C 412 -19.33 84.83 -2.35
N ILE C 413 -18.75 84.09 -3.30
CA ILE C 413 -18.22 82.77 -3.04
C ILE C 413 -16.98 82.82 -2.14
N GLU C 414 -16.16 83.87 -2.28
CA GLU C 414 -14.98 84.06 -1.46
C GLU C 414 -15.39 84.41 -0.02
N GLU C 415 -16.53 85.08 0.09
CA GLU C 415 -17.09 85.53 1.38
C GLU C 415 -17.54 84.28 2.14
N VAL C 416 -18.30 83.42 1.47
CA VAL C 416 -18.89 82.28 2.15
C VAL C 416 -17.82 81.30 2.60
N VAL C 417 -16.72 81.17 1.86
CA VAL C 417 -15.61 80.31 2.25
C VAL C 417 -15.09 80.69 3.61
N GLY C 418 -14.73 81.98 3.77
CA GLY C 418 -14.19 82.49 5.03
C GLY C 418 -15.17 82.29 6.15
N ARG C 419 -16.46 82.48 5.86
CA ARG C 419 -17.51 82.37 6.87
C ARG C 419 -17.78 80.92 7.27
N ALA C 420 -17.84 80.04 6.28
CA ALA C 420 -18.00 78.62 6.51
C ALA C 420 -16.84 78.04 7.31
N ASN C 421 -15.63 78.52 7.04
CA ASN C 421 -14.43 78.00 7.68
C ASN C 421 -14.16 78.57 9.07
N ASN C 422 -14.83 79.67 9.41
CA ASN C 422 -14.58 80.38 10.66
C ASN C 422 -15.32 79.62 11.76
N SER C 423 -14.64 78.64 12.34
CA SER C 423 -15.30 77.69 13.23
C SER C 423 -14.25 76.77 13.79
N THR C 424 -14.43 76.40 15.06
CA THR C 424 -13.54 75.43 15.70
C THR C 424 -13.93 74.01 15.30
N TYR C 425 -15.12 73.86 14.74
CA TYR C 425 -15.59 72.60 14.16
C TYR C 425 -15.21 72.49 12.69
N GLY C 426 -15.00 71.26 12.22
CA GLY C 426 -14.72 71.00 10.81
C GLY C 426 -15.06 69.58 10.42
N LEU C 427 -16.27 69.15 10.75
CA LEU C 427 -16.68 67.77 10.53
C LEU C 427 -17.12 67.52 9.08
N ALA C 428 -18.00 68.38 8.61
CA ALA C 428 -18.58 68.23 7.30
C ALA C 428 -18.93 69.59 6.71
N ALA C 429 -19.17 69.61 5.40
CA ALA C 429 -19.77 70.75 4.71
C ALA C 429 -20.41 70.24 3.41
N ALA C 430 -21.24 71.08 2.80
CA ALA C 430 -21.87 70.76 1.53
C ALA C 430 -22.01 72.00 0.66
N VAL C 431 -21.97 71.80 -0.65
CA VAL C 431 -22.11 72.88 -1.62
C VAL C 431 -23.16 72.45 -2.66
N PHE C 432 -24.12 73.34 -2.90
CA PHE C 432 -25.16 73.08 -3.91
C PHE C 432 -25.01 74.10 -5.04
N THR C 433 -24.70 73.59 -6.23
CA THR C 433 -24.35 74.40 -7.38
C THR C 433 -24.38 73.55 -8.63
N LYS C 434 -24.65 74.18 -9.78
CA LYS C 434 -24.61 73.48 -11.05
C LYS C 434 -23.28 73.67 -11.73
N ASP C 435 -22.49 74.62 -11.23
CA ASP C 435 -21.26 75.04 -11.89
C ASP C 435 -20.06 74.19 -11.46
N LEU C 436 -19.32 73.70 -12.45
CA LEU C 436 -18.18 72.83 -12.21
C LEU C 436 -17.12 73.55 -11.37
N ASP C 437 -16.73 74.75 -11.80
CA ASP C 437 -15.67 75.46 -11.12
C ASP C 437 -16.05 75.89 -9.70
N LYS C 438 -17.30 76.30 -9.47
CA LYS C 438 -17.74 76.60 -8.10
C LYS C 438 -17.65 75.36 -7.19
N ALA C 439 -18.10 74.22 -7.69
CA ALA C 439 -18.04 72.98 -6.93
C ALA C 439 -16.60 72.69 -6.50
N ASN C 440 -15.68 72.77 -7.46
CA ASN C 440 -14.29 72.43 -7.21
C ASN C 440 -13.57 73.45 -6.34
N TYR C 441 -13.84 74.72 -6.57
CA TYR C 441 -13.32 75.78 -5.73
C TYR C 441 -13.68 75.56 -4.25
N LEU C 442 -14.96 75.28 -4.01
CA LEU C 442 -15.50 75.19 -2.67
C LEU C 442 -15.12 73.89 -1.97
N SER C 443 -15.10 72.79 -2.73
CA SER C 443 -14.77 71.50 -2.16
C SER C 443 -13.30 71.47 -1.73
N GLN C 444 -12.43 72.15 -2.48
CA GLN C 444 -11.05 72.33 -2.04
C GLN C 444 -10.85 73.29 -0.85
N ALA C 445 -11.54 74.42 -0.86
CA ALA C 445 -11.30 75.49 0.13
C ALA C 445 -11.92 75.20 1.49
N LEU C 446 -12.97 74.40 1.53
CA LEU C 446 -13.72 74.16 2.77
C LEU C 446 -12.93 73.24 3.69
N GLN C 447 -12.80 73.64 4.95
CA GLN C 447 -11.96 72.89 5.88
C GLN C 447 -12.85 71.94 6.65
N ALA C 448 -13.06 70.78 6.06
CA ALA C 448 -14.01 69.84 6.60
C ALA C 448 -13.56 68.45 6.21
N GLY C 449 -13.84 67.46 7.07
CA GLY C 449 -13.55 66.07 6.79
C GLY C 449 -14.29 65.46 5.61
N THR C 450 -15.58 65.80 5.48
CA THR C 450 -16.35 65.38 4.32
C THR C 450 -17.00 66.62 3.68
N VAL C 451 -16.85 66.76 2.36
CA VAL C 451 -17.60 67.78 1.62
C VAL C 451 -18.56 67.10 0.66
N TRP C 452 -19.86 67.35 0.84
CA TRP C 452 -20.86 66.83 -0.10
C TRP C 452 -21.12 67.84 -1.20
N VAL C 453 -21.34 67.35 -2.42
CA VAL C 453 -21.69 68.25 -3.53
C VAL C 453 -23.04 67.84 -4.12
N ASN C 454 -23.99 68.77 -4.06
CA ASN C 454 -25.38 68.51 -4.44
C ASN C 454 -26.03 67.34 -3.72
N CYS C 455 -25.58 67.07 -2.49
CA CYS C 455 -26.20 66.01 -1.71
C CYS C 455 -25.81 66.25 -0.25
N TYR C 456 -26.24 65.37 0.65
CA TYR C 456 -25.90 65.52 2.08
C TYR C 456 -26.07 64.19 2.83
N ASP C 457 -25.26 63.98 3.87
CA ASP C 457 -25.39 62.80 4.71
C ASP C 457 -25.30 61.56 3.82
N VAL C 458 -24.40 61.58 2.84
CA VAL C 458 -24.19 60.42 2.00
C VAL C 458 -22.93 59.72 2.49
N PHE C 459 -23.13 58.62 3.22
CA PHE C 459 -22.02 57.88 3.76
C PHE C 459 -21.89 56.56 3.02
N GLY C 460 -20.65 56.10 2.86
CA GLY C 460 -20.45 54.74 2.38
C GLY C 460 -19.59 53.99 3.35
N ALA C 461 -19.82 52.69 3.50
CA ALA C 461 -18.87 51.89 4.27
C ALA C 461 -17.43 52.11 3.70
N GLN C 462 -17.38 52.40 2.40
CA GLN C 462 -16.14 52.54 1.62
C GLN C 462 -15.45 53.89 1.79
N SER C 463 -16.22 54.92 2.18
CA SER C 463 -15.72 56.29 2.22
C SER C 463 -15.46 56.74 3.64
N PRO C 464 -14.22 57.14 3.92
CA PRO C 464 -13.80 57.47 5.28
C PRO C 464 -14.57 58.67 5.83
N PHE C 465 -14.58 58.81 7.15
CA PHE C 465 -15.38 59.84 7.81
C PHE C 465 -14.78 60.26 9.15
N GLY C 466 -14.70 61.57 9.36
CA GLY C 466 -14.12 62.14 10.58
C GLY C 466 -13.81 63.62 10.40
N GLY C 467 -13.24 64.22 11.43
CA GLY C 467 -13.20 65.68 11.54
C GLY C 467 -11.84 66.30 11.32
N TYR C 468 -11.86 67.51 10.76
CA TYR C 468 -10.78 68.50 10.92
C TYR C 468 -10.97 69.24 12.23
N LYS C 469 -9.89 69.83 12.75
CA LYS C 469 -10.00 70.78 13.86
C LYS C 469 -10.58 70.05 15.09
N MET C 470 -11.45 70.73 15.83
CA MET C 470 -11.98 70.16 17.07
C MET C 470 -13.19 69.25 16.87
N SER C 471 -13.40 68.83 15.62
CA SER C 471 -14.40 67.81 15.30
C SER C 471 -13.92 66.36 15.46
N GLY C 472 -12.62 66.18 15.71
CA GLY C 472 -12.10 64.85 16.00
C GLY C 472 -10.72 64.64 15.42
N SER C 473 -10.16 63.46 15.65
CA SER C 473 -8.98 63.03 14.89
C SER C 473 -9.15 61.58 14.42
N GLY C 474 -8.52 61.24 13.31
CA GLY C 474 -8.67 59.91 12.74
C GLY C 474 -9.96 59.80 11.93
N ARG C 475 -10.07 58.69 11.20
CA ARG C 475 -11.13 58.49 10.22
C ARG C 475 -11.74 57.10 10.43
N GLU C 476 -13.05 57.00 10.32
CA GLU C 476 -13.72 55.71 10.32
C GLU C 476 -14.30 55.38 8.95
N LEU C 477 -14.63 54.11 8.74
CA LEU C 477 -14.98 53.58 7.41
C LEU C 477 -13.82 53.61 6.40
N GLY C 478 -14.03 52.95 5.27
CA GLY C 478 -12.99 52.75 4.26
C GLY C 478 -11.74 52.01 4.72
N GLU C 479 -10.74 51.96 3.84
CA GLU C 479 -9.44 51.41 4.20
C GLU C 479 -8.81 52.16 5.37
N TYR C 480 -9.04 53.47 5.41
CA TYR C 480 -8.47 54.34 6.44
C TYR C 480 -8.93 53.97 7.87
N GLY C 481 -10.16 53.48 7.97
CA GLY C 481 -10.69 53.01 9.25
C GLY C 481 -9.88 51.90 9.91
N LEU C 482 -8.99 51.28 9.14
CA LEU C 482 -8.13 50.20 9.62
C LEU C 482 -6.82 50.67 10.26
N GLN C 483 -6.33 51.84 9.85
CA GLN C 483 -5.03 52.32 10.32
C GLN C 483 -4.93 52.39 11.85
N ALA C 484 -5.97 52.90 12.50
CA ALA C 484 -5.91 53.14 13.96
C ALA C 484 -5.99 51.84 14.76
N TYR C 485 -6.35 50.74 14.10
CA TYR C 485 -6.56 49.44 14.74
C TYR C 485 -5.37 48.50 14.54
N THR C 486 -4.30 49.04 13.95
CA THR C 486 -3.12 48.30 13.53
C THR C 486 -1.87 48.85 14.24
N GLU C 487 -1.01 47.97 14.73
CA GLU C 487 0.35 48.32 15.14
C GLU C 487 1.29 47.77 14.08
N VAL C 488 2.25 48.60 13.64
CA VAL C 488 3.15 48.19 12.57
C VAL C 488 4.48 47.66 13.12
N LYS C 489 4.88 46.45 12.73
CA LYS C 489 6.14 45.90 13.20
C LYS C 489 7.04 45.75 11.97
N THR C 490 8.28 46.24 12.08
CA THR C 490 9.30 46.07 11.05
C THR C 490 10.24 44.96 11.46
N VAL C 491 10.45 44.00 10.56
CA VAL C 491 11.46 42.96 10.77
C VAL C 491 12.53 43.15 9.71
N THR C 492 13.78 43.24 10.16
CA THR C 492 14.90 43.58 9.27
C THR C 492 15.98 42.51 9.44
N VAL C 493 16.19 41.73 8.39
CA VAL C 493 16.96 40.50 8.49
C VAL C 493 18.22 40.60 7.61
N LYS C 494 19.39 40.39 8.20
CA LYS C 494 20.65 40.25 7.45
C LYS C 494 20.57 39.09 6.45
N VAL C 495 20.97 39.34 5.21
CA VAL C 495 21.02 38.27 4.20
C VAL C 495 22.41 38.21 3.55
N PRO C 496 22.75 37.07 2.94
CA PRO C 496 24.07 36.90 2.33
C PRO C 496 24.40 37.98 1.29
N GLN C 497 23.50 38.26 0.37
CA GLN C 497 23.77 39.32 -0.61
C GLN C 497 22.48 39.80 -1.27
N LYS C 498 22.10 41.05 -1.02
CA LYS C 498 20.83 41.55 -1.56
C LYS C 498 20.95 41.80 -3.05
N ASN C 499 19.96 41.32 -3.78
CA ASN C 499 19.80 41.67 -5.19
C ASN C 499 18.39 42.18 -5.45
N SER C 500 18.25 42.96 -6.52
CA SER C 500 16.94 43.48 -6.92
C SER C 500 15.98 42.35 -7.31
N ALA D 7 37.32 56.66 4.35
CA ALA D 7 38.11 57.79 3.76
C ALA D 7 37.37 59.11 3.91
N VAL D 8 37.57 59.70 5.09
CA VAL D 8 36.90 60.91 5.51
C VAL D 8 37.83 62.08 5.18
N PRO D 9 37.28 63.24 4.76
CA PRO D 9 38.15 64.40 4.64
C PRO D 9 38.69 64.80 6.01
N ALA D 10 39.86 65.44 6.03
CA ALA D 10 40.43 66.00 7.25
C ALA D 10 39.42 66.89 7.95
N PRO D 11 39.10 66.59 9.22
CA PRO D 11 38.20 67.45 9.98
C PRO D 11 38.81 68.83 10.19
N ASN D 12 37.96 69.85 10.27
CA ASN D 12 38.32 71.04 11.02
C ASN D 12 38.02 70.80 12.49
N GLN D 13 39.06 70.52 13.29
CA GLN D 13 38.91 70.19 14.72
C GLN D 13 38.37 71.29 15.64
N GLN D 14 38.29 72.52 15.16
CA GLN D 14 37.67 73.63 15.91
C GLN D 14 36.84 74.46 14.93
N PRO D 15 35.78 73.87 14.39
CA PRO D 15 34.91 74.59 13.46
C PRO D 15 34.29 75.84 14.07
N GLU D 16 34.08 76.84 13.24
CA GLU D 16 33.50 78.13 13.63
C GLU D 16 31.98 78.05 13.71
N VAL D 17 31.36 78.92 14.50
CA VAL D 17 29.91 78.97 14.58
C VAL D 17 29.41 80.20 13.85
N PHE D 18 28.43 80.03 12.96
CA PHE D 18 27.85 81.13 12.20
C PHE D 18 26.42 81.41 12.63
N CYS D 19 25.68 80.38 13.04
CA CYS D 19 24.27 80.55 13.36
C CYS D 19 23.97 80.04 14.77
N ASN D 20 23.29 80.87 15.53
CA ASN D 20 23.23 80.68 16.96
C ASN D 20 22.13 81.53 17.56
N GLN D 21 21.21 81.98 16.71
CA GLN D 21 19.98 82.61 17.17
C GLN D 21 18.73 81.85 16.75
N ILE D 22 17.57 82.49 16.93
CA ILE D 22 16.28 81.95 16.55
C ILE D 22 15.99 82.21 15.09
N PHE D 23 15.26 81.30 14.45
CA PHE D 23 14.99 81.38 13.01
C PHE D 23 13.48 81.44 12.77
N ILE D 24 13.02 82.59 12.31
CA ILE D 24 11.63 82.80 11.92
C ILE D 24 11.55 83.60 10.62
N ASN D 25 10.55 83.29 9.80
CA ASN D 25 10.40 83.88 8.47
C ASN D 25 11.70 84.02 7.68
N ASN D 26 12.59 83.04 7.84
CA ASN D 26 13.88 83.07 7.18
C ASN D 26 14.79 84.22 7.63
N GLU D 27 14.44 84.86 8.74
CA GLU D 27 15.32 85.82 9.41
C GLU D 27 15.74 85.34 10.80
N TRP D 28 16.99 85.64 11.16
CA TRP D 28 17.53 85.35 12.47
C TRP D 28 17.09 86.40 13.49
N HIS D 29 16.46 85.95 14.58
CA HIS D 29 16.00 86.85 15.64
C HIS D 29 16.84 86.64 16.90
N ASP D 30 16.96 87.72 17.69
CA ASP D 30 17.20 87.59 19.14
C ASP D 30 15.94 87.06 19.82
N ALA D 31 16.12 86.41 20.96
CA ALA D 31 15.00 86.09 21.85
C ALA D 31 14.33 87.39 22.25
N VAL D 32 13.01 87.37 22.45
CA VAL D 32 12.32 88.58 22.89
C VAL D 32 13.00 89.11 24.15
N SER D 33 13.16 88.23 25.13
CA SER D 33 13.78 88.56 26.41
C SER D 33 15.27 88.83 26.27
N ARG D 34 15.77 88.73 25.05
CA ARG D 34 17.17 88.96 24.73
C ARG D 34 18.13 88.08 25.54
N LYS D 35 17.61 86.99 26.09
CA LYS D 35 18.43 86.09 26.89
C LYS D 35 19.16 85.06 26.03
N THR D 36 20.21 84.47 26.59
CA THR D 36 20.99 83.46 25.87
C THR D 36 21.56 82.42 26.82
N PHE D 37 21.76 81.21 26.31
CA PHE D 37 22.34 80.13 27.08
C PHE D 37 23.53 79.56 26.32
N PRO D 38 24.46 78.96 27.05
CA PRO D 38 25.67 78.41 26.42
C PRO D 38 25.52 76.92 26.11
N THR D 39 26.44 76.40 25.32
CA THR D 39 26.46 74.97 25.01
C THR D 39 27.89 74.47 24.97
N VAL D 40 28.11 73.25 25.46
CA VAL D 40 29.44 72.80 25.82
C VAL D 40 30.02 71.75 24.86
N ASN D 41 31.31 71.87 24.55
CA ASN D 41 32.08 70.74 24.01
C ASN D 41 32.33 69.69 25.10
N PRO D 42 31.52 68.60 25.08
CA PRO D 42 31.58 67.60 26.13
C PRO D 42 32.91 66.86 26.12
N SER D 43 33.73 67.09 25.09
CA SER D 43 35.03 66.45 25.06
C SER D 43 36.03 67.16 25.98
N THR D 44 35.65 68.35 26.44
CA THR D 44 36.56 69.23 27.17
C THR D 44 35.85 69.98 28.31
N GLY D 45 34.53 70.11 28.20
CA GLY D 45 33.78 70.78 29.25
C GLY D 45 33.65 72.26 29.00
N GLU D 46 34.31 72.75 27.94
CA GLU D 46 34.34 74.19 27.63
C GLU D 46 33.13 74.67 26.85
N VAL D 47 32.56 75.80 27.28
CA VAL D 47 31.60 76.54 26.44
C VAL D 47 32.08 76.73 24.99
N ILE D 48 31.18 76.52 24.03
CA ILE D 48 31.50 76.69 22.61
C ILE D 48 31.14 78.12 22.21
N CYS D 49 29.94 78.54 22.60
CA CYS D 49 29.44 79.86 22.28
C CYS D 49 28.10 80.06 22.97
N GLN D 50 27.49 81.23 22.77
CA GLN D 50 26.15 81.48 23.28
C GLN D 50 25.13 81.14 22.19
N VAL D 51 23.85 81.15 22.55
CA VAL D 51 22.74 80.72 21.70
C VAL D 51 21.47 81.35 22.26
N ALA D 52 20.70 82.04 21.42
CA ALA D 52 19.47 82.67 21.88
C ALA D 52 18.64 81.67 22.68
N GLU D 53 18.23 82.07 23.87
CA GLU D 53 17.29 81.26 24.66
C GLU D 53 15.83 81.62 24.33
N GLY D 54 15.27 80.94 23.34
CA GLY D 54 13.85 81.13 22.99
C GLY D 54 12.89 80.72 24.08
N ASP D 55 11.77 81.43 24.16
CA ASP D 55 10.78 81.16 25.19
C ASP D 55 9.41 81.20 24.53
N LYS D 56 8.35 81.11 25.33
CA LYS D 56 6.99 81.11 24.83
C LYS D 56 6.74 82.19 23.78
N GLU D 57 7.07 83.43 24.10
CA GLU D 57 6.74 84.52 23.21
C GLU D 57 7.47 84.40 21.88
N ASP D 58 8.66 83.82 21.91
CA ASP D 58 9.34 83.48 20.69
C ASP D 58 8.55 82.41 19.92
N VAL D 59 7.93 81.49 20.64
CA VAL D 59 7.11 80.43 20.04
C VAL D 59 5.82 80.99 19.44
N ASP D 60 5.20 81.96 20.09
CA ASP D 60 3.99 82.59 19.56
C ASP D 60 4.29 83.24 18.21
N LYS D 61 5.45 83.89 18.12
CA LYS D 61 5.87 84.50 16.86
C LYS D 61 5.99 83.42 15.77
N ALA D 62 6.82 82.41 16.04
CA ALA D 62 7.04 81.28 15.14
C ALA D 62 5.75 80.67 14.61
N VAL D 63 4.76 80.51 15.49
CA VAL D 63 3.52 79.86 15.11
C VAL D 63 2.70 80.72 14.17
N LYS D 64 2.77 82.03 14.38
CA LYS D 64 2.05 82.97 13.52
C LYS D 64 2.69 83.07 12.15
N ALA D 65 4.03 83.03 12.10
CA ALA D 65 4.74 82.94 10.83
C ALA D 65 4.31 81.67 10.09
N ALA D 66 4.29 80.55 10.79
CA ALA D 66 3.83 79.28 10.25
C ALA D 66 2.41 79.35 9.73
N ARG D 67 1.49 79.87 10.55
CA ARG D 67 0.08 79.91 10.16
C ARG D 67 -0.14 80.73 8.88
N ALA D 68 0.58 81.84 8.76
CA ALA D 68 0.45 82.69 7.57
C ALA D 68 0.99 81.97 6.32
N ALA D 69 2.16 81.37 6.44
CA ALA D 69 2.72 80.56 5.37
C ALA D 69 1.83 79.39 4.93
N PHE D 70 0.88 79.01 5.78
CA PHE D 70 -0.08 77.93 5.47
C PHE D 70 -1.40 78.39 4.90
N GLN D 71 -1.57 79.69 4.70
CA GLN D 71 -2.84 80.21 4.23
C GLN D 71 -3.14 79.76 2.81
N LEU D 72 -4.40 79.43 2.57
CA LEU D 72 -4.82 79.04 1.23
C LEU D 72 -4.44 80.17 0.26
N GLY D 73 -3.71 79.84 -0.80
CA GLY D 73 -3.32 80.87 -1.76
C GLY D 73 -1.86 81.26 -1.64
N SER D 74 -1.23 80.91 -0.52
CA SER D 74 0.18 81.22 -0.26
C SER D 74 1.13 80.50 -1.22
N PRO D 75 2.37 80.97 -1.32
CA PRO D 75 3.35 80.28 -2.15
C PRO D 75 3.53 78.81 -1.76
N TRP D 76 3.73 78.51 -0.47
CA TRP D 76 3.82 77.11 -0.02
C TRP D 76 2.60 76.27 -0.35
N ARG D 77 1.41 76.85 -0.29
CA ARG D 77 0.20 76.06 -0.53
C ARG D 77 -0.01 75.83 -2.01
N ARG D 78 0.35 76.81 -2.83
CA ARG D 78 0.12 76.72 -4.26
C ARG D 78 1.19 75.91 -4.98
N MET D 79 2.40 75.93 -4.42
CA MET D 79 3.52 75.18 -4.98
C MET D 79 3.15 73.76 -5.40
N ASP D 80 3.59 73.32 -6.58
CA ASP D 80 3.42 71.93 -7.02
C ASP D 80 4.10 70.97 -6.04
N ALA D 81 3.44 69.85 -5.77
CA ALA D 81 4.00 68.80 -4.94
C ALA D 81 5.42 68.46 -5.39
N SER D 82 5.62 68.30 -6.70
CA SER D 82 6.95 67.89 -7.22
C SER D 82 8.01 68.94 -6.88
N HIS D 83 7.55 70.17 -6.69
CA HIS D 83 8.45 71.26 -6.41
C HIS D 83 8.88 71.27 -4.94
N ARG D 84 7.99 70.84 -4.04
CA ARG D 84 8.38 70.55 -2.66
C ARG D 84 9.52 69.55 -2.66
N GLY D 85 9.39 68.54 -3.52
CA GLY D 85 10.42 67.56 -3.70
C GLY D 85 11.75 68.14 -4.14
N ARG D 86 11.73 69.01 -5.15
CA ARG D 86 12.94 69.67 -5.64
C ARG D 86 13.63 70.43 -4.51
N LEU D 87 12.85 71.14 -3.72
CA LEU D 87 13.36 71.91 -2.58
C LEU D 87 14.04 71.03 -1.51
N LEU D 88 13.39 69.93 -1.13
CA LEU D 88 14.05 68.90 -0.29
C LEU D 88 15.37 68.41 -0.89
N ASN D 89 15.37 68.08 -2.16
CA ASN D 89 16.58 67.67 -2.86
C ASN D 89 17.66 68.75 -2.86
N ARG D 90 17.21 69.99 -2.99
CA ARG D 90 18.11 71.13 -2.98
C ARG D 90 18.67 71.31 -1.57
N LEU D 91 17.81 71.16 -0.57
CA LEU D 91 18.27 71.18 0.81
C LEU D 91 19.35 70.14 1.03
N ALA D 92 19.13 68.92 0.56
CA ALA D 92 20.12 67.85 0.66
C ALA D 92 21.45 68.20 0.00
N ASP D 93 21.38 68.84 -1.16
CA ASP D 93 22.59 69.19 -1.88
C ASP D 93 23.42 70.20 -1.09
N LEU D 94 22.75 71.10 -0.41
CA LEU D 94 23.39 72.14 0.37
C LEU D 94 24.07 71.54 1.60
N ILE D 95 23.46 70.50 2.17
CA ILE D 95 24.08 69.77 3.27
C ILE D 95 25.25 68.91 2.81
N GLU D 96 25.12 68.28 1.65
CA GLU D 96 26.28 67.61 1.12
C GLU D 96 27.46 68.59 0.84
N ARG D 97 27.16 69.81 0.41
CA ARG D 97 28.21 70.81 0.16
C ARG D 97 28.93 71.11 1.47
N ASP D 98 28.16 71.38 2.51
CA ASP D 98 28.71 71.65 3.84
C ASP D 98 28.89 70.42 4.78
N ARG D 99 29.04 69.22 4.22
CA ARG D 99 29.04 67.96 4.99
C ARG D 99 30.21 67.91 5.97
N THR D 100 31.41 68.12 5.43
CA THR D 100 32.63 68.09 6.24
C THR D 100 32.52 69.02 7.44
N TYR D 101 32.13 70.25 7.17
CA TYR D 101 31.89 71.21 8.21
C TYR D 101 30.88 70.66 9.21
N LEU D 102 29.68 70.31 8.72
CA LEU D 102 28.57 69.93 9.60
C LEU D 102 28.92 68.75 10.50
N ALA D 103 29.63 67.79 9.94
CA ALA D 103 30.04 66.61 10.69
C ALA D 103 30.89 67.06 11.88
N ALA D 104 31.86 67.94 11.61
CA ALA D 104 32.76 68.42 12.66
C ALA D 104 32.01 69.22 13.74
N LEU D 105 31.07 70.06 13.31
CA LEU D 105 30.31 70.84 14.29
C LEU D 105 29.40 69.93 15.11
N GLU D 106 28.99 68.81 14.53
CA GLU D 106 28.12 67.89 15.24
C GLU D 106 28.95 67.20 16.31
N THR D 107 30.10 66.65 15.88
CA THR D 107 31.08 66.07 16.80
C THR D 107 31.55 67.05 17.87
N LEU D 108 31.72 68.31 17.50
CA LEU D 108 32.09 69.35 18.47
C LEU D 108 31.01 69.53 19.54
N ASP D 109 29.75 69.51 19.11
CA ASP D 109 28.67 69.93 20.01
C ASP D 109 28.03 68.76 20.75
N ASN D 110 28.30 67.54 20.30
CA ASN D 110 27.60 66.37 20.81
C ASN D 110 28.57 65.40 21.49
N GLY D 111 29.68 65.09 20.84
CA GLY D 111 30.73 64.29 21.45
C GLY D 111 31.09 63.06 20.64
N LYS D 112 30.23 62.70 19.67
CA LYS D 112 30.46 61.52 18.87
C LYS D 112 31.67 61.67 17.95
N PRO D 113 32.34 60.55 17.68
CA PRO D 113 33.49 60.45 16.76
C PRO D 113 33.25 61.07 15.37
N TYR D 114 34.20 61.91 14.94
CA TYR D 114 34.00 62.71 13.74
C TYR D 114 33.82 61.75 12.58
N VAL D 115 34.56 60.66 12.61
CA VAL D 115 34.41 59.63 11.60
C VAL D 115 32.93 59.19 11.49
N ILE D 116 32.29 58.96 12.63
CA ILE D 116 30.92 58.47 12.67
C ILE D 116 29.95 59.58 12.23
N SER D 117 30.10 60.78 12.79
CA SER D 117 29.39 61.95 12.28
C SER D 117 29.39 62.08 10.74
N TYR D 118 30.54 61.85 10.13
CA TYR D 118 30.68 62.05 8.70
C TYR D 118 30.14 60.85 7.93
N LEU D 119 30.52 59.65 8.35
CA LEU D 119 30.19 58.46 7.56
C LEU D 119 28.76 57.95 7.83
N VAL D 120 28.21 58.30 8.98
CA VAL D 120 26.96 57.71 9.45
C VAL D 120 25.90 58.76 9.52
N ASP D 121 25.94 59.58 10.56
CA ASP D 121 24.96 60.64 10.72
C ASP D 121 24.71 61.39 9.40
N LEU D 122 25.72 62.11 8.91
CA LEU D 122 25.50 63.00 7.77
C LEU D 122 24.94 62.24 6.58
N ASP D 123 25.42 61.03 6.41
CA ASP D 123 24.97 60.18 5.35
C ASP D 123 23.46 59.95 5.49
N MET D 124 23.04 59.62 6.70
CA MET D 124 21.66 59.27 6.96
C MET D 124 20.74 60.49 6.84
N VAL D 125 21.23 61.64 7.30
CA VAL D 125 20.59 62.89 6.97
C VAL D 125 20.34 63.06 5.46
N LEU D 126 21.37 62.84 4.65
CA LEU D 126 21.24 63.02 3.21
C LEU D 126 20.24 62.00 2.64
N LYS D 127 20.39 60.74 3.04
CA LYS D 127 19.50 59.71 2.53
C LYS D 127 18.03 59.93 2.91
N CYS D 128 17.81 60.54 4.05
CA CYS D 128 16.46 60.72 4.58
C CYS D 128 15.77 61.80 3.76
N LEU D 129 16.44 62.94 3.59
CA LEU D 129 15.82 64.07 2.93
C LEU D 129 15.58 63.73 1.46
N ARG D 130 16.52 63.03 0.85
CA ARG D 130 16.35 62.58 -0.53
C ARG D 130 15.26 61.53 -0.73
N TYR D 131 15.07 60.67 0.28
CA TYR D 131 14.03 59.65 0.25
C TYR D 131 12.69 60.39 0.31
N TYR D 132 12.55 61.31 1.25
CA TYR D 132 11.26 62.01 1.39
C TYR D 132 10.99 63.00 0.25
N ALA D 133 12.05 63.47 -0.41
CA ALA D 133 11.85 64.33 -1.56
C ALA D 133 11.08 63.55 -2.61
N GLY D 134 11.41 62.27 -2.76
CA GLY D 134 10.73 61.37 -3.67
C GLY D 134 9.24 61.12 -3.39
N TRP D 135 8.82 61.34 -2.14
CA TRP D 135 7.44 61.03 -1.73
C TRP D 135 6.53 62.21 -2.05
N ALA D 136 7.13 63.39 -2.24
CA ALA D 136 6.34 64.63 -2.21
C ALA D 136 5.12 64.55 -3.15
N ASP D 137 5.29 63.91 -4.31
CA ASP D 137 4.20 63.88 -5.30
C ASP D 137 3.66 62.46 -5.59
N LYS D 138 3.70 61.60 -4.58
CA LYS D 138 3.34 60.20 -4.80
C LYS D 138 2.40 59.61 -3.73
N TYR D 139 2.01 60.43 -2.77
CA TYR D 139 1.11 59.99 -1.70
C TYR D 139 -0.34 60.27 -2.07
N HIS D 140 -0.91 59.35 -2.84
CA HIS D 140 -2.19 59.53 -3.50
C HIS D 140 -3.37 59.41 -2.56
N GLY D 141 -4.44 60.17 -2.84
CA GLY D 141 -5.73 59.86 -2.27
C GLY D 141 -6.36 58.76 -3.09
N LYS D 142 -7.66 58.54 -2.89
CA LYS D 142 -8.34 57.39 -3.52
C LYS D 142 -9.60 57.88 -4.25
N THR D 143 -9.99 57.13 -5.28
CA THR D 143 -11.38 57.21 -5.78
C THR D 143 -12.09 55.95 -5.34
N ILE D 144 -13.34 56.11 -4.87
CA ILE D 144 -13.97 55.10 -4.03
C ILE D 144 -15.34 54.67 -4.56
N PRO D 145 -15.52 53.37 -4.81
CA PRO D 145 -16.73 52.91 -5.48
C PRO D 145 -17.92 52.79 -4.50
N ILE D 146 -18.32 53.93 -3.94
CA ILE D 146 -19.39 53.99 -2.95
C ILE D 146 -20.74 53.61 -3.57
N ASP D 147 -21.67 53.13 -2.75
CA ASP D 147 -23.03 52.77 -3.20
C ASP D 147 -23.77 54.00 -3.75
N GLY D 148 -24.63 53.80 -4.73
CA GLY D 148 -25.51 54.90 -5.24
C GLY D 148 -24.90 55.72 -6.37
N ASP D 149 -25.61 56.73 -6.85
CA ASP D 149 -25.08 57.53 -7.97
C ASP D 149 -24.24 58.69 -7.45
N PHE D 150 -23.01 58.37 -7.07
CA PHE D 150 -22.10 59.33 -6.48
C PHE D 150 -20.72 59.04 -7.03
N PHE D 151 -19.90 60.07 -7.08
CA PHE D 151 -18.47 59.94 -7.30
C PHE D 151 -17.88 60.35 -5.95
N SER D 152 -17.14 59.45 -5.31
CA SER D 152 -16.55 59.76 -4.00
C SER D 152 -15.04 59.64 -4.08
N TYR D 153 -14.33 60.63 -3.55
CA TYR D 153 -12.88 60.56 -3.55
C TYR D 153 -12.27 61.19 -2.31
N THR D 154 -10.98 60.93 -2.08
CA THR D 154 -10.28 61.58 -0.98
C THR D 154 -9.12 62.41 -1.48
N ARG D 155 -8.86 63.51 -0.79
CA ARG D 155 -7.62 64.28 -0.98
C ARG D 155 -6.83 64.10 0.29
N HIS D 156 -5.52 63.91 0.12
CA HIS D 156 -4.63 63.99 1.25
C HIS D 156 -4.11 65.41 1.34
N GLU D 157 -4.55 66.14 2.36
CA GLU D 157 -4.10 67.51 2.60
C GLU D 157 -3.12 67.54 3.77
N PRO D 158 -2.36 68.64 3.92
CA PRO D 158 -1.43 68.71 5.05
C PRO D 158 -2.23 68.86 6.34
N VAL D 159 -1.67 68.41 7.45
CA VAL D 159 -2.36 68.60 8.70
C VAL D 159 -2.30 70.08 9.10
N GLY D 160 -1.19 70.75 8.77
CA GLY D 160 -1.11 72.20 9.03
C GLY D 160 0.12 72.63 9.82
N VAL D 161 -0.09 73.34 10.92
CA VAL D 161 1.05 73.75 11.74
C VAL D 161 1.53 72.63 12.65
N CYS D 162 2.77 72.18 12.44
CA CYS D 162 3.32 71.04 13.18
C CYS D 162 4.46 71.45 14.10
N GLY D 163 4.27 71.27 15.39
CA GLY D 163 5.33 71.45 16.35
C GLY D 163 6.17 70.21 16.50
N GLN D 164 7.48 70.37 16.50
CA GLN D 164 8.36 69.24 16.49
C GLN D 164 9.51 69.47 17.45
N ILE D 165 9.63 68.55 18.41
CA ILE D 165 10.61 68.68 19.48
C ILE D 165 11.55 67.49 19.37
N ILE D 166 12.84 67.77 19.20
CA ILE D 166 13.79 66.69 18.94
C ILE D 166 14.98 66.68 19.90
N PRO D 167 15.57 65.49 20.14
CA PRO D 167 16.52 65.33 21.22
C PRO D 167 17.96 65.53 20.77
N TRP D 168 18.90 65.33 21.70
CA TRP D 168 20.28 65.73 21.52
C TRP D 168 21.12 64.56 21.02
N ASN D 169 20.54 63.36 20.97
CA ASN D 169 21.39 62.21 20.68
C ASN D 169 21.81 62.01 19.24
N PHE D 170 20.93 62.39 18.31
CA PHE D 170 21.32 62.53 16.91
C PHE D 170 20.66 63.82 16.44
N PRO D 171 21.32 64.95 16.71
CA PRO D 171 20.69 66.26 16.54
C PRO D 171 20.32 66.53 15.06
N LEU D 172 21.19 66.18 14.12
CA LEU D 172 20.92 66.44 12.71
C LEU D 172 19.97 65.40 12.09
N LEU D 173 20.17 64.14 12.43
CA LEU D 173 19.34 63.07 11.89
C LEU D 173 17.89 63.23 12.35
N MET D 174 17.70 63.53 13.63
CA MET D 174 16.38 63.74 14.18
C MET D 174 15.66 64.93 13.57
N GLN D 175 16.38 66.03 13.33
CA GLN D 175 15.81 67.17 12.59
C GLN D 175 15.39 66.74 11.17
N ALA D 176 16.22 65.97 10.49
CA ALA D 176 15.89 65.47 9.16
C ALA D 176 14.70 64.49 9.13
N TRP D 177 14.70 63.51 10.04
CA TRP D 177 13.54 62.63 10.25
C TRP D 177 12.22 63.35 10.42
N LYS D 178 12.24 64.54 11.04
CA LYS D 178 11.02 65.33 11.24
C LYS D 178 10.66 66.22 10.02
N LEU D 179 11.65 66.96 9.52
CA LEU D 179 11.40 67.87 8.40
C LEU D 179 10.99 67.10 7.15
N GLY D 180 11.68 66.00 6.89
CA GLY D 180 11.44 65.21 5.69
C GLY D 180 9.98 64.94 5.35
N PRO D 181 9.27 64.21 6.22
CA PRO D 181 7.86 63.90 5.93
C PRO D 181 6.93 65.09 6.09
N ALA D 182 7.22 65.98 7.04
CA ALA D 182 6.39 67.16 7.24
C ALA D 182 6.41 68.06 5.99
N LEU D 183 7.59 68.26 5.40
CA LEU D 183 7.69 69.17 4.25
C LEU D 183 7.21 68.48 2.96
N ALA D 184 7.55 67.20 2.83
CA ALA D 184 7.10 66.41 1.70
C ALA D 184 5.58 66.53 1.50
N THR D 185 4.84 66.65 2.59
CA THR D 185 3.37 66.65 2.52
C THR D 185 2.78 68.06 2.70
N GLY D 186 3.64 69.07 2.73
CA GLY D 186 3.15 70.46 2.57
C GLY D 186 2.77 71.12 3.87
N ASN D 187 3.16 70.51 5.00
CA ASN D 187 2.95 71.15 6.29
C ASN D 187 3.93 72.30 6.53
N VAL D 188 3.69 73.06 7.57
CA VAL D 188 4.67 74.05 8.01
C VAL D 188 5.07 73.67 9.44
N VAL D 189 6.26 74.09 9.86
CA VAL D 189 6.92 73.53 11.06
C VAL D 189 7.39 74.58 12.07
N VAL D 190 7.14 74.30 13.36
CA VAL D 190 7.82 75.01 14.44
C VAL D 190 8.63 74.02 15.29
N MET D 191 9.95 74.10 15.23
CA MET D 191 10.83 73.08 15.75
C MET D 191 11.62 73.56 16.97
N LYS D 192 11.56 72.79 18.06
CA LYS D 192 12.40 73.07 19.22
C LYS D 192 13.56 72.09 19.21
N VAL D 193 14.79 72.62 19.26
CA VAL D 193 15.96 71.77 19.32
C VAL D 193 16.46 71.64 20.75
N ALA D 194 17.36 70.68 20.98
CA ALA D 194 17.82 70.42 22.34
C ALA D 194 18.89 71.42 22.77
N GLU D 195 18.77 71.91 24.00
CA GLU D 195 19.73 72.87 24.55
C GLU D 195 21.16 72.32 24.57
N GLN D 196 21.29 71.02 24.68
CA GLN D 196 22.61 70.41 24.67
C GLN D 196 23.23 70.48 23.27
N THR D 197 22.39 70.62 22.24
CA THR D 197 22.86 70.38 20.88
C THR D 197 22.16 71.24 19.81
N PRO D 198 22.11 72.57 20.03
CA PRO D 198 21.23 73.34 19.15
C PRO D 198 21.88 73.78 17.85
N LEU D 199 23.19 73.62 17.72
CA LEU D 199 23.93 74.39 16.71
C LEU D 199 23.79 73.89 15.27
N THR D 200 24.03 72.61 15.04
CA THR D 200 23.92 72.05 13.69
C THR D 200 22.54 72.31 13.09
N ALA D 201 21.52 72.25 13.94
CA ALA D 201 20.13 72.43 13.49
C ALA D 201 19.98 73.83 12.95
N LEU D 202 20.70 74.75 13.58
CA LEU D 202 20.52 76.18 13.28
C LEU D 202 21.24 76.55 12.00
N TYR D 203 22.41 75.97 11.79
CA TYR D 203 23.06 76.11 10.50
C TYR D 203 22.26 75.51 9.35
N VAL D 204 21.54 74.42 9.63
CA VAL D 204 20.71 73.82 8.59
C VAL D 204 19.57 74.75 8.19
N ALA D 205 19.02 75.46 9.17
CA ALA D 205 17.98 76.45 8.90
C ALA D 205 18.43 77.53 7.92
N ASN D 206 19.74 77.80 7.93
CA ASN D 206 20.32 78.74 6.99
C ASN D 206 20.31 78.15 5.60
N LEU D 207 20.54 76.84 5.51
CA LEU D 207 20.50 76.14 4.23
C LEU D 207 19.08 76.03 3.68
N ILE D 208 18.11 75.96 4.58
CA ILE D 208 16.70 75.96 4.24
C ILE D 208 16.30 77.29 3.58
N LYS D 209 16.83 78.38 4.11
CA LYS D 209 16.74 79.70 3.48
C LYS D 209 17.42 79.66 2.11
N GLU D 210 18.68 79.25 2.09
CA GLU D 210 19.43 79.20 0.83
C GLU D 210 18.68 78.36 -0.22
N ALA D 211 18.06 77.26 0.22
CA ALA D 211 17.44 76.28 -0.67
C ALA D 211 16.18 76.81 -1.37
N GLY D 212 15.57 77.82 -0.77
CA GLY D 212 14.51 78.55 -1.44
C GLY D 212 13.13 78.34 -0.83
N PHE D 213 13.08 77.74 0.36
CA PHE D 213 11.83 77.53 1.06
C PHE D 213 11.17 78.85 1.43
N PRO D 214 9.88 79.00 1.12
CA PRO D 214 9.22 80.25 1.48
C PRO D 214 9.35 80.54 2.97
N PRO D 215 9.34 81.83 3.34
CA PRO D 215 9.45 82.23 4.74
C PRO D 215 8.26 81.71 5.54
N GLY D 216 8.54 81.21 6.75
CA GLY D 216 7.49 80.74 7.65
C GLY D 216 7.21 79.25 7.57
N VAL D 217 7.82 78.58 6.60
CA VAL D 217 7.59 77.15 6.41
C VAL D 217 8.30 76.34 7.50
N VAL D 218 9.58 76.64 7.74
CA VAL D 218 10.33 76.09 8.87
C VAL D 218 10.75 77.22 9.82
N ASN D 219 10.40 77.06 11.09
CA ASN D 219 10.76 78.02 12.12
C ASN D 219 11.36 77.26 13.29
N ILE D 220 12.53 77.68 13.76
CA ILE D 220 13.20 76.98 14.85
C ILE D 220 13.41 77.88 16.06
N VAL D 221 13.03 77.40 17.23
CA VAL D 221 13.14 78.14 18.47
C VAL D 221 13.99 77.35 19.45
N PRO D 222 15.31 77.61 19.48
CA PRO D 222 16.15 77.02 20.51
C PRO D 222 15.70 77.48 21.89
N GLY D 223 16.30 76.90 22.93
CA GLY D 223 15.82 77.17 24.27
C GLY D 223 15.59 75.90 25.06
N PHE D 224 14.65 75.95 26.01
CA PHE D 224 14.58 74.97 27.09
C PHE D 224 13.29 74.16 27.01
N GLY D 225 13.35 72.92 27.47
CA GLY D 225 12.19 72.02 27.43
C GLY D 225 11.01 72.63 28.17
N PRO D 226 11.20 72.90 29.48
CA PRO D 226 10.05 73.25 30.29
C PRO D 226 9.38 74.54 29.80
N THR D 227 10.12 75.37 29.08
CA THR D 227 9.63 76.66 28.59
C THR D 227 9.18 76.60 27.13
N ALA D 228 10.14 76.45 26.21
CA ALA D 228 9.82 76.47 24.78
C ALA D 228 8.94 75.28 24.38
N GLY D 229 9.33 74.08 24.81
CA GLY D 229 8.58 72.86 24.53
C GLY D 229 7.12 72.92 24.91
N ALA D 230 6.85 73.18 26.19
CA ALA D 230 5.48 73.20 26.68
C ALA D 230 4.62 74.23 25.94
N ALA D 231 5.28 75.25 25.41
CA ALA D 231 4.57 76.34 24.74
C ALA D 231 4.01 75.87 23.39
N ILE D 232 4.81 75.07 22.69
CA ILE D 232 4.39 74.40 21.46
C ILE D 232 3.24 73.43 21.75
N ALA D 233 3.47 72.55 22.72
CA ALA D 233 2.50 71.51 23.09
C ALA D 233 1.14 72.09 23.38
N SER D 234 1.13 73.29 23.95
CA SER D 234 -0.09 73.85 24.53
C SER D 234 -0.74 74.87 23.62
N HIS D 235 0.01 75.29 22.58
CA HIS D 235 -0.45 76.37 21.74
C HIS D 235 -1.73 76.00 21.04
N GLU D 236 -2.68 76.93 20.99
CA GLU D 236 -4.04 76.62 20.56
C GLU D 236 -4.20 76.58 19.03
N ASP D 237 -3.08 76.73 18.32
CA ASP D 237 -3.11 76.89 16.87
C ASP D 237 -2.06 76.00 16.19
N VAL D 238 -1.36 75.21 17.00
CA VAL D 238 -0.59 74.09 16.50
C VAL D 238 -1.52 72.91 16.27
N ASP D 239 -1.46 72.33 15.08
CA ASP D 239 -2.41 71.29 14.69
C ASP D 239 -1.91 69.90 15.09
N LYS D 240 -0.60 69.72 15.12
CA LYS D 240 0.03 68.45 15.43
C LYS D 240 1.31 68.68 16.19
N VAL D 241 1.54 67.87 17.21
CA VAL D 241 2.84 67.82 17.88
C VAL D 241 3.52 66.47 17.65
N ALA D 242 4.82 66.50 17.39
CA ALA D 242 5.64 65.31 17.35
C ALA D 242 6.79 65.44 18.34
N PHE D 243 6.77 64.58 19.37
CA PHE D 243 7.77 64.62 20.42
C PHE D 243 8.67 63.39 20.38
N THR D 244 9.96 63.63 20.52
CA THR D 244 10.93 62.57 20.71
C THR D 244 11.77 62.92 21.92
N GLY D 245 11.92 61.97 22.84
CA GLY D 245 12.56 62.20 24.15
C GLY D 245 12.23 61.10 25.14
N SER D 246 12.33 61.40 26.44
CA SER D 246 11.94 60.45 27.49
C SER D 246 10.43 60.14 27.47
N THR D 247 10.07 58.94 27.93
CA THR D 247 8.65 58.54 28.10
C THR D 247 7.86 59.47 29.03
N GLU D 248 8.53 59.96 30.07
CA GLU D 248 7.90 60.81 31.08
C GLU D 248 7.47 62.18 30.52
N ILE D 249 8.35 62.81 29.73
CA ILE D 249 8.02 64.08 29.09
C ILE D 249 6.85 63.88 28.12
N GLY D 250 6.84 62.73 27.45
CA GLY D 250 5.79 62.38 26.49
C GLY D 250 4.38 62.34 27.07
N ARG D 251 4.26 62.54 28.37
CA ARG D 251 2.96 62.52 29.04
C ARG D 251 2.39 63.93 29.20
N VAL D 252 3.25 64.85 29.61
CA VAL D 252 2.92 66.27 29.61
C VAL D 252 2.40 66.66 28.22
N ILE D 253 3.08 66.18 27.18
CA ILE D 253 2.74 66.45 25.77
C ILE D 253 1.31 66.03 25.36
N GLN D 254 0.94 64.78 25.67
CA GLN D 254 -0.41 64.28 25.35
C GLN D 254 -1.49 64.89 26.26
N VAL D 255 -1.11 65.25 27.48
CA VAL D 255 -1.98 66.01 28.38
C VAL D 255 -2.23 67.42 27.83
N ALA D 256 -1.17 68.07 27.35
CA ALA D 256 -1.27 69.43 26.80
C ALA D 256 -2.19 69.52 25.58
N ALA D 257 -2.03 68.58 24.65
CA ALA D 257 -2.92 68.47 23.50
C ALA D 257 -4.38 68.24 23.91
N GLY D 258 -4.60 67.39 24.92
CA GLY D 258 -5.93 67.12 25.45
C GLY D 258 -6.59 68.33 26.09
N SER D 259 -5.83 69.03 26.93
CA SER D 259 -6.30 70.27 27.60
C SER D 259 -6.56 71.39 26.61
N SER D 260 -5.68 71.53 25.61
CA SER D 260 -5.82 72.57 24.60
C SER D 260 -6.83 72.19 23.51
N ASN D 261 -6.36 72.04 22.27
CA ASN D 261 -7.24 72.05 21.11
C ASN D 261 -7.53 70.69 20.44
N LEU D 262 -7.11 69.59 21.08
CA LEU D 262 -7.24 68.26 20.49
C LEU D 262 -6.36 68.05 19.25
N LYS D 263 -5.14 68.56 19.31
CA LYS D 263 -4.15 68.34 18.26
C LYS D 263 -3.76 66.87 18.13
N ARG D 264 -3.43 66.45 16.90
CA ARG D 264 -2.93 65.10 16.63
C ARG D 264 -1.51 64.92 17.15
N VAL D 265 -1.27 63.84 17.90
CA VAL D 265 0.03 63.62 18.54
C VAL D 265 0.70 62.34 18.03
N THR D 266 2.00 62.39 17.80
CA THR D 266 2.82 61.19 17.73
C THR D 266 4.07 61.27 18.61
N LEU D 267 4.37 60.18 19.30
CA LEU D 267 5.52 60.14 20.22
C LEU D 267 6.51 59.04 19.86
N GLU D 268 7.79 59.39 19.97
CA GLU D 268 8.91 58.45 19.94
C GLU D 268 9.66 58.56 21.27
N LEU D 269 9.56 57.54 22.11
CA LEU D 269 10.05 57.61 23.48
C LEU D 269 11.13 56.55 23.77
N GLY D 270 11.43 56.32 25.04
CA GLY D 270 12.57 55.47 25.40
C GLY D 270 12.41 53.98 25.13
N GLY D 271 13.31 53.17 25.67
CA GLY D 271 13.22 51.71 25.56
C GLY D 271 14.20 50.99 26.45
N LYS D 272 14.06 49.67 26.59
CA LYS D 272 15.07 48.83 27.23
C LYS D 272 15.27 47.52 26.42
N SER D 273 15.84 47.66 25.23
CA SER D 273 15.66 46.69 24.16
C SER D 273 16.49 45.43 24.32
N PRO D 274 15.83 44.27 24.17
CA PRO D 274 16.47 42.96 24.32
C PRO D 274 17.24 42.51 23.08
N ASN D 275 18.47 42.07 23.31
CA ASN D 275 19.28 41.55 22.25
C ASN D 275 19.62 40.11 22.60
N ILE D 276 19.07 39.18 21.82
CA ILE D 276 19.02 37.76 22.17
C ILE D 276 19.99 36.94 21.32
N ILE D 277 20.98 36.37 21.99
CA ILE D 277 21.95 35.53 21.33
C ILE D 277 21.67 34.07 21.63
N MET D 278 21.17 33.37 20.62
CA MET D 278 20.96 31.92 20.68
C MET D 278 22.28 31.14 20.53
N SER D 279 22.36 29.95 21.13
CA SER D 279 23.64 29.22 21.18
C SER D 279 24.13 28.79 19.79
N ASP D 280 23.29 28.89 18.76
CA ASP D 280 23.75 28.58 17.41
C ASP D 280 24.12 29.82 16.61
N ALA D 281 24.06 31.00 17.23
CA ALA D 281 24.53 32.22 16.58
C ALA D 281 25.98 32.10 16.07
N ASP D 282 26.32 32.92 15.08
CA ASP D 282 27.73 33.13 14.72
C ASP D 282 28.42 33.97 15.80
N MET D 283 29.32 33.34 16.54
CA MET D 283 29.83 33.92 17.79
C MET D 283 30.54 35.26 17.60
N ASP D 284 31.49 35.30 16.68
CA ASP D 284 32.27 36.53 16.46
C ASP D 284 31.35 37.67 16.02
N TRP D 285 30.48 37.35 15.07
CA TRP D 285 29.48 38.34 14.59
C TRP D 285 28.58 38.85 15.71
N ALA D 286 27.98 37.93 16.47
CA ALA D 286 27.12 38.34 17.61
C ALA D 286 27.85 39.16 18.68
N VAL D 287 29.10 38.77 18.97
CA VAL D 287 29.92 39.56 19.89
C VAL D 287 30.10 40.99 19.39
N GLU D 288 30.55 41.13 18.14
CA GLU D 288 30.76 42.45 17.55
C GLU D 288 29.44 43.22 17.49
N GLN D 289 28.39 42.56 17.00
CA GLN D 289 27.09 43.24 16.91
C GLN D 289 26.48 43.66 18.25
N ALA D 290 26.59 42.80 19.26
CA ALA D 290 26.11 43.13 20.61
C ALA D 290 26.90 44.30 21.18
N HIS D 291 28.19 44.33 20.87
CA HIS D 291 29.02 45.44 21.30
C HIS D 291 28.49 46.72 20.65
N PHE D 292 28.37 46.68 19.33
CA PHE D 292 27.75 47.81 18.61
C PHE D 292 26.35 48.12 19.17
N ALA D 293 25.54 47.08 19.34
CA ALA D 293 24.15 47.28 19.73
C ALA D 293 24.02 48.17 20.98
N LEU D 294 24.91 47.97 21.93
CA LEU D 294 24.89 48.72 23.18
C LEU D 294 25.76 49.97 23.13
N PHE D 295 26.99 49.82 22.66
CA PHE D 295 27.99 50.91 22.76
C PHE D 295 27.87 52.00 21.71
N PHE D 296 27.17 51.73 20.62
CA PHE D 296 26.99 52.77 19.60
C PHE D 296 26.49 54.11 20.14
N ASN D 297 27.13 55.18 19.68
CA ASN D 297 26.77 56.53 20.07
C ASN D 297 26.90 56.82 21.55
N GLN D 298 27.96 56.28 22.15
CA GLN D 298 28.20 56.45 23.60
C GLN D 298 27.02 55.88 24.39
N GLY D 299 26.38 54.85 23.81
CA GLY D 299 25.24 54.18 24.42
C GLY D 299 24.01 55.04 24.45
N GLN D 300 24.06 56.19 23.78
CA GLN D 300 22.95 57.14 23.81
C GLN D 300 21.98 56.96 22.62
N CYS D 301 21.19 55.89 22.68
CA CYS D 301 20.26 55.53 21.60
C CYS D 301 19.02 55.01 22.29
N CYS D 302 17.86 55.49 21.86
CA CYS D 302 16.58 55.01 22.33
C CYS D 302 16.43 53.48 22.21
N CYS D 303 17.08 52.88 21.21
CA CYS D 303 16.94 51.45 20.92
C CYS D 303 18.17 50.60 21.29
N ALA D 304 19.03 51.17 22.15
CA ALA D 304 20.20 50.48 22.68
C ALA D 304 19.83 49.09 23.15
N GLY D 305 20.61 48.09 22.73
CA GLY D 305 20.43 46.72 23.21
C GLY D 305 21.00 46.63 24.62
N SER D 306 20.24 47.12 25.59
CA SER D 306 20.71 47.24 26.96
C SER D 306 20.33 46.06 27.85
N ARG D 307 19.70 45.04 27.25
CA ARG D 307 19.63 43.73 27.85
C ARG D 307 20.16 42.71 26.87
N THR D 308 21.40 42.25 27.06
CA THR D 308 21.95 41.20 26.21
C THR D 308 21.68 39.82 26.81
N PHE D 309 20.78 39.07 26.18
CA PHE D 309 20.43 37.74 26.69
C PHE D 309 21.25 36.72 25.95
N VAL D 310 21.89 35.83 26.69
CA VAL D 310 22.81 34.88 26.13
C VAL D 310 22.49 33.47 26.59
N GLN D 311 22.37 32.55 25.64
CA GLN D 311 21.99 31.19 25.99
C GLN D 311 23.12 30.53 26.77
N GLU D 312 22.76 29.73 27.76
CA GLU D 312 23.71 29.35 28.79
C GLU D 312 24.93 28.58 28.29
N ASP D 313 24.76 27.72 27.30
CA ASP D 313 25.89 26.97 26.73
C ASP D 313 27.01 27.85 26.16
N ILE D 314 26.69 29.10 25.83
CA ILE D 314 27.68 29.98 25.23
C ILE D 314 27.98 31.20 26.08
N TYR D 315 27.32 31.28 27.23
CA TYR D 315 27.40 32.46 28.08
C TYR D 315 28.84 32.83 28.46
N ASP D 316 29.60 31.87 28.97
CA ASP D 316 30.97 32.18 29.41
C ASP D 316 31.86 32.68 28.27
N GLU D 317 31.90 31.94 27.15
CA GLU D 317 32.68 32.34 25.98
C GLU D 317 32.27 33.72 25.52
N PHE D 318 30.97 33.99 25.52
CA PHE D 318 30.45 35.22 24.94
C PHE D 318 30.82 36.39 25.82
N VAL D 319 30.69 36.20 27.13
CA VAL D 319 31.01 37.22 28.11
C VAL D 319 32.49 37.65 28.09
N GLU D 320 33.39 36.68 28.00
CA GLU D 320 34.82 36.99 28.03
C GLU D 320 35.25 37.64 26.71
N ARG D 321 34.82 37.05 25.59
CA ARG D 321 34.94 37.74 24.30
C ARG D 321 34.42 39.17 24.38
N SER D 322 33.28 39.36 25.04
CA SER D 322 32.67 40.68 25.12
C SER D 322 33.45 41.62 26.02
N VAL D 323 34.02 41.08 27.09
CA VAL D 323 34.78 41.91 28.04
C VAL D 323 36.09 42.33 27.36
N ALA D 324 36.71 41.40 26.63
CA ALA D 324 37.87 41.72 25.79
C ALA D 324 37.58 42.86 24.79
N ARG D 325 36.47 42.77 24.06
CA ARG D 325 36.14 43.82 23.10
C ARG D 325 35.93 45.15 23.79
N ALA D 326 35.20 45.13 24.90
CA ALA D 326 34.91 46.35 25.63
C ALA D 326 36.17 46.96 26.27
N LYS D 327 37.17 46.14 26.53
CA LYS D 327 38.41 46.66 27.09
C LYS D 327 39.29 47.26 25.99
N SER D 328 39.30 46.61 24.83
CA SER D 328 40.04 47.11 23.68
C SER D 328 39.36 48.29 23.00
N ARG D 329 38.15 48.65 23.43
CA ARG D 329 37.43 49.80 22.91
C ARG D 329 38.15 51.10 23.29
N VAL D 330 38.43 51.93 22.30
CA VAL D 330 39.25 53.14 22.54
C VAL D 330 38.38 54.36 22.85
N VAL D 331 38.55 54.93 24.05
CA VAL D 331 37.86 56.14 24.46
C VAL D 331 38.81 57.34 24.31
N GLY D 332 38.27 58.53 24.08
CA GLY D 332 39.08 59.73 23.93
C GLY D 332 38.65 60.68 22.83
N ASN D 333 39.52 61.64 22.54
CA ASN D 333 39.23 62.76 21.65
C ASN D 333 38.47 62.27 20.42
N PRO D 334 37.27 62.85 20.17
CA PRO D 334 36.42 62.38 19.05
C PRO D 334 36.95 62.72 17.65
N PHE D 335 37.85 63.68 17.57
CA PHE D 335 38.50 64.01 16.29
C PHE D 335 39.65 63.06 15.92
N ASP D 336 40.01 62.17 16.83
CA ASP D 336 41.14 61.29 16.64
C ASP D 336 40.69 60.04 15.88
N SER D 337 41.28 59.78 14.73
CA SER D 337 40.72 58.70 13.90
C SER D 337 40.72 57.34 14.63
N LYS D 338 41.38 57.26 15.79
CA LYS D 338 41.53 56.01 16.54
C LYS D 338 40.36 55.79 17.50
N THR D 339 39.74 56.88 17.93
CA THR D 339 38.60 56.86 18.82
C THR D 339 37.38 56.07 18.29
N GLU D 340 36.90 55.12 19.08
CA GLU D 340 35.62 54.46 18.86
C GLU D 340 34.52 55.16 19.68
N GLN D 341 34.88 55.71 20.83
CA GLN D 341 33.89 56.26 21.76
C GLN D 341 34.29 57.62 22.28
N GLY D 342 33.38 58.57 22.14
CA GLY D 342 33.57 59.91 22.69
C GLY D 342 32.97 60.01 24.06
N PRO D 343 32.74 61.26 24.54
CA PRO D 343 32.11 61.55 25.82
C PRO D 343 30.60 61.42 25.77
N GLN D 344 29.98 61.39 26.97
CA GLN D 344 28.54 61.53 27.14
C GLN D 344 28.17 62.97 26.92
N VAL D 345 26.90 63.22 26.58
CA VAL D 345 26.52 64.51 26.00
C VAL D 345 26.82 65.70 26.91
N ASP D 346 26.66 65.50 28.22
CA ASP D 346 26.63 66.62 29.17
C ASP D 346 26.94 66.15 30.60
N GLU D 347 26.91 67.06 31.58
CA GLU D 347 27.26 66.73 32.96
C GLU D 347 26.23 65.83 33.66
N THR D 348 24.95 66.24 33.61
CA THR D 348 23.88 65.42 34.13
C THR D 348 23.94 63.94 33.72
N GLN D 349 24.01 63.68 32.43
CA GLN D 349 24.01 62.30 31.95
C GLN D 349 25.26 61.55 32.42
N PHE D 350 26.40 62.25 32.39
CA PHE D 350 27.61 61.82 33.09
C PHE D 350 27.28 61.23 34.47
N LYS D 351 26.67 62.04 35.33
CA LYS D 351 26.46 61.70 36.72
C LYS D 351 25.43 60.57 36.80
N LYS D 352 24.26 60.82 36.23
CA LYS D 352 23.23 59.80 36.05
C LYS D 352 23.85 58.44 35.71
N ILE D 353 24.62 58.35 34.64
CA ILE D 353 25.25 57.09 34.27
C ILE D 353 26.11 56.49 35.38
N LEU D 354 26.90 57.32 36.05
CA LEU D 354 27.81 56.85 37.11
C LEU D 354 27.03 56.34 38.31
N GLY D 355 25.98 57.06 38.66
CA GLY D 355 24.98 56.65 39.64
C GLY D 355 24.41 55.26 39.37
N TYR D 356 23.94 55.05 38.14
CA TYR D 356 23.44 53.74 37.69
C TYR D 356 24.51 52.66 37.81
N ILE D 357 25.76 53.00 37.51
CA ILE D 357 26.82 52.01 37.64
C ILE D 357 27.00 51.61 39.11
N ASN D 358 26.77 52.58 39.99
CA ASN D 358 26.90 52.35 41.42
C ASN D 358 25.77 51.44 41.89
N THR D 359 24.54 51.85 41.63
CA THR D 359 23.34 51.04 41.85
C THR D 359 23.50 49.59 41.40
N GLY D 360 24.06 49.39 40.21
CA GLY D 360 24.32 48.05 39.72
C GLY D 360 25.33 47.27 40.56
N LYS D 361 26.35 47.94 41.07
CA LYS D 361 27.34 47.28 41.92
C LYS D 361 26.73 46.93 43.28
N GLN D 362 25.88 47.83 43.77
CA GLN D 362 25.15 47.66 45.03
C GLN D 362 24.12 46.54 45.00
N GLU D 363 23.61 46.22 43.81
CA GLU D 363 22.42 45.37 43.70
C GLU D 363 22.75 43.94 43.37
N GLY D 364 24.02 43.66 43.11
CA GLY D 364 24.47 42.28 42.97
C GLY D 364 25.13 41.93 41.65
N ALA D 365 25.08 42.86 40.69
CA ALA D 365 25.60 42.53 39.37
C ALA D 365 27.10 42.40 39.45
N LYS D 366 27.65 41.44 38.71
CA LYS D 366 29.10 41.30 38.57
C LYS D 366 29.70 42.39 37.64
N LEU D 367 30.36 43.39 38.22
CA LEU D 367 31.18 44.33 37.44
C LEU D 367 32.37 43.63 36.77
N LEU D 368 32.35 43.54 35.45
CA LEU D 368 33.35 42.75 34.73
C LEU D 368 34.51 43.59 34.16
N CYS D 369 34.24 44.85 33.89
CA CYS D 369 35.24 45.79 33.39
C CYS D 369 34.68 47.21 33.46
N GLY D 370 35.58 48.20 33.39
CA GLY D 370 35.18 49.59 33.49
C GLY D 370 34.61 49.89 34.86
N GLY D 371 33.65 50.80 34.93
CA GLY D 371 32.91 51.00 36.16
C GLY D 371 33.00 52.44 36.65
N GLY D 372 33.87 53.24 36.06
CA GLY D 372 33.90 54.66 36.38
C GLY D 372 34.45 55.58 35.31
N ILE D 373 34.88 56.76 35.75
CA ILE D 373 35.32 57.85 34.86
C ILE D 373 36.54 57.42 34.05
N ALA D 374 36.59 57.85 32.79
CA ALA D 374 37.62 57.39 31.87
C ALA D 374 38.67 58.46 31.58
N ALA D 375 38.44 59.66 32.10
CA ALA D 375 39.41 60.75 32.02
C ALA D 375 38.93 61.98 32.77
N ASP D 376 39.86 62.85 33.16
CA ASP D 376 39.61 63.83 34.23
C ASP D 376 38.94 65.11 33.73
N ARG D 377 38.74 65.18 32.41
CA ARG D 377 38.20 66.37 31.77
C ARG D 377 37.29 65.95 30.62
N GLY D 378 36.11 66.55 30.56
CA GLY D 378 35.07 66.10 29.63
C GLY D 378 34.31 64.95 30.23
N TYR D 379 33.20 64.55 29.62
CA TYR D 379 32.31 63.60 30.27
C TYR D 379 32.56 62.18 29.79
N PHE D 380 33.77 61.70 30.01
CA PHE D 380 34.19 60.41 29.48
C PHE D 380 33.93 59.28 30.52
N ILE D 381 33.35 58.18 30.08
CA ILE D 381 33.05 57.06 30.98
C ILE D 381 33.57 55.77 30.41
N GLN D 382 34.17 54.93 31.24
CA GLN D 382 34.74 53.70 30.74
C GLN D 382 33.63 52.82 30.17
N PRO D 383 33.92 52.12 29.08
CA PRO D 383 33.13 50.96 28.64
C PRO D 383 32.95 49.99 29.80
N THR D 384 31.71 49.86 30.27
CA THR D 384 31.37 49.03 31.44
C THR D 384 30.49 47.83 31.07
N VAL D 385 30.90 46.65 31.52
CA VAL D 385 30.10 45.43 31.36
C VAL D 385 29.65 44.94 32.74
N PHE D 386 28.35 44.72 32.92
CA PHE D 386 27.83 43.97 34.06
C PHE D 386 27.41 42.57 33.66
N GLY D 387 27.99 41.57 34.32
CA GLY D 387 27.58 40.17 34.16
C GLY D 387 26.58 39.70 35.20
N ASP D 388 25.90 38.59 34.90
CA ASP D 388 24.91 37.99 35.80
C ASP D 388 23.74 38.89 36.18
N VAL D 389 23.27 39.70 35.24
CA VAL D 389 22.18 40.59 35.59
C VAL D 389 20.88 39.81 35.71
N GLN D 390 20.02 40.25 36.63
CA GLN D 390 18.74 39.61 36.89
C GLN D 390 17.63 40.59 36.55
N ASP D 391 16.52 40.05 36.05
CA ASP D 391 15.39 40.84 35.60
C ASP D 391 14.94 41.89 36.61
N GLY D 392 15.12 41.60 37.90
CA GLY D 392 14.59 42.48 38.93
C GLY D 392 15.47 43.70 39.21
N MET D 393 16.76 43.61 38.84
CA MET D 393 17.74 44.67 39.09
C MET D 393 17.37 45.96 38.34
N THR D 394 17.68 47.09 38.96
CA THR D 394 17.34 48.38 38.41
C THR D 394 18.01 48.61 37.06
N ILE D 395 19.20 48.05 36.88
CA ILE D 395 19.94 48.21 35.64
C ILE D 395 19.44 47.28 34.53
N ALA D 396 18.54 46.36 34.85
CA ALA D 396 17.83 45.61 33.83
C ALA D 396 16.48 46.23 33.55
N LYS D 397 16.11 47.24 34.30
CA LYS D 397 14.77 47.80 34.16
C LYS D 397 14.79 49.20 33.56
N GLU D 398 15.78 49.99 33.95
CA GLU D 398 15.75 51.42 33.61
C GLU D 398 16.77 51.75 32.52
N GLU D 399 16.35 52.58 31.56
CA GLU D 399 17.20 52.97 30.43
C GLU D 399 18.30 53.85 30.99
N ILE D 400 19.54 53.41 30.86
CA ILE D 400 20.67 54.16 31.38
C ILE D 400 21.09 55.27 30.41
N PHE D 401 21.23 54.90 29.13
CA PHE D 401 21.58 55.83 28.06
C PHE D 401 23.09 56.09 28.10
N GLY D 402 23.85 55.02 28.31
CA GLY D 402 25.26 55.17 28.62
C GLY D 402 25.96 53.91 28.21
N PRO D 403 27.30 53.90 28.28
CA PRO D 403 28.13 52.80 27.83
C PRO D 403 28.23 51.71 28.91
N VAL D 404 27.06 51.19 29.31
CA VAL D 404 26.96 50.17 30.37
C VAL D 404 26.15 48.98 29.84
N MET D 405 26.84 47.88 29.57
CA MET D 405 26.25 46.70 28.99
C MET D 405 25.72 45.72 30.07
N GLN D 406 24.55 45.14 29.84
CA GLN D 406 23.93 44.14 30.75
C GLN D 406 23.89 42.76 30.09
N ILE D 407 24.58 41.78 30.68
CA ILE D 407 24.52 40.43 30.15
C ILE D 407 23.75 39.51 31.11
N LEU D 408 22.74 38.83 30.56
CA LEU D 408 21.83 37.98 31.33
C LEU D 408 21.86 36.58 30.76
N LYS D 409 21.75 35.59 31.62
CA LYS D 409 21.81 34.21 31.19
C LYS D 409 20.39 33.68 31.02
N PHE D 410 20.16 32.87 29.99
CA PHE D 410 18.86 32.24 29.85
C PHE D 410 19.07 30.85 29.30
N LYS D 411 18.03 30.02 29.38
CA LYS D 411 18.12 28.64 28.93
C LYS D 411 17.29 28.30 27.68
N THR D 412 16.01 28.63 27.68
CA THR D 412 15.12 28.16 26.60
C THR D 412 14.65 29.32 25.73
N ILE D 413 14.21 28.99 24.53
CA ILE D 413 13.64 29.98 23.65
C ILE D 413 12.34 30.59 24.21
N GLU D 414 11.51 29.77 24.86
CA GLU D 414 10.28 30.27 25.47
C GLU D 414 10.59 31.18 26.65
N GLU D 415 11.57 30.80 27.45
CA GLU D 415 12.01 31.62 28.56
C GLU D 415 12.45 33.04 28.10
N VAL D 416 13.31 33.11 27.09
CA VAL D 416 13.82 34.40 26.63
C VAL D 416 12.74 35.29 26.04
N VAL D 417 11.79 34.69 25.32
CA VAL D 417 10.65 35.45 24.80
C VAL D 417 9.91 36.16 25.92
N GLY D 418 9.54 35.40 26.95
CA GLY D 418 8.75 35.99 28.04
C GLY D 418 9.49 37.06 28.81
N ARG D 419 10.79 36.84 29.06
CA ARG D 419 11.57 37.80 29.81
C ARG D 419 11.83 39.04 28.96
N ALA D 420 12.15 38.84 27.68
CA ALA D 420 12.29 39.95 26.74
C ALA D 420 11.04 40.83 26.73
N ASN D 421 9.87 40.20 26.60
CA ASN D 421 8.59 40.90 26.51
C ASN D 421 8.05 41.48 27.81
N ASN D 422 8.61 41.07 28.95
CA ASN D 422 8.12 41.53 30.24
C ASN D 422 8.70 42.90 30.58
N SER D 423 8.06 43.93 30.05
CA SER D 423 8.61 45.28 30.04
C SER D 423 7.50 46.21 29.55
N THR D 424 7.48 47.43 30.10
CA THR D 424 6.59 48.49 29.59
C THR D 424 7.16 49.23 28.36
N TYR D 425 8.38 48.87 27.94
CA TYR D 425 8.97 49.34 26.69
C TYR D 425 8.75 48.33 25.57
N GLY D 426 8.86 48.78 24.33
CA GLY D 426 8.75 47.88 23.18
C GLY D 426 9.17 48.56 21.90
N LEU D 427 10.37 49.14 21.91
CA LEU D 427 10.87 49.90 20.76
C LEU D 427 11.54 48.98 19.76
N ALA D 428 12.44 48.14 20.27
CA ALA D 428 13.25 47.30 19.40
C ALA D 428 13.68 46.02 20.12
N ALA D 429 14.18 45.06 19.34
CA ALA D 429 14.72 43.83 19.86
C ALA D 429 15.54 43.23 18.74
N ALA D 430 16.39 42.27 19.09
CA ALA D 430 17.14 41.56 18.07
C ALA D 430 17.33 40.10 18.47
N VAL D 431 17.53 39.28 17.46
CA VAL D 431 17.73 37.86 17.59
C VAL D 431 18.97 37.52 16.76
N PHE D 432 19.93 36.80 17.34
CA PHE D 432 21.04 36.24 16.59
C PHE D 432 20.97 34.73 16.65
N THR D 433 20.85 34.12 15.48
CA THR D 433 20.71 32.68 15.32
C THR D 433 20.86 32.28 13.83
N LYS D 434 21.24 31.06 13.57
CA LYS D 434 21.33 30.57 12.19
C LYS D 434 20.07 29.80 11.80
N ASP D 435 19.19 29.58 12.76
CA ASP D 435 18.07 28.69 12.50
C ASP D 435 16.84 29.41 12.00
N LEU D 436 16.33 29.00 10.85
CA LEU D 436 15.17 29.64 10.24
C LEU D 436 13.98 29.73 11.21
N ASP D 437 13.57 28.59 11.76
CA ASP D 437 12.40 28.55 12.66
C ASP D 437 12.55 29.40 13.92
N LYS D 438 13.73 29.37 14.52
CA LYS D 438 13.99 30.19 15.72
C LYS D 438 13.86 31.68 15.42
N ALA D 439 14.35 32.10 14.27
CA ALA D 439 14.24 33.50 13.85
C ALA D 439 12.79 33.93 13.65
N ASN D 440 12.04 33.15 12.89
CA ASN D 440 10.62 33.43 12.71
C ASN D 440 9.81 33.32 14.01
N TYR D 441 10.13 32.34 14.84
CA TYR D 441 9.40 32.22 16.11
C TYR D 441 9.60 33.51 16.92
N LEU D 442 10.85 33.92 17.04
CA LEU D 442 11.20 35.09 17.84
C LEU D 442 10.75 36.41 17.24
N SER D 443 10.90 36.61 15.93
CA SER D 443 10.46 37.87 15.33
C SER D 443 8.95 38.05 15.44
N GLN D 444 8.18 36.95 15.36
CA GLN D 444 6.75 37.04 15.61
C GLN D 444 6.36 37.30 17.07
N ALA D 445 6.98 36.59 18.01
CA ALA D 445 6.53 36.67 19.41
C ALA D 445 7.04 37.91 20.17
N LEU D 446 8.12 38.51 19.68
CA LEU D 446 8.70 39.67 20.34
C LEU D 446 7.78 40.89 20.19
N GLN D 447 7.50 41.57 21.30
CA GLN D 447 6.58 42.71 21.28
C GLN D 447 7.34 44.03 21.09
N ALA D 448 7.86 44.24 19.89
CA ALA D 448 8.74 45.39 19.66
C ALA D 448 8.40 46.00 18.32
N GLY D 449 8.63 47.30 18.17
CA GLY D 449 8.33 48.01 16.91
C GLY D 449 9.25 47.58 15.79
N THR D 450 10.50 47.28 16.13
CA THR D 450 11.48 46.79 15.15
C THR D 450 12.18 45.56 15.73
N VAL D 451 12.23 44.48 14.96
CA VAL D 451 13.03 43.33 15.33
C VAL D 451 14.13 43.09 14.28
N TRP D 452 15.38 43.16 14.71
CA TRP D 452 16.52 42.86 13.85
C TRP D 452 16.91 41.39 13.96
N VAL D 453 17.25 40.77 12.84
CA VAL D 453 17.70 39.38 12.83
C VAL D 453 19.14 39.32 12.34
N ASN D 454 20.06 38.92 13.21
CA ASN D 454 21.49 38.88 12.89
C ASN D 454 22.10 40.23 12.52
N CYS D 455 21.57 41.29 13.10
CA CYS D 455 22.12 42.63 12.92
C CYS D 455 21.49 43.44 14.03
N TYR D 456 21.84 44.73 14.07
CA TYR D 456 21.32 45.65 15.08
C TYR D 456 21.43 47.08 14.54
N ASP D 457 20.48 47.94 14.89
CA ASP D 457 20.58 49.37 14.53
C ASP D 457 20.60 49.58 13.03
N VAL D 458 19.87 48.74 12.31
CA VAL D 458 19.78 48.86 10.86
C VAL D 458 18.52 49.64 10.52
N PHE D 459 18.72 50.89 10.11
CA PHE D 459 17.62 51.77 9.76
C PHE D 459 17.73 52.12 8.29
N GLY D 460 16.59 52.24 7.62
CA GLY D 460 16.58 52.79 6.27
C GLY D 460 15.50 53.84 6.23
N ALA D 461 15.69 54.89 5.45
CA ALA D 461 14.65 55.91 5.36
C ALA D 461 13.32 55.24 4.91
N GLN D 462 13.46 54.07 4.26
CA GLN D 462 12.35 53.30 3.70
C GLN D 462 11.55 52.52 4.77
N SER D 463 12.18 52.25 5.91
CA SER D 463 11.61 51.32 6.89
C SER D 463 11.05 52.05 8.12
N PRO D 464 9.74 51.92 8.40
CA PRO D 464 9.17 52.64 9.53
C PRO D 464 9.82 52.21 10.86
N PHE D 465 9.72 53.11 11.83
CA PHE D 465 10.36 52.95 13.13
C PHE D 465 9.53 53.68 14.16
N GLY D 466 9.35 53.06 15.32
CA GLY D 466 8.43 53.55 16.33
C GLY D 466 8.13 52.45 17.33
N GLY D 467 7.48 52.80 18.43
CA GLY D 467 7.33 51.88 19.54
C GLY D 467 5.94 51.27 19.67
N TYR D 468 5.94 50.08 20.26
CA TYR D 468 4.82 49.53 21.01
C TYR D 468 4.78 50.15 22.41
N LYS D 469 3.62 50.02 23.07
CA LYS D 469 3.51 50.21 24.51
C LYS D 469 3.87 51.64 24.90
N MET D 470 4.68 51.79 25.94
CA MET D 470 5.09 53.11 26.43
C MET D 470 6.30 53.72 25.69
N SER D 471 6.72 53.06 24.63
CA SER D 471 7.84 53.55 23.82
C SER D 471 7.38 54.51 22.73
N GLY D 472 6.09 54.79 22.67
CA GLY D 472 5.57 55.79 21.73
C GLY D 472 4.27 55.39 21.05
N SER D 473 3.86 56.18 20.07
CA SER D 473 2.76 55.82 19.17
C SER D 473 2.93 56.52 17.81
N GLY D 474 2.41 55.88 16.77
CA GLY D 474 2.69 56.29 15.39
C GLY D 474 4.04 55.79 14.90
N ARG D 475 4.35 56.08 13.63
CA ARG D 475 5.59 55.61 13.00
C ARG D 475 6.34 56.72 12.25
N GLU D 476 7.67 56.64 12.26
CA GLU D 476 8.50 57.50 11.42
C GLU D 476 9.28 56.71 10.36
N LEU D 477 9.77 57.44 9.36
CA LEU D 477 10.34 56.87 8.14
C LEU D 477 9.32 56.09 7.29
N GLY D 478 9.77 55.61 6.13
CA GLY D 478 8.92 54.98 5.13
C GLY D 478 7.65 55.73 4.76
N GLU D 479 6.85 55.11 3.92
CA GLU D 479 5.49 55.53 3.64
C GLU D 479 4.69 55.88 4.90
N TYR D 480 4.81 55.05 5.93
CA TYR D 480 4.01 55.26 7.14
C TYR D 480 4.25 56.62 7.80
N GLY D 481 5.48 57.13 7.71
CA GLY D 481 5.79 58.45 8.26
C GLY D 481 4.97 59.58 7.67
N LEU D 482 4.37 59.35 6.50
CA LEU D 482 3.45 60.33 5.91
C LEU D 482 2.04 60.37 6.54
N GLN D 483 1.62 59.26 7.15
CA GLN D 483 0.25 59.16 7.69
C GLN D 483 -0.09 60.22 8.74
N ALA D 484 0.84 60.42 9.68
CA ALA D 484 0.64 61.42 10.73
C ALA D 484 0.66 62.84 10.20
N TYR D 485 1.22 63.05 9.02
CA TYR D 485 1.35 64.41 8.49
C TYR D 485 0.29 64.83 7.48
N THR D 486 -0.75 64.00 7.36
CA THR D 486 -1.77 64.09 6.31
C THR D 486 -3.14 64.14 6.99
N GLU D 487 -3.99 65.04 6.53
CA GLU D 487 -5.40 65.04 6.93
C GLU D 487 -6.22 64.55 5.72
N VAL D 488 -7.10 63.60 5.95
CA VAL D 488 -7.87 63.01 4.85
C VAL D 488 -9.21 63.72 4.68
N LYS D 489 -9.44 64.27 3.50
CA LYS D 489 -10.76 64.83 3.21
C LYS D 489 -11.50 63.97 2.17
N THR D 490 -12.76 63.66 2.45
CA THR D 490 -13.59 62.93 1.53
C THR D 490 -14.50 63.92 0.78
N VAL D 491 -14.59 63.79 -0.53
CA VAL D 491 -15.51 64.62 -1.31
C VAL D 491 -16.42 63.66 -2.06
N THR D 492 -17.72 63.84 -1.87
CA THR D 492 -18.72 62.93 -2.40
C THR D 492 -19.74 63.72 -3.23
N VAL D 493 -19.82 63.38 -4.50
CA VAL D 493 -20.47 64.22 -5.49
C VAL D 493 -21.63 63.45 -6.09
N LYS D 494 -22.82 64.03 -6.03
CA LYS D 494 -23.98 63.45 -6.74
C LYS D 494 -23.71 63.48 -8.25
N VAL D 495 -23.91 62.34 -8.92
CA VAL D 495 -23.75 62.26 -10.38
C VAL D 495 -25.03 61.77 -11.05
N PRO D 496 -25.20 62.06 -12.34
CA PRO D 496 -26.45 61.68 -13.01
C PRO D 496 -26.76 60.18 -12.99
N GLN D 497 -25.75 59.35 -13.27
CA GLN D 497 -25.93 57.89 -13.17
C GLN D 497 -24.58 57.18 -13.00
N LYS D 498 -24.36 56.57 -11.85
CA LYS D 498 -23.13 55.80 -11.59
C LYS D 498 -23.05 54.52 -12.43
N ASN D 499 -21.93 54.34 -13.13
CA ASN D 499 -21.62 53.06 -13.75
C ASN D 499 -20.23 52.64 -13.34
N SER D 500 -19.94 51.34 -13.49
CA SER D 500 -18.66 50.79 -13.09
C SER D 500 -17.56 51.23 -14.05
N ALA E 7 39.84 -54.02 6.46
CA ALA E 7 41.15 -54.31 5.76
C ALA E 7 40.93 -55.39 4.73
N VAL E 8 41.51 -55.24 3.55
CA VAL E 8 41.40 -56.30 2.54
C VAL E 8 42.47 -57.36 2.81
N PRO E 9 42.05 -58.61 3.11
CA PRO E 9 42.99 -59.72 3.28
C PRO E 9 43.75 -60.01 1.98
N ALA E 10 45.02 -60.36 2.13
CA ALA E 10 45.83 -60.78 0.99
C ALA E 10 45.10 -61.88 0.23
N PRO E 11 45.11 -61.81 -1.10
CA PRO E 11 44.45 -62.86 -1.82
C PRO E 11 45.37 -64.07 -2.02
N ASN E 12 44.78 -65.26 -2.00
CA ASN E 12 45.32 -66.39 -2.72
C ASN E 12 45.16 -66.18 -4.22
N GLN E 13 46.27 -66.06 -4.94
CA GLN E 13 46.22 -65.74 -6.35
C GLN E 13 46.00 -66.93 -7.27
N GLN E 14 46.06 -68.14 -6.73
CA GLN E 14 45.68 -69.33 -7.50
C GLN E 14 44.68 -70.19 -6.73
N PRO E 15 43.48 -69.64 -6.46
CA PRO E 15 42.53 -70.35 -5.60
C PRO E 15 42.20 -71.70 -6.20
N GLU E 16 42.10 -72.72 -5.34
CA GLU E 16 41.71 -74.06 -5.79
C GLU E 16 40.23 -74.13 -6.13
N VAL E 17 39.89 -74.89 -7.16
CA VAL E 17 38.51 -75.08 -7.59
C VAL E 17 37.93 -76.39 -7.07
N PHE E 18 36.76 -76.32 -6.45
CA PHE E 18 36.18 -77.44 -5.71
C PHE E 18 34.92 -77.96 -6.35
N CYS E 19 34.19 -77.08 -7.03
CA CYS E 19 32.93 -77.46 -7.66
C CYS E 19 32.94 -77.05 -9.13
N ASN E 20 32.56 -77.99 -9.99
CA ASN E 20 32.56 -77.75 -11.42
C ASN E 20 31.58 -78.63 -12.15
N GLN E 21 30.54 -79.09 -11.46
CA GLN E 21 29.54 -79.96 -12.06
C GLN E 21 28.16 -79.35 -11.94
N ILE E 22 27.14 -80.10 -12.36
CA ILE E 22 25.75 -79.68 -12.20
C ILE E 22 25.22 -79.99 -10.79
N PHE E 23 24.54 -79.00 -10.19
CA PHE E 23 24.03 -79.08 -8.80
C PHE E 23 22.54 -79.35 -8.88
N ILE E 24 22.16 -80.58 -8.53
CA ILE E 24 20.76 -80.98 -8.51
C ILE E 24 20.48 -81.77 -7.23
N ASN E 25 19.38 -81.42 -6.56
CA ASN E 25 19.00 -82.07 -5.31
C ASN E 25 20.10 -82.08 -4.26
N ASN E 26 20.83 -80.97 -4.15
CA ASN E 26 21.99 -80.84 -3.28
C ASN E 26 23.12 -81.86 -3.57
N GLU E 27 23.13 -82.41 -4.78
CA GLU E 27 24.22 -83.30 -5.21
C GLU E 27 24.86 -82.83 -6.51
N TRP E 28 26.10 -83.24 -6.73
CA TRP E 28 26.91 -82.83 -7.87
C TRP E 28 26.83 -83.88 -8.98
N HIS E 29 26.48 -83.46 -10.19
CA HIS E 29 26.22 -84.39 -11.29
C HIS E 29 27.05 -83.98 -12.51
N ASP E 30 27.67 -84.95 -13.18
CA ASP E 30 28.12 -84.74 -14.56
C ASP E 30 26.91 -84.52 -15.46
N ALA E 31 27.12 -83.84 -16.58
CA ALA E 31 26.10 -83.77 -17.63
C ALA E 31 25.77 -85.16 -18.12
N VAL E 32 24.51 -85.37 -18.48
CA VAL E 32 24.05 -86.66 -18.97
C VAL E 32 24.90 -87.10 -20.16
N SER E 33 25.35 -86.13 -20.97
CA SER E 33 26.17 -86.40 -22.15
C SER E 33 27.64 -86.57 -21.81
N ARG E 34 28.00 -86.32 -20.56
CA ARG E 34 29.40 -86.37 -20.11
C ARG E 34 30.30 -85.27 -20.67
N LYS E 35 29.79 -84.44 -21.56
CA LYS E 35 30.62 -83.38 -22.12
C LYS E 35 31.00 -82.33 -21.09
N THR E 36 32.13 -81.66 -21.29
CA THR E 36 32.47 -80.50 -20.49
C THR E 36 32.85 -79.32 -21.39
N PHE E 37 33.05 -78.16 -20.78
CA PHE E 37 33.59 -77.00 -21.48
C PHE E 37 34.62 -76.33 -20.59
N PRO E 38 35.60 -75.65 -21.19
CA PRO E 38 36.62 -74.96 -20.42
C PRO E 38 36.14 -73.57 -19.99
N THR E 39 36.56 -73.12 -18.81
CA THR E 39 36.43 -71.73 -18.46
C THR E 39 37.82 -71.11 -18.35
N VAL E 40 37.95 -69.90 -18.88
CA VAL E 40 39.27 -69.32 -19.11
C VAL E 40 39.51 -68.24 -18.06
N ASN E 41 40.74 -68.15 -17.57
CA ASN E 41 41.21 -66.95 -16.90
C ASN E 41 41.50 -65.85 -17.93
N PRO E 42 40.69 -64.78 -17.95
CA PRO E 42 40.86 -63.74 -18.97
C PRO E 42 42.10 -62.87 -18.76
N SER E 43 42.73 -62.97 -17.58
CA SER E 43 43.98 -62.26 -17.36
C SER E 43 45.17 -62.94 -18.06
N THR E 44 45.01 -64.20 -18.46
CA THR E 44 46.15 -64.93 -19.05
C THR E 44 45.75 -65.65 -20.33
N GLY E 45 44.45 -65.77 -20.57
CA GLY E 45 43.95 -66.57 -21.68
C GLY E 45 44.04 -68.08 -21.47
N GLU E 46 44.39 -68.50 -20.25
CA GLU E 46 44.56 -69.91 -19.92
C GLU E 46 43.36 -70.56 -19.21
N VAL E 47 43.07 -71.79 -19.59
CA VAL E 47 42.01 -72.61 -18.99
C VAL E 47 42.22 -72.80 -17.50
N ILE E 48 41.16 -72.53 -16.72
CA ILE E 48 41.22 -72.76 -15.28
C ILE E 48 40.85 -74.21 -15.00
N CYS E 49 39.78 -74.70 -15.65
CA CYS E 49 39.33 -76.08 -15.51
C CYS E 49 38.17 -76.32 -16.44
N GLN E 50 37.77 -77.56 -16.55
CA GLN E 50 36.58 -77.91 -17.30
C GLN E 50 35.37 -77.82 -16.36
N VAL E 51 34.17 -77.73 -16.94
CA VAL E 51 32.94 -77.58 -16.19
C VAL E 51 31.87 -78.41 -16.89
N ALA E 52 31.08 -79.17 -16.14
CA ALA E 52 29.98 -79.92 -16.74
C ALA E 52 29.19 -79.05 -17.71
N GLU E 53 28.91 -79.58 -18.89
CA GLU E 53 28.17 -78.86 -19.93
C GLU E 53 26.69 -79.25 -19.99
N GLY E 54 25.88 -78.63 -19.12
CA GLY E 54 24.46 -78.98 -19.04
C GLY E 54 23.71 -78.66 -20.29
N ASP E 55 22.64 -79.40 -20.56
CA ASP E 55 21.85 -79.25 -21.77
C ASP E 55 20.41 -79.57 -21.42
N LYS E 56 19.54 -79.71 -22.42
CA LYS E 56 18.12 -79.91 -22.16
C LYS E 56 17.84 -81.03 -21.14
N GLU E 57 18.50 -82.16 -21.29
CA GLU E 57 18.23 -83.30 -20.44
C GLU E 57 18.62 -82.99 -19.01
N ASP E 58 19.68 -82.20 -18.84
CA ASP E 58 20.09 -81.80 -17.51
C ASP E 58 19.16 -80.75 -16.89
N VAL E 59 18.70 -79.80 -17.69
CA VAL E 59 17.62 -78.91 -17.26
C VAL E 59 16.36 -79.69 -16.86
N ASP E 60 15.99 -80.68 -17.68
CA ASP E 60 14.85 -81.53 -17.35
C ASP E 60 14.94 -82.15 -15.96
N LYS E 61 16.14 -82.60 -15.59
CA LYS E 61 16.37 -83.20 -14.30
C LYS E 61 16.22 -82.16 -13.20
N ALA E 62 16.84 -81.01 -13.40
CA ALA E 62 16.81 -79.92 -12.44
C ALA E 62 15.36 -79.48 -12.17
N VAL E 63 14.55 -79.42 -13.21
CA VAL E 63 13.17 -78.95 -13.10
C VAL E 63 12.27 -79.95 -12.35
N LYS E 64 12.53 -81.24 -12.56
CA LYS E 64 11.82 -82.29 -11.83
C LYS E 64 12.15 -82.20 -10.35
N ALA E 65 13.43 -82.02 -10.05
CA ALA E 65 13.89 -81.93 -8.66
C ALA E 65 13.27 -80.68 -7.97
N ALA E 66 13.22 -79.57 -8.71
CA ALA E 66 12.59 -78.34 -8.20
C ALA E 66 11.08 -78.53 -7.96
N ARG E 67 10.39 -79.10 -8.94
CA ARG E 67 8.95 -79.35 -8.85
C ARG E 67 8.57 -80.26 -7.66
N ALA E 68 9.43 -81.23 -7.36
CA ALA E 68 9.17 -82.13 -6.23
C ALA E 68 9.40 -81.40 -4.90
N ALA E 69 10.44 -80.57 -4.85
CA ALA E 69 10.70 -79.77 -3.65
C ALA E 69 9.56 -78.76 -3.38
N PHE E 70 8.76 -78.46 -4.40
CA PHE E 70 7.71 -77.45 -4.32
C PHE E 70 6.34 -78.07 -4.04
N GLN E 71 6.29 -79.40 -3.97
CA GLN E 71 5.03 -80.11 -3.77
C GLN E 71 4.42 -79.68 -2.45
N LEU E 72 3.10 -79.53 -2.41
CA LEU E 72 2.41 -79.18 -1.17
C LEU E 72 2.74 -80.23 -0.10
N GLY E 73 3.01 -79.80 1.12
CA GLY E 73 3.41 -80.73 2.15
C GLY E 73 4.91 -81.00 2.28
N SER E 74 5.70 -80.54 1.31
CA SER E 74 7.14 -80.74 1.36
C SER E 74 7.80 -79.93 2.46
N PRO E 75 9.04 -80.30 2.82
CA PRO E 75 9.75 -79.50 3.81
C PRO E 75 9.88 -78.01 3.45
N TRP E 76 10.18 -77.70 2.19
CA TRP E 76 10.26 -76.30 1.79
C TRP E 76 8.92 -75.57 1.84
N ARG E 77 7.83 -76.24 1.48
CA ARG E 77 6.50 -75.63 1.46
C ARG E 77 5.93 -75.39 2.85
N ARG E 78 6.22 -76.29 3.79
CA ARG E 78 5.70 -76.21 5.13
C ARG E 78 6.57 -75.36 6.01
N MET E 79 7.84 -75.19 5.64
CA MET E 79 8.74 -74.40 6.46
C MET E 79 8.12 -73.04 6.80
N ASP E 80 8.26 -72.61 8.05
CA ASP E 80 7.87 -71.24 8.45
C ASP E 80 8.59 -70.18 7.62
N ALA E 81 7.88 -69.12 7.26
CA ALA E 81 8.48 -68.04 6.48
C ALA E 81 9.69 -67.47 7.22
N SER E 82 9.56 -67.31 8.53
CA SER E 82 10.67 -66.81 9.35
C SER E 82 11.91 -67.68 9.17
N HIS E 83 11.70 -68.97 8.99
CA HIS E 83 12.82 -69.90 8.89
C HIS E 83 13.55 -69.76 7.55
N ARG E 84 12.79 -69.55 6.47
CA ARG E 84 13.40 -69.22 5.19
C ARG E 84 14.35 -68.07 5.36
N GLY E 85 13.93 -67.11 6.17
CA GLY E 85 14.77 -65.98 6.49
C GLY E 85 16.04 -66.39 7.22
N ARG E 86 15.92 -67.33 8.16
CA ARG E 86 17.08 -67.81 8.91
C ARG E 86 18.06 -68.51 7.97
N LEU E 87 17.54 -69.27 7.02
CA LEU E 87 18.41 -69.93 6.03
C LEU E 87 19.17 -68.95 5.13
N LEU E 88 18.49 -67.90 4.66
CA LEU E 88 19.15 -66.86 3.89
C LEU E 88 20.25 -66.19 4.72
N ASN E 89 19.97 -65.89 5.98
CA ASN E 89 20.98 -65.31 6.87
C ASN E 89 22.14 -66.28 7.13
N ARG E 90 21.82 -67.57 7.20
CA ARG E 90 22.86 -68.55 7.35
C ARG E 90 23.73 -68.58 6.10
N LEU E 91 23.10 -68.63 4.93
CA LEU E 91 23.85 -68.53 3.67
C LEU E 91 24.77 -67.29 3.64
N ALA E 92 24.22 -66.13 3.99
CA ALA E 92 25.07 -64.93 4.07
C ALA E 92 26.29 -65.19 4.96
N ASP E 93 26.07 -65.75 6.14
CA ASP E 93 27.16 -65.97 7.08
C ASP E 93 28.20 -66.92 6.49
N LEU E 94 27.77 -67.92 5.76
CA LEU E 94 28.73 -68.83 5.14
C LEU E 94 29.57 -68.14 4.07
N ILE E 95 28.90 -67.32 3.26
CA ILE E 95 29.61 -66.55 2.23
C ILE E 95 30.60 -65.57 2.86
N GLU E 96 30.23 -64.99 4.01
CA GLU E 96 31.14 -64.12 4.71
C GLU E 96 32.38 -64.89 5.25
N ARG E 97 32.16 -66.13 5.71
CA ARG E 97 33.24 -66.94 6.24
C ARG E 97 34.25 -67.13 5.11
N ASP E 98 33.71 -67.43 3.93
CA ASP E 98 34.51 -67.71 2.75
C ASP E 98 34.71 -66.49 1.83
N ARG E 99 34.61 -65.28 2.37
CA ARG E 99 34.65 -64.04 1.58
C ARG E 99 35.98 -63.84 0.83
N THR E 100 37.10 -64.04 1.53
CA THR E 100 38.42 -63.89 0.93
C THR E 100 38.60 -64.85 -0.26
N TYR E 101 38.24 -66.11 -0.05
CA TYR E 101 38.34 -67.12 -1.09
C TYR E 101 37.47 -66.78 -2.31
N LEU E 102 36.19 -66.46 -2.05
CA LEU E 102 35.25 -66.21 -3.13
C LEU E 102 35.63 -64.99 -3.97
N ALA E 103 36.10 -63.94 -3.32
CA ALA E 103 36.50 -62.72 -4.03
C ALA E 103 37.66 -63.02 -4.99
N ALA E 104 38.59 -63.88 -4.56
CA ALA E 104 39.73 -64.24 -5.42
C ALA E 104 39.28 -65.13 -6.55
N LEU E 105 38.40 -66.10 -6.26
CA LEU E 105 37.86 -66.94 -7.33
C LEU E 105 37.10 -66.11 -8.37
N GLU E 106 36.41 -65.07 -7.91
CA GLU E 106 35.65 -64.21 -8.80
C GLU E 106 36.62 -63.49 -9.73
N THR E 107 37.67 -62.93 -9.16
CA THR E 107 38.70 -62.25 -9.91
C THR E 107 39.36 -63.20 -10.93
N LEU E 108 39.75 -64.39 -10.48
CA LEU E 108 40.27 -65.44 -11.36
C LEU E 108 39.44 -65.72 -12.60
N ASP E 109 38.14 -65.89 -12.38
CA ASP E 109 37.26 -66.30 -13.45
C ASP E 109 36.74 -65.13 -14.30
N ASN E 110 36.65 -63.93 -13.70
CA ASN E 110 35.96 -62.81 -14.35
C ASN E 110 36.92 -61.71 -14.82
N GLY E 111 37.99 -61.49 -14.07
CA GLY E 111 38.98 -60.50 -14.45
C GLY E 111 39.00 -59.21 -13.64
N LYS E 112 37.93 -58.95 -12.88
CA LYS E 112 37.85 -57.69 -12.12
C LYS E 112 38.89 -57.68 -11.03
N PRO E 113 39.38 -56.50 -10.63
CA PRO E 113 40.38 -56.43 -9.55
C PRO E 113 39.90 -57.05 -8.25
N TYR E 114 40.81 -57.73 -7.57
CA TYR E 114 40.50 -58.44 -6.35
C TYR E 114 39.97 -57.49 -5.27
N VAL E 115 40.58 -56.33 -5.16
CA VAL E 115 40.15 -55.39 -4.13
C VAL E 115 38.67 -54.99 -4.32
N ILE E 116 38.24 -54.89 -5.58
CA ILE E 116 36.85 -54.57 -5.90
C ILE E 116 35.97 -55.78 -5.64
N SER E 117 36.41 -56.97 -6.08
CA SER E 117 35.69 -58.21 -5.77
C SER E 117 35.39 -58.31 -4.28
N TYR E 118 36.36 -57.90 -3.47
CA TYR E 118 36.28 -58.08 -2.04
C TYR E 118 35.41 -57.03 -1.40
N LEU E 119 35.69 -55.75 -1.68
CA LEU E 119 35.05 -54.65 -0.98
C LEU E 119 33.70 -54.28 -1.56
N VAL E 120 33.45 -54.64 -2.81
CA VAL E 120 32.24 -54.27 -3.51
C VAL E 120 31.34 -55.48 -3.79
N ASP E 121 31.75 -56.34 -4.71
CA ASP E 121 30.90 -57.47 -5.10
C ASP E 121 30.47 -58.34 -3.89
N LEU E 122 31.41 -58.72 -3.04
CA LEU E 122 31.05 -59.61 -1.94
C LEU E 122 30.23 -58.87 -0.86
N ASP E 123 30.58 -57.61 -0.62
CA ASP E 123 29.86 -56.80 0.34
C ASP E 123 28.39 -56.69 -0.12
N MET E 124 28.18 -56.49 -1.42
CA MET E 124 26.83 -56.29 -1.95
C MET E 124 26.08 -57.62 -2.00
N VAL E 125 26.79 -58.71 -2.25
CA VAL E 125 26.17 -60.01 -2.14
C VAL E 125 25.61 -60.20 -0.73
N LEU E 126 26.41 -59.86 0.27
CA LEU E 126 26.01 -60.10 1.65
C LEU E 126 24.83 -59.19 2.01
N LYS E 127 24.90 -57.92 1.59
CA LYS E 127 23.82 -57.00 1.90
C LYS E 127 22.52 -57.41 1.23
N CYS E 128 22.59 -57.93 0.01
CA CYS E 128 21.40 -58.39 -0.69
C CYS E 128 20.71 -59.58 0.00
N LEU E 129 21.49 -60.60 0.38
CA LEU E 129 20.94 -61.78 1.07
C LEU E 129 20.35 -61.45 2.44
N ARG E 130 21.07 -60.65 3.20
CA ARG E 130 20.58 -60.23 4.51
C ARG E 130 19.37 -59.32 4.39
N TYR E 131 19.32 -58.51 3.33
CA TYR E 131 18.16 -57.66 3.08
C TYR E 131 16.94 -58.54 2.88
N TYR E 132 17.03 -59.45 1.91
CA TYR E 132 15.92 -60.31 1.59
C TYR E 132 15.57 -61.36 2.65
N ALA E 133 16.55 -61.80 3.44
CA ALA E 133 16.22 -62.63 4.60
C ALA E 133 15.13 -61.92 5.40
N GLY E 134 15.27 -60.60 5.53
CA GLY E 134 14.33 -59.78 6.30
C GLY E 134 12.90 -59.71 5.76
N TRP E 135 12.73 -59.96 4.46
CA TRP E 135 11.42 -59.85 3.78
C TRP E 135 10.60 -61.12 3.90
N ALA E 136 11.29 -62.24 4.19
CA ALA E 136 10.65 -63.57 4.10
C ALA E 136 9.30 -63.66 4.79
N ASP E 137 9.20 -63.13 6.00
CA ASP E 137 7.96 -63.19 6.75
C ASP E 137 7.15 -61.89 6.83
N LYS E 138 7.34 -60.99 5.84
CA LYS E 138 6.80 -59.64 5.92
C LYS E 138 6.04 -59.17 4.69
N TYR E 139 5.89 -60.04 3.68
CA TYR E 139 5.24 -59.66 2.44
C TYR E 139 3.74 -60.04 2.51
N HIS E 140 2.96 -59.23 3.20
CA HIS E 140 1.60 -59.60 3.56
C HIS E 140 0.65 -59.61 2.37
N GLY E 141 -0.32 -60.51 2.39
CA GLY E 141 -1.49 -60.32 1.55
C GLY E 141 -2.44 -59.34 2.23
N LYS E 142 -3.68 -59.29 1.75
CA LYS E 142 -4.61 -58.23 2.17
C LYS E 142 -5.93 -58.85 2.65
N THR E 143 -6.61 -58.18 3.59
CA THR E 143 -8.03 -58.43 3.81
C THR E 143 -8.80 -57.25 3.24
N ILE E 144 -9.92 -57.52 2.58
CA ILE E 144 -10.47 -56.61 1.58
C ILE E 144 -11.94 -56.42 1.83
N PRO E 145 -12.40 -55.17 2.00
CA PRO E 145 -13.77 -54.84 2.39
C PRO E 145 -14.71 -54.83 1.16
N ILE E 146 -14.82 -55.99 0.52
CA ILE E 146 -15.65 -56.19 -0.64
C ILE E 146 -17.14 -56.03 -0.30
N ASP E 147 -17.94 -55.67 -1.30
CA ASP E 147 -19.39 -55.50 -1.14
C ASP E 147 -20.04 -56.82 -0.74
N GLY E 148 -21.16 -56.73 -0.02
CA GLY E 148 -21.96 -57.93 0.27
C GLY E 148 -21.46 -58.69 1.49
N ASP E 149 -22.14 -59.80 1.83
CA ASP E 149 -21.83 -60.56 3.03
C ASP E 149 -20.73 -61.58 2.75
N PHE E 150 -19.51 -61.08 2.59
CA PHE E 150 -18.36 -61.92 2.26
C PHE E 150 -17.17 -61.47 3.08
N PHE E 151 -16.28 -62.42 3.34
CA PHE E 151 -14.94 -62.16 3.82
C PHE E 151 -14.02 -62.44 2.64
N SER E 152 -13.30 -61.43 2.17
CA SER E 152 -12.39 -61.63 1.04
C SER E 152 -10.96 -61.25 1.45
N TYR E 153 -10.00 -62.06 1.01
CA TYR E 153 -8.61 -61.81 1.37
C TYR E 153 -7.69 -62.39 0.32
N THR E 154 -6.43 -62.01 0.33
CA THR E 154 -5.48 -62.58 -0.62
C THR E 154 -4.37 -63.31 0.13
N ARG E 155 -3.95 -64.45 -0.41
CA ARG E 155 -2.69 -65.07 -0.04
C ARG E 155 -1.65 -64.69 -1.06
N HIS E 156 -0.46 -64.33 -0.59
CA HIS E 156 0.65 -64.15 -1.51
C HIS E 156 1.41 -65.47 -1.48
N GLU E 157 1.23 -66.28 -2.52
CA GLU E 157 1.88 -67.60 -2.61
C GLU E 157 3.09 -67.49 -3.54
N PRO E 158 3.99 -68.48 -3.52
CA PRO E 158 5.16 -68.48 -4.40
C PRO E 158 4.69 -68.76 -5.81
N VAL E 159 5.38 -68.19 -6.78
CA VAL E 159 5.00 -68.37 -8.17
C VAL E 159 5.32 -69.82 -8.61
N GLY E 160 6.39 -70.38 -8.05
CA GLY E 160 6.66 -71.81 -8.22
C GLY E 160 8.09 -72.13 -8.62
N VAL E 161 8.24 -72.90 -9.69
CA VAL E 161 9.56 -73.19 -10.23
C VAL E 161 10.06 -72.02 -11.08
N CYS E 162 11.17 -71.41 -10.64
CA CYS E 162 11.66 -70.20 -11.29
C CYS E 162 12.96 -70.48 -12.05
N GLY E 163 12.93 -70.35 -13.37
CA GLY E 163 14.14 -70.37 -14.17
C GLY E 163 14.86 -69.04 -14.08
N GLN E 164 16.16 -69.08 -13.83
CA GLN E 164 16.91 -67.86 -13.61
C GLN E 164 18.21 -67.91 -14.41
N ILE E 165 18.32 -67.01 -15.37
CA ILE E 165 19.48 -66.96 -16.25
C ILE E 165 20.30 -65.70 -15.98
N ILE E 166 21.56 -65.88 -15.57
CA ILE E 166 22.36 -64.76 -15.16
C ILE E 166 23.64 -64.60 -15.96
N PRO E 167 24.11 -63.35 -16.12
CA PRO E 167 25.21 -63.11 -17.04
C PRO E 167 26.54 -63.15 -16.29
N TRP E 168 27.61 -62.66 -16.92
CA TRP E 168 28.96 -62.88 -16.41
C TRP E 168 29.60 -61.66 -15.81
N ASN E 169 28.98 -60.50 -15.92
CA ASN E 169 29.63 -59.26 -15.50
C ASN E 169 29.76 -59.12 -13.98
N PHE E 170 28.75 -59.63 -13.28
CA PHE E 170 28.77 -59.63 -11.82
C PHE E 170 28.26 -60.98 -11.36
N PRO E 171 29.10 -62.02 -11.49
CA PRO E 171 28.58 -63.39 -11.30
C PRO E 171 27.94 -63.63 -9.91
N LEU E 172 28.67 -63.39 -8.84
CA LEU E 172 28.14 -63.63 -7.51
C LEU E 172 26.96 -62.70 -7.21
N LEU E 173 27.12 -61.40 -7.49
CA LEU E 173 26.07 -60.43 -7.21
C LEU E 173 24.77 -60.75 -7.95
N MET E 174 24.86 -60.98 -9.25
CA MET E 174 23.67 -61.37 -10.02
C MET E 174 23.02 -62.64 -9.46
N GLN E 175 23.83 -63.59 -8.98
CA GLN E 175 23.27 -64.78 -8.34
C GLN E 175 22.44 -64.39 -7.12
N ALA E 176 23.01 -63.51 -6.29
CA ALA E 176 22.37 -63.10 -5.07
C ALA E 176 21.10 -62.29 -5.35
N TRP E 177 21.13 -61.40 -6.33
CA TRP E 177 19.93 -60.61 -6.70
C TRP E 177 18.77 -61.49 -7.15
N LYS E 178 19.07 -62.64 -7.77
CA LYS E 178 18.03 -63.60 -8.15
C LYS E 178 17.59 -64.46 -6.97
N LEU E 179 18.54 -65.00 -6.21
CA LEU E 179 18.17 -65.97 -5.18
C LEU E 179 17.48 -65.32 -3.98
N GLY E 180 17.90 -64.10 -3.65
CA GLY E 180 17.37 -63.40 -2.49
C GLY E 180 15.85 -63.36 -2.48
N PRO E 181 15.25 -62.75 -3.51
CA PRO E 181 13.80 -62.61 -3.60
C PRO E 181 13.05 -63.90 -3.90
N ALA E 182 13.61 -64.73 -4.77
CA ALA E 182 12.97 -66.03 -5.03
C ALA E 182 12.86 -66.88 -3.73
N LEU E 183 13.94 -67.00 -3.00
CA LEU E 183 13.90 -67.87 -1.81
C LEU E 183 13.15 -67.21 -0.65
N ALA E 184 13.25 -65.90 -0.54
CA ALA E 184 12.53 -65.21 0.52
C ALA E 184 11.03 -65.51 0.42
N THR E 185 10.53 -65.61 -0.81
CA THR E 185 9.11 -65.83 -1.06
C THR E 185 8.73 -67.30 -1.26
N GLY E 186 9.69 -68.20 -1.09
CA GLY E 186 9.36 -69.63 -0.97
C GLY E 186 9.30 -70.35 -2.30
N ASN E 187 9.90 -69.74 -3.34
CA ASN E 187 9.96 -70.36 -4.64
C ASN E 187 11.11 -71.36 -4.60
N VAL E 188 11.22 -72.14 -5.67
CA VAL E 188 12.39 -72.97 -5.95
C VAL E 188 12.98 -72.59 -7.31
N VAL E 189 14.28 -72.85 -7.49
CA VAL E 189 15.05 -72.23 -8.56
C VAL E 189 15.78 -73.28 -9.42
N VAL E 190 15.66 -73.14 -10.75
CA VAL E 190 16.61 -73.69 -11.71
C VAL E 190 17.39 -72.54 -12.38
N MET E 191 18.67 -72.46 -12.05
CA MET E 191 19.50 -71.31 -12.42
C MET E 191 20.55 -71.74 -13.45
N LYS E 192 20.66 -70.98 -14.53
CA LYS E 192 21.70 -71.19 -15.54
C LYS E 192 22.71 -70.06 -15.38
N VAL E 193 23.96 -70.42 -15.18
CA VAL E 193 25.01 -69.45 -14.99
C VAL E 193 25.79 -69.23 -16.28
N ALA E 194 26.58 -68.17 -16.35
CA ALA E 194 27.27 -67.88 -17.62
C ALA E 194 28.44 -68.82 -17.84
N GLU E 195 28.55 -69.31 -19.07
CA GLU E 195 29.69 -70.13 -19.45
C GLU E 195 31.03 -69.46 -19.13
N GLN E 196 31.10 -68.13 -19.21
CA GLN E 196 32.36 -67.44 -18.95
C GLN E 196 32.72 -67.39 -17.47
N THR E 197 31.74 -67.57 -16.59
CA THR E 197 32.00 -67.31 -15.17
C THR E 197 31.13 -68.22 -14.29
N PRO E 198 31.34 -69.54 -14.39
CA PRO E 198 30.45 -70.44 -13.68
C PRO E 198 30.92 -70.74 -12.27
N LEU E 199 32.19 -70.44 -11.98
CA LEU E 199 32.80 -71.07 -10.81
C LEU E 199 32.25 -70.60 -9.47
N THR E 200 32.16 -69.29 -9.27
CA THR E 200 31.76 -68.76 -7.97
C THR E 200 30.36 -69.20 -7.55
N ALA E 201 29.43 -69.22 -8.49
CA ALA E 201 28.04 -69.61 -8.23
C ALA E 201 27.94 -71.09 -7.86
N LEU E 202 28.81 -71.90 -8.47
CA LEU E 202 28.83 -73.33 -8.18
C LEU E 202 29.36 -73.57 -6.77
N TYR E 203 30.42 -72.88 -6.39
CA TYR E 203 30.84 -72.97 -5.01
C TYR E 203 29.73 -72.50 -4.05
N VAL E 204 29.01 -71.44 -4.41
CA VAL E 204 27.94 -70.94 -3.56
C VAL E 204 26.86 -72.01 -3.36
N ALA E 205 26.64 -72.84 -4.38
CA ALA E 205 25.72 -73.95 -4.24
C ALA E 205 26.09 -74.92 -3.10
N ASN E 206 27.39 -75.15 -2.93
CA ASN E 206 27.89 -75.90 -1.79
C ASN E 206 27.52 -75.24 -0.46
N LEU E 207 27.55 -73.91 -0.42
CA LEU E 207 27.17 -73.20 0.79
C LEU E 207 25.67 -73.25 1.05
N ILE E 208 24.88 -73.35 -0.01
CA ILE E 208 23.42 -73.46 0.07
C ILE E 208 23.05 -74.80 0.72
N LYS E 209 23.68 -75.86 0.25
CA LYS E 209 23.65 -77.16 0.92
C LYS E 209 24.09 -77.09 2.37
N GLU E 210 25.28 -76.55 2.61
CA GLU E 210 25.77 -76.37 3.98
C GLU E 210 24.80 -75.55 4.84
N ALA E 211 24.14 -74.58 4.23
CA ALA E 211 23.21 -73.70 4.97
C ALA E 211 21.96 -74.43 5.44
N GLY E 212 21.68 -75.56 4.81
CA GLY E 212 20.54 -76.38 5.20
C GLY E 212 19.29 -76.23 4.35
N PHE E 213 19.35 -75.55 3.20
CA PHE E 213 18.23 -75.55 2.29
C PHE E 213 17.87 -76.98 1.85
N PRO E 214 16.57 -77.33 1.80
CA PRO E 214 16.15 -78.67 1.37
C PRO E 214 16.63 -78.98 -0.04
N PRO E 215 16.90 -80.27 -0.33
CA PRO E 215 17.29 -80.70 -1.68
C PRO E 215 16.26 -80.27 -2.71
N GLY E 216 16.71 -79.79 -3.86
CA GLY E 216 15.80 -79.38 -4.93
C GLY E 216 15.33 -77.93 -4.88
N VAL E 217 15.60 -77.21 -3.79
CA VAL E 217 15.17 -75.80 -3.65
C VAL E 217 15.99 -74.90 -4.58
N VAL E 218 17.30 -75.16 -4.65
CA VAL E 218 18.14 -74.44 -5.61
C VAL E 218 18.90 -75.47 -6.44
N ASN E 219 18.69 -75.45 -7.75
CA ASN E 219 19.49 -76.25 -8.67
C ASN E 219 20.23 -75.35 -9.65
N ILE E 220 21.51 -75.67 -9.89
CA ILE E 220 22.29 -74.91 -10.88
C ILE E 220 22.82 -75.76 -12.05
N VAL E 221 22.50 -75.34 -13.26
CA VAL E 221 22.95 -76.03 -14.46
C VAL E 221 23.89 -75.11 -15.25
N PRO E 222 25.22 -75.35 -15.14
CA PRO E 222 26.13 -74.62 -16.03
C PRO E 222 25.99 -75.13 -17.45
N GLY E 223 26.35 -74.31 -18.43
CA GLY E 223 26.20 -74.72 -19.84
C GLY E 223 26.09 -73.51 -20.74
N PHE E 224 25.62 -73.72 -21.97
CA PHE E 224 25.53 -72.64 -22.96
C PHE E 224 24.13 -72.04 -23.07
N GLY E 225 24.07 -70.89 -23.73
CA GLY E 225 22.81 -70.16 -23.88
C GLY E 225 21.84 -70.89 -24.79
N PRO E 226 22.26 -71.17 -26.02
CA PRO E 226 21.31 -71.75 -26.97
C PRO E 226 20.83 -73.16 -26.55
N THR E 227 21.41 -73.73 -25.51
CA THR E 227 21.03 -75.08 -25.12
C THR E 227 20.37 -75.05 -23.73
N ALA E 228 21.18 -74.93 -22.68
CA ALA E 228 20.64 -74.92 -21.32
C ALA E 228 19.67 -73.75 -21.14
N GLY E 229 20.10 -72.57 -21.59
CA GLY E 229 19.31 -71.36 -21.45
C GLY E 229 17.96 -71.51 -22.08
N ALA E 230 17.95 -72.02 -23.32
CA ALA E 230 16.73 -72.10 -24.10
C ALA E 230 15.83 -73.22 -23.63
N ALA E 231 16.41 -74.23 -23.00
CA ALA E 231 15.60 -75.32 -22.45
C ALA E 231 14.78 -74.80 -21.26
N ILE E 232 15.43 -74.02 -20.39
CA ILE E 232 14.70 -73.34 -19.32
C ILE E 232 13.56 -72.46 -19.84
N ALA E 233 13.85 -71.64 -20.85
CA ALA E 233 12.89 -70.65 -21.33
C ALA E 233 11.64 -71.31 -21.91
N SER E 234 11.85 -72.49 -22.49
CA SER E 234 10.82 -73.19 -23.23
C SER E 234 10.15 -74.29 -22.41
N HIS E 235 10.62 -74.53 -21.19
CA HIS E 235 10.15 -75.69 -20.43
C HIS E 235 8.69 -75.60 -20.02
N GLU E 236 7.98 -76.72 -20.15
CA GLU E 236 6.54 -76.72 -19.93
C GLU E 236 6.19 -76.70 -18.47
N ASP E 237 7.18 -76.89 -17.60
CA ASP E 237 6.90 -76.98 -16.17
C ASP E 237 7.63 -75.91 -15.38
N VAL E 238 8.21 -74.94 -16.07
CA VAL E 238 8.80 -73.77 -15.42
C VAL E 238 7.77 -72.67 -15.37
N ASP E 239 7.46 -72.19 -14.16
CA ASP E 239 6.37 -71.23 -14.00
C ASP E 239 6.76 -69.80 -14.34
N LYS E 240 8.04 -69.47 -14.16
CA LYS E 240 8.51 -68.09 -14.28
C LYS E 240 9.97 -68.12 -14.69
N VAL E 241 10.38 -67.13 -15.46
CA VAL E 241 11.77 -67.01 -15.88
C VAL E 241 12.22 -65.54 -15.68
N ALA E 242 13.40 -65.38 -15.10
CA ALA E 242 14.08 -64.10 -15.03
C ALA E 242 15.36 -64.22 -15.83
N PHE E 243 15.53 -63.32 -16.79
CA PHE E 243 16.73 -63.30 -17.58
C PHE E 243 17.43 -61.95 -17.46
N THR E 244 18.74 -61.99 -17.23
CA THR E 244 19.57 -60.80 -17.35
C THR E 244 20.62 -61.03 -18.44
N GLY E 245 20.76 -60.06 -19.32
CA GLY E 245 21.68 -60.19 -20.44
C GLY E 245 21.35 -59.15 -21.49
N SER E 246 21.60 -59.52 -22.75
CA SER E 246 21.39 -58.62 -23.87
C SER E 246 19.91 -58.47 -24.24
N THR E 247 19.55 -57.26 -24.68
CA THR E 247 18.21 -57.03 -25.25
C THR E 247 17.88 -58.11 -26.28
N GLU E 248 18.84 -58.44 -27.13
CA GLU E 248 18.61 -59.43 -28.19
C GLU E 248 18.15 -60.80 -27.66
N ILE E 249 18.79 -61.29 -26.60
CA ILE E 249 18.40 -62.57 -26.03
C ILE E 249 17.06 -62.43 -25.30
N GLY E 250 16.86 -61.28 -24.65
CA GLY E 250 15.60 -60.96 -23.98
C GLY E 250 14.39 -61.21 -24.86
N ARG E 251 14.54 -60.94 -26.16
CA ARG E 251 13.47 -61.21 -27.11
C ARG E 251 13.22 -62.71 -27.30
N VAL E 252 14.30 -63.46 -27.44
CA VAL E 252 14.22 -64.92 -27.49
C VAL E 252 13.52 -65.50 -26.22
N ILE E 253 13.88 -64.99 -25.03
CA ILE E 253 13.20 -65.40 -23.80
C ILE E 253 11.69 -65.18 -23.85
N GLN E 254 11.25 -63.99 -24.23
CA GLN E 254 9.82 -63.65 -24.20
C GLN E 254 9.01 -64.43 -25.26
N VAL E 255 9.63 -64.70 -26.40
CA VAL E 255 8.99 -65.50 -27.47
C VAL E 255 8.85 -66.96 -27.03
N ALA E 256 9.92 -67.49 -26.45
CA ALA E 256 9.95 -68.84 -25.88
C ALA E 256 8.83 -69.05 -24.84
N ALA E 257 8.69 -68.09 -23.94
CA ALA E 257 7.60 -68.07 -22.96
C ALA E 257 6.22 -68.15 -23.62
N GLY E 258 5.98 -67.31 -24.62
CA GLY E 258 4.70 -67.27 -25.28
C GLY E 258 4.42 -68.54 -26.08
N SER E 259 5.48 -69.13 -26.63
CA SER E 259 5.38 -70.33 -27.48
C SER E 259 5.21 -71.62 -26.66
N SER E 260 5.61 -71.60 -25.40
CA SER E 260 5.44 -72.74 -24.52
C SER E 260 4.25 -72.57 -23.57
N ASN E 261 4.50 -72.44 -22.28
CA ASN E 261 3.40 -72.50 -21.30
C ASN E 261 2.96 -71.13 -20.79
N LEU E 262 3.30 -70.06 -21.50
CA LEU E 262 2.98 -68.70 -21.05
C LEU E 262 3.48 -68.42 -19.63
N LYS E 263 4.65 -68.97 -19.29
CA LYS E 263 5.33 -68.65 -18.04
C LYS E 263 5.49 -67.12 -17.88
N ARG E 264 5.46 -66.66 -16.62
CA ARG E 264 5.70 -65.25 -16.30
C ARG E 264 7.14 -64.87 -16.59
N VAL E 265 7.36 -63.64 -17.06
CA VAL E 265 8.67 -63.23 -17.59
C VAL E 265 9.09 -61.88 -16.96
N THR E 266 10.34 -61.79 -16.54
CA THR E 266 10.94 -60.47 -16.29
C THR E 266 12.33 -60.46 -16.92
N LEU E 267 12.75 -59.28 -17.34
CA LEU E 267 13.99 -59.13 -18.10
C LEU E 267 14.75 -57.89 -17.64
N GLU E 268 16.06 -58.05 -17.45
CA GLU E 268 16.93 -56.91 -17.21
C GLU E 268 17.94 -56.92 -18.33
N LEU E 269 17.84 -55.91 -19.20
CA LEU E 269 18.57 -55.94 -20.46
C LEU E 269 19.61 -54.82 -20.54
N GLY E 270 20.05 -54.50 -21.74
CA GLY E 270 21.17 -53.57 -21.85
C GLY E 270 20.74 -52.13 -21.68
N GLY E 271 21.66 -51.20 -21.96
CA GLY E 271 21.39 -49.76 -21.83
C GLY E 271 22.33 -48.96 -22.70
N LYS E 272 22.03 -47.68 -22.87
CA LYS E 272 23.01 -46.72 -23.36
C LYS E 272 22.81 -45.43 -22.56
N SER E 273 23.11 -45.51 -21.27
CA SER E 273 22.62 -44.54 -20.29
C SER E 273 23.36 -43.19 -20.35
N PRO E 274 22.59 -42.09 -20.31
CA PRO E 274 23.14 -40.75 -20.37
C PRO E 274 23.56 -40.22 -18.99
N ASN E 275 24.73 -39.62 -18.94
CA ASN E 275 25.23 -39.02 -17.72
C ASN E 275 25.35 -37.55 -18.07
N ILE E 276 24.46 -36.73 -17.52
CA ILE E 276 24.35 -35.30 -17.83
C ILE E 276 25.04 -34.36 -16.84
N ILE E 277 26.03 -33.61 -17.32
CA ILE E 277 26.75 -32.64 -16.50
C ILE E 277 26.31 -31.23 -16.86
N MET E 278 25.49 -30.61 -16.02
CA MET E 278 25.12 -29.21 -16.21
C MET E 278 26.30 -28.32 -15.87
N SER E 279 26.29 -27.08 -16.39
CA SER E 279 27.46 -26.19 -16.22
C SER E 279 27.69 -25.78 -14.76
N ASP E 280 26.67 -25.91 -13.91
CA ASP E 280 26.82 -25.56 -12.49
C ASP E 280 27.16 -26.78 -11.64
N ALA E 281 27.59 -27.87 -12.26
CA ALA E 281 27.94 -29.06 -11.50
C ALA E 281 29.23 -28.78 -10.74
N ASP E 282 29.49 -29.55 -9.69
CA ASP E 282 30.81 -29.58 -9.07
C ASP E 282 31.78 -30.29 -10.02
N MET E 283 32.72 -29.55 -10.59
CA MET E 283 33.55 -30.06 -11.68
C MET E 283 34.40 -31.28 -11.31
N ASP E 284 35.20 -31.20 -10.25
CA ASP E 284 36.06 -32.31 -9.90
C ASP E 284 35.21 -33.56 -9.60
N TRP E 285 34.10 -33.34 -8.89
CA TRP E 285 33.26 -34.46 -8.50
C TRP E 285 32.65 -35.10 -9.78
N ALA E 286 32.13 -34.24 -10.65
CA ALA E 286 31.53 -34.71 -11.90
C ALA E 286 32.51 -35.47 -12.78
N VAL E 287 33.75 -35.00 -12.82
CA VAL E 287 34.77 -35.66 -13.63
C VAL E 287 35.04 -37.06 -13.08
N GLU E 288 35.24 -37.16 -11.77
CA GLU E 288 35.58 -38.45 -11.15
C GLU E 288 34.42 -39.44 -11.25
N GLN E 289 33.22 -38.96 -10.94
CA GLN E 289 32.01 -39.78 -11.10
C GLN E 289 31.73 -40.24 -12.53
N ALA E 290 32.02 -39.40 -13.53
CA ALA E 290 31.75 -39.80 -14.92
C ALA E 290 32.73 -40.87 -15.36
N HIS E 291 33.93 -40.81 -14.81
CA HIS E 291 34.96 -41.76 -15.12
C HIS E 291 34.49 -43.09 -14.51
N PHE E 292 34.17 -43.05 -13.22
CA PHE E 292 33.56 -44.20 -12.57
C PHE E 292 32.33 -44.69 -13.36
N ALA E 293 31.40 -43.80 -13.69
CA ALA E 293 30.14 -44.23 -14.32
C ALA E 293 30.36 -45.09 -15.55
N LEU E 294 31.41 -44.76 -16.30
CA LEU E 294 31.71 -45.43 -17.55
C LEU E 294 32.65 -46.63 -17.36
N PHE E 295 33.76 -46.41 -16.66
CA PHE E 295 34.87 -47.37 -16.63
C PHE E 295 34.67 -48.48 -15.58
N PHE E 296 33.73 -48.29 -14.65
CA PHE E 296 33.61 -49.28 -13.57
C PHE E 296 33.47 -50.70 -14.13
N ASN E 297 34.13 -51.66 -13.48
CA ASN E 297 34.04 -53.05 -13.88
C ASN E 297 34.41 -53.27 -15.35
N GLN E 298 35.44 -52.58 -15.80
CA GLN E 298 35.93 -52.76 -17.17
C GLN E 298 34.89 -52.29 -18.21
N GLY E 299 34.02 -51.37 -17.80
CA GLY E 299 32.94 -50.94 -18.68
C GLY E 299 31.82 -51.97 -18.87
N GLN E 300 31.90 -53.08 -18.15
CA GLN E 300 30.92 -54.16 -18.31
C GLN E 300 29.77 -54.05 -17.28
N CYS E 301 28.97 -52.99 -17.45
CA CYS E 301 27.82 -52.69 -16.61
C CYS E 301 26.66 -52.36 -17.55
N CYS E 302 25.51 -52.97 -17.31
CA CYS E 302 24.31 -52.69 -18.10
C CYS E 302 23.95 -51.20 -18.04
N CYS E 303 24.20 -50.60 -16.89
CA CYS E 303 23.86 -49.19 -16.65
C CYS E 303 25.04 -48.22 -16.81
N ALA E 304 26.13 -48.68 -17.43
CA ALA E 304 27.28 -47.81 -17.71
C ALA E 304 26.84 -46.45 -18.26
N GLY E 305 27.43 -45.38 -17.73
CA GLY E 305 27.23 -44.04 -18.27
C GLY E 305 27.97 -43.79 -19.57
N SER E 306 27.42 -44.35 -20.66
CA SER E 306 28.12 -44.43 -21.93
C SER E 306 27.77 -43.30 -22.92
N ARG E 307 26.87 -42.40 -22.52
CA ARG E 307 26.69 -41.12 -23.20
C ARG E 307 26.90 -40.04 -22.16
N THR E 308 28.10 -39.49 -22.13
CA THR E 308 28.41 -38.38 -21.23
C THR E 308 28.12 -37.05 -21.92
N PHE E 309 26.97 -36.47 -21.58
CA PHE E 309 26.56 -35.18 -22.12
C PHE E 309 27.10 -34.06 -21.23
N VAL E 310 27.81 -33.10 -21.83
CA VAL E 310 28.46 -32.03 -21.07
C VAL E 310 28.04 -30.67 -21.60
N GLN E 311 27.63 -29.76 -20.72
CA GLN E 311 27.18 -28.44 -21.16
C GLN E 311 28.36 -27.67 -21.78
N GLU E 312 28.07 -26.92 -22.85
CA GLU E 312 29.13 -26.41 -23.72
C GLU E 312 30.09 -25.46 -23.00
N ASP E 313 29.58 -24.71 -22.03
CA ASP E 313 30.40 -23.78 -21.25
C ASP E 313 31.52 -24.43 -20.44
N ILE E 314 31.36 -25.71 -20.09
CA ILE E 314 32.38 -26.41 -19.31
C ILE E 314 33.00 -27.56 -20.08
N TYR E 315 32.59 -27.72 -21.34
CA TYR E 315 32.99 -28.89 -22.15
C TYR E 315 34.51 -29.06 -22.28
N ASP E 316 35.22 -28.01 -22.67
CA ASP E 316 36.67 -28.11 -22.86
C ASP E 316 37.39 -28.56 -21.56
N GLU E 317 37.12 -27.89 -20.45
CA GLU E 317 37.76 -28.27 -19.18
C GLU E 317 37.43 -29.72 -18.80
N PHE E 318 36.14 -30.07 -18.86
CA PHE E 318 35.69 -31.41 -18.48
C PHE E 318 36.41 -32.47 -19.30
N VAL E 319 36.50 -32.25 -20.61
CA VAL E 319 37.09 -33.26 -21.49
C VAL E 319 38.58 -33.45 -21.13
N GLU E 320 39.26 -32.32 -20.94
CA GLU E 320 40.68 -32.35 -20.64
C GLU E 320 40.91 -33.07 -19.31
N ARG E 321 40.18 -32.71 -18.26
CA ARG E 321 40.29 -33.46 -16.99
C ARG E 321 39.90 -34.93 -17.15
N SER E 322 38.90 -35.20 -17.99
CA SER E 322 38.47 -36.58 -18.26
C SER E 322 39.55 -37.42 -18.96
N VAL E 323 40.23 -36.82 -19.94
CA VAL E 323 41.28 -37.52 -20.68
C VAL E 323 42.47 -37.80 -19.78
N ALA E 324 42.83 -36.81 -18.96
CA ALA E 324 43.89 -37.02 -17.98
C ALA E 324 43.57 -38.17 -17.01
N ARG E 325 42.32 -38.28 -16.58
CA ARG E 325 42.00 -39.31 -15.58
C ARG E 325 42.02 -40.67 -16.25
N ALA E 326 41.56 -40.70 -17.50
CA ALA E 326 41.58 -41.93 -18.29
C ALA E 326 43.01 -42.40 -18.53
N LYS E 327 43.91 -41.48 -18.86
CA LYS E 327 45.29 -41.88 -19.12
C LYS E 327 45.98 -42.42 -17.87
N SER E 328 45.72 -41.82 -16.71
CA SER E 328 46.28 -42.31 -15.46
C SER E 328 45.72 -43.63 -14.91
N ARG E 329 44.65 -44.12 -15.52
CA ARG E 329 43.93 -45.31 -15.04
C ARG E 329 44.72 -46.59 -15.23
N VAL E 330 45.03 -47.26 -14.12
CA VAL E 330 46.02 -48.33 -14.19
C VAL E 330 45.34 -49.61 -14.63
N VAL E 331 45.82 -50.12 -15.76
CA VAL E 331 45.39 -51.41 -16.29
C VAL E 331 46.47 -52.43 -16.02
N GLY E 332 46.08 -53.61 -15.53
CA GLY E 332 46.99 -54.71 -15.33
C GLY E 332 46.42 -55.89 -14.55
N ASN E 333 47.32 -56.61 -13.90
CA ASN E 333 46.98 -57.79 -13.13
C ASN E 333 45.95 -57.46 -12.04
N PRO E 334 44.77 -58.08 -12.09
CA PRO E 334 43.67 -57.72 -11.17
C PRO E 334 43.95 -58.08 -9.70
N PHE E 335 44.93 -58.96 -9.47
CA PHE E 335 45.43 -59.24 -8.12
C PHE E 335 46.44 -58.22 -7.58
N ASP E 336 46.98 -57.37 -8.45
CA ASP E 336 47.82 -56.29 -7.96
C ASP E 336 46.93 -55.15 -7.46
N SER E 337 47.21 -54.68 -6.25
CA SER E 337 46.31 -53.74 -5.59
C SER E 337 46.30 -52.42 -6.33
N LYS E 338 47.36 -52.16 -7.10
CA LYS E 338 47.43 -50.95 -7.91
C LYS E 338 46.50 -50.93 -9.15
N THR E 339 46.04 -52.10 -9.58
CA THR E 339 45.20 -52.24 -10.75
C THR E 339 43.78 -51.68 -10.56
N GLU E 340 43.41 -50.71 -11.39
CA GLU E 340 42.02 -50.22 -11.44
C GLU E 340 41.17 -50.96 -12.46
N GLN E 341 41.83 -51.58 -13.45
CA GLN E 341 41.12 -52.19 -14.58
C GLN E 341 41.75 -53.51 -14.98
N GLY E 342 40.98 -54.58 -14.86
CA GLY E 342 41.42 -55.87 -15.36
C GLY E 342 41.15 -56.03 -16.84
N PRO E 343 41.23 -57.28 -17.33
CA PRO E 343 40.89 -57.60 -18.69
C PRO E 343 39.37 -57.66 -18.90
N GLN E 344 38.95 -57.61 -20.17
CA GLN E 344 37.59 -57.90 -20.55
C GLN E 344 37.37 -59.40 -20.42
N VAL E 345 36.11 -59.82 -20.38
CA VAL E 345 35.77 -61.14 -19.84
C VAL E 345 36.23 -62.29 -20.72
N ASP E 346 36.29 -62.07 -22.03
CA ASP E 346 36.66 -63.15 -22.96
C ASP E 346 37.06 -62.58 -24.32
N GLU E 347 37.48 -63.46 -25.23
CA GLU E 347 38.00 -63.05 -26.53
C GLU E 347 36.94 -62.34 -27.37
N THR E 348 35.75 -62.94 -27.42
CA THR E 348 34.64 -62.39 -28.18
C THR E 348 34.34 -60.93 -27.80
N GLN E 349 34.33 -60.63 -26.51
CA GLN E 349 34.08 -59.26 -26.06
C GLN E 349 35.27 -58.38 -26.39
N PHE E 350 36.46 -58.92 -26.15
CA PHE E 350 37.73 -58.28 -26.52
C PHE E 350 37.68 -57.74 -27.95
N LYS E 351 37.30 -58.61 -28.89
CA LYS E 351 37.27 -58.25 -30.30
C LYS E 351 36.11 -57.30 -30.64
N LYS E 352 34.94 -57.54 -30.05
CA LYS E 352 33.79 -56.68 -30.31
C LYS E 352 34.09 -55.25 -29.86
N ILE E 353 34.81 -55.11 -28.74
CA ILE E 353 35.13 -53.80 -28.20
C ILE E 353 36.08 -53.05 -29.12
N LEU E 354 37.07 -53.75 -29.66
CA LEU E 354 38.04 -53.14 -30.55
C LEU E 354 37.36 -52.78 -31.87
N GLY E 355 36.39 -53.60 -32.27
CA GLY E 355 35.54 -53.30 -33.42
C GLY E 355 34.74 -52.02 -33.28
N TYR E 356 34.15 -51.83 -32.10
CA TYR E 356 33.47 -50.59 -31.79
C TYR E 356 34.42 -49.40 -31.83
N ILE E 357 35.62 -49.57 -31.30
CA ILE E 357 36.61 -48.49 -31.36
C ILE E 357 36.92 -48.11 -32.82
N ASN E 358 37.05 -49.10 -33.71
CA ASN E 358 37.33 -48.80 -35.11
C ASN E 358 36.18 -48.04 -35.78
N THR E 359 34.96 -48.55 -35.63
CA THR E 359 33.78 -47.84 -36.06
C THR E 359 33.78 -46.39 -35.57
N GLY E 360 34.12 -46.21 -34.29
CA GLY E 360 34.17 -44.89 -33.68
C GLY E 360 35.03 -43.94 -34.48
N LYS E 361 36.26 -44.37 -34.76
CA LYS E 361 37.22 -43.60 -35.56
C LYS E 361 36.73 -43.32 -36.96
N GLN E 362 36.18 -44.36 -37.60
CA GLN E 362 35.79 -44.28 -38.99
C GLN E 362 34.61 -43.32 -39.19
N GLU E 363 33.78 -43.18 -38.16
CA GLU E 363 32.59 -42.35 -38.23
C GLU E 363 32.84 -40.91 -37.80
N GLY E 364 34.06 -40.60 -37.43
CA GLY E 364 34.43 -39.20 -37.27
C GLY E 364 34.34 -38.68 -35.83
N ALA E 365 34.16 -39.56 -34.83
CA ALA E 365 34.40 -39.15 -33.45
C ALA E 365 35.89 -38.93 -33.23
N LYS E 366 36.23 -38.00 -32.36
CA LYS E 366 37.61 -37.67 -32.13
C LYS E 366 38.16 -38.54 -31.01
N LEU E 367 39.15 -39.36 -31.36
CA LEU E 367 39.82 -40.25 -30.44
C LEU E 367 40.86 -39.51 -29.59
N LEU E 368 40.65 -39.45 -28.28
CA LEU E 368 41.42 -38.51 -27.48
C LEU E 368 42.51 -39.17 -26.66
N CYS E 369 42.30 -40.43 -26.26
CA CYS E 369 43.35 -41.26 -25.67
C CYS E 369 42.98 -42.72 -25.85
N GLY E 370 43.94 -43.61 -25.60
CA GLY E 370 43.74 -45.05 -25.78
C GLY E 370 43.43 -45.50 -27.20
N GLY E 371 42.56 -46.51 -27.32
CA GLY E 371 42.08 -46.92 -28.63
C GLY E 371 42.60 -48.26 -29.12
N GLY E 372 43.47 -48.88 -28.33
CA GLY E 372 44.06 -50.16 -28.76
C GLY E 372 44.21 -51.18 -27.64
N ILE E 373 44.91 -52.27 -27.95
CA ILE E 373 45.20 -53.32 -26.98
C ILE E 373 46.18 -52.81 -25.93
N ALA E 374 45.95 -53.18 -24.68
CA ALA E 374 46.79 -52.71 -23.58
C ALA E 374 47.85 -53.71 -23.09
N ALA E 375 47.84 -54.94 -23.59
CA ALA E 375 48.87 -55.94 -23.25
C ALA E 375 48.89 -57.10 -24.24
N ASP E 376 50.00 -57.83 -24.30
CA ASP E 376 50.15 -58.90 -25.31
C ASP E 376 49.53 -60.22 -24.85
N ARG E 377 49.16 -60.26 -23.57
CA ARG E 377 48.63 -61.46 -22.96
C ARG E 377 47.37 -61.10 -22.16
N GLY E 378 46.28 -61.84 -22.40
CA GLY E 378 45.01 -61.59 -21.71
C GLY E 378 44.24 -60.51 -22.42
N TYR E 379 42.97 -60.34 -22.09
CA TYR E 379 42.13 -59.43 -22.87
C TYR E 379 42.09 -57.98 -22.37
N PHE E 380 43.25 -57.32 -22.34
CA PHE E 380 43.35 -55.96 -21.80
C PHE E 380 43.21 -54.86 -22.86
N ILE E 381 42.36 -53.87 -22.61
CA ILE E 381 42.16 -52.78 -23.56
C ILE E 381 42.43 -51.44 -22.91
N GLN E 382 43.14 -50.56 -23.61
CA GLN E 382 43.43 -49.23 -23.07
C GLN E 382 42.13 -48.47 -22.79
N PRO E 383 42.09 -47.70 -21.68
CA PRO E 383 40.97 -46.77 -21.43
C PRO E 383 40.83 -45.71 -22.54
N THR E 384 39.67 -45.67 -23.18
CA THR E 384 39.50 -44.99 -24.46
C THR E 384 38.43 -43.93 -24.32
N VAL E 385 38.78 -42.71 -24.75
CA VAL E 385 37.86 -41.58 -24.70
C VAL E 385 37.65 -41.03 -26.09
N PHE E 386 36.39 -40.97 -26.51
CA PHE E 386 36.02 -40.30 -27.73
C PHE E 386 35.35 -38.96 -27.41
N GLY E 387 35.79 -37.88 -28.07
CA GLY E 387 35.14 -36.57 -27.97
C GLY E 387 34.34 -36.18 -29.21
N ASP E 388 33.57 -35.11 -29.10
CA ASP E 388 32.69 -34.59 -30.16
C ASP E 388 31.79 -35.67 -30.73
N VAL E 389 31.24 -36.50 -29.84
CA VAL E 389 30.43 -37.59 -30.28
C VAL E 389 29.04 -37.07 -30.69
N GLN E 390 28.50 -37.58 -31.79
CA GLN E 390 27.18 -37.13 -32.26
C GLN E 390 26.13 -38.22 -32.10
N ASP E 391 24.88 -37.82 -31.90
CA ASP E 391 23.81 -38.76 -31.54
C ASP E 391 23.68 -39.92 -32.56
N GLY E 392 23.98 -39.63 -33.83
CA GLY E 392 23.75 -40.61 -34.90
C GLY E 392 24.87 -41.64 -35.04
N MET E 393 25.98 -41.42 -34.34
CA MET E 393 27.11 -42.33 -34.43
C MET E 393 26.82 -43.67 -33.79
N THR E 394 27.39 -44.73 -34.34
CA THR E 394 27.19 -46.06 -33.80
C THR E 394 27.59 -46.13 -32.33
N ILE E 395 28.73 -45.52 -31.99
CA ILE E 395 29.22 -45.57 -30.62
C ILE E 395 28.36 -44.77 -29.65
N ALA E 396 27.48 -43.91 -30.15
CA ALA E 396 26.47 -43.24 -29.32
C ALA E 396 25.18 -44.04 -29.23
N LYS E 397 25.05 -45.11 -30.00
CA LYS E 397 23.77 -45.83 -30.05
C LYS E 397 23.88 -47.24 -29.50
N GLU E 398 24.98 -47.90 -29.76
CA GLU E 398 25.08 -49.32 -29.43
C GLU E 398 25.88 -49.54 -28.16
N GLU E 399 25.41 -50.47 -27.36
CA GLU E 399 26.02 -50.76 -26.06
C GLU E 399 27.36 -51.44 -26.36
N ILE E 400 28.44 -50.82 -25.91
CA ILE E 400 29.77 -51.31 -26.22
C ILE E 400 30.22 -52.32 -25.16
N PHE E 401 29.89 -52.04 -23.89
CA PHE E 401 30.23 -52.92 -22.76
C PHE E 401 31.74 -53.00 -22.56
N GLY E 402 32.42 -51.87 -22.68
CA GLY E 402 33.87 -51.87 -22.70
C GLY E 402 34.34 -50.53 -22.21
N PRO E 403 35.66 -50.39 -21.96
CA PRO E 403 36.16 -49.12 -21.41
C PRO E 403 36.32 -48.07 -22.51
N VAL E 404 35.19 -47.71 -23.13
CA VAL E 404 35.15 -46.73 -24.22
C VAL E 404 34.12 -45.66 -23.85
N MET E 405 34.62 -44.45 -23.60
CA MET E 405 33.81 -43.32 -23.12
C MET E 405 33.46 -42.39 -24.29
N GLN E 406 32.19 -41.99 -24.36
CA GLN E 406 31.67 -41.07 -25.36
C GLN E 406 31.32 -39.77 -24.67
N ILE E 407 31.94 -38.66 -25.10
CA ILE E 407 31.55 -37.35 -24.59
C ILE E 407 30.84 -36.53 -25.68
N LEU E 408 29.64 -36.04 -25.36
CA LEU E 408 28.83 -35.28 -26.31
C LEU E 408 28.61 -33.89 -25.73
N LYS E 409 28.55 -32.87 -26.59
CA LYS E 409 28.37 -31.51 -26.11
C LYS E 409 26.93 -31.09 -26.30
N PHE E 410 26.40 -30.33 -25.35
CA PHE E 410 25.06 -29.80 -25.50
C PHE E 410 25.01 -28.36 -25.01
N LYS E 411 23.89 -27.68 -25.30
CA LYS E 411 23.71 -26.30 -24.89
C LYS E 411 22.65 -26.12 -23.83
N THR E 412 21.44 -26.60 -24.09
CA THR E 412 20.31 -26.29 -23.23
C THR E 412 19.82 -27.53 -22.50
N ILE E 413 19.13 -27.30 -21.40
CA ILE E 413 18.44 -28.34 -20.66
C ILE E 413 17.30 -29.01 -21.44
N GLU E 414 16.59 -28.26 -22.27
CA GLU E 414 15.55 -28.89 -23.06
C GLU E 414 16.20 -29.79 -24.11
N GLU E 415 17.30 -29.31 -24.68
CA GLU E 415 18.03 -30.10 -25.65
C GLU E 415 18.49 -31.45 -25.05
N VAL E 416 19.10 -31.41 -23.88
CA VAL E 416 19.73 -32.61 -23.35
C VAL E 416 18.69 -33.66 -22.93
N VAL E 417 17.57 -33.19 -22.38
CA VAL E 417 16.46 -34.08 -22.04
C VAL E 417 16.01 -34.87 -23.27
N GLY E 418 15.74 -34.15 -24.35
CA GLY E 418 15.37 -34.76 -25.63
C GLY E 418 16.41 -35.69 -26.21
N ARG E 419 17.68 -35.33 -26.14
CA ARG E 419 18.70 -36.19 -26.71
C ARG E 419 18.90 -37.44 -25.85
N ALA E 420 18.85 -37.27 -24.54
CA ALA E 420 18.98 -38.42 -23.63
C ALA E 420 17.83 -39.41 -23.82
N ASN E 421 16.62 -38.90 -24.01
CA ASN E 421 15.44 -39.74 -24.09
C ASN E 421 15.26 -40.34 -25.46
N ASN E 422 16.01 -39.86 -26.45
CA ASN E 422 15.89 -40.36 -27.81
C ASN E 422 16.74 -41.63 -27.92
N SER E 423 16.21 -42.74 -27.38
CA SER E 423 16.94 -44.01 -27.31
C SER E 423 15.84 -45.04 -27.15
N THR E 424 16.08 -46.26 -27.64
CA THR E 424 15.17 -47.36 -27.27
C THR E 424 15.60 -48.04 -25.96
N TYR E 425 16.71 -47.57 -25.38
CA TYR E 425 17.12 -48.04 -24.07
C TYR E 425 16.60 -47.08 -23.02
N GLY E 426 16.58 -47.49 -21.76
CA GLY E 426 16.14 -46.57 -20.71
C GLY E 426 16.35 -47.17 -19.35
N LEU E 427 17.57 -47.67 -19.12
CA LEU E 427 17.91 -48.40 -17.92
C LEU E 427 18.24 -47.43 -16.79
N ALA E 428 19.14 -46.47 -17.05
CA ALA E 428 19.50 -45.50 -16.04
C ALA E 428 19.88 -44.17 -16.67
N ALA E 429 20.12 -43.18 -15.82
CA ALA E 429 20.55 -41.85 -16.25
C ALA E 429 21.13 -41.17 -15.03
N ALA E 430 21.93 -40.12 -15.21
CA ALA E 430 22.33 -39.29 -14.08
C ALA E 430 22.41 -37.84 -14.46
N VAL E 431 22.32 -36.98 -13.44
CA VAL E 431 22.33 -35.54 -13.62
C VAL E 431 23.28 -34.95 -12.58
N PHE E 432 24.20 -34.10 -13.03
CA PHE E 432 25.10 -33.41 -12.13
C PHE E 432 24.83 -31.90 -12.16
N THR E 433 24.40 -31.37 -11.02
CA THR E 433 23.97 -29.97 -10.92
C THR E 433 23.79 -29.58 -9.46
N LYS E 434 24.02 -28.31 -9.18
CA LYS E 434 23.86 -27.81 -7.82
C LYS E 434 22.46 -27.28 -7.62
N ASP E 435 21.70 -27.16 -8.70
CA ASP E 435 20.41 -26.44 -8.67
C ASP E 435 19.23 -27.36 -8.35
N LEU E 436 18.45 -27.00 -7.34
CA LEU E 436 17.27 -27.77 -6.96
C LEU E 436 16.30 -28.01 -8.16
N ASP E 437 15.94 -26.94 -8.86
CA ASP E 437 14.88 -27.01 -9.87
C ASP E 437 15.38 -27.82 -11.05
N LYS E 438 16.63 -27.63 -11.44
CA LYS E 438 17.18 -28.41 -12.55
C LYS E 438 17.17 -29.91 -12.26
N ALA E 439 17.60 -30.31 -11.06
CA ALA E 439 17.58 -31.69 -10.62
C ALA E 439 16.16 -32.28 -10.67
N ASN E 440 15.17 -31.52 -10.20
CA ASN E 440 13.79 -31.99 -10.19
C ASN E 440 13.14 -32.06 -11.57
N TYR E 441 13.38 -31.06 -12.42
CA TYR E 441 12.98 -31.09 -13.82
C TYR E 441 13.54 -32.31 -14.57
N LEU E 442 14.83 -32.52 -14.47
CA LEU E 442 15.52 -33.61 -15.18
C LEU E 442 15.16 -35.02 -14.64
N SER E 443 15.13 -35.19 -13.32
CA SER E 443 14.79 -36.51 -12.76
C SER E 443 13.39 -36.88 -13.18
N GLN E 444 12.49 -35.89 -13.22
CA GLN E 444 11.16 -36.15 -13.72
C GLN E 444 11.15 -36.51 -15.22
N ALA E 445 11.83 -35.74 -16.07
CA ALA E 445 11.65 -35.87 -17.51
C ALA E 445 12.42 -37.05 -18.14
N LEU E 446 13.46 -37.52 -17.47
CA LEU E 446 14.30 -38.57 -18.00
C LEU E 446 13.53 -39.89 -18.00
N GLN E 447 13.53 -40.57 -19.14
CA GLN E 447 12.81 -41.84 -19.26
C GLN E 447 13.74 -43.02 -18.97
N ALA E 448 14.00 -43.26 -17.69
CA ALA E 448 14.97 -44.25 -17.26
C ALA E 448 14.52 -44.85 -15.94
N GLY E 449 14.88 -46.12 -15.72
CA GLY E 449 14.43 -46.84 -14.52
C GLY E 449 15.09 -46.32 -13.25
N THR E 450 16.36 -45.88 -13.36
CA THR E 450 17.01 -45.21 -12.23
C THR E 450 17.58 -43.85 -12.67
N VAL E 451 17.34 -42.80 -11.90
CA VAL E 451 18.02 -41.52 -12.12
C VAL E 451 18.86 -41.16 -10.89
N TRP E 452 20.16 -41.08 -11.08
CA TRP E 452 21.06 -40.65 -10.02
C TRP E 452 21.26 -39.14 -10.11
N VAL E 453 21.33 -38.47 -8.97
CA VAL E 453 21.63 -37.05 -8.93
C VAL E 453 22.93 -36.83 -8.15
N ASN E 454 23.91 -36.22 -8.81
CA ASN E 454 25.22 -35.97 -8.25
C ASN E 454 25.89 -37.22 -7.69
N CYS E 455 25.57 -38.36 -8.29
CA CYS E 455 26.27 -39.59 -8.00
C CYS E 455 26.00 -40.51 -9.18
N TYR E 456 26.55 -41.71 -9.14
CA TYR E 456 26.33 -42.71 -10.20
C TYR E 456 26.55 -44.12 -9.68
N ASP E 457 25.83 -45.10 -10.24
CA ASP E 457 25.98 -46.49 -9.81
C ASP E 457 25.80 -46.66 -8.29
N VAL E 458 24.83 -45.96 -7.74
CA VAL E 458 24.53 -46.11 -6.32
C VAL E 458 23.40 -47.12 -6.17
N PHE E 459 23.73 -48.33 -5.74
CA PHE E 459 22.72 -49.37 -5.58
C PHE E 459 22.55 -49.64 -4.11
N GLY E 460 21.32 -49.96 -3.72
CA GLY E 460 21.08 -50.49 -2.40
C GLY E 460 20.09 -51.62 -2.58
N ALA E 461 20.27 -52.68 -1.80
CA ALA E 461 19.27 -53.73 -1.74
C ALA E 461 17.83 -53.19 -1.56
N GLN E 462 17.70 -52.04 -0.91
CA GLN E 462 16.39 -51.45 -0.59
C GLN E 462 15.71 -50.80 -1.82
N SER E 463 16.50 -50.37 -2.79
CA SER E 463 15.96 -49.58 -3.90
C SER E 463 15.88 -50.37 -5.21
N PRO E 464 14.70 -50.32 -5.86
CA PRO E 464 14.51 -51.16 -7.03
C PRO E 464 15.33 -50.67 -8.21
N PHE E 465 15.57 -51.60 -9.13
CA PHE E 465 16.38 -51.34 -10.33
C PHE E 465 15.81 -52.15 -11.48
N GLY E 466 15.78 -51.53 -12.67
CA GLY E 466 15.30 -52.20 -13.89
C GLY E 466 14.94 -51.24 -15.01
N GLY E 467 14.54 -51.77 -16.16
CA GLY E 467 14.53 -50.97 -17.38
C GLY E 467 13.21 -50.28 -17.64
N TYR E 468 13.28 -49.11 -18.30
CA TYR E 468 12.18 -48.63 -19.15
C TYR E 468 12.44 -49.16 -20.55
N LYS E 469 11.40 -49.12 -21.39
CA LYS E 469 11.57 -49.32 -22.83
C LYS E 469 12.19 -50.70 -23.08
N MET E 470 13.11 -50.80 -24.02
CA MET E 470 13.78 -52.05 -24.32
C MET E 470 14.95 -52.43 -23.40
N SER E 471 15.08 -51.74 -22.28
CA SER E 471 16.07 -52.13 -21.28
C SER E 471 15.54 -53.21 -20.31
N GLY E 472 14.29 -53.62 -20.51
CA GLY E 472 13.72 -54.69 -19.69
C GLY E 472 12.29 -54.42 -19.22
N SER E 473 11.80 -55.32 -18.38
CA SER E 473 10.55 -55.11 -17.67
C SER E 473 10.61 -55.78 -16.30
N GLY E 474 9.85 -55.22 -15.35
CA GLY E 474 9.88 -55.66 -13.97
C GLY E 474 11.05 -54.99 -13.27
N ARG E 475 11.15 -55.21 -11.96
CA ARG E 475 12.14 -54.52 -11.14
C ARG E 475 12.81 -55.53 -10.21
N GLU E 476 14.11 -55.38 -10.00
CA GLU E 476 14.84 -56.17 -9.00
C GLU E 476 15.20 -55.28 -7.82
N LEU E 477 15.53 -55.92 -6.68
CA LEU E 477 15.76 -55.24 -5.40
C LEU E 477 14.52 -54.56 -4.77
N GLY E 478 14.69 -54.17 -3.51
CA GLY E 478 13.62 -53.63 -2.69
C GLY E 478 12.39 -54.51 -2.57
N GLU E 479 11.33 -53.91 -2.04
CA GLU E 479 10.03 -54.58 -2.00
C GLU E 479 9.52 -54.97 -3.38
N TYR E 480 9.79 -54.15 -4.39
CA TYR E 480 9.33 -54.45 -5.75
C TYR E 480 9.84 -55.78 -6.32
N GLY E 481 11.04 -56.17 -5.93
CA GLY E 481 11.64 -57.42 -6.39
C GLY E 481 10.91 -58.66 -5.90
N LEU E 482 9.99 -58.49 -4.94
CA LEU E 482 9.14 -59.60 -4.51
C LEU E 482 7.95 -59.85 -5.44
N GLN E 483 7.54 -58.82 -6.18
CA GLN E 483 6.26 -58.88 -6.94
C GLN E 483 6.27 -59.99 -7.98
N ALA E 484 7.39 -60.14 -8.69
CA ALA E 484 7.45 -61.12 -9.78
C ALA E 484 7.55 -62.55 -9.27
N TYR E 485 7.82 -62.70 -7.97
CA TYR E 485 8.09 -64.01 -7.38
C TYR E 485 6.90 -64.47 -6.56
N THR E 486 5.79 -63.77 -6.75
CA THR E 486 4.57 -63.93 -5.98
C THR E 486 3.41 -64.21 -6.91
N GLU E 487 2.58 -65.19 -6.55
CA GLU E 487 1.34 -65.45 -7.27
C GLU E 487 0.17 -65.15 -6.33
N VAL E 488 -0.75 -64.31 -6.78
CA VAL E 488 -1.80 -63.79 -5.89
C VAL E 488 -3.09 -64.59 -5.94
N LYS E 489 -3.52 -65.10 -4.79
CA LYS E 489 -4.76 -65.86 -4.72
C LYS E 489 -5.78 -65.10 -3.89
N THR E 490 -6.95 -64.88 -4.46
CA THR E 490 -8.06 -64.30 -3.72
C THR E 490 -8.90 -65.46 -3.17
N VAL E 491 -9.23 -65.39 -1.89
CA VAL E 491 -10.23 -66.31 -1.32
C VAL E 491 -11.42 -65.46 -0.83
N THR E 492 -12.63 -65.83 -1.25
CA THR E 492 -13.80 -65.02 -0.92
C THR E 492 -14.88 -65.94 -0.35
N VAL E 493 -15.25 -65.66 0.90
CA VAL E 493 -15.96 -66.61 1.74
C VAL E 493 -17.31 -65.99 2.07
N LYS E 494 -18.40 -66.70 1.78
CA LYS E 494 -19.72 -66.26 2.26
C LYS E 494 -19.74 -66.28 3.79
N VAL E 495 -20.26 -65.21 4.40
CA VAL E 495 -20.40 -65.13 5.86
C VAL E 495 -21.85 -64.76 6.21
N PRO E 496 -22.31 -65.11 7.41
CA PRO E 496 -23.72 -64.87 7.72
C PRO E 496 -24.15 -63.40 7.62
N GLN E 497 -23.31 -62.49 8.13
CA GLN E 497 -23.60 -61.07 8.03
C GLN E 497 -22.35 -60.19 8.17
N LYS E 498 -21.94 -59.57 7.07
CA LYS E 498 -20.76 -58.68 7.06
C LYS E 498 -21.05 -57.38 7.88
N ASN E 499 -20.17 -57.04 8.81
CA ASN E 499 -20.12 -55.72 9.42
C ASN E 499 -18.73 -55.10 9.27
N SER E 500 -18.67 -53.78 9.33
CA SER E 500 -17.40 -53.03 9.29
C SER E 500 -16.51 -53.40 10.47
N ALA F 7 -36.02 -53.73 -9.04
CA ALA F 7 -36.84 -52.93 -10.02
C ALA F 7 -36.05 -52.57 -11.30
N VAL F 8 -36.63 -52.88 -12.47
CA VAL F 8 -35.93 -52.73 -13.75
C VAL F 8 -36.80 -51.98 -14.74
N PRO F 9 -36.30 -50.86 -15.28
CA PRO F 9 -37.06 -50.07 -16.24
C PRO F 9 -37.36 -50.89 -17.49
N ALA F 10 -38.47 -50.59 -18.16
CA ALA F 10 -38.86 -51.30 -19.38
C ALA F 10 -37.84 -50.96 -20.47
N PRO F 11 -37.37 -51.98 -21.20
CA PRO F 11 -36.30 -51.78 -22.19
C PRO F 11 -36.86 -51.23 -23.50
N ASN F 12 -36.09 -50.41 -24.20
CA ASN F 12 -36.30 -50.25 -25.64
C ASN F 12 -35.68 -51.44 -26.36
N GLN F 13 -36.53 -52.27 -26.97
CA GLN F 13 -36.07 -53.53 -27.55
C GLN F 13 -35.45 -53.40 -28.95
N GLN F 14 -35.53 -52.21 -29.50
CA GLN F 14 -34.80 -51.87 -30.72
C GLN F 14 -34.09 -50.55 -30.52
N PRO F 15 -33.06 -50.53 -29.65
CA PRO F 15 -32.38 -49.26 -29.40
C PRO F 15 -31.70 -48.78 -30.66
N GLU F 16 -31.73 -47.48 -30.90
CA GLU F 16 -31.01 -46.86 -32.01
C GLU F 16 -29.50 -46.94 -31.77
N VAL F 17 -28.76 -47.16 -32.84
CA VAL F 17 -27.30 -47.10 -32.78
C VAL F 17 -26.86 -45.71 -33.17
N PHE F 18 -26.03 -45.09 -32.35
CA PHE F 18 -25.55 -43.74 -32.62
C PHE F 18 -24.09 -43.72 -33.01
N CYS F 19 -23.35 -44.76 -32.62
CA CYS F 19 -21.92 -44.71 -32.76
C CYS F 19 -21.47 -46.00 -33.39
N ASN F 20 -20.85 -45.90 -34.57
CA ASN F 20 -20.39 -47.09 -35.27
C ASN F 20 -19.14 -46.87 -36.10
N GLN F 21 -18.28 -45.98 -35.62
CA GLN F 21 -17.09 -45.64 -36.34
C GLN F 21 -15.86 -45.82 -35.46
N ILE F 22 -14.71 -45.39 -35.95
CA ILE F 22 -13.47 -45.44 -35.17
C ILE F 22 -13.33 -44.17 -34.33
N PHE F 23 -12.95 -44.32 -33.06
CA PHE F 23 -12.88 -43.19 -32.13
C PHE F 23 -11.41 -42.85 -31.88
N ILE F 24 -10.96 -41.73 -32.46
CA ILE F 24 -9.60 -41.26 -32.26
C ILE F 24 -9.65 -39.78 -31.97
N ASN F 25 -8.88 -39.35 -30.98
CA ASN F 25 -8.85 -37.96 -30.60
C ASN F 25 -10.24 -37.38 -30.37
N ASN F 26 -11.10 -38.15 -29.69
CA ASN F 26 -12.47 -37.70 -29.37
C ASN F 26 -13.29 -37.35 -30.62
N GLU F 27 -12.91 -37.89 -31.77
CA GLU F 27 -13.68 -37.69 -32.99
C GLU F 27 -13.95 -39.03 -33.66
N TRP F 28 -15.00 -39.10 -34.46
CA TRP F 28 -15.37 -40.33 -35.15
C TRP F 28 -14.81 -40.42 -36.57
N HIS F 29 -14.17 -41.54 -36.92
CA HIS F 29 -13.52 -41.66 -38.22
C HIS F 29 -14.03 -42.91 -38.91
N ASP F 30 -14.24 -42.83 -40.22
CA ASP F 30 -14.27 -44.04 -41.04
C ASP F 30 -12.89 -44.68 -41.04
N ALA F 31 -12.85 -45.99 -41.29
CA ALA F 31 -11.60 -46.64 -41.61
C ALA F 31 -10.95 -46.00 -42.82
N VAL F 32 -9.62 -46.00 -42.85
CA VAL F 32 -8.89 -45.44 -44.00
C VAL F 32 -9.39 -46.12 -45.28
N SER F 33 -9.62 -47.43 -45.23
CA SER F 33 -10.13 -48.19 -46.35
C SER F 33 -11.63 -47.97 -46.62
N ARG F 34 -12.31 -47.25 -45.73
CA ARG F 34 -13.77 -47.09 -45.81
C ARG F 34 -14.56 -48.38 -45.58
N LYS F 35 -13.88 -49.47 -45.25
CA LYS F 35 -14.55 -50.76 -45.02
C LYS F 35 -15.42 -50.77 -43.75
N THR F 36 -16.54 -51.49 -43.83
CA THR F 36 -17.37 -51.77 -42.64
C THR F 36 -17.68 -53.26 -42.56
N PHE F 37 -18.01 -53.73 -41.37
CA PHE F 37 -18.48 -55.10 -41.16
C PHE F 37 -19.84 -55.09 -40.44
N PRO F 38 -20.70 -56.07 -40.73
CA PRO F 38 -21.97 -56.14 -40.03
C PRO F 38 -21.82 -56.73 -38.62
N THR F 39 -22.54 -56.18 -37.66
CA THR F 39 -22.69 -56.86 -36.39
C THR F 39 -24.10 -57.41 -36.27
N VAL F 40 -24.20 -58.62 -35.72
CA VAL F 40 -25.43 -59.43 -35.80
C VAL F 40 -26.12 -59.47 -34.41
N ASN F 41 -27.45 -59.44 -34.39
CA ASN F 41 -28.25 -59.76 -33.19
C ASN F 41 -28.32 -61.27 -33.02
N PRO F 42 -27.66 -61.82 -31.98
CA PRO F 42 -27.59 -63.28 -31.91
C PRO F 42 -28.94 -63.93 -31.58
N SER F 43 -29.94 -63.14 -31.20
CA SER F 43 -31.26 -63.69 -30.90
C SER F 43 -32.05 -63.94 -32.18
N THR F 44 -31.83 -63.13 -33.21
CA THR F 44 -32.61 -63.20 -34.44
C THR F 44 -31.77 -63.71 -35.61
N GLY F 45 -30.46 -63.60 -35.49
CA GLY F 45 -29.58 -63.88 -36.60
C GLY F 45 -29.57 -62.75 -37.61
N GLU F 46 -30.15 -61.60 -37.26
CA GLU F 46 -30.20 -60.48 -38.19
C GLU F 46 -29.13 -59.43 -37.95
N VAL F 47 -28.70 -58.76 -39.02
CA VAL F 47 -27.70 -57.71 -38.91
C VAL F 47 -28.31 -56.49 -38.21
N ILE F 48 -27.62 -55.94 -37.22
CA ILE F 48 -28.05 -54.72 -36.53
C ILE F 48 -27.66 -53.46 -37.30
N CYS F 49 -26.38 -53.38 -37.65
CA CYS F 49 -25.89 -52.28 -38.45
C CYS F 49 -24.48 -52.64 -38.93
N GLN F 50 -23.85 -51.76 -39.70
CA GLN F 50 -22.46 -51.94 -40.09
C GLN F 50 -21.55 -51.08 -39.22
N VAL F 51 -20.30 -51.52 -39.06
CA VAL F 51 -19.33 -50.86 -38.19
C VAL F 51 -18.01 -50.66 -38.91
N ALA F 52 -17.38 -49.49 -38.76
CA ALA F 52 -16.09 -49.24 -39.38
C ALA F 52 -15.17 -50.39 -39.07
N GLU F 53 -14.51 -50.91 -40.12
CA GLU F 53 -13.59 -52.02 -39.99
C GLU F 53 -12.15 -51.55 -39.87
N GLY F 54 -11.67 -51.37 -38.64
CA GLY F 54 -10.34 -50.81 -38.44
C GLY F 54 -9.26 -51.83 -38.73
N ASP F 55 -8.16 -51.37 -39.30
CA ASP F 55 -7.05 -52.25 -39.63
C ASP F 55 -5.78 -51.55 -39.17
N LYS F 56 -4.65 -52.03 -39.65
CA LYS F 56 -3.34 -51.57 -39.16
C LYS F 56 -3.17 -50.07 -39.27
N GLU F 57 -3.57 -49.48 -40.39
CA GLU F 57 -3.38 -48.04 -40.57
C GLU F 57 -4.19 -47.23 -39.58
N ASP F 58 -5.39 -47.70 -39.25
CA ASP F 58 -6.23 -46.99 -38.27
C ASP F 58 -5.67 -47.14 -36.86
N VAL F 59 -5.19 -48.34 -36.56
CA VAL F 59 -4.40 -48.54 -35.36
C VAL F 59 -3.19 -47.59 -35.29
N ASP F 60 -2.45 -47.46 -36.39
CA ASP F 60 -1.32 -46.54 -36.41
C ASP F 60 -1.74 -45.11 -36.05
N LYS F 61 -2.87 -44.65 -36.60
CA LYS F 61 -3.41 -43.32 -36.26
C LYS F 61 -3.76 -43.16 -34.79
N ALA F 62 -4.42 -44.19 -34.25
CA ALA F 62 -4.81 -44.18 -32.85
C ALA F 62 -3.60 -44.11 -31.92
N VAL F 63 -2.57 -44.87 -32.26
CA VAL F 63 -1.34 -44.89 -31.45
C VAL F 63 -0.65 -43.52 -31.44
N LYS F 64 -0.60 -42.86 -32.58
CA LYS F 64 -0.01 -41.50 -32.66
C LYS F 64 -0.80 -40.51 -31.83
N ALA F 65 -2.13 -40.56 -31.95
CA ALA F 65 -2.98 -39.78 -31.06
C ALA F 65 -2.72 -40.03 -29.58
N ALA F 66 -2.66 -41.31 -29.19
CA ALA F 66 -2.33 -41.67 -27.80
C ALA F 66 -0.94 -41.15 -27.40
N ARG F 67 0.05 -41.34 -28.27
CA ARG F 67 1.41 -40.93 -27.93
C ARG F 67 1.44 -39.40 -27.75
N ALA F 68 0.71 -38.67 -28.58
CA ALA F 68 0.67 -37.20 -28.47
C ALA F 68 0.04 -36.77 -27.16
N ALA F 69 -1.08 -37.40 -26.79
CA ALA F 69 -1.76 -37.04 -25.55
C ALA F 69 -0.86 -37.36 -24.37
N PHE F 70 0.09 -38.28 -24.57
CA PHE F 70 1.00 -38.70 -23.46
C PHE F 70 2.29 -37.86 -23.31
N GLN F 71 2.49 -36.89 -24.20
CA GLN F 71 3.74 -36.09 -24.17
C GLN F 71 3.88 -35.30 -22.88
N LEU F 72 5.10 -35.24 -22.37
CA LEU F 72 5.41 -34.42 -21.21
C LEU F 72 4.75 -33.05 -21.43
N GLY F 73 4.12 -32.51 -20.40
CA GLY F 73 3.54 -31.17 -20.50
C GLY F 73 2.15 -31.08 -21.11
N SER F 74 1.62 -32.19 -21.60
CA SER F 74 0.27 -32.23 -22.18
C SER F 74 -0.79 -32.06 -21.09
N PRO F 75 -2.03 -31.74 -21.46
CA PRO F 75 -3.11 -31.64 -20.48
C PRO F 75 -3.28 -32.91 -19.62
N TRP F 76 -3.27 -34.07 -20.26
CA TRP F 76 -3.40 -35.33 -19.53
C TRP F 76 -2.22 -35.61 -18.58
N ARG F 77 -1.01 -35.28 -19.01
CA ARG F 77 0.17 -35.49 -18.13
C ARG F 77 0.21 -34.51 -16.96
N ARG F 78 -0.22 -33.28 -17.20
CA ARG F 78 -0.16 -32.25 -16.17
C ARG F 78 -1.33 -32.36 -15.20
N MET F 79 -2.38 -33.05 -15.62
CA MET F 79 -3.64 -33.02 -14.88
C MET F 79 -3.33 -33.49 -13.46
N ASP F 80 -3.90 -32.86 -12.44
CA ASP F 80 -3.83 -33.41 -11.08
C ASP F 80 -4.37 -34.83 -11.02
N ALA F 81 -3.72 -35.68 -10.23
CA ALA F 81 -4.17 -37.07 -10.11
C ALA F 81 -5.60 -37.10 -9.60
N SER F 82 -5.93 -36.22 -8.65
CA SER F 82 -7.28 -36.17 -8.10
C SER F 82 -8.31 -35.84 -9.19
N HIS F 83 -7.90 -35.06 -10.17
CA HIS F 83 -8.77 -34.68 -11.27
C HIS F 83 -9.02 -35.84 -12.26
N ARG F 84 -8.03 -36.68 -12.48
CA ARG F 84 -8.28 -37.97 -13.17
C ARG F 84 -9.40 -38.74 -12.46
N GLY F 85 -9.34 -38.72 -11.14
CA GLY F 85 -10.42 -39.26 -10.32
C GLY F 85 -11.78 -38.64 -10.63
N ARG F 86 -11.85 -37.31 -10.64
CA ARG F 86 -13.10 -36.60 -10.97
C ARG F 86 -13.64 -37.04 -12.34
N LEU F 87 -12.75 -37.18 -13.31
CA LEU F 87 -13.19 -37.50 -14.68
C LEU F 87 -13.77 -38.90 -14.73
N LEU F 88 -13.09 -39.84 -14.08
CA LEU F 88 -13.65 -41.18 -13.96
C LEU F 88 -15.01 -41.22 -13.26
N ASN F 89 -15.18 -40.44 -12.21
CA ASN F 89 -16.48 -40.31 -11.54
C ASN F 89 -17.53 -39.67 -12.46
N ARG F 90 -17.13 -38.65 -13.23
CA ARG F 90 -18.03 -38.07 -14.26
C ARG F 90 -18.46 -39.12 -15.29
N LEU F 91 -17.51 -39.86 -15.84
CA LEU F 91 -17.85 -40.94 -16.77
C LEU F 91 -18.87 -41.92 -16.19
N ALA F 92 -18.67 -42.31 -14.94
CA ALA F 92 -19.58 -43.25 -14.31
C ALA F 92 -20.99 -42.63 -14.24
N ASP F 93 -21.06 -41.35 -13.89
CA ASP F 93 -22.34 -40.65 -13.81
C ASP F 93 -23.08 -40.64 -15.17
N LEU F 94 -22.33 -40.51 -16.27
CA LEU F 94 -22.93 -40.44 -17.59
C LEU F 94 -23.42 -41.81 -18.04
N ILE F 95 -22.62 -42.82 -17.74
CA ILE F 95 -23.03 -44.21 -17.91
C ILE F 95 -24.29 -44.52 -17.09
N GLU F 96 -24.37 -44.03 -15.85
CA GLU F 96 -25.57 -44.28 -15.07
C GLU F 96 -26.74 -43.50 -15.65
N ARG F 97 -26.52 -42.27 -16.07
CA ARG F 97 -27.54 -41.55 -16.83
C ARG F 97 -28.11 -42.40 -18.00
N ASP F 98 -27.23 -43.07 -18.75
CA ASP F 98 -27.66 -43.80 -19.96
C ASP F 98 -27.81 -45.29 -19.70
N ARG F 99 -28.05 -45.64 -18.44
CA ARG F 99 -27.97 -47.03 -18.02
C ARG F 99 -28.99 -47.90 -18.76
N THR F 100 -30.23 -47.42 -18.85
CA THR F 100 -31.31 -48.19 -19.50
C THR F 100 -31.02 -48.44 -20.98
N TYR F 101 -30.68 -47.38 -21.70
CA TYR F 101 -30.21 -47.51 -23.07
C TYR F 101 -29.03 -48.50 -23.21
N LEU F 102 -27.98 -48.32 -22.39
CA LEU F 102 -26.79 -49.15 -22.52
C LEU F 102 -27.09 -50.62 -22.27
N ALA F 103 -27.97 -50.89 -21.30
CA ALA F 103 -28.26 -52.26 -20.96
C ALA F 103 -29.01 -52.94 -22.10
N ALA F 104 -29.87 -52.18 -22.76
CA ALA F 104 -30.62 -52.71 -23.92
C ALA F 104 -29.69 -52.98 -25.12
N LEU F 105 -28.84 -52.00 -25.42
CA LEU F 105 -27.85 -52.13 -26.49
C LEU F 105 -26.94 -53.35 -26.26
N GLU F 106 -26.56 -53.56 -25.00
CA GLU F 106 -25.71 -54.70 -24.66
C GLU F 106 -26.44 -56.00 -25.02
N THR F 107 -27.69 -56.13 -24.56
CA THR F 107 -28.50 -57.30 -24.87
C THR F 107 -28.69 -57.52 -26.37
N LEU F 108 -28.96 -56.44 -27.09
CA LEU F 108 -29.18 -56.50 -28.53
C LEU F 108 -28.00 -57.15 -29.26
N ASP F 109 -26.79 -56.68 -28.95
CA ASP F 109 -25.54 -57.09 -29.62
C ASP F 109 -25.00 -58.40 -29.05
N ASN F 110 -25.18 -58.64 -27.75
CA ASN F 110 -24.49 -59.78 -27.12
C ASN F 110 -25.41 -60.98 -26.84
N GLY F 111 -26.67 -60.69 -26.57
CA GLY F 111 -27.62 -61.76 -26.39
C GLY F 111 -28.01 -62.05 -24.95
N LYS F 112 -27.27 -61.52 -23.98
CA LYS F 112 -27.57 -61.83 -22.59
C LYS F 112 -28.92 -61.19 -22.18
N PRO F 113 -29.62 -61.76 -21.17
CA PRO F 113 -30.89 -61.18 -20.74
C PRO F 113 -30.76 -59.72 -20.32
N TYR F 114 -31.69 -58.90 -20.79
CA TYR F 114 -31.74 -57.46 -20.45
C TYR F 114 -31.75 -57.20 -18.94
N VAL F 115 -32.52 -57.99 -18.20
CA VAL F 115 -32.55 -57.90 -16.74
C VAL F 115 -31.14 -58.04 -16.16
N ILE F 116 -30.32 -58.92 -16.74
CA ILE F 116 -28.98 -59.15 -16.20
C ILE F 116 -28.03 -58.01 -16.62
N SER F 117 -28.13 -57.58 -17.88
CA SER F 117 -27.36 -56.42 -18.37
C SER F 117 -27.57 -55.22 -17.45
N TYR F 118 -28.83 -54.97 -17.11
CA TYR F 118 -29.18 -53.78 -16.33
C TYR F 118 -28.71 -53.90 -14.88
N LEU F 119 -29.01 -55.04 -14.26
CA LEU F 119 -28.84 -55.20 -12.82
C LEU F 119 -27.45 -55.71 -12.47
N VAL F 120 -26.80 -56.45 -13.36
CA VAL F 120 -25.48 -57.01 -13.08
C VAL F 120 -24.42 -56.22 -13.85
N ASP F 121 -24.39 -56.36 -15.17
CA ASP F 121 -23.33 -55.72 -15.97
C ASP F 121 -23.18 -54.23 -15.72
N LEU F 122 -24.26 -53.48 -15.86
CA LEU F 122 -24.17 -52.03 -15.75
C LEU F 122 -23.81 -51.61 -14.34
N ASP F 123 -24.37 -52.29 -13.33
CA ASP F 123 -24.03 -52.03 -11.95
C ASP F 123 -22.55 -52.26 -11.70
N MET F 124 -22.01 -53.36 -12.25
CA MET F 124 -20.59 -53.66 -12.08
C MET F 124 -19.70 -52.66 -12.83
N VAL F 125 -20.17 -52.19 -13.99
CA VAL F 125 -19.41 -51.15 -14.68
C VAL F 125 -19.24 -49.92 -13.77
N LEU F 126 -20.37 -49.49 -13.19
CA LEU F 126 -20.38 -48.27 -12.38
C LEU F 126 -19.48 -48.43 -11.15
N LYS F 127 -19.61 -49.58 -10.48
CA LYS F 127 -18.81 -49.83 -9.30
C LYS F 127 -17.31 -49.93 -9.62
N CYS F 128 -16.99 -50.53 -10.76
CA CYS F 128 -15.57 -50.64 -11.15
C CYS F 128 -14.96 -49.25 -11.44
N LEU F 129 -15.68 -48.44 -12.23
CA LEU F 129 -15.21 -47.09 -12.52
C LEU F 129 -15.09 -46.22 -11.27
N ARG F 130 -16.08 -46.32 -10.37
CA ARG F 130 -16.08 -45.51 -9.15
C ARG F 130 -15.00 -45.95 -8.18
N TYR F 131 -14.74 -47.25 -8.16
CA TYR F 131 -13.64 -47.76 -7.35
C TYR F 131 -12.33 -47.16 -7.80
N TYR F 132 -12.05 -47.27 -9.11
CA TYR F 132 -10.75 -46.87 -9.62
C TYR F 132 -10.55 -45.35 -9.61
N ALA F 133 -11.62 -44.59 -9.77
CA ALA F 133 -11.59 -43.13 -9.55
C ALA F 133 -10.91 -42.79 -8.22
N GLY F 134 -11.27 -43.55 -7.18
CA GLY F 134 -10.69 -43.37 -5.86
C GLY F 134 -9.20 -43.69 -5.72
N TRP F 135 -8.69 -44.56 -6.59
CA TRP F 135 -7.27 -44.93 -6.60
C TRP F 135 -6.35 -43.91 -7.24
N ALA F 136 -6.93 -43.04 -8.09
CA ALA F 136 -6.15 -42.11 -8.92
C ALA F 136 -5.07 -41.35 -8.19
N ASP F 137 -5.38 -40.86 -6.99
CA ASP F 137 -4.41 -40.09 -6.22
C ASP F 137 -3.92 -40.78 -4.96
N LYS F 138 -3.92 -42.12 -4.97
CA LYS F 138 -3.57 -42.86 -3.76
C LYS F 138 -2.52 -43.95 -3.96
N TYR F 139 -2.00 -44.10 -5.19
CA TYR F 139 -1.04 -45.17 -5.45
C TYR F 139 0.40 -44.68 -5.23
N HIS F 140 0.84 -44.60 -3.99
CA HIS F 140 2.08 -43.94 -3.61
C HIS F 140 3.34 -44.70 -4.07
N GLY F 141 4.38 -43.97 -4.47
CA GLY F 141 5.71 -44.54 -4.47
C GLY F 141 6.30 -44.50 -3.07
N LYS F 142 7.60 -44.77 -2.93
CA LYS F 142 8.16 -44.93 -1.60
C LYS F 142 9.36 -44.00 -1.38
N THR F 143 9.61 -43.61 -0.13
CA THR F 143 10.94 -43.11 0.24
C THR F 143 11.67 -44.23 0.96
N ILE F 144 12.95 -44.38 0.67
CA ILE F 144 13.60 -45.65 0.93
C ILE F 144 14.89 -45.41 1.71
N PRO F 145 15.06 -46.10 2.86
CA PRO F 145 16.20 -45.93 3.73
C PRO F 145 17.46 -46.64 3.22
N ILE F 146 17.96 -46.22 2.07
CA ILE F 146 19.13 -46.84 1.42
C ILE F 146 20.42 -46.53 2.23
N ASP F 147 21.45 -47.38 2.11
CA ASP F 147 22.74 -47.15 2.77
C ASP F 147 23.45 -45.87 2.26
N GLY F 148 24.29 -45.24 3.09
CA GLY F 148 25.11 -44.13 2.63
C GLY F 148 24.41 -42.77 2.74
N ASP F 149 25.09 -41.71 2.31
CA ASP F 149 24.53 -40.37 2.35
C ASP F 149 23.73 -40.05 1.09
N PHE F 150 22.54 -40.65 1.01
CA PHE F 150 21.66 -40.53 -0.16
C PHE F 150 20.22 -40.43 0.33
N PHE F 151 19.43 -39.67 -0.42
CA PHE F 151 17.97 -39.71 -0.37
C PHE F 151 17.53 -40.52 -1.61
N SER F 152 16.80 -41.62 -1.38
CA SER F 152 16.33 -42.44 -2.47
C SER F 152 14.81 -42.60 -2.41
N TYR F 153 14.15 -42.46 -3.56
CA TYR F 153 12.70 -42.59 -3.60
C TYR F 153 12.24 -43.15 -4.95
N THR F 154 11.01 -43.64 -4.99
CA THR F 154 10.43 -44.08 -6.27
C THR F 154 9.28 -43.17 -6.69
N ARG F 155 9.17 -42.94 -8.00
CA ARG F 155 7.97 -42.40 -8.63
C ARG F 155 7.23 -43.57 -9.30
N HIS F 156 5.93 -43.62 -9.06
CA HIS F 156 5.06 -44.49 -9.81
C HIS F 156 4.52 -43.65 -10.96
N GLU F 157 5.09 -43.85 -12.15
CA GLU F 157 4.69 -43.17 -13.37
C GLU F 157 3.78 -44.07 -14.23
N PRO F 158 3.06 -43.49 -15.21
CA PRO F 158 2.25 -44.33 -16.08
C PRO F 158 3.17 -45.14 -16.98
N VAL F 159 2.74 -46.34 -17.36
CA VAL F 159 3.55 -47.14 -18.28
C VAL F 159 3.54 -46.55 -19.68
N GLY F 160 2.45 -45.89 -20.07
CA GLY F 160 2.43 -45.13 -21.32
C GLY F 160 1.23 -45.44 -22.18
N VAL F 161 1.51 -45.81 -23.42
CA VAL F 161 0.49 -46.13 -24.38
C VAL F 161 0.14 -47.60 -24.21
N CYS F 162 -1.12 -47.86 -23.84
CA CYS F 162 -1.53 -49.19 -23.46
C CYS F 162 -2.52 -49.71 -24.48
N GLY F 163 -2.15 -50.80 -25.13
CA GLY F 163 -3.05 -51.50 -26.02
C GLY F 163 -3.92 -52.46 -25.21
N GLN F 164 -5.22 -52.37 -25.38
CA GLN F 164 -6.16 -53.18 -24.59
C GLN F 164 -7.11 -53.89 -25.55
N ILE F 165 -7.10 -55.22 -25.54
CA ILE F 165 -7.94 -56.01 -26.44
C ILE F 165 -8.91 -56.76 -25.57
N ILE F 166 -10.21 -56.51 -25.75
CA ILE F 166 -11.21 -57.11 -24.88
C ILE F 166 -12.17 -57.98 -25.66
N PRO F 167 -12.79 -58.94 -24.98
CA PRO F 167 -13.63 -59.91 -25.64
C PRO F 167 -15.12 -59.52 -25.66
N TRP F 168 -15.94 -60.44 -26.14
CA TRP F 168 -17.37 -60.21 -26.35
C TRP F 168 -18.31 -60.72 -25.23
N ASN F 169 -17.83 -61.52 -24.30
CA ASN F 169 -18.71 -62.05 -23.27
C ASN F 169 -19.30 -61.05 -22.24
N PHE F 170 -18.50 -60.08 -21.82
CA PHE F 170 -19.01 -58.92 -21.05
C PHE F 170 -18.45 -57.64 -21.66
N PRO F 171 -19.05 -57.14 -22.74
CA PRO F 171 -18.43 -56.03 -23.49
C PRO F 171 -18.22 -54.76 -22.67
N LEU F 172 -19.27 -54.27 -22.01
CA LEU F 172 -19.16 -53.04 -21.24
C LEU F 172 -18.28 -53.20 -19.99
N LEU F 173 -18.41 -54.34 -19.32
CA LEU F 173 -17.70 -54.57 -18.08
C LEU F 173 -16.20 -54.75 -18.34
N MET F 174 -15.85 -55.53 -19.35
CA MET F 174 -14.43 -55.68 -19.71
C MET F 174 -13.78 -54.37 -20.11
N GLN F 175 -14.55 -53.51 -20.80
CA GLN F 175 -14.12 -52.16 -21.09
C GLN F 175 -13.76 -51.43 -19.80
N ALA F 176 -14.65 -51.52 -18.82
CA ALA F 176 -14.49 -50.80 -17.55
C ALA F 176 -13.30 -51.35 -16.72
N TRP F 177 -13.15 -52.67 -16.68
CA TRP F 177 -12.01 -53.30 -16.02
C TRP F 177 -10.67 -52.86 -16.58
N LYS F 178 -10.62 -52.55 -17.87
CA LYS F 178 -9.40 -52.08 -18.51
C LYS F 178 -9.21 -50.57 -18.36
N LEU F 179 -10.26 -49.79 -18.65
CA LEU F 179 -10.14 -48.33 -18.61
C LEU F 179 -9.90 -47.82 -17.18
N GLY F 180 -10.64 -48.35 -16.21
CA GLY F 180 -10.54 -47.93 -14.82
C GLY F 180 -9.11 -47.83 -14.29
N PRO F 181 -8.38 -48.96 -14.24
CA PRO F 181 -6.99 -48.90 -13.76
C PRO F 181 -6.06 -48.11 -14.65
N ALA F 182 -6.16 -48.28 -15.98
CA ALA F 182 -5.30 -47.54 -16.91
C ALA F 182 -5.39 -46.03 -16.72
N LEU F 183 -6.62 -45.52 -16.61
CA LEU F 183 -6.81 -44.07 -16.58
C LEU F 183 -6.56 -43.50 -15.19
N ALA F 184 -6.84 -44.30 -14.16
CA ALA F 184 -6.56 -43.86 -12.79
C ALA F 184 -5.08 -43.56 -12.61
N THR F 185 -4.21 -44.28 -13.33
CA THR F 185 -2.76 -44.13 -13.14
C THR F 185 -2.14 -43.27 -14.26
N GLY F 186 -2.99 -42.64 -15.07
CA GLY F 186 -2.54 -41.61 -16.02
C GLY F 186 -2.01 -42.14 -17.33
N ASN F 187 -2.36 -43.37 -17.69
CA ASN F 187 -1.98 -43.90 -19.00
C ASN F 187 -2.91 -43.38 -20.10
N VAL F 188 -2.54 -43.66 -21.35
CA VAL F 188 -3.44 -43.49 -22.50
C VAL F 188 -3.64 -44.87 -23.19
N VAL F 189 -4.73 -45.01 -23.94
CA VAL F 189 -5.26 -46.31 -24.25
C VAL F 189 -5.58 -46.34 -25.74
N VAL F 190 -5.20 -47.43 -26.41
CA VAL F 190 -5.78 -47.75 -27.69
C VAL F 190 -6.46 -49.10 -27.52
N MET F 191 -7.79 -49.12 -27.66
CA MET F 191 -8.57 -50.29 -27.28
C MET F 191 -9.18 -50.96 -28.51
N LYS F 192 -9.00 -52.27 -28.61
CA LYS F 192 -9.71 -52.98 -29.66
C LYS F 192 -10.86 -53.75 -29.02
N VAL F 193 -12.09 -53.52 -29.51
CA VAL F 193 -13.26 -54.22 -28.98
C VAL F 193 -13.63 -55.34 -29.92
N ALA F 194 -14.41 -56.29 -29.41
CA ALA F 194 -14.73 -57.51 -30.13
C ALA F 194 -15.66 -57.21 -31.31
N GLU F 195 -15.36 -57.82 -32.45
CA GLU F 195 -16.19 -57.68 -33.64
C GLU F 195 -17.62 -58.13 -33.41
N GLN F 196 -17.81 -59.12 -32.55
CA GLN F 196 -19.16 -59.61 -32.24
C GLN F 196 -19.98 -58.61 -31.47
N THR F 197 -19.32 -57.70 -30.73
CA THR F 197 -20.03 -56.82 -29.80
C THR F 197 -19.38 -55.43 -29.69
N PRO F 198 -19.33 -54.68 -30.80
CA PRO F 198 -18.58 -53.42 -30.75
C PRO F 198 -19.39 -52.23 -30.24
N LEU F 199 -20.72 -52.35 -30.26
CA LEU F 199 -21.55 -51.15 -30.18
C LEU F 199 -21.52 -50.43 -28.85
N THR F 200 -21.66 -51.15 -27.73
CA THR F 200 -21.73 -50.46 -26.46
C THR F 200 -20.44 -49.72 -26.14
N ALA F 201 -19.30 -50.33 -26.43
CA ALA F 201 -18.02 -49.69 -26.13
C ALA F 201 -17.86 -48.39 -26.88
N LEU F 202 -18.37 -48.38 -28.11
CA LEU F 202 -18.35 -47.18 -28.94
C LEU F 202 -19.26 -46.11 -28.40
N TYR F 203 -20.46 -46.49 -27.93
CA TYR F 203 -21.32 -45.48 -27.30
C TYR F 203 -20.64 -44.91 -26.07
N VAL F 204 -19.98 -45.78 -25.30
CA VAL F 204 -19.19 -45.32 -24.17
C VAL F 204 -18.12 -44.31 -24.56
N ALA F 205 -17.47 -44.52 -25.69
CA ALA F 205 -16.47 -43.54 -26.16
C ALA F 205 -17.09 -42.14 -26.25
N ASN F 206 -18.34 -42.10 -26.71
CA ASN F 206 -19.05 -40.83 -26.77
C ASN F 206 -19.19 -40.18 -25.40
N LEU F 207 -19.44 -40.99 -24.37
CA LEU F 207 -19.54 -40.47 -22.97
C LEU F 207 -18.16 -40.05 -22.42
N ILE F 208 -17.11 -40.66 -22.96
CA ILE F 208 -15.74 -40.31 -22.58
C ILE F 208 -15.38 -38.89 -23.03
N LYS F 209 -15.75 -38.58 -24.27
CA LYS F 209 -15.64 -37.22 -24.74
C LYS F 209 -16.51 -36.28 -23.89
N GLU F 210 -17.79 -36.63 -23.73
CA GLU F 210 -18.66 -35.84 -22.87
C GLU F 210 -18.10 -35.60 -21.47
N ALA F 211 -17.50 -36.63 -20.85
CA ALA F 211 -16.91 -36.50 -19.51
C ALA F 211 -15.78 -35.47 -19.46
N GLY F 212 -15.15 -35.17 -20.59
CA GLY F 212 -14.10 -34.15 -20.63
C GLY F 212 -12.68 -34.72 -20.69
N PHE F 213 -12.51 -36.01 -20.93
CA PHE F 213 -11.14 -36.54 -21.12
C PHE F 213 -10.49 -35.90 -22.32
N PRO F 214 -9.21 -35.47 -22.17
CA PRO F 214 -8.50 -34.87 -23.29
C PRO F 214 -8.47 -35.78 -24.51
N PRO F 215 -8.47 -35.19 -25.72
CA PRO F 215 -8.44 -36.02 -26.94
C PRO F 215 -7.22 -36.94 -26.99
N GLY F 216 -7.42 -38.18 -27.41
CA GLY F 216 -6.31 -39.12 -27.56
C GLY F 216 -6.01 -39.95 -26.32
N VAL F 217 -6.64 -39.60 -25.19
CA VAL F 217 -6.47 -40.36 -23.95
C VAL F 217 -7.10 -41.76 -24.06
N VAL F 218 -8.28 -41.82 -24.69
CA VAL F 218 -8.89 -43.10 -25.06
C VAL F 218 -9.23 -43.15 -26.54
N ASN F 219 -8.77 -44.20 -27.22
CA ASN F 219 -9.07 -44.37 -28.62
C ASN F 219 -9.55 -45.79 -28.82
N ILE F 220 -10.61 -45.97 -29.60
CA ILE F 220 -11.20 -47.28 -29.74
C ILE F 220 -11.24 -47.69 -31.20
N VAL F 221 -10.72 -48.86 -31.51
CA VAL F 221 -10.70 -49.30 -32.90
C VAL F 221 -11.46 -50.63 -33.04
N PRO F 222 -12.70 -50.57 -33.54
CA PRO F 222 -13.39 -51.82 -33.85
C PRO F 222 -12.81 -52.47 -35.11
N GLY F 223 -12.97 -53.79 -35.24
CA GLY F 223 -12.29 -54.56 -36.28
C GLY F 223 -11.98 -55.95 -35.78
N PHE F 224 -11.21 -56.72 -36.55
CA PHE F 224 -10.98 -58.14 -36.27
C PHE F 224 -9.63 -58.44 -35.61
N GLY F 225 -9.46 -59.68 -35.17
CA GLY F 225 -8.30 -60.10 -34.40
C GLY F 225 -7.00 -60.03 -35.18
N PRO F 226 -6.90 -60.82 -36.26
CA PRO F 226 -5.67 -60.94 -37.02
C PRO F 226 -5.19 -59.61 -37.59
N THR F 227 -6.07 -58.61 -37.62
CA THR F 227 -5.75 -57.33 -38.23
C THR F 227 -5.54 -56.23 -37.18
N ALA F 228 -6.63 -55.69 -36.64
CA ALA F 228 -6.50 -54.57 -35.68
C ALA F 228 -5.79 -55.06 -34.41
N GLY F 229 -6.18 -56.25 -33.94
CA GLY F 229 -5.60 -56.84 -32.74
C GLY F 229 -4.12 -57.11 -32.87
N ALA F 230 -3.74 -57.81 -33.94
CA ALA F 230 -2.32 -58.06 -34.20
C ALA F 230 -1.54 -56.77 -34.36
N ALA F 231 -2.14 -55.77 -34.99
CA ALA F 231 -1.47 -54.46 -35.15
C ALA F 231 -1.12 -53.78 -33.84
N ILE F 232 -2.02 -53.86 -32.86
CA ILE F 232 -1.73 -53.34 -31.51
C ILE F 232 -0.63 -54.15 -30.80
N ALA F 233 -0.78 -55.47 -30.80
CA ALA F 233 0.20 -56.34 -30.13
C ALA F 233 1.61 -56.20 -30.68
N SER F 234 1.72 -55.88 -31.96
CA SER F 234 3.00 -55.79 -32.66
C SER F 234 3.58 -54.37 -32.74
N HIS F 235 2.79 -53.37 -32.37
CA HIS F 235 3.17 -52.00 -32.67
C HIS F 235 4.43 -51.60 -31.94
N GLU F 236 5.35 -50.92 -32.62
CA GLU F 236 6.65 -50.56 -32.01
C GLU F 236 6.53 -49.42 -31.01
N ASP F 237 5.40 -48.73 -31.00
CA ASP F 237 5.21 -47.61 -30.09
C ASP F 237 4.13 -47.86 -29.03
N VAL F 238 3.69 -49.11 -28.91
CA VAL F 238 2.82 -49.47 -27.78
C VAL F 238 3.63 -50.01 -26.61
N ASP F 239 3.50 -49.40 -25.43
CA ASP F 239 4.34 -49.76 -24.26
C ASP F 239 3.84 -50.99 -23.47
N LYS F 240 2.55 -51.25 -23.54
CA LYS F 240 1.95 -52.29 -22.70
C LYS F 240 0.71 -52.83 -23.39
N VAL F 241 0.53 -54.13 -23.33
CA VAL F 241 -0.66 -54.74 -23.89
C VAL F 241 -1.38 -55.58 -22.84
N ALA F 242 -2.69 -55.42 -22.76
CA ALA F 242 -3.54 -56.24 -21.90
C ALA F 242 -4.53 -56.98 -22.78
N PHE F 243 -4.56 -58.31 -22.67
CA PHE F 243 -5.41 -59.12 -23.53
C PHE F 243 -6.28 -60.04 -22.69
N THR F 244 -7.57 -60.09 -23.00
CA THR F 244 -8.48 -61.05 -22.39
C THR F 244 -9.14 -61.78 -23.56
N GLY F 245 -9.14 -63.10 -23.49
CA GLY F 245 -9.62 -63.93 -24.60
C GLY F 245 -9.14 -65.35 -24.39
N SER F 246 -8.94 -66.10 -25.47
CA SER F 246 -8.64 -67.52 -25.36
C SER F 246 -7.15 -67.73 -25.06
N THR F 247 -6.85 -68.90 -24.47
CA THR F 247 -5.45 -69.26 -24.16
C THR F 247 -4.65 -69.23 -25.45
N GLU F 248 -5.24 -69.77 -26.51
CA GLU F 248 -4.62 -69.84 -27.82
C GLU F 248 -4.06 -68.47 -28.27
N ILE F 249 -4.94 -67.46 -28.35
CA ILE F 249 -4.53 -66.14 -28.81
C ILE F 249 -3.65 -65.39 -27.81
N GLY F 250 -3.85 -65.66 -26.52
CA GLY F 250 -2.86 -65.30 -25.50
C GLY F 250 -1.41 -65.50 -25.94
N ARG F 251 -1.09 -66.67 -26.47
CA ARG F 251 0.29 -66.98 -26.87
C ARG F 251 0.72 -66.09 -28.03
N VAL F 252 -0.17 -65.88 -29.00
CA VAL F 252 0.11 -64.92 -30.07
C VAL F 252 0.53 -63.55 -29.54
N ILE F 253 -0.22 -63.03 -28.55
CA ILE F 253 0.08 -61.74 -27.94
C ILE F 253 1.49 -61.71 -27.32
N GLN F 254 1.76 -62.62 -26.38
CA GLN F 254 3.08 -62.66 -25.77
C GLN F 254 4.20 -62.80 -26.81
N VAL F 255 3.97 -63.61 -27.84
CA VAL F 255 4.96 -63.75 -28.90
C VAL F 255 5.15 -62.45 -29.66
N ALA F 256 4.05 -61.79 -30.05
CA ALA F 256 4.15 -60.52 -30.75
C ALA F 256 4.86 -59.46 -29.92
N ALA F 257 4.64 -59.46 -28.61
CA ALA F 257 5.36 -58.53 -27.72
C ALA F 257 6.86 -58.80 -27.72
N GLY F 258 7.25 -60.05 -27.50
CA GLY F 258 8.64 -60.49 -27.65
C GLY F 258 9.31 -60.13 -28.96
N SER F 259 8.55 -60.26 -30.05
CA SER F 259 9.04 -60.08 -31.44
C SER F 259 9.19 -58.62 -31.86
N SER F 260 8.52 -57.71 -31.15
CA SER F 260 8.46 -56.31 -31.55
C SER F 260 9.29 -55.46 -30.59
N ASN F 261 8.70 -54.93 -29.53
CA ASN F 261 9.44 -53.96 -28.72
C ASN F 261 9.53 -54.31 -27.23
N LEU F 262 9.30 -55.57 -26.89
CA LEU F 262 9.31 -56.01 -25.49
C LEU F 262 8.30 -55.24 -24.62
N LYS F 263 7.16 -54.90 -25.22
CA LYS F 263 6.09 -54.31 -24.45
C LYS F 263 5.69 -55.25 -23.29
N ARG F 264 5.28 -54.67 -22.17
CA ARG F 264 4.83 -55.39 -21.00
C ARG F 264 3.50 -56.08 -21.35
N VAL F 265 3.29 -57.27 -20.79
CA VAL F 265 2.14 -58.07 -21.18
C VAL F 265 1.41 -58.55 -19.93
N THR F 266 0.08 -58.34 -19.89
CA THR F 266 -0.81 -59.09 -18.99
C THR F 266 -1.94 -59.80 -19.77
N LEU F 267 -2.36 -60.97 -19.27
CA LEU F 267 -3.31 -61.84 -19.99
C LEU F 267 -4.36 -62.39 -19.04
N GLU F 268 -5.61 -62.38 -19.49
CA GLU F 268 -6.66 -63.13 -18.80
C GLU F 268 -7.30 -64.12 -19.77
N LEU F 269 -7.13 -65.41 -19.50
CA LEU F 269 -7.34 -66.41 -20.52
C LEU F 269 -8.46 -67.38 -20.09
N GLY F 270 -8.52 -68.57 -20.68
CA GLY F 270 -9.58 -69.55 -20.36
C GLY F 270 -9.53 -70.13 -18.95
N GLY F 271 -10.51 -70.96 -18.64
CA GLY F 271 -10.46 -71.82 -17.46
C GLY F 271 -11.17 -73.15 -17.63
N LYS F 272 -10.88 -74.10 -16.76
CA LYS F 272 -11.78 -75.24 -16.57
C LYS F 272 -12.04 -75.44 -15.07
N SER F 273 -12.71 -74.47 -14.45
CA SER F 273 -12.65 -74.30 -13.01
C SER F 273 -13.49 -75.35 -12.27
N PRO F 274 -12.88 -75.99 -11.26
CA PRO F 274 -13.52 -76.99 -10.44
C PRO F 274 -14.43 -76.39 -9.36
N ASN F 275 -15.64 -76.93 -9.25
CA ASN F 275 -16.59 -76.53 -8.22
C ASN F 275 -16.85 -77.75 -7.33
N ILE F 276 -16.31 -77.73 -6.10
CA ILE F 276 -16.21 -78.95 -5.29
C ILE F 276 -17.25 -78.96 -4.19
N ILE F 277 -18.15 -79.95 -4.26
CA ILE F 277 -19.24 -80.07 -3.29
C ILE F 277 -19.01 -81.20 -2.28
N MET F 278 -18.76 -80.83 -1.03
CA MET F 278 -18.50 -81.84 0.01
C MET F 278 -19.81 -82.36 0.57
N SER F 279 -19.79 -83.54 1.17
CA SER F 279 -21.04 -84.19 1.62
C SER F 279 -21.78 -83.38 2.67
N ASP F 280 -21.06 -82.54 3.43
CA ASP F 280 -21.68 -81.69 4.45
C ASP F 280 -22.17 -80.31 3.95
N ALA F 281 -22.06 -80.07 2.65
CA ALA F 281 -22.57 -78.83 2.07
C ALA F 281 -24.06 -78.69 2.28
N ASP F 282 -24.53 -77.46 2.27
CA ASP F 282 -25.96 -77.14 2.21
C ASP F 282 -26.47 -77.52 0.81
N MET F 283 -27.32 -78.55 0.73
CA MET F 283 -27.69 -79.12 -0.56
C MET F 283 -28.42 -78.14 -1.47
N ASP F 284 -29.49 -77.54 -0.97
CA ASP F 284 -30.26 -76.60 -1.77
C ASP F 284 -29.38 -75.47 -2.31
N TRP F 285 -28.56 -74.89 -1.43
CA TRP F 285 -27.65 -73.79 -1.79
C TRP F 285 -26.63 -74.24 -2.84
N ALA F 286 -25.93 -75.34 -2.55
CA ALA F 286 -24.91 -75.85 -3.46
C ALA F 286 -25.47 -76.15 -4.86
N VAL F 287 -26.67 -76.74 -4.92
CA VAL F 287 -27.31 -77.05 -6.20
C VAL F 287 -27.57 -75.78 -7.00
N GLU F 288 -28.15 -74.77 -6.35
CA GLU F 288 -28.46 -73.51 -7.04
C GLU F 288 -27.18 -72.76 -7.45
N GLN F 289 -26.19 -72.76 -6.56
CA GLN F 289 -24.93 -72.09 -6.89
C GLN F 289 -24.12 -72.81 -7.97
N ALA F 290 -24.19 -74.14 -8.00
CA ALA F 290 -23.48 -74.89 -9.04
C ALA F 290 -24.10 -74.64 -10.40
N HIS F 291 -25.41 -74.42 -10.39
CA HIS F 291 -26.18 -74.09 -11.57
C HIS F 291 -25.75 -72.72 -12.10
N PHE F 292 -25.86 -71.72 -11.24
CA PHE F 292 -25.42 -70.38 -11.56
C PHE F 292 -23.94 -70.41 -12.00
N ALA F 293 -23.11 -71.13 -11.26
CA ALA F 293 -21.66 -71.18 -11.53
C ALA F 293 -21.34 -71.67 -12.95
N LEU F 294 -22.20 -72.53 -13.50
CA LEU F 294 -21.97 -73.04 -14.85
C LEU F 294 -22.74 -72.24 -15.90
N PHE F 295 -24.03 -72.01 -15.66
CA PHE F 295 -24.92 -71.40 -16.67
C PHE F 295 -24.92 -69.91 -16.83
N PHE F 296 -24.36 -69.18 -15.86
CA PHE F 296 -24.42 -67.74 -15.93
C PHE F 296 -23.90 -67.24 -17.29
N ASN F 297 -24.54 -66.22 -17.84
CA ASN F 297 -24.13 -65.63 -19.11
C ASN F 297 -24.02 -66.67 -20.24
N GLN F 298 -24.97 -67.62 -20.29
CA GLN F 298 -25.05 -68.62 -21.37
C GLN F 298 -23.81 -69.49 -21.32
N GLY F 299 -23.24 -69.64 -20.11
CA GLY F 299 -22.04 -70.42 -19.94
C GLY F 299 -20.79 -69.68 -20.44
N GLN F 300 -20.93 -68.43 -20.86
CA GLN F 300 -19.80 -67.72 -21.49
C GLN F 300 -18.98 -66.91 -20.47
N CYS F 301 -18.36 -67.58 -19.51
CA CYS F 301 -17.53 -66.95 -18.48
C CYS F 301 -16.23 -67.72 -18.42
N CYS F 302 -15.13 -66.98 -18.43
CA CYS F 302 -13.80 -67.56 -18.33
C CYS F 302 -13.73 -68.42 -17.07
N CYS F 303 -14.42 -68.01 -16.02
CA CYS F 303 -14.33 -68.75 -14.74
C CYS F 303 -15.51 -69.68 -14.46
N ALA F 304 -16.30 -70.01 -15.49
CA ALA F 304 -17.43 -70.93 -15.29
C ALA F 304 -17.02 -72.18 -14.52
N GLY F 305 -17.87 -72.62 -13.60
CA GLY F 305 -17.61 -73.83 -12.83
C GLY F 305 -17.97 -75.06 -13.63
N SER F 306 -17.06 -75.44 -14.53
CA SER F 306 -17.36 -76.38 -15.57
C SER F 306 -16.86 -77.78 -15.24
N ARG F 307 -16.29 -77.96 -14.04
CA ARG F 307 -16.14 -79.29 -13.47
C ARG F 307 -16.79 -79.30 -12.09
N THR F 308 -18.00 -79.84 -11.99
CA THR F 308 -18.70 -79.87 -10.71
C THR F 308 -18.40 -81.21 -10.06
N PHE F 309 -17.49 -81.20 -9.08
CA PHE F 309 -17.08 -82.41 -8.36
C PHE F 309 -18.03 -82.62 -7.17
N VAL F 310 -18.67 -83.79 -7.12
CA VAL F 310 -19.63 -84.02 -6.03
C VAL F 310 -19.27 -85.27 -5.23
N GLN F 311 -19.21 -85.16 -3.91
CA GLN F 311 -18.78 -86.28 -3.04
C GLN F 311 -19.79 -87.42 -3.15
N GLU F 312 -19.29 -88.67 -3.17
CA GLU F 312 -20.13 -89.79 -3.62
C GLU F 312 -21.43 -89.99 -2.82
N ASP F 313 -21.40 -89.73 -1.51
CA ASP F 313 -22.61 -89.90 -0.68
C ASP F 313 -23.77 -88.97 -1.05
N ILE F 314 -23.48 -87.87 -1.74
CA ILE F 314 -24.55 -86.94 -2.10
C ILE F 314 -24.74 -86.84 -3.62
N TYR F 315 -23.93 -87.59 -4.36
CA TYR F 315 -23.89 -87.50 -5.82
C TYR F 315 -25.27 -87.66 -6.46
N ASP F 316 -25.93 -88.80 -6.21
CA ASP F 316 -27.22 -89.09 -6.85
C ASP F 316 -28.20 -87.95 -6.61
N GLU F 317 -28.32 -87.49 -5.39
CA GLU F 317 -29.34 -86.48 -5.10
C GLU F 317 -28.94 -85.15 -5.72
N PHE F 318 -27.67 -84.79 -5.57
CA PHE F 318 -27.19 -83.57 -6.23
C PHE F 318 -27.54 -83.61 -7.74
N VAL F 319 -27.29 -84.75 -8.38
CA VAL F 319 -27.49 -84.84 -9.83
C VAL F 319 -28.97 -84.70 -10.15
N GLU F 320 -29.82 -85.39 -9.40
CA GLU F 320 -31.27 -85.30 -9.68
C GLU F 320 -31.71 -83.84 -9.64
N ARG F 321 -31.28 -83.11 -8.62
CA ARG F 321 -31.73 -81.71 -8.43
C ARG F 321 -31.10 -80.77 -9.47
N SER F 322 -29.87 -81.05 -9.84
CA SER F 322 -29.21 -80.25 -10.88
C SER F 322 -29.93 -80.44 -12.22
N VAL F 323 -30.29 -81.69 -12.53
CA VAL F 323 -31.01 -81.99 -13.75
C VAL F 323 -32.36 -81.30 -13.75
N ALA F 324 -33.07 -81.36 -12.62
CA ALA F 324 -34.38 -80.70 -12.57
C ALA F 324 -34.19 -79.21 -12.77
N ARG F 325 -33.11 -78.66 -12.21
CA ARG F 325 -32.90 -77.22 -12.31
C ARG F 325 -32.59 -76.80 -13.74
N ALA F 326 -31.78 -77.61 -14.42
CA ALA F 326 -31.44 -77.37 -15.82
C ALA F 326 -32.67 -77.39 -16.74
N LYS F 327 -33.56 -78.38 -16.59
CA LYS F 327 -34.80 -78.41 -17.37
C LYS F 327 -35.76 -77.24 -17.08
N SER F 328 -35.69 -76.64 -15.91
CA SER F 328 -36.56 -75.50 -15.60
C SER F 328 -36.02 -74.18 -16.19
N ARG F 329 -34.71 -74.12 -16.43
CA ARG F 329 -34.08 -72.89 -16.94
C ARG F 329 -34.77 -72.42 -18.20
N VAL F 330 -35.28 -71.20 -18.19
CA VAL F 330 -36.08 -70.68 -19.29
C VAL F 330 -35.16 -70.07 -20.36
N VAL F 331 -35.22 -70.63 -21.57
CA VAL F 331 -34.45 -70.14 -22.71
C VAL F 331 -35.37 -69.34 -23.61
N GLY F 332 -34.94 -68.16 -24.05
CA GLY F 332 -35.83 -67.30 -24.81
C GLY F 332 -35.31 -65.93 -25.16
N ASN F 333 -36.23 -65.10 -25.63
CA ASN F 333 -35.95 -63.74 -26.00
C ASN F 333 -35.39 -63.02 -24.79
N PRO F 334 -34.13 -62.55 -24.89
CA PRO F 334 -33.44 -61.98 -23.73
C PRO F 334 -34.11 -60.70 -23.22
N PHE F 335 -34.95 -60.06 -24.04
CA PHE F 335 -35.70 -58.91 -23.55
C PHE F 335 -36.98 -59.29 -22.77
N ASP F 336 -37.35 -60.56 -22.78
CA ASP F 336 -38.46 -61.02 -21.93
C ASP F 336 -38.01 -61.25 -20.48
N SER F 337 -38.70 -60.63 -19.52
CA SER F 337 -38.24 -60.65 -18.13
C SER F 337 -38.18 -62.05 -17.53
N LYS F 338 -38.95 -62.97 -18.09
CA LYS F 338 -38.83 -64.37 -17.67
C LYS F 338 -37.62 -65.12 -18.22
N THR F 339 -37.01 -64.63 -19.29
CA THR F 339 -35.88 -65.38 -19.84
C THR F 339 -34.71 -65.39 -18.83
N GLU F 340 -34.18 -66.59 -18.59
CA GLU F 340 -32.91 -66.74 -17.89
C GLU F 340 -31.70 -66.92 -18.81
N GLN F 341 -31.91 -67.48 -20.00
CA GLN F 341 -30.79 -67.79 -20.90
C GLN F 341 -31.06 -67.31 -22.32
N GLY F 342 -30.23 -66.39 -22.81
CA GLY F 342 -30.34 -65.95 -24.20
C GLY F 342 -29.61 -66.90 -25.13
N PRO F 343 -29.40 -66.46 -26.39
CA PRO F 343 -28.60 -67.19 -27.38
C PRO F 343 -27.10 -67.16 -27.05
N GLN F 344 -26.33 -68.10 -27.60
CA GLN F 344 -24.89 -67.94 -27.61
C GLN F 344 -24.58 -66.73 -28.49
N VAL F 345 -23.35 -66.22 -28.40
CA VAL F 345 -23.03 -64.91 -28.97
C VAL F 345 -23.05 -64.90 -30.50
N ASP F 346 -22.70 -66.04 -31.12
CA ASP F 346 -22.63 -66.09 -32.59
C ASP F 346 -22.60 -67.51 -33.15
N GLU F 347 -22.57 -67.59 -34.47
CA GLU F 347 -22.70 -68.88 -35.11
C GLU F 347 -21.47 -69.72 -34.82
N THR F 348 -20.30 -69.10 -34.81
CA THR F 348 -19.05 -69.81 -34.54
C THR F 348 -19.07 -70.53 -33.18
N GLN F 349 -19.49 -69.81 -32.14
CA GLN F 349 -19.60 -70.41 -30.81
C GLN F 349 -20.70 -71.47 -30.80
N PHE F 350 -21.84 -71.11 -31.38
CA PHE F 350 -22.97 -72.03 -31.53
C PHE F 350 -22.51 -73.41 -32.01
N LYS F 351 -21.75 -73.42 -33.11
CA LYS F 351 -21.23 -74.65 -33.68
C LYS F 351 -20.20 -75.34 -32.81
N LYS F 352 -19.30 -74.56 -32.20
CA LYS F 352 -18.27 -75.12 -31.35
C LYS F 352 -18.95 -75.87 -30.20
N ILE F 353 -20.04 -75.32 -29.69
CA ILE F 353 -20.74 -75.95 -28.55
C ILE F 353 -21.47 -77.22 -28.96
N LEU F 354 -22.11 -77.20 -30.12
CA LEU F 354 -22.71 -78.42 -30.66
C LEU F 354 -21.63 -79.49 -30.85
N GLY F 355 -20.46 -79.10 -31.32
CA GLY F 355 -19.33 -80.02 -31.41
C GLY F 355 -18.94 -80.66 -30.08
N TYR F 356 -18.78 -79.85 -29.04
CA TYR F 356 -18.42 -80.37 -27.73
C TYR F 356 -19.51 -81.26 -27.14
N ILE F 357 -20.76 -80.91 -27.36
CA ILE F 357 -21.85 -81.77 -26.93
C ILE F 357 -21.74 -83.16 -27.60
N ASN F 358 -21.57 -83.18 -28.92
CA ASN F 358 -21.38 -84.46 -29.61
C ASN F 358 -20.18 -85.22 -29.10
N THR F 359 -19.12 -84.47 -28.79
CA THR F 359 -17.93 -85.06 -28.27
C THR F 359 -18.24 -85.80 -26.96
N GLY F 360 -19.02 -85.16 -26.10
CA GLY F 360 -19.30 -85.71 -24.78
C GLY F 360 -20.06 -87.03 -24.91
N LYS F 361 -21.09 -87.03 -25.74
CA LYS F 361 -21.84 -88.25 -26.04
C LYS F 361 -20.92 -89.37 -26.51
N GLN F 362 -20.06 -89.08 -27.49
CA GLN F 362 -19.13 -90.06 -28.06
C GLN F 362 -18.12 -90.59 -27.04
N GLU F 363 -17.73 -89.75 -26.09
CA GLU F 363 -16.69 -90.05 -25.10
C GLU F 363 -17.20 -90.93 -23.96
N GLY F 364 -18.51 -91.13 -23.93
CA GLY F 364 -19.13 -91.96 -22.90
C GLY F 364 -19.66 -91.22 -21.68
N ALA F 365 -19.79 -89.89 -21.78
CA ALA F 365 -20.42 -89.10 -20.72
C ALA F 365 -21.93 -89.33 -20.80
N LYS F 366 -22.58 -89.30 -19.64
CA LYS F 366 -23.99 -89.62 -19.57
C LYS F 366 -24.77 -88.34 -19.78
N LEU F 367 -25.43 -88.25 -20.93
CA LEU F 367 -26.29 -87.13 -21.23
C LEU F 367 -27.54 -87.22 -20.36
N LEU F 368 -27.80 -86.21 -19.53
CA LEU F 368 -28.92 -86.33 -18.61
C LEU F 368 -30.08 -85.48 -19.03
N CYS F 369 -29.80 -84.49 -19.87
CA CYS F 369 -30.85 -83.59 -20.34
C CYS F 369 -30.26 -82.62 -21.34
N GLY F 370 -31.13 -81.99 -22.09
CA GLY F 370 -30.76 -81.08 -23.17
C GLY F 370 -29.94 -81.76 -24.26
N GLY F 371 -28.89 -81.09 -24.70
CA GLY F 371 -27.99 -81.66 -25.69
C GLY F 371 -28.25 -81.18 -27.12
N GLY F 372 -29.28 -80.36 -27.30
CA GLY F 372 -29.73 -80.02 -28.64
C GLY F 372 -29.87 -78.54 -28.86
N ILE F 373 -30.34 -78.18 -30.05
CA ILE F 373 -30.64 -76.80 -30.40
C ILE F 373 -32.02 -76.47 -29.83
N ALA F 374 -32.21 -75.23 -29.38
CA ALA F 374 -33.36 -74.88 -28.54
C ALA F 374 -34.39 -74.02 -29.25
N ALA F 375 -34.02 -73.45 -30.40
CA ALA F 375 -34.96 -72.62 -31.15
C ALA F 375 -34.57 -72.55 -32.61
N ASP F 376 -35.43 -71.93 -33.43
CA ASP F 376 -35.20 -71.87 -34.86
C ASP F 376 -34.29 -70.69 -35.24
N ARG F 377 -34.69 -69.47 -34.91
CA ARG F 377 -33.85 -68.31 -35.19
C ARG F 377 -32.82 -68.14 -34.10
N GLY F 378 -31.74 -67.41 -34.40
CA GLY F 378 -30.71 -67.10 -33.43
C GLY F 378 -29.82 -68.28 -33.13
N TYR F 379 -29.15 -68.22 -31.98
CA TYR F 379 -28.16 -69.23 -31.64
C TYR F 379 -28.39 -69.89 -30.27
N PHE F 380 -29.57 -70.48 -30.08
CA PHE F 380 -29.98 -70.97 -28.77
C PHE F 380 -29.66 -72.44 -28.54
N ILE F 381 -29.03 -72.74 -27.42
CA ILE F 381 -28.71 -74.12 -27.07
C ILE F 381 -29.36 -74.55 -25.78
N GLN F 382 -29.87 -75.78 -25.76
CA GLN F 382 -30.55 -76.30 -24.59
C GLN F 382 -29.59 -76.40 -23.39
N PRO F 383 -30.02 -75.96 -22.19
CA PRO F 383 -29.18 -76.26 -21.02
C PRO F 383 -28.88 -77.75 -20.97
N THR F 384 -27.61 -78.11 -20.83
CA THR F 384 -27.17 -79.51 -21.03
C THR F 384 -26.36 -79.99 -19.82
N VAL F 385 -26.71 -81.16 -19.30
CA VAL F 385 -26.00 -81.77 -18.18
C VAL F 385 -25.44 -83.14 -18.54
N PHE F 386 -24.16 -83.34 -18.27
CA PHE F 386 -23.47 -84.61 -18.42
C PHE F 386 -23.12 -85.13 -17.02
N GLY F 387 -23.43 -86.40 -16.77
CA GLY F 387 -23.13 -87.05 -15.50
C GLY F 387 -22.06 -88.09 -15.69
N ASP F 388 -21.50 -88.59 -14.60
CA ASP F 388 -20.41 -89.55 -14.63
C ASP F 388 -19.26 -89.12 -15.55
N VAL F 389 -19.00 -87.82 -15.62
CA VAL F 389 -17.83 -87.34 -16.35
C VAL F 389 -16.54 -87.85 -15.72
N GLN F 390 -15.57 -88.24 -16.54
CA GLN F 390 -14.26 -88.68 -16.03
C GLN F 390 -13.17 -87.70 -16.44
N ASP F 391 -12.07 -87.70 -15.71
CA ASP F 391 -11.06 -86.61 -15.80
C ASP F 391 -10.41 -86.56 -17.19
N GLY F 392 -10.30 -87.73 -17.82
CA GLY F 392 -9.58 -87.87 -19.09
C GLY F 392 -10.45 -87.51 -20.29
N MET F 393 -11.74 -87.23 -20.07
CA MET F 393 -12.61 -86.85 -21.17
C MET F 393 -12.26 -85.47 -21.68
N THR F 394 -12.35 -85.31 -23.00
CA THR F 394 -12.26 -83.98 -23.59
C THR F 394 -13.17 -82.93 -22.93
N ILE F 395 -14.42 -83.27 -22.66
CA ILE F 395 -15.32 -82.28 -22.06
C ILE F 395 -15.01 -81.97 -20.59
N ALA F 396 -14.10 -82.74 -19.97
CA ALA F 396 -13.60 -82.44 -18.63
C ALA F 396 -12.29 -81.65 -18.69
N LYS F 397 -11.65 -81.63 -19.86
CA LYS F 397 -10.38 -80.91 -20.02
C LYS F 397 -10.51 -79.53 -20.66
N GLU F 398 -11.38 -79.40 -21.66
CA GLU F 398 -11.40 -78.23 -22.55
C GLU F 398 -12.56 -77.30 -22.25
N GLU F 399 -12.25 -76.01 -22.28
CA GLU F 399 -13.25 -75.00 -22.01
C GLU F 399 -14.31 -74.98 -23.12
N ILE F 400 -15.58 -75.14 -22.75
CA ILE F 400 -16.67 -75.24 -23.73
C ILE F 400 -17.33 -73.90 -23.99
N PHE F 401 -17.42 -73.07 -22.94
CA PHE F 401 -17.98 -71.72 -23.07
C PHE F 401 -19.43 -71.76 -23.54
N GLY F 402 -20.16 -72.75 -23.05
CA GLY F 402 -21.57 -72.87 -23.37
C GLY F 402 -22.35 -73.46 -22.22
N PRO F 403 -23.67 -73.60 -22.38
CA PRO F 403 -24.52 -74.08 -21.31
C PRO F 403 -24.41 -75.59 -21.15
N VAL F 404 -23.21 -76.05 -20.82
CA VAL F 404 -22.95 -77.49 -20.80
C VAL F 404 -22.22 -77.87 -19.52
N MET F 405 -22.90 -78.66 -18.69
CA MET F 405 -22.45 -78.91 -17.32
C MET F 405 -21.85 -80.29 -17.19
N GLN F 406 -20.70 -80.37 -16.54
CA GLN F 406 -20.05 -81.64 -16.27
C GLN F 406 -20.11 -81.95 -14.78
N ILE F 407 -20.61 -83.13 -14.43
CA ILE F 407 -20.65 -83.52 -13.01
C ILE F 407 -19.83 -84.79 -12.83
N LEU F 408 -18.82 -84.71 -11.96
CA LEU F 408 -17.93 -85.82 -11.64
C LEU F 408 -18.07 -86.28 -10.19
N LYS F 409 -17.79 -87.55 -9.94
CA LYS F 409 -17.93 -88.11 -8.59
C LYS F 409 -16.56 -88.25 -7.95
N PHE F 410 -16.46 -87.98 -6.65
CA PHE F 410 -15.22 -88.30 -5.91
C PHE F 410 -15.47 -88.84 -4.51
N LYS F 411 -14.44 -89.38 -3.88
CA LYS F 411 -14.57 -89.99 -2.56
C LYS F 411 -14.00 -89.09 -1.46
N THR F 412 -12.71 -88.76 -1.58
CA THR F 412 -12.05 -88.09 -0.48
C THR F 412 -11.49 -86.72 -0.84
N ILE F 413 -11.15 -85.99 0.20
CA ILE F 413 -10.70 -84.63 0.05
C ILE F 413 -9.30 -84.55 -0.54
N GLU F 414 -8.43 -85.49 -0.16
CA GLU F 414 -7.10 -85.54 -0.77
C GLU F 414 -7.22 -85.90 -2.25
N GLU F 415 -8.12 -86.81 -2.59
CA GLU F 415 -8.33 -87.20 -3.98
C GLU F 415 -8.78 -86.01 -4.84
N VAL F 416 -9.74 -85.24 -4.34
CA VAL F 416 -10.32 -84.18 -5.15
C VAL F 416 -9.36 -83.04 -5.38
N VAL F 417 -8.47 -82.79 -4.42
CA VAL F 417 -7.42 -81.78 -4.59
C VAL F 417 -6.57 -82.10 -5.82
N GLY F 418 -6.01 -83.30 -5.86
CA GLY F 418 -5.20 -83.72 -7.00
C GLY F 418 -5.95 -83.61 -8.32
N ARG F 419 -7.22 -84.00 -8.31
CA ARG F 419 -8.01 -84.03 -9.53
C ARG F 419 -8.38 -82.62 -10.00
N ALA F 420 -8.79 -81.78 -9.05
CA ALA F 420 -9.10 -80.38 -9.31
C ALA F 420 -7.91 -79.65 -9.90
N ASN F 421 -6.72 -79.87 -9.33
CA ASN F 421 -5.49 -79.22 -9.75
C ASN F 421 -4.85 -79.83 -11.01
N ASN F 422 -5.36 -80.96 -11.49
CA ASN F 422 -4.75 -81.59 -12.66
C ASN F 422 -5.33 -80.94 -13.92
N SER F 423 -4.85 -79.75 -14.19
CA SER F 423 -5.34 -78.91 -15.29
C SER F 423 -4.17 -77.98 -15.63
N THR F 424 -4.13 -77.53 -16.88
CA THR F 424 -3.21 -76.48 -17.24
C THR F 424 -3.91 -75.12 -17.08
N TYR F 425 -5.22 -75.14 -16.79
CA TYR F 425 -5.92 -73.95 -16.33
C TYR F 425 -5.88 -73.80 -14.80
N GLY F 426 -6.16 -72.59 -14.30
CA GLY F 426 -6.21 -72.35 -12.87
C GLY F 426 -6.76 -70.96 -12.57
N LEU F 427 -7.90 -70.65 -13.18
CA LEU F 427 -8.42 -69.31 -13.08
C LEU F 427 -9.20 -69.15 -11.76
N ALA F 428 -10.05 -70.13 -11.49
CA ALA F 428 -11.00 -70.06 -10.36
C ALA F 428 -11.29 -71.46 -9.82
N ALA F 429 -11.84 -71.52 -8.61
CA ALA F 429 -12.30 -72.76 -8.00
C ALA F 429 -13.28 -72.42 -6.89
N ALA F 430 -14.07 -73.39 -6.48
CA ALA F 430 -14.95 -73.19 -5.31
C ALA F 430 -15.09 -74.43 -4.46
N VAL F 431 -15.40 -74.20 -3.18
CA VAL F 431 -15.60 -75.26 -2.22
C VAL F 431 -16.90 -74.98 -1.48
N PHE F 432 -17.76 -76.00 -1.43
CA PHE F 432 -19.01 -75.95 -0.67
C PHE F 432 -18.92 -76.93 0.48
N THR F 433 -18.95 -76.39 1.70
CA THR F 433 -18.80 -77.15 2.91
C THR F 433 -19.18 -76.29 4.11
N LYS F 434 -19.59 -76.94 5.20
CA LYS F 434 -19.88 -76.25 6.46
C LYS F 434 -18.69 -76.28 7.41
N ASP F 435 -17.68 -77.08 7.06
CA ASP F 435 -16.63 -77.42 8.00
C ASP F 435 -15.49 -76.42 7.85
N LEU F 436 -15.02 -75.88 8.97
CA LEU F 436 -14.01 -74.81 8.95
C LEU F 436 -12.73 -75.38 8.34
N ASP F 437 -12.33 -76.55 8.80
CA ASP F 437 -11.07 -77.15 8.40
C ASP F 437 -11.01 -77.61 6.94
N LYS F 438 -12.13 -78.11 6.42
CA LYS F 438 -12.20 -78.47 5.00
C LYS F 438 -12.06 -77.24 4.13
N ALA F 439 -12.80 -76.20 4.47
CA ALA F 439 -12.74 -74.93 3.77
C ALA F 439 -11.31 -74.38 3.70
N ASN F 440 -10.60 -74.38 4.81
CA ASN F 440 -9.24 -73.86 4.83
C ASN F 440 -8.23 -74.77 4.14
N TYR F 441 -8.43 -76.07 4.25
CA TYR F 441 -7.53 -77.04 3.61
C TYR F 441 -7.59 -76.88 2.08
N LEU F 442 -8.80 -76.86 1.55
CA LEU F 442 -9.04 -76.77 0.14
C LEU F 442 -8.69 -75.40 -0.46
N SER F 443 -9.04 -74.31 0.23
CA SER F 443 -8.71 -72.99 -0.29
C SER F 443 -7.20 -72.78 -0.38
N GLN F 444 -6.46 -73.33 0.58
CA GLN F 444 -5.00 -73.32 0.46
C GLN F 444 -4.48 -74.20 -0.68
N ALA F 445 -5.06 -75.39 -0.86
CA ALA F 445 -4.44 -76.40 -1.72
C ALA F 445 -4.81 -76.23 -3.22
N LEU F 446 -5.96 -75.61 -3.48
CA LEU F 446 -6.40 -75.37 -4.85
C LEU F 446 -5.49 -74.35 -5.53
N GLN F 447 -4.98 -74.73 -6.72
CA GLN F 447 -4.10 -73.87 -7.51
C GLN F 447 -4.93 -73.03 -8.46
N ALA F 448 -5.49 -71.93 -7.96
CA ALA F 448 -6.49 -71.13 -8.69
C ALA F 448 -6.36 -69.67 -8.22
N GLY F 449 -6.60 -68.72 -9.11
CA GLY F 449 -6.43 -67.31 -8.76
C GLY F 449 -7.49 -66.82 -7.79
N THR F 450 -8.68 -67.39 -7.90
CA THR F 450 -9.76 -67.09 -6.95
C THR F 450 -10.38 -68.40 -6.46
N VAL F 451 -10.53 -68.52 -5.13
CA VAL F 451 -11.27 -69.64 -4.56
C VAL F 451 -12.48 -69.07 -3.83
N TRP F 452 -13.67 -69.48 -4.25
CA TRP F 452 -14.93 -69.10 -3.61
C TRP F 452 -15.33 -70.17 -2.57
N VAL F 453 -15.81 -69.75 -1.43
CA VAL F 453 -16.21 -70.69 -0.38
C VAL F 453 -17.70 -70.48 -0.08
N ASN F 454 -18.49 -71.52 -0.34
CA ASN F 454 -19.95 -71.44 -0.26
C ASN F 454 -20.54 -70.31 -1.06
N CYS F 455 -19.89 -69.99 -2.18
CA CYS F 455 -20.46 -69.06 -3.16
C CYS F 455 -19.75 -69.26 -4.49
N TYR F 456 -20.11 -68.47 -5.49
CA TYR F 456 -19.49 -68.54 -6.82
C TYR F 456 -19.72 -67.24 -7.57
N ASP F 457 -18.78 -66.90 -8.45
CA ASP F 457 -18.90 -65.70 -9.28
C ASP F 457 -19.17 -64.47 -8.39
N VAL F 458 -18.46 -64.40 -7.28
CA VAL F 458 -18.54 -63.21 -6.43
C VAL F 458 -17.35 -62.30 -6.73
N PHE F 459 -17.67 -61.22 -7.41
CA PHE F 459 -16.64 -60.29 -7.86
C PHE F 459 -16.83 -59.00 -7.10
N GLY F 460 -15.73 -58.38 -6.71
CA GLY F 460 -15.84 -57.03 -6.20
C GLY F 460 -14.73 -56.23 -6.84
N ALA F 461 -15.01 -54.98 -7.17
CA ALA F 461 -13.96 -54.08 -7.65
C ALA F 461 -12.73 -54.09 -6.74
N GLN F 462 -12.93 -54.39 -5.45
CA GLN F 462 -11.87 -54.32 -4.45
C GLN F 462 -10.95 -55.56 -4.47
N SER F 463 -11.42 -56.67 -5.04
CA SER F 463 -10.74 -57.96 -4.87
C SER F 463 -10.18 -58.42 -6.19
N PRO F 464 -8.87 -58.69 -6.25
CA PRO F 464 -8.21 -58.98 -7.52
C PRO F 464 -8.64 -60.32 -8.13
N PHE F 465 -8.40 -60.44 -9.43
CA PHE F 465 -8.87 -61.55 -10.22
C PHE F 465 -7.90 -61.83 -11.35
N GLY F 466 -7.63 -63.11 -11.60
CA GLY F 466 -6.79 -63.54 -12.72
C GLY F 466 -6.21 -64.93 -12.46
N GLY F 467 -5.36 -65.38 -13.39
CA GLY F 467 -5.10 -66.81 -13.57
C GLY F 467 -3.78 -67.28 -12.97
N TYR F 468 -3.80 -68.51 -12.44
CA TYR F 468 -2.61 -69.36 -12.34
C TYR F 468 -2.36 -70.10 -13.65
N LYS F 469 -1.12 -70.52 -13.87
CA LYS F 469 -0.81 -71.45 -14.95
C LYS F 469 -1.21 -70.79 -16.28
N MET F 470 -1.94 -71.49 -17.13
CA MET F 470 -2.23 -71.01 -18.48
C MET F 470 -3.50 -70.20 -18.56
N SER F 471 -4.12 -69.95 -17.41
CA SER F 471 -5.30 -69.11 -17.34
C SER F 471 -4.93 -67.63 -17.44
N GLY F 472 -3.63 -67.34 -17.47
CA GLY F 472 -3.19 -65.97 -17.67
C GLY F 472 -2.14 -65.57 -16.67
N SER F 473 -1.79 -64.28 -16.68
CA SER F 473 -0.86 -63.72 -15.68
C SER F 473 -1.16 -62.25 -15.38
N GLY F 474 -0.73 -61.78 -14.20
CA GLY F 474 -1.19 -60.51 -13.69
C GLY F 474 -2.59 -60.62 -13.12
N ARG F 475 -2.99 -59.58 -12.37
CA ARG F 475 -4.32 -59.54 -11.78
C ARG F 475 -5.01 -58.24 -12.19
N GLU F 476 -6.32 -58.32 -12.35
CA GLU F 476 -7.15 -57.14 -12.55
C GLU F 476 -8.03 -56.92 -11.31
N LEU F 477 -8.54 -55.69 -11.16
CA LEU F 477 -9.34 -55.30 -9.98
C LEU F 477 -8.45 -55.12 -8.75
N GLY F 478 -9.02 -54.49 -7.71
CA GLY F 478 -8.31 -54.13 -6.49
C GLY F 478 -7.08 -53.27 -6.71
N GLU F 479 -6.32 -53.08 -5.64
CA GLU F 479 -5.04 -52.39 -5.72
C GLU F 479 -4.10 -53.07 -6.72
N TYR F 480 -4.23 -54.38 -6.83
CA TYR F 480 -3.30 -55.15 -7.63
C TYR F 480 -3.46 -54.80 -9.12
N GLY F 481 -4.66 -54.41 -9.53
CA GLY F 481 -4.88 -54.06 -10.93
C GLY F 481 -4.12 -52.82 -11.39
N LEU F 482 -3.55 -52.09 -10.45
CA LEU F 482 -2.74 -50.91 -10.77
C LEU F 482 -1.28 -51.26 -11.11
N GLN F 483 -0.83 -52.44 -10.71
CA GLN F 483 0.60 -52.75 -10.81
C GLN F 483 1.06 -52.76 -12.25
N ALA F 484 0.28 -53.38 -13.12
CA ALA F 484 0.68 -53.55 -14.51
C ALA F 484 0.59 -52.24 -15.30
N TYR F 485 0.03 -51.20 -14.68
CA TYR F 485 -0.16 -49.89 -15.34
C TYR F 485 0.80 -48.82 -14.86
N THR F 486 1.79 -49.26 -14.11
CA THR F 486 2.76 -48.35 -13.50
C THR F 486 4.17 -48.76 -13.93
N GLU F 487 5.00 -47.78 -14.26
CA GLU F 487 6.44 -47.98 -14.40
C GLU F 487 7.10 -47.28 -13.20
N VAL F 488 7.96 -48.00 -12.49
CA VAL F 488 8.58 -47.51 -11.27
C VAL F 488 9.91 -46.87 -11.63
N LYS F 489 10.10 -45.62 -11.20
CA LYS F 489 11.40 -44.95 -11.39
C LYS F 489 12.01 -44.71 -10.02
N THR F 490 13.28 -45.08 -9.87
CA THR F 490 14.02 -44.80 -8.65
C THR F 490 14.83 -43.53 -8.86
N VAL F 491 14.75 -42.60 -7.91
CA VAL F 491 15.64 -41.42 -7.94
C VAL F 491 16.48 -41.48 -6.67
N THR F 492 17.79 -41.37 -6.83
CA THR F 492 18.70 -41.53 -5.72
C THR F 492 19.68 -40.36 -5.73
N VAL F 493 19.57 -39.53 -4.70
CA VAL F 493 20.20 -38.21 -4.69
C VAL F 493 21.29 -38.19 -3.62
N LYS F 494 22.48 -37.73 -4.00
CA LYS F 494 23.53 -37.48 -3.02
C LYS F 494 23.14 -36.34 -2.10
N VAL F 495 23.26 -36.58 -0.78
CA VAL F 495 22.99 -35.57 0.20
C VAL F 495 24.22 -35.32 1.09
N PRO F 496 24.31 -34.14 1.70
CA PRO F 496 25.40 -33.79 2.61
C PRO F 496 25.59 -34.82 3.75
N GLN F 497 24.53 -35.17 4.47
CA GLN F 497 24.69 -36.17 5.53
C GLN F 497 23.39 -36.78 5.95
N LYS F 498 23.24 -38.07 5.65
CA LYS F 498 22.02 -38.82 5.90
C LYS F 498 21.86 -39.03 7.40
N ASN F 499 20.66 -38.72 7.90
CA ASN F 499 20.27 -39.12 9.25
C ASN F 499 18.92 -39.82 9.24
N SER F 500 18.66 -40.60 10.27
CA SER F 500 17.40 -41.28 10.41
C SER F 500 16.24 -40.27 10.52
N ALA G 7 14.85 -81.72 23.59
CA ALA G 7 16.03 -81.68 24.49
C ALA G 7 16.19 -80.27 25.05
N VAL G 8 16.29 -80.17 26.38
CA VAL G 8 16.59 -78.90 27.06
C VAL G 8 17.87 -79.09 27.86
N PRO G 9 18.85 -78.22 27.66
CA PRO G 9 20.10 -78.31 28.42
C PRO G 9 19.83 -78.26 29.92
N ALA G 10 20.72 -78.85 30.71
CA ALA G 10 20.57 -78.85 32.16
C ALA G 10 20.85 -77.46 32.72
N PRO G 11 19.90 -76.93 33.47
CA PRO G 11 20.02 -75.59 34.03
C PRO G 11 20.89 -75.52 35.27
N ASN G 12 21.52 -74.37 35.47
CA ASN G 12 22.24 -74.11 36.69
C ASN G 12 21.21 -73.51 37.64
N GLN G 13 20.92 -74.20 38.73
CA GLN G 13 19.85 -73.79 39.64
C GLN G 13 20.19 -72.60 40.54
N GLN G 14 21.44 -72.15 40.49
CA GLN G 14 21.87 -71.00 41.25
C GLN G 14 22.80 -70.16 40.38
N PRO G 15 22.25 -69.61 39.31
CA PRO G 15 23.06 -68.91 38.31
C PRO G 15 23.64 -67.67 38.95
N GLU G 16 24.84 -67.28 38.54
CA GLU G 16 25.47 -66.09 39.13
C GLU G 16 24.85 -64.80 38.60
N VAL G 17 24.84 -63.75 39.42
CA VAL G 17 24.37 -62.45 38.96
C VAL G 17 25.55 -61.53 38.68
N PHE G 18 25.61 -61.03 37.45
CA PHE G 18 26.67 -60.11 37.05
C PHE G 18 26.22 -58.67 36.99
N CYS G 19 24.91 -58.45 36.82
CA CYS G 19 24.41 -57.09 36.64
C CYS G 19 23.30 -56.74 37.62
N ASN G 20 23.54 -55.75 38.47
CA ASN G 20 22.52 -55.33 39.42
C ASN G 20 22.50 -53.82 39.62
N GLN G 21 22.93 -53.10 38.59
CA GLN G 21 23.04 -51.66 38.69
C GLN G 21 22.21 -50.94 37.63
N ILE G 22 22.30 -49.62 37.61
CA ILE G 22 21.69 -48.78 36.58
C ILE G 22 22.60 -48.67 35.35
N PHE G 23 22.02 -48.85 34.17
CA PHE G 23 22.76 -48.92 32.90
C PHE G 23 22.58 -47.63 32.09
N ILE G 24 23.62 -46.81 32.03
CA ILE G 24 23.57 -45.52 31.35
C ILE G 24 24.86 -45.29 30.55
N ASN G 25 24.72 -44.85 29.30
CA ASN G 25 25.84 -44.72 28.37
C ASN G 25 26.72 -45.97 28.33
N ASN G 26 26.08 -47.13 28.34
CA ASN G 26 26.81 -48.41 28.30
C ASN G 26 27.74 -48.64 29.50
N GLU G 27 27.48 -47.95 30.60
CA GLU G 27 28.21 -48.24 31.82
C GLU G 27 27.27 -48.46 33.01
N TRP G 28 27.81 -49.05 34.07
CA TRP G 28 27.04 -49.37 35.28
C TRP G 28 27.20 -48.30 36.37
N HIS G 29 26.08 -47.85 36.91
CA HIS G 29 26.03 -46.76 37.90
C HIS G 29 25.22 -47.20 39.11
N ASP G 30 25.72 -46.86 40.30
CA ASP G 30 24.87 -46.85 41.48
C ASP G 30 23.79 -45.80 41.32
N ALA G 31 22.69 -45.99 42.05
CA ALA G 31 21.72 -44.90 42.21
C ALA G 31 22.46 -43.68 42.76
N VAL G 32 22.02 -42.48 42.40
CA VAL G 32 22.61 -41.28 43.00
C VAL G 32 22.44 -41.32 44.52
N SER G 33 21.27 -41.78 44.96
CA SER G 33 21.04 -42.02 46.38
C SER G 33 21.91 -43.09 47.02
N ARG G 34 22.48 -43.99 46.22
CA ARG G 34 23.16 -45.20 46.72
C ARG G 34 22.25 -46.29 47.32
N LYS G 35 20.94 -46.04 47.37
CA LYS G 35 20.03 -47.06 47.90
C LYS G 35 19.94 -48.28 46.98
N THR G 36 19.64 -49.44 47.58
CA THR G 36 19.38 -50.65 46.82
C THR G 36 18.08 -51.28 47.33
N PHE G 37 17.51 -52.14 46.52
CA PHE G 37 16.33 -52.88 46.91
C PHE G 37 16.59 -54.36 46.64
N PRO G 38 16.00 -55.26 47.44
CA PRO G 38 16.24 -56.68 47.20
C PRO G 38 15.32 -57.21 46.11
N THR G 39 15.79 -58.22 45.38
CA THR G 39 14.88 -58.98 44.53
C THR G 39 14.89 -60.41 44.99
N VAL G 40 13.72 -61.03 44.97
CA VAL G 40 13.46 -62.26 45.72
C VAL G 40 13.26 -63.44 44.78
N ASN G 41 13.72 -64.62 45.20
CA ASN G 41 13.37 -65.85 44.53
C ASN G 41 11.98 -66.29 45.03
N PRO G 42 10.95 -66.23 44.16
CA PRO G 42 9.58 -66.50 44.61
C PRO G 42 9.33 -67.96 45.02
N SER G 43 10.26 -68.84 44.64
CA SER G 43 10.20 -70.26 44.98
C SER G 43 10.55 -70.55 46.45
N THR G 44 11.24 -69.62 47.11
CA THR G 44 11.78 -69.84 48.45
C THR G 44 11.52 -68.64 49.33
N GLY G 45 11.18 -67.52 48.70
CA GLY G 45 10.99 -66.28 49.47
C GLY G 45 12.26 -65.59 49.91
N GLU G 46 13.40 -66.13 49.51
CA GLU G 46 14.70 -65.59 49.90
C GLU G 46 15.27 -64.58 48.91
N VAL G 47 16.04 -63.62 49.43
CA VAL G 47 16.66 -62.59 48.61
C VAL G 47 17.70 -63.21 47.65
N ILE G 48 17.60 -62.87 46.36
CA ILE G 48 18.63 -63.24 45.40
C ILE G 48 19.81 -62.28 45.47
N CYS G 49 19.53 -60.98 45.35
CA CYS G 49 20.56 -59.96 45.56
C CYS G 49 19.95 -58.58 45.67
N GLN G 50 20.79 -57.59 45.97
CA GLN G 50 20.38 -56.18 45.98
C GLN G 50 20.54 -55.60 44.59
N VAL G 51 19.79 -54.55 44.30
CA VAL G 51 19.78 -53.97 42.95
C VAL G 51 19.64 -52.48 43.17
N ALA G 52 20.35 -51.67 42.39
CA ALA G 52 20.34 -50.22 42.54
C ALA G 52 18.93 -49.65 42.42
N GLU G 53 18.53 -48.83 43.38
CA GLU G 53 17.18 -48.30 43.34
C GLU G 53 17.09 -46.94 42.68
N GLY G 54 16.84 -46.95 41.38
CA GLY G 54 16.83 -45.72 40.60
C GLY G 54 15.58 -44.92 40.91
N ASP G 55 15.71 -43.60 40.78
CA ASP G 55 14.64 -42.69 41.10
C ASP G 55 14.76 -41.54 40.10
N LYS G 56 14.09 -40.44 40.37
CA LYS G 56 13.96 -39.37 39.40
C LYS G 56 15.31 -38.89 38.90
N GLU G 57 16.29 -38.84 39.81
CA GLU G 57 17.61 -38.29 39.52
C GLU G 57 18.31 -39.16 38.50
N ASP G 58 18.17 -40.48 38.68
CA ASP G 58 18.82 -41.44 37.78
C ASP G 58 18.07 -41.52 36.44
N VAL G 59 16.75 -41.40 36.46
CA VAL G 59 16.01 -41.24 35.22
C VAL G 59 16.48 -39.99 34.46
N ASP G 60 16.61 -38.87 35.19
CA ASP G 60 17.10 -37.64 34.57
C ASP G 60 18.44 -37.86 33.86
N LYS G 61 19.34 -38.62 34.47
CA LYS G 61 20.62 -38.99 33.85
C LYS G 61 20.47 -39.84 32.59
N ALA G 62 19.60 -40.84 32.67
CA ALA G 62 19.35 -41.71 31.53
C ALA G 62 18.77 -40.91 30.35
N VAL G 63 17.86 -39.99 30.63
CA VAL G 63 17.18 -39.25 29.57
C VAL G 63 18.13 -38.29 28.85
N LYS G 64 18.97 -37.60 29.61
CA LYS G 64 20.01 -36.77 29.01
C LYS G 64 20.98 -37.60 28.16
N ALA G 65 21.30 -38.81 28.61
CA ALA G 65 22.21 -39.66 27.83
C ALA G 65 21.54 -40.09 26.52
N ALA G 66 20.30 -40.53 26.64
CA ALA G 66 19.49 -40.87 25.47
C ALA G 66 19.38 -39.65 24.51
N ARG G 67 19.10 -38.46 25.05
CA ARG G 67 18.91 -37.31 24.19
C ARG G 67 20.23 -36.99 23.46
N ALA G 68 21.35 -37.22 24.13
CA ALA G 68 22.64 -36.96 23.51
C ALA G 68 22.90 -37.97 22.39
N ALA G 69 22.55 -39.24 22.61
CA ALA G 69 22.73 -40.25 21.55
C ALA G 69 21.83 -39.98 20.35
N PHE G 70 20.78 -39.20 20.57
CA PHE G 70 19.79 -38.94 19.51
C PHE G 70 20.06 -37.67 18.67
N GLN G 71 21.11 -36.93 19.02
CA GLN G 71 21.43 -35.70 18.30
C GLN G 71 21.73 -35.94 16.83
N LEU G 72 21.19 -35.08 15.99
CA LEU G 72 21.51 -35.08 14.56
C LEU G 72 23.02 -35.17 14.44
N GLY G 73 23.51 -36.05 13.57
CA GLY G 73 24.95 -36.20 13.38
C GLY G 73 25.62 -37.20 14.28
N SER G 74 24.91 -37.72 15.30
CA SER G 74 25.46 -38.77 16.18
C SER G 74 25.66 -40.11 15.44
N PRO G 75 26.52 -40.99 15.98
CA PRO G 75 26.69 -42.33 15.41
C PRO G 75 25.34 -43.06 15.21
N TRP G 76 24.47 -43.03 16.22
CA TRP G 76 23.19 -43.73 16.08
C TRP G 76 22.30 -43.09 15.00
N ARG G 77 22.28 -41.76 14.90
CA ARG G 77 21.46 -41.10 13.89
C ARG G 77 21.98 -41.28 12.46
N ARG G 78 23.30 -41.38 12.29
CA ARG G 78 23.91 -41.51 10.96
C ARG G 78 24.00 -42.95 10.48
N MET G 79 23.89 -43.90 11.41
CA MET G 79 24.04 -45.30 11.06
C MET G 79 23.04 -45.71 9.94
N ASP G 80 23.50 -46.52 8.99
CA ASP G 80 22.59 -47.10 7.99
C ASP G 80 21.46 -47.88 8.68
N ALA G 81 20.24 -47.71 8.15
CA ALA G 81 19.10 -48.50 8.59
C ALA G 81 19.43 -50.00 8.58
N SER G 82 20.00 -50.49 7.47
CA SER G 82 20.48 -51.87 7.38
C SER G 82 21.40 -52.26 8.56
N HIS G 83 22.24 -51.34 9.02
CA HIS G 83 23.17 -51.66 10.08
C HIS G 83 22.48 -51.77 11.46
N ARG G 84 21.43 -50.97 11.68
CA ARG G 84 20.64 -51.10 12.90
C ARG G 84 20.13 -52.53 12.94
N GLY G 85 19.72 -53.06 11.77
CA GLY G 85 19.34 -54.46 11.63
C GLY G 85 20.44 -55.47 11.95
N ARG G 86 21.65 -55.24 11.47
CA ARG G 86 22.79 -56.06 11.87
C ARG G 86 22.97 -56.06 13.38
N LEU G 87 22.80 -54.91 14.02
CA LEU G 87 23.07 -54.88 15.45
C LEU G 87 22.01 -55.69 16.18
N LEU G 88 20.76 -55.57 15.73
CA LEU G 88 19.68 -56.38 16.29
C LEU G 88 19.89 -57.89 16.14
N ASN G 89 20.26 -58.32 14.94
CA ASN G 89 20.72 -59.68 14.71
C ASN G 89 21.91 -60.11 15.60
N ARG G 90 22.86 -59.22 15.82
CA ARG G 90 24.01 -59.53 16.69
C ARG G 90 23.55 -59.76 18.12
N LEU G 91 22.69 -58.84 18.59
CA LEU G 91 22.15 -58.94 19.93
C LEU G 91 21.45 -60.29 20.11
N ALA G 92 20.70 -60.71 19.10
CA ALA G 92 19.97 -61.97 19.21
C ALA G 92 20.93 -63.14 19.29
N ASP G 93 21.96 -63.11 18.43
CA ASP G 93 23.04 -64.09 18.49
C ASP G 93 23.67 -64.22 19.88
N LEU G 94 23.91 -63.09 20.52
CA LEU G 94 24.47 -63.09 21.86
C LEU G 94 23.51 -63.71 22.89
N ILE G 95 22.26 -63.28 22.83
CA ILE G 95 21.24 -63.87 23.66
C ILE G 95 21.16 -65.37 23.40
N GLU G 96 21.25 -65.79 22.15
CA GLU G 96 21.25 -67.21 21.89
C GLU G 96 22.48 -67.89 22.49
N ARG G 97 23.64 -67.25 22.39
CA ARG G 97 24.84 -67.82 23.02
C ARG G 97 24.60 -68.06 24.51
N ASP G 98 23.87 -67.13 25.14
CA ASP G 98 23.71 -67.08 26.59
C ASP G 98 22.33 -67.61 27.02
N ARG G 99 21.71 -68.39 26.14
CA ARG G 99 20.34 -68.85 26.33
C ARG G 99 20.07 -69.63 27.63
N THR G 100 20.87 -70.67 27.87
CA THR G 100 20.74 -71.52 29.06
C THR G 100 20.84 -70.69 30.34
N TYR G 101 21.82 -69.80 30.34
CA TYR G 101 22.08 -68.95 31.47
C TYR G 101 20.88 -68.00 31.66
N LEU G 102 20.37 -67.45 30.55
CA LEU G 102 19.32 -66.45 30.66
C LEU G 102 18.01 -67.10 31.09
N ALA G 103 17.76 -68.29 30.56
CA ALA G 103 16.57 -69.06 30.94
C ALA G 103 16.56 -69.42 32.40
N ALA G 104 17.73 -69.76 32.98
CA ALA G 104 17.80 -70.14 34.38
C ALA G 104 17.67 -68.92 35.27
N LEU G 105 18.29 -67.81 34.85
CA LEU G 105 18.14 -66.56 35.58
C LEU G 105 16.67 -66.11 35.59
N GLU G 106 15.99 -66.29 34.46
CA GLU G 106 14.60 -65.84 34.34
C GLU G 106 13.70 -66.60 35.32
N THR G 107 13.81 -67.93 35.29
CA THR G 107 13.19 -68.79 36.29
C THR G 107 13.50 -68.45 37.74
N LEU G 108 14.75 -68.10 38.03
CA LEU G 108 15.16 -67.83 39.40
C LEU G 108 14.48 -66.58 39.96
N ASP G 109 14.41 -65.55 39.14
CA ASP G 109 13.92 -64.25 39.59
C ASP G 109 12.39 -64.17 39.42
N ASN G 110 11.84 -64.93 38.48
CA ASN G 110 10.41 -64.81 38.10
C ASN G 110 9.57 -65.98 38.61
N GLY G 111 10.13 -67.18 38.55
CA GLY G 111 9.42 -68.36 39.04
C GLY G 111 8.90 -69.35 38.01
N LYS G 112 8.79 -68.94 36.76
CA LYS G 112 8.20 -69.82 35.76
C LYS G 112 9.11 -71.04 35.59
N PRO G 113 8.55 -72.17 35.11
CA PRO G 113 9.32 -73.39 34.88
C PRO G 113 10.47 -73.16 33.93
N TYR G 114 11.65 -73.65 34.27
CA TYR G 114 12.83 -73.50 33.45
C TYR G 114 12.63 -74.03 32.03
N VAL G 115 11.94 -75.16 31.89
CA VAL G 115 11.69 -75.72 30.57
C VAL G 115 10.96 -74.71 29.68
N ILE G 116 10.04 -73.96 30.28
CA ILE G 116 9.25 -72.98 29.56
C ILE G 116 10.08 -71.76 29.30
N SER G 117 10.80 -71.29 30.32
CA SER G 117 11.72 -70.18 30.13
C SER G 117 12.57 -70.45 28.89
N TYR G 118 13.02 -71.70 28.77
CA TYR G 118 14.01 -72.01 27.73
C TYR G 118 13.35 -72.23 26.36
N LEU G 119 12.29 -73.04 26.34
CA LEU G 119 11.65 -73.39 25.07
C LEU G 119 10.67 -72.34 24.57
N VAL G 120 10.09 -71.54 25.47
CA VAL G 120 9.06 -70.59 25.08
C VAL G 120 9.67 -69.21 25.14
N ASP G 121 10.04 -68.76 26.33
CA ASP G 121 10.41 -67.35 26.51
C ASP G 121 11.62 -66.94 25.65
N LEU G 122 12.71 -67.71 25.72
CA LEU G 122 13.95 -67.34 25.08
C LEU G 122 13.82 -67.51 23.56
N ASP G 123 13.04 -68.51 23.16
CA ASP G 123 12.74 -68.70 21.75
C ASP G 123 11.98 -67.51 21.17
N MET G 124 11.01 -66.98 21.92
CA MET G 124 10.19 -65.87 21.43
C MET G 124 10.98 -64.56 21.46
N VAL G 125 11.87 -64.44 22.43
CA VAL G 125 12.78 -63.31 22.47
C VAL G 125 13.62 -63.27 21.19
N LEU G 126 14.23 -64.41 20.85
CA LEU G 126 15.03 -64.53 19.64
C LEU G 126 14.22 -64.25 18.37
N LYS G 127 13.06 -64.88 18.24
CA LYS G 127 12.23 -64.61 17.07
C LYS G 127 11.78 -63.16 16.97
N CYS G 128 11.51 -62.53 18.11
CA CYS G 128 11.10 -61.11 18.08
C CYS G 128 12.24 -60.21 17.57
N LEU G 129 13.43 -60.38 18.12
CA LEU G 129 14.54 -59.53 17.73
C LEU G 129 14.93 -59.69 16.29
N ARG G 130 14.93 -60.94 15.81
CA ARG G 130 15.31 -61.22 14.43
C ARG G 130 14.21 -60.76 13.45
N TYR G 131 12.95 -60.90 13.85
CA TYR G 131 11.86 -60.31 13.07
C TYR G 131 12.03 -58.80 12.90
N TYR G 132 12.27 -58.08 14.00
CA TYR G 132 12.41 -56.62 13.90
C TYR G 132 13.73 -56.18 13.24
N ALA G 133 14.79 -56.97 13.40
CA ALA G 133 16.03 -56.73 12.65
C ALA G 133 15.70 -56.55 11.17
N GLY G 134 14.84 -57.41 10.64
CA GLY G 134 14.42 -57.35 9.23
C GLY G 134 13.60 -56.13 8.83
N TRP G 135 12.89 -55.54 9.78
CA TRP G 135 12.11 -54.33 9.48
C TRP G 135 12.97 -53.08 9.36
N ALA G 136 14.20 -53.14 9.89
CA ALA G 136 14.96 -51.90 10.08
C ALA G 136 15.05 -51.01 8.83
N ASP G 137 15.22 -51.62 7.66
CA ASP G 137 15.46 -50.87 6.45
C ASP G 137 14.34 -51.06 5.43
N LYS G 138 13.13 -51.33 5.91
CA LYS G 138 12.03 -51.66 5.01
C LYS G 138 10.74 -50.92 5.37
N TYR G 139 10.76 -50.08 6.39
CA TYR G 139 9.57 -49.29 6.74
C TYR G 139 9.47 -47.96 5.99
N HIS G 140 9.04 -48.00 4.72
CA HIS G 140 9.21 -46.88 3.77
C HIS G 140 8.26 -45.73 4.04
N GLY G 141 8.72 -44.51 3.80
CA GLY G 141 7.78 -43.41 3.59
C GLY G 141 7.14 -43.45 2.21
N LYS G 142 6.41 -42.39 1.87
CA LYS G 142 5.63 -42.38 0.65
C LYS G 142 6.02 -41.23 -0.30
N THR G 143 5.88 -41.42 -1.60
CA THR G 143 5.80 -40.26 -2.50
C THR G 143 4.37 -40.06 -2.96
N ILE G 144 3.90 -38.82 -2.93
CA ILE G 144 2.47 -38.56 -2.90
C ILE G 144 2.07 -37.63 -4.04
N PRO G 145 1.08 -38.07 -4.85
CA PRO G 145 0.69 -37.30 -6.03
C PRO G 145 -0.25 -36.15 -5.67
N ILE G 146 0.26 -35.21 -4.90
CA ILE G 146 -0.53 -34.06 -4.44
C ILE G 146 -0.91 -33.18 -5.63
N ASP G 147 -1.97 -32.36 -5.48
CA ASP G 147 -2.35 -31.39 -6.50
C ASP G 147 -1.31 -30.29 -6.68
N GLY G 148 -1.23 -29.74 -7.90
CA GLY G 148 -0.38 -28.60 -8.18
C GLY G 148 1.04 -28.99 -8.55
N ASP G 149 1.88 -27.98 -8.80
CA ASP G 149 3.23 -28.21 -9.26
C ASP G 149 4.13 -28.40 -8.07
N PHE G 150 4.00 -29.56 -7.44
CA PHE G 150 4.77 -29.86 -6.26
C PHE G 150 5.22 -31.32 -6.27
N PHE G 151 6.32 -31.57 -5.59
CA PHE G 151 6.76 -32.91 -5.26
C PHE G 151 6.60 -33.07 -3.76
N SER G 152 5.79 -34.04 -3.35
CA SER G 152 5.50 -34.21 -1.93
C SER G 152 5.82 -35.64 -1.49
N TYR G 153 6.49 -35.74 -0.34
CA TYR G 153 6.86 -37.04 0.19
C TYR G 153 6.90 -37.02 1.71
N THR G 154 6.94 -38.19 2.31
CA THR G 154 7.12 -38.29 3.74
C THR G 154 8.40 -39.03 4.12
N ARG G 155 9.04 -38.55 5.19
CA ARG G 155 10.12 -39.29 5.83
C ARG G 155 9.50 -39.94 7.05
N HIS G 156 9.85 -41.20 7.30
CA HIS G 156 9.46 -41.85 8.53
C HIS G 156 10.63 -41.73 9.48
N GLU G 157 10.54 -40.77 10.40
CA GLU G 157 11.64 -40.45 11.30
C GLU G 157 11.40 -41.16 12.65
N PRO G 158 12.46 -41.39 13.42
CA PRO G 158 12.22 -41.95 14.76
C PRO G 158 11.49 -40.92 15.64
N VAL G 159 10.70 -41.38 16.60
CA VAL G 159 9.98 -40.46 17.46
C VAL G 159 10.92 -39.78 18.47
N GLY G 160 11.97 -40.48 18.88
CA GLY G 160 13.02 -39.85 19.69
C GLY G 160 13.32 -40.59 20.98
N VAL G 161 13.28 -39.87 22.10
CA VAL G 161 13.51 -40.50 23.40
C VAL G 161 12.27 -41.24 23.86
N CYS G 162 12.36 -42.57 23.95
CA CYS G 162 11.21 -43.42 24.25
C CYS G 162 11.34 -43.99 25.63
N GLY G 163 10.38 -43.68 26.50
CA GLY G 163 10.36 -44.30 27.82
C GLY G 163 9.58 -45.60 27.70
N GLN G 164 10.12 -46.66 28.27
CA GLN G 164 9.49 -47.98 28.18
C GLN G 164 9.41 -48.62 29.56
N ILE G 165 8.20 -48.88 30.04
CA ILE G 165 7.99 -49.47 31.36
C ILE G 165 7.44 -50.88 31.18
N ILE G 166 8.16 -51.89 31.68
CA ILE G 166 7.74 -53.24 31.42
C ILE G 166 7.45 -54.02 32.71
N PRO G 167 6.51 -54.97 32.62
CA PRO G 167 6.11 -55.66 33.83
C PRO G 167 6.94 -56.91 34.05
N TRP G 168 6.53 -57.74 35.00
CA TRP G 168 7.35 -58.83 35.52
C TRP G 168 6.93 -60.21 35.02
N ASN G 169 5.81 -60.31 34.31
CA ASN G 169 5.30 -61.63 33.96
C ASN G 169 6.08 -62.31 32.84
N PHE G 170 6.56 -61.54 31.86
CA PHE G 170 7.48 -62.07 30.86
C PHE G 170 8.66 -61.10 30.72
N PRO G 171 9.62 -61.19 31.65
CA PRO G 171 10.56 -60.08 31.74
C PRO G 171 11.41 -59.91 30.47
N LEU G 172 11.95 -60.99 29.94
CA LEU G 172 12.81 -60.88 28.77
C LEU G 172 12.00 -60.63 27.50
N LEU G 173 10.85 -61.29 27.40
CA LEU G 173 10.07 -61.18 26.20
C LEU G 173 9.48 -59.78 26.09
N MET G 174 9.01 -59.22 27.20
CA MET G 174 8.56 -57.82 27.18
C MET G 174 9.69 -56.85 26.83
N GLN G 175 10.90 -57.10 27.34
CA GLN G 175 12.03 -56.25 26.97
C GLN G 175 12.26 -56.28 25.45
N ALA G 176 12.28 -57.47 24.87
CA ALA G 176 12.46 -57.64 23.42
C ALA G 176 11.33 -57.00 22.60
N TRP G 177 10.09 -57.17 23.06
CA TRP G 177 8.93 -56.59 22.37
C TRP G 177 8.99 -55.08 22.32
N LYS G 178 9.65 -54.46 23.30
CA LYS G 178 9.82 -53.02 23.31
C LYS G 178 11.06 -52.58 22.54
N LEU G 179 12.17 -53.30 22.71
CA LEU G 179 13.43 -52.91 22.10
C LEU G 179 13.40 -53.14 20.58
N GLY G 180 12.90 -54.30 20.17
CA GLY G 180 12.87 -54.66 18.76
C GLY G 180 12.37 -53.52 17.87
N PRO G 181 11.12 -53.11 18.05
CA PRO G 181 10.59 -52.05 17.18
C PRO G 181 11.20 -50.66 17.42
N ALA G 182 11.49 -50.30 18.68
CA ALA G 182 12.09 -48.99 18.92
C ALA G 182 13.44 -48.87 18.19
N LEU G 183 14.26 -49.91 18.28
CA LEU G 183 15.63 -49.83 17.81
C LEU G 183 15.66 -50.07 16.31
N ALA G 184 14.75 -50.90 15.81
CA ALA G 184 14.60 -51.06 14.36
C ALA G 184 14.33 -49.72 13.66
N THR G 185 13.58 -48.83 14.31
CA THR G 185 13.23 -47.55 13.72
C THR G 185 14.17 -46.42 14.17
N GLY G 186 15.26 -46.76 14.88
CA GLY G 186 16.27 -45.77 15.21
C GLY G 186 15.97 -44.84 16.37
N ASN G 187 15.08 -45.26 17.27
CA ASN G 187 14.79 -44.50 18.47
C ASN G 187 15.88 -44.76 19.50
N VAL G 188 15.87 -44.00 20.59
CA VAL G 188 16.66 -44.31 21.77
C VAL G 188 15.72 -44.57 22.95
N VAL G 189 16.21 -45.33 23.93
CA VAL G 189 15.34 -45.95 24.95
C VAL G 189 15.78 -45.64 26.36
N VAL G 190 14.85 -45.16 27.20
CA VAL G 190 15.03 -45.24 28.64
C VAL G 190 14.01 -46.23 29.23
N MET G 191 14.52 -47.37 29.70
CA MET G 191 13.68 -48.49 30.09
C MET G 191 13.64 -48.71 31.60
N LYS G 192 12.44 -48.86 32.14
CA LYS G 192 12.35 -49.14 33.55
C LYS G 192 11.80 -50.54 33.70
N VAL G 193 12.62 -51.46 34.23
CA VAL G 193 12.19 -52.84 34.43
C VAL G 193 11.49 -52.99 35.78
N ALA G 194 10.75 -54.09 35.94
CA ALA G 194 9.95 -54.30 37.15
C ALA G 194 10.83 -54.74 38.32
N GLU G 195 10.50 -54.26 39.52
CA GLU G 195 11.34 -54.51 40.69
C GLU G 195 11.28 -55.97 41.11
N GLN G 196 10.26 -56.69 40.68
CA GLN G 196 10.19 -58.12 40.92
C GLN G 196 11.14 -58.92 40.07
N THR G 197 11.47 -58.42 38.88
CA THR G 197 12.24 -59.21 37.92
C THR G 197 13.21 -58.31 37.15
N PRO G 198 14.15 -57.66 37.87
CA PRO G 198 15.05 -56.74 37.18
C PRO G 198 16.23 -57.43 36.48
N LEU G 199 16.61 -58.61 36.97
CA LEU G 199 17.92 -59.19 36.65
C LEU G 199 18.18 -59.59 35.19
N THR G 200 17.25 -60.30 34.55
CA THR G 200 17.52 -60.73 33.18
C THR G 200 17.68 -59.57 32.20
N ALA G 201 16.94 -58.47 32.38
CA ALA G 201 17.01 -57.33 31.47
C ALA G 201 18.33 -56.59 31.62
N LEU G 202 18.79 -56.50 32.87
CA LEU G 202 20.08 -55.86 33.16
C LEU G 202 21.25 -56.64 32.59
N TYR G 203 21.17 -57.96 32.60
CA TYR G 203 22.14 -58.75 31.87
C TYR G 203 22.10 -58.52 30.36
N VAL G 204 20.89 -58.39 29.79
CA VAL G 204 20.79 -58.14 28.36
C VAL G 204 21.40 -56.78 28.03
N ALA G 205 21.32 -55.84 28.95
CA ALA G 205 22.04 -54.57 28.76
C ALA G 205 23.56 -54.76 28.49
N ASN G 206 24.21 -55.67 29.21
CA ASN G 206 25.58 -56.05 28.90
C ASN G 206 25.74 -56.62 27.49
N LEU G 207 24.76 -57.39 27.05
CA LEU G 207 24.81 -57.92 25.68
C LEU G 207 24.59 -56.82 24.64
N ILE G 208 23.76 -55.84 24.98
CA ILE G 208 23.55 -54.65 24.14
C ILE G 208 24.86 -53.90 23.94
N LYS G 209 25.58 -53.65 25.03
CA LYS G 209 26.92 -53.08 24.94
C LYS G 209 27.84 -53.97 24.07
N GLU G 210 27.84 -55.27 24.33
CA GLU G 210 28.74 -56.17 23.61
C GLU G 210 28.39 -56.21 22.13
N ALA G 211 27.10 -56.09 21.84
CA ALA G 211 26.63 -56.10 20.46
C ALA G 211 27.12 -54.92 19.62
N GLY G 212 27.43 -53.79 20.24
CA GLY G 212 28.00 -52.65 19.51
C GLY G 212 27.08 -51.44 19.45
N PHE G 213 25.99 -51.47 20.21
CA PHE G 213 25.07 -50.33 20.16
C PHE G 213 25.78 -49.14 20.82
N PRO G 214 25.70 -47.95 20.21
CA PRO G 214 26.34 -46.76 20.76
C PRO G 214 25.85 -46.40 22.16
N PRO G 215 26.72 -45.78 22.96
CA PRO G 215 26.34 -45.46 24.31
C PRO G 215 25.13 -44.54 24.35
N GLY G 216 24.15 -44.91 25.15
CA GLY G 216 23.01 -44.04 25.37
C GLY G 216 21.82 -44.45 24.52
N VAL G 217 22.01 -45.40 23.62
CA VAL G 217 20.92 -45.82 22.75
C VAL G 217 19.89 -46.61 23.55
N VAL G 218 20.38 -47.48 24.42
CA VAL G 218 19.52 -48.13 25.41
C VAL G 218 19.99 -47.83 26.83
N ASN G 219 19.07 -47.37 27.66
CA ASN G 219 19.34 -47.14 29.08
C ASN G 219 18.31 -47.80 29.95
N ILE G 220 18.77 -48.42 31.04
CA ILE G 220 17.88 -49.17 31.90
C ILE G 220 18.00 -48.74 33.35
N VAL G 221 16.85 -48.41 33.94
CA VAL G 221 16.77 -47.96 35.32
C VAL G 221 15.86 -48.87 36.14
N PRO G 222 16.45 -49.80 36.91
CA PRO G 222 15.66 -50.54 37.88
C PRO G 222 15.21 -49.59 39.00
N GLY G 223 14.15 -49.93 39.73
CA GLY G 223 13.52 -48.99 40.66
C GLY G 223 12.03 -49.26 40.80
N PHE G 224 11.33 -48.38 41.54
CA PHE G 224 9.91 -48.60 41.86
C PHE G 224 9.03 -47.80 40.91
N GLY G 225 7.73 -48.10 40.96
CA GLY G 225 6.79 -47.53 39.98
C GLY G 225 6.48 -46.07 40.30
N PRO G 226 6.05 -45.80 41.55
CA PRO G 226 5.71 -44.42 41.91
C PRO G 226 6.92 -43.47 41.82
N THR G 227 8.13 -44.04 41.74
CA THR G 227 9.34 -43.20 41.67
C THR G 227 9.96 -43.13 40.27
N ALA G 228 10.73 -44.16 39.91
CA ALA G 228 11.38 -44.26 38.58
C ALA G 228 10.35 -44.21 37.44
N GLY G 229 9.28 -44.99 37.57
CA GLY G 229 8.30 -45.08 36.50
C GLY G 229 7.53 -43.79 36.27
N ALA G 230 7.04 -43.18 37.33
CA ALA G 230 6.36 -41.89 37.21
C ALA G 230 7.34 -40.83 36.69
N ALA G 231 8.62 -40.94 37.03
CA ALA G 231 9.58 -39.97 36.53
C ALA G 231 9.71 -40.02 35.00
N ILE G 232 9.76 -41.23 34.45
CA ILE G 232 9.76 -41.39 33.01
C ILE G 232 8.46 -40.78 32.44
N ALA G 233 7.32 -41.16 33.01
CA ALA G 233 6.01 -40.69 32.54
C ALA G 233 5.85 -39.17 32.50
N SER G 234 6.44 -38.50 33.47
CA SER G 234 6.21 -37.05 33.62
C SER G 234 7.34 -36.25 33.02
N HIS G 235 8.33 -36.94 32.47
CA HIS G 235 9.52 -36.26 32.00
C HIS G 235 9.28 -35.36 30.81
N GLU G 236 9.86 -34.16 30.86
CA GLU G 236 9.65 -33.12 29.88
C GLU G 236 10.47 -33.35 28.61
N ASP G 237 11.45 -34.25 28.68
CA ASP G 237 12.29 -34.51 27.52
C ASP G 237 12.11 -35.91 26.92
N VAL G 238 11.12 -36.64 27.43
CA VAL G 238 10.76 -37.95 26.87
C VAL G 238 9.62 -37.78 25.86
N ASP G 239 9.85 -38.29 24.65
CA ASP G 239 8.98 -38.02 23.50
C ASP G 239 7.78 -38.98 23.42
N LYS G 240 7.97 -40.19 23.93
CA LYS G 240 6.94 -41.21 23.84
C LYS G 240 7.10 -42.13 25.04
N VAL G 241 5.99 -42.52 25.65
CA VAL G 241 6.02 -43.59 26.64
C VAL G 241 5.23 -44.78 26.16
N ALA G 242 5.81 -45.97 26.34
CA ALA G 242 5.07 -47.23 26.19
C ALA G 242 5.02 -47.93 27.55
N PHE G 243 3.81 -48.20 28.02
CA PHE G 243 3.61 -48.84 29.31
C PHE G 243 2.83 -50.16 29.13
N THR G 244 3.36 -51.22 29.74
CA THR G 244 2.61 -52.47 29.91
C THR G 244 2.46 -52.78 31.41
N GLY G 245 1.24 -52.95 31.87
CA GLY G 245 0.98 -53.36 33.25
C GLY G 245 -0.51 -53.30 33.51
N SER G 246 -0.90 -52.83 34.69
CA SER G 246 -2.29 -52.80 35.10
C SER G 246 -3.05 -51.62 34.46
N THR G 247 -4.33 -51.85 34.16
CA THR G 247 -5.23 -50.80 33.68
C THR G 247 -5.22 -49.59 34.63
N GLU G 248 -5.15 -49.87 35.92
CA GLU G 248 -5.05 -48.82 36.93
C GLU G 248 -3.84 -47.87 36.75
N ILE G 249 -2.65 -48.43 36.58
CA ILE G 249 -1.45 -47.62 36.41
C ILE G 249 -1.44 -46.96 35.02
N GLY G 250 -2.03 -47.65 34.04
CA GLY G 250 -2.22 -47.09 32.72
C GLY G 250 -2.83 -45.69 32.77
N ARG G 251 -3.80 -45.48 33.66
CA ARG G 251 -4.46 -44.20 33.79
C ARG G 251 -3.51 -43.13 34.31
N VAL G 252 -2.76 -43.47 35.35
CA VAL G 252 -1.65 -42.66 35.84
C VAL G 252 -0.74 -42.23 34.69
N ILE G 253 -0.26 -43.19 33.91
CA ILE G 253 0.62 -42.90 32.78
C ILE G 253 0.03 -41.84 31.85
N GLN G 254 -1.21 -42.07 31.40
CA GLN G 254 -1.85 -41.21 30.41
C GLN G 254 -2.14 -39.81 30.95
N VAL G 255 -2.53 -39.74 32.22
CA VAL G 255 -2.60 -38.46 32.93
C VAL G 255 -1.24 -37.72 32.96
N ALA G 256 -0.17 -38.41 33.36
CA ALA G 256 1.17 -37.79 33.43
C ALA G 256 1.64 -37.24 32.08
N ALA G 257 1.36 -37.96 31.00
CA ALA G 257 1.73 -37.48 29.66
C ALA G 257 1.00 -36.19 29.31
N GLY G 258 -0.30 -36.14 29.62
CA GLY G 258 -1.12 -34.92 29.44
C GLY G 258 -0.63 -33.71 30.23
N SER G 259 -0.27 -33.94 31.49
CA SER G 259 0.08 -32.87 32.43
C SER G 259 1.53 -32.41 32.29
N SER G 260 2.34 -33.17 31.56
CA SER G 260 3.71 -32.76 31.28
C SER G 260 3.83 -32.22 29.85
N ASN G 261 4.48 -32.97 28.97
CA ASN G 261 4.89 -32.45 27.66
C ASN G 261 4.10 -33.01 26.45
N LEU G 262 2.98 -33.69 26.71
CA LEU G 262 2.18 -34.28 25.61
C LEU G 262 2.94 -35.33 24.79
N LYS G 263 3.93 -35.98 25.41
CA LYS G 263 4.53 -37.20 24.86
C LYS G 263 3.45 -38.14 24.31
N ARG G 264 3.77 -38.84 23.23
CA ARG G 264 2.88 -39.87 22.67
C ARG G 264 2.79 -41.10 23.61
N VAL G 265 1.63 -41.74 23.65
CA VAL G 265 1.40 -42.83 24.61
C VAL G 265 0.78 -44.05 23.94
N THR G 266 1.37 -45.22 24.19
CA THR G 266 0.70 -46.50 23.98
C THR G 266 0.65 -47.31 25.30
N LEU G 267 -0.38 -48.13 25.43
CA LEU G 267 -0.61 -48.93 26.63
C LEU G 267 -0.99 -50.38 26.28
N GLU G 268 -0.38 -51.33 26.97
CA GLU G 268 -0.86 -52.71 27.01
C GLU G 268 -1.30 -53.03 28.43
N LEU G 269 -2.61 -53.21 28.62
CA LEU G 269 -3.15 -53.36 29.98
C LEU G 269 -3.76 -54.73 30.26
N GLY G 270 -4.75 -54.76 31.15
CA GLY G 270 -5.27 -56.03 31.60
C GLY G 270 -6.29 -56.61 30.66
N GLY G 271 -6.83 -57.78 31.00
CA GLY G 271 -7.97 -58.33 30.27
C GLY G 271 -8.80 -59.22 31.16
N LYS G 272 -9.97 -59.62 30.68
CA LYS G 272 -10.72 -60.72 31.30
C LYS G 272 -11.26 -61.52 30.11
N SER G 273 -10.33 -62.11 29.36
CA SER G 273 -10.60 -62.59 28.01
C SER G 273 -11.53 -63.80 28.04
N PRO G 274 -12.57 -63.79 27.19
CA PRO G 274 -13.51 -64.92 27.03
C PRO G 274 -13.00 -66.00 26.06
N ASN G 275 -13.12 -67.24 26.49
CA ASN G 275 -12.75 -68.41 25.74
C ASN G 275 -14.02 -69.22 25.55
N ILE G 276 -14.53 -69.24 24.33
CA ILE G 276 -15.88 -69.71 24.09
C ILE G 276 -15.87 -71.08 23.45
N ILE G 277 -16.48 -72.06 24.11
CA ILE G 277 -16.52 -73.44 23.65
C ILE G 277 -17.93 -73.74 23.15
N MET G 278 -18.08 -73.83 21.82
CA MET G 278 -19.35 -74.21 21.20
C MET G 278 -19.54 -75.71 21.35
N SER G 279 -20.78 -76.18 21.24
CA SER G 279 -21.06 -77.58 21.49
C SER G 279 -20.45 -78.51 20.45
N ASP G 280 -20.16 -77.99 19.24
CA ASP G 280 -19.52 -78.82 18.21
C ASP G 280 -18.00 -78.81 18.25
N ALA G 281 -17.39 -78.21 19.27
CA ALA G 281 -15.94 -78.23 19.40
C ALA G 281 -15.39 -79.64 19.56
N ASP G 282 -14.12 -79.81 19.20
CA ASP G 282 -13.36 -80.99 19.59
C ASP G 282 -13.11 -80.97 21.10
N MET G 283 -13.77 -81.88 21.82
CA MET G 283 -13.73 -81.88 23.29
C MET G 283 -12.34 -82.06 23.88
N ASP G 284 -11.60 -83.06 23.44
CA ASP G 284 -10.25 -83.22 23.98
C ASP G 284 -9.36 -81.97 23.79
N TRP G 285 -9.32 -81.46 22.56
CA TRP G 285 -8.54 -80.26 22.24
C TRP G 285 -9.03 -79.04 23.02
N ALA G 286 -10.33 -78.82 23.03
CA ALA G 286 -10.90 -77.65 23.71
C ALA G 286 -10.62 -77.64 25.22
N VAL G 287 -10.69 -78.82 25.86
CA VAL G 287 -10.37 -78.91 27.30
C VAL G 287 -8.90 -78.61 27.55
N GLU G 288 -8.02 -79.20 26.75
CA GLU G 288 -6.59 -78.97 26.95
C GLU G 288 -6.19 -77.51 26.69
N GLN G 289 -6.73 -76.93 25.63
CA GLN G 289 -6.42 -75.54 25.31
C GLN G 289 -7.03 -74.58 26.33
N ALA G 290 -8.23 -74.86 26.87
CA ALA G 290 -8.84 -73.96 27.85
C ALA G 290 -8.00 -73.99 29.12
N HIS G 291 -7.48 -75.18 29.42
CA HIS G 291 -6.56 -75.35 30.53
C HIS G 291 -5.31 -74.49 30.35
N PHE G 292 -4.67 -74.65 29.20
CA PHE G 292 -3.50 -73.85 28.83
C PHE G 292 -3.87 -72.35 28.84
N ALA G 293 -4.97 -72.03 28.17
CA ALA G 293 -5.45 -70.62 28.09
C ALA G 293 -5.46 -69.88 29.43
N LEU G 294 -5.87 -70.59 30.48
CA LEU G 294 -5.97 -69.98 31.81
C LEU G 294 -4.69 -70.13 32.63
N PHE G 295 -4.14 -71.34 32.70
CA PHE G 295 -3.08 -71.66 33.66
C PHE G 295 -1.68 -71.33 33.18
N PHE G 296 -1.52 -71.00 31.90
CA PHE G 296 -0.17 -70.73 31.36
C PHE G 296 0.52 -69.67 32.21
N ASN G 297 1.81 -69.87 32.50
CA ASN G 297 2.62 -68.89 33.22
C ASN G 297 2.05 -68.51 34.60
N GLN G 298 1.58 -69.52 35.33
CA GLN G 298 1.02 -69.35 36.66
C GLN G 298 -0.23 -68.45 36.59
N GLY G 299 -0.86 -68.42 35.42
CA GLY G 299 -2.01 -67.55 35.20
C GLY G 299 -1.68 -66.07 35.00
N GLN G 300 -0.38 -65.76 34.95
CA GLN G 300 0.09 -64.40 34.91
C GLN G 300 0.26 -63.95 33.47
N CYS G 301 -0.87 -63.93 32.75
CA CYS G 301 -0.93 -63.46 31.37
C CYS G 301 -2.03 -62.42 31.22
N CYS G 302 -1.69 -61.30 30.60
CA CYS G 302 -2.67 -60.26 30.37
C CYS G 302 -3.86 -60.84 29.60
N CYS G 303 -3.60 -61.80 28.71
CA CYS G 303 -4.63 -62.34 27.82
C CYS G 303 -5.22 -63.68 28.28
N ALA G 304 -5.03 -64.02 29.56
CA ALA G 304 -5.48 -65.28 30.10
C ALA G 304 -6.96 -65.50 29.78
N GLY G 305 -7.32 -66.73 29.40
CA GLY G 305 -8.72 -67.07 29.14
C GLY G 305 -9.45 -67.28 30.46
N SER G 306 -9.80 -66.18 31.13
CA SER G 306 -10.24 -66.24 32.52
C SER G 306 -11.77 -66.23 32.67
N ARG G 307 -12.48 -66.18 31.54
CA ARG G 307 -13.89 -66.54 31.45
C ARG G 307 -14.09 -67.67 30.42
N THR G 308 -14.18 -68.90 30.90
CA THR G 308 -14.36 -70.05 30.02
C THR G 308 -15.86 -70.32 29.85
N PHE G 309 -16.40 -69.92 28.70
CA PHE G 309 -17.83 -70.01 28.42
C PHE G 309 -18.07 -71.33 27.66
N VAL G 310 -18.92 -72.19 28.21
CA VAL G 310 -19.13 -73.52 27.63
C VAL G 310 -20.63 -73.71 27.34
N GLN G 311 -20.94 -74.13 26.11
CA GLN G 311 -22.33 -74.29 25.69
C GLN G 311 -22.99 -75.42 26.51
N GLU G 312 -24.26 -75.24 26.88
CA GLU G 312 -24.84 -76.09 27.93
C GLU G 312 -24.84 -77.60 27.65
N ASP G 313 -25.02 -78.00 26.39
CA ASP G 313 -25.01 -79.42 26.06
C ASP G 313 -23.73 -80.16 26.44
N ILE G 314 -22.61 -79.45 26.53
CA ILE G 314 -21.32 -80.11 26.78
C ILE G 314 -20.74 -79.66 28.12
N TYR G 315 -21.48 -78.79 28.80
CA TYR G 315 -21.04 -78.15 30.02
C TYR G 315 -20.56 -79.17 31.05
N ASP G 316 -21.40 -80.14 31.39
CA ASP G 316 -21.04 -81.10 32.44
C ASP G 316 -19.78 -81.89 32.10
N GLU G 317 -19.71 -82.41 30.87
CA GLU G 317 -18.53 -83.18 30.53
C GLU G 317 -17.30 -82.27 30.55
N PHE G 318 -17.43 -81.07 29.98
CA PHE G 318 -16.26 -80.17 29.89
C PHE G 318 -15.73 -79.83 31.28
N VAL G 319 -16.64 -79.61 32.21
CA VAL G 319 -16.26 -79.28 33.57
C VAL G 319 -15.53 -80.46 34.20
N GLU G 320 -16.11 -81.65 34.07
CA GLU G 320 -15.51 -82.83 34.69
C GLU G 320 -14.09 -83.07 34.15
N ARG G 321 -13.89 -82.90 32.85
CA ARG G 321 -12.55 -83.07 32.30
C ARG G 321 -11.64 -81.93 32.69
N SER G 322 -12.18 -80.71 32.74
CA SER G 322 -11.36 -79.57 33.20
C SER G 322 -10.85 -79.75 34.63
N VAL G 323 -11.70 -80.27 35.50
CA VAL G 323 -11.37 -80.45 36.90
C VAL G 323 -10.26 -81.50 37.02
N ALA G 324 -10.40 -82.61 36.30
CA ALA G 324 -9.39 -83.66 36.30
C ALA G 324 -8.04 -83.13 35.84
N ARG G 325 -8.05 -82.30 34.81
CA ARG G 325 -6.81 -81.78 34.25
C ARG G 325 -6.11 -80.86 35.25
N ALA G 326 -6.89 -80.03 35.94
CA ALA G 326 -6.35 -79.12 36.94
C ALA G 326 -5.78 -79.88 38.13
N LYS G 327 -6.47 -80.96 38.54
CA LYS G 327 -6.00 -81.78 39.63
C LYS G 327 -4.69 -82.50 39.33
N SER G 328 -4.45 -82.82 38.06
CA SER G 328 -3.21 -83.44 37.63
C SER G 328 -2.06 -82.47 37.39
N ARG G 329 -2.36 -81.18 37.33
CA ARG G 329 -1.31 -80.21 37.02
C ARG G 329 -0.27 -80.20 38.15
N VAL G 330 0.98 -80.48 37.81
CA VAL G 330 2.05 -80.54 38.81
C VAL G 330 2.59 -79.16 39.24
N VAL G 331 2.49 -78.86 40.51
CA VAL G 331 3.05 -77.64 41.05
C VAL G 331 4.30 -78.02 41.79
N GLY G 332 5.38 -77.26 41.63
CA GLY G 332 6.60 -77.53 42.39
C GLY G 332 7.76 -76.65 41.95
N ASN G 333 8.97 -77.08 42.32
CA ASN G 333 10.21 -76.38 42.03
C ASN G 333 10.30 -76.17 40.51
N PRO G 334 10.44 -74.90 40.09
CA PRO G 334 10.39 -74.62 38.64
C PRO G 334 11.58 -75.21 37.83
N PHE G 335 12.70 -75.46 38.51
CA PHE G 335 13.85 -76.11 37.88
C PHE G 335 13.71 -77.61 37.73
N ASP G 336 12.65 -78.19 38.28
CA ASP G 336 12.40 -79.63 38.13
C ASP G 336 11.64 -79.88 36.82
N SER G 337 12.00 -80.92 36.10
CA SER G 337 11.55 -81.07 34.73
C SER G 337 10.07 -81.40 34.66
N LYS G 338 9.55 -81.99 35.73
CA LYS G 338 8.17 -82.41 35.76
C LYS G 338 7.19 -81.30 36.22
N THR G 339 7.73 -80.22 36.78
CA THR G 339 6.91 -79.08 37.15
C THR G 339 6.22 -78.43 35.96
N GLU G 340 4.88 -78.36 36.01
CA GLU G 340 4.10 -77.54 35.10
C GLU G 340 3.84 -76.14 35.62
N GLN G 341 3.84 -75.96 36.93
CA GLN G 341 3.52 -74.66 37.53
C GLN G 341 4.47 -74.29 38.66
N GLY G 342 5.15 -73.14 38.54
CA GLY G 342 5.99 -72.63 39.62
C GLY G 342 5.20 -71.75 40.58
N PRO G 343 5.87 -70.93 41.40
CA PRO G 343 5.19 -69.99 42.28
C PRO G 343 4.65 -68.76 41.53
N GLN G 344 3.72 -68.05 42.15
CA GLN G 344 3.41 -66.69 41.76
C GLN G 344 4.61 -65.77 42.02
N VAL G 345 4.64 -64.60 41.37
CA VAL G 345 5.85 -63.78 41.30
C VAL G 345 6.33 -63.21 42.66
N ASP G 346 5.38 -62.86 43.53
CA ASP G 346 5.75 -62.30 44.82
C ASP G 346 4.60 -62.37 45.84
N GLU G 347 4.88 -61.90 47.04
CA GLU G 347 3.94 -62.01 48.14
C GLU G 347 2.66 -61.19 47.91
N THR G 348 2.80 -59.98 47.38
CA THR G 348 1.64 -59.15 47.07
C THR G 348 0.65 -59.89 46.17
N GLN G 349 1.17 -60.52 45.12
CA GLN G 349 0.33 -61.26 44.18
C GLN G 349 -0.23 -62.52 44.81
N PHE G 350 0.64 -63.24 45.52
CA PHE G 350 0.21 -64.38 46.32
C PHE G 350 -1.04 -64.06 47.15
N LYS G 351 -0.97 -62.99 47.93
CA LYS G 351 -2.10 -62.64 48.82
C LYS G 351 -3.34 -62.17 48.04
N LYS G 352 -3.11 -61.46 46.94
CA LYS G 352 -4.19 -60.93 46.09
C LYS G 352 -4.99 -62.10 45.48
N ILE G 353 -4.27 -63.14 45.08
CA ILE G 353 -4.90 -64.28 44.46
C ILE G 353 -5.71 -65.05 45.51
N LEU G 354 -5.12 -65.25 46.69
CA LEU G 354 -5.85 -65.94 47.76
C LEU G 354 -7.09 -65.13 48.17
N GLY G 355 -6.96 -63.81 48.13
CA GLY G 355 -8.09 -62.94 48.38
C GLY G 355 -9.20 -63.11 47.35
N TYR G 356 -8.83 -63.27 46.08
CA TYR G 356 -9.84 -63.46 45.04
C TYR G 356 -10.51 -64.80 45.20
N ILE G 357 -9.75 -65.82 45.59
CA ILE G 357 -10.32 -67.13 45.84
C ILE G 357 -11.30 -67.10 47.01
N ASN G 358 -10.92 -66.42 48.08
CA ASN G 358 -11.84 -66.17 49.20
C ASN G 358 -13.15 -65.53 48.68
N THR G 359 -13.00 -64.48 47.87
CA THR G 359 -14.16 -63.79 47.29
C THR G 359 -15.02 -64.72 46.42
N GLY G 360 -14.37 -65.51 45.57
CA GLY G 360 -15.09 -66.47 44.75
C GLY G 360 -15.99 -67.36 45.60
N LYS G 361 -15.42 -67.92 46.64
CA LYS G 361 -16.19 -68.72 47.59
C LYS G 361 -17.31 -67.94 48.30
N GLN G 362 -17.01 -66.73 48.77
CA GLN G 362 -18.01 -65.87 49.45
C GLN G 362 -19.24 -65.52 48.61
N GLU G 363 -19.01 -65.32 47.31
CA GLU G 363 -20.06 -64.92 46.37
C GLU G 363 -20.76 -66.13 45.74
N GLY G 364 -20.40 -67.32 46.18
CA GLY G 364 -21.20 -68.49 45.92
C GLY G 364 -20.83 -69.17 44.60
N ALA G 365 -19.63 -68.91 44.10
CA ALA G 365 -19.17 -69.73 42.98
C ALA G 365 -18.77 -71.10 43.54
N LYS G 366 -19.01 -72.15 42.76
CA LYS G 366 -18.77 -73.52 43.19
C LYS G 366 -17.30 -73.95 43.06
N LEU G 367 -16.59 -74.04 44.19
CA LEU G 367 -15.19 -74.43 44.16
C LEU G 367 -15.10 -75.91 43.86
N LEU G 368 -14.42 -76.28 42.77
CA LEU G 368 -14.43 -77.65 42.26
C LEU G 368 -13.12 -78.41 42.51
N CYS G 369 -12.04 -77.66 42.72
CA CYS G 369 -10.76 -78.23 43.11
C CYS G 369 -9.86 -77.07 43.48
N GLY G 370 -8.75 -77.36 44.16
CA GLY G 370 -7.83 -76.34 44.60
C GLY G 370 -8.38 -75.36 45.63
N GLY G 371 -7.97 -74.10 45.50
CA GLY G 371 -8.46 -73.07 46.39
C GLY G 371 -7.54 -72.76 47.55
N GLY G 372 -6.37 -73.42 47.60
CA GLY G 372 -5.47 -73.26 48.75
C GLY G 372 -4.00 -73.11 48.40
N ILE G 373 -3.18 -72.89 49.42
CA ILE G 373 -1.74 -72.78 49.29
C ILE G 373 -1.20 -74.15 49.00
N ALA G 374 -0.18 -74.24 48.14
CA ALA G 374 0.25 -75.51 47.60
C ALA G 374 1.62 -75.99 48.14
N ALA G 375 2.29 -75.18 48.93
CA ALA G 375 3.56 -75.58 49.52
C ALA G 375 3.85 -74.70 50.73
N ASP G 376 4.78 -75.16 51.58
CA ASP G 376 5.05 -74.51 52.87
C ASP G 376 5.86 -73.24 52.75
N ARG G 377 6.72 -73.21 51.73
CA ARG G 377 7.51 -72.01 51.41
C ARG G 377 7.37 -71.59 49.94
N GLY G 378 7.52 -70.31 49.67
CA GLY G 378 7.34 -69.78 48.32
C GLY G 378 5.87 -69.48 48.07
N TYR G 379 5.58 -68.91 46.90
CA TYR G 379 4.28 -68.34 46.59
C TYR G 379 3.47 -69.26 45.70
N PHE G 380 3.38 -70.51 46.13
CA PHE G 380 2.73 -71.54 45.36
C PHE G 380 1.24 -71.65 45.68
N ILE G 381 0.40 -71.60 44.65
CA ILE G 381 -1.04 -71.74 44.81
C ILE G 381 -1.59 -72.93 44.03
N GLN G 382 -2.50 -73.68 44.64
CA GLN G 382 -3.10 -74.83 43.92
C GLN G 382 -3.90 -74.40 42.70
N PRO G 383 -3.82 -75.19 41.62
CA PRO G 383 -4.69 -74.97 40.49
C PRO G 383 -6.17 -75.03 40.89
N THR G 384 -6.89 -73.96 40.64
CA THR G 384 -8.20 -73.78 41.23
C THR G 384 -9.23 -73.57 40.15
N VAL G 385 -10.34 -74.30 40.25
CA VAL G 385 -11.41 -74.16 39.29
C VAL G 385 -12.74 -73.79 39.99
N PHE G 386 -13.37 -72.72 39.52
CA PHE G 386 -14.74 -72.40 39.96
C PHE G 386 -15.73 -72.72 38.84
N GLY G 387 -16.81 -73.43 39.18
CA GLY G 387 -17.88 -73.68 38.23
C GLY G 387 -19.15 -72.88 38.49
N ASP G 388 -20.09 -72.97 37.55
CA ASP G 388 -21.33 -72.21 37.63
C ASP G 388 -21.05 -70.75 37.95
N VAL G 389 -20.05 -70.16 37.32
CA VAL G 389 -19.75 -68.74 37.53
C VAL G 389 -20.82 -67.87 36.84
N GLN G 390 -21.19 -66.76 37.48
CA GLN G 390 -22.21 -65.86 36.96
C GLN G 390 -21.56 -64.52 36.64
N ASP G 391 -22.10 -63.82 35.65
CA ASP G 391 -21.46 -62.61 35.08
C ASP G 391 -21.25 -61.52 36.11
N GLY G 392 -22.16 -61.42 37.07
CA GLY G 392 -22.08 -60.38 38.10
C GLY G 392 -21.05 -60.66 39.20
N MET G 393 -20.52 -61.87 39.26
CA MET G 393 -19.56 -62.18 40.32
C MET G 393 -18.24 -61.43 40.13
N THR G 394 -17.58 -61.09 41.23
CA THR G 394 -16.27 -60.47 41.19
C THR G 394 -15.28 -61.33 40.40
N ILE G 395 -15.25 -62.63 40.61
CA ILE G 395 -14.30 -63.47 39.85
C ILE G 395 -14.57 -63.54 38.33
N ALA G 396 -15.74 -63.10 37.90
CA ALA G 396 -16.06 -63.02 36.47
C ALA G 396 -15.72 -61.64 35.88
N LYS G 397 -15.42 -60.68 36.74
CA LYS G 397 -15.23 -59.31 36.26
C LYS G 397 -13.78 -58.83 36.40
N GLU G 398 -13.11 -59.18 37.48
CA GLU G 398 -11.84 -58.55 37.79
C GLU G 398 -10.72 -59.53 37.44
N GLU G 399 -9.62 -59.00 36.94
CA GLU G 399 -8.49 -59.82 36.48
C GLU G 399 -7.74 -60.29 37.71
N ILE G 400 -7.66 -61.60 37.85
CA ILE G 400 -7.07 -62.24 39.04
C ILE G 400 -5.57 -62.43 38.83
N PHE G 401 -5.17 -62.75 37.60
CA PHE G 401 -3.77 -62.95 37.27
C PHE G 401 -3.14 -64.09 38.04
N GLY G 402 -3.90 -65.18 38.18
CA GLY G 402 -3.42 -66.35 38.90
C GLY G 402 -4.09 -67.62 38.41
N PRO G 403 -3.77 -68.76 39.05
CA PRO G 403 -4.20 -70.04 38.55
C PRO G 403 -5.62 -70.34 39.00
N VAL G 404 -6.52 -69.42 38.66
CA VAL G 404 -7.91 -69.54 39.05
C VAL G 404 -8.81 -69.47 37.80
N MET G 405 -9.48 -70.59 37.53
CA MET G 405 -10.28 -70.77 36.32
C MET G 405 -11.76 -70.55 36.62
N GLN G 406 -12.43 -69.83 35.73
CA GLN G 406 -13.89 -69.63 35.84
C GLN G 406 -14.61 -70.31 34.69
N ILE G 407 -15.59 -71.14 35.00
CA ILE G 407 -16.38 -71.82 33.96
C ILE G 407 -17.84 -71.36 34.01
N LEU G 408 -18.32 -70.87 32.87
CA LEU G 408 -19.66 -70.34 32.77
C LEU G 408 -20.45 -71.08 31.70
N LYS G 409 -21.76 -71.13 31.88
CA LYS G 409 -22.65 -71.90 31.00
C LYS G 409 -23.46 -70.89 30.18
N PHE G 410 -23.64 -71.16 28.90
CA PHE G 410 -24.51 -70.33 28.04
C PHE G 410 -25.28 -71.25 27.09
N LYS G 411 -26.29 -70.68 26.46
CA LYS G 411 -27.13 -71.45 25.57
C LYS G 411 -26.93 -71.16 24.08
N THR G 412 -27.00 -69.89 23.71
CA THR G 412 -27.04 -69.52 22.30
C THR G 412 -25.82 -68.68 21.91
N ILE G 413 -25.52 -68.68 20.62
CA ILE G 413 -24.37 -67.93 20.08
C ILE G 413 -24.58 -66.42 20.26
N GLU G 414 -25.82 -65.98 20.07
CA GLU G 414 -26.19 -64.58 20.27
C GLU G 414 -26.01 -64.12 21.72
N GLU G 415 -26.52 -64.93 22.67
CA GLU G 415 -26.30 -64.72 24.10
C GLU G 415 -24.82 -64.55 24.47
N VAL G 416 -23.98 -65.48 24.03
CA VAL G 416 -22.60 -65.51 24.50
C VAL G 416 -21.83 -64.33 23.95
N VAL G 417 -22.24 -63.84 22.77
CA VAL G 417 -21.58 -62.65 22.24
C VAL G 417 -21.76 -61.43 23.12
N GLY G 418 -23.01 -61.22 23.55
CA GLY G 418 -23.34 -60.11 24.43
C GLY G 418 -22.63 -60.25 25.76
N ARG G 419 -22.52 -61.48 26.25
CA ARG G 419 -21.91 -61.72 27.55
C ARG G 419 -20.37 -61.61 27.46
N ALA G 420 -19.79 -62.17 26.42
CA ALA G 420 -18.33 -61.97 26.18
C ALA G 420 -17.96 -60.49 26.07
N ASN G 421 -18.76 -59.73 25.34
CA ASN G 421 -18.42 -58.33 25.02
C ASN G 421 -18.81 -57.39 26.15
N ASN G 422 -19.52 -57.90 27.14
CA ASN G 422 -20.02 -57.07 28.24
C ASN G 422 -18.92 -56.99 29.29
N SER G 423 -17.91 -56.19 28.97
CA SER G 423 -16.72 -56.06 29.78
C SER G 423 -16.08 -54.74 29.34
N THR G 424 -15.37 -54.07 30.25
CA THR G 424 -14.60 -52.89 29.86
C THR G 424 -13.20 -53.28 29.36
N TYR G 425 -12.88 -54.57 29.49
CA TYR G 425 -11.67 -55.17 28.93
C TYR G 425 -11.92 -55.72 27.50
N GLY G 426 -10.86 -55.90 26.72
CA GLY G 426 -11.02 -56.33 25.32
C GLY G 426 -9.69 -56.70 24.69
N LEU G 427 -8.88 -57.45 25.43
CA LEU G 427 -7.54 -57.72 24.96
C LEU G 427 -7.55 -58.92 24.00
N ALA G 428 -8.24 -59.98 24.37
CA ALA G 428 -8.22 -61.20 23.57
C ALA G 428 -9.53 -61.95 23.71
N ALA G 429 -9.76 -62.94 22.87
CA ALA G 429 -10.90 -63.84 23.03
C ALA G 429 -10.61 -65.07 22.21
N ALA G 430 -11.36 -66.15 22.43
CA ALA G 430 -11.20 -67.34 21.58
C ALA G 430 -12.52 -68.01 21.31
N VAL G 431 -12.57 -68.73 20.21
CA VAL G 431 -13.70 -69.54 19.83
C VAL G 431 -13.25 -70.95 19.49
N PHE G 432 -13.91 -71.95 20.06
CA PHE G 432 -13.66 -73.35 19.68
C PHE G 432 -14.91 -73.90 19.02
N THR G 433 -14.78 -74.29 17.74
CA THR G 433 -15.94 -74.76 16.95
C THR G 433 -15.41 -75.47 15.70
N LYS G 434 -16.19 -76.40 15.15
CA LYS G 434 -15.83 -76.95 13.82
C LYS G 434 -16.48 -76.25 12.64
N ASP G 435 -17.46 -75.39 12.94
CA ASP G 435 -18.35 -74.80 11.97
C ASP G 435 -17.79 -73.50 11.41
N LEU G 436 -17.66 -73.44 10.08
CA LEU G 436 -17.11 -72.27 9.38
C LEU G 436 -17.86 -70.98 9.71
N ASP G 437 -19.19 -71.02 9.57
CA ASP G 437 -20.03 -69.87 9.84
C ASP G 437 -20.01 -69.37 11.29
N LYS G 438 -20.08 -70.28 12.25
CA LYS G 438 -19.92 -69.90 13.67
C LYS G 438 -18.56 -69.22 13.93
N ALA G 439 -17.48 -69.82 13.41
CA ALA G 439 -16.14 -69.23 13.55
C ALA G 439 -16.09 -67.79 13.04
N ASN G 440 -16.60 -67.56 11.83
CA ASN G 440 -16.59 -66.23 11.21
C ASN G 440 -17.53 -65.24 11.91
N TYR G 441 -18.70 -65.71 12.29
CA TYR G 441 -19.66 -64.87 13.00
C TYR G 441 -19.02 -64.36 14.30
N LEU G 442 -18.45 -65.27 15.08
CA LEU G 442 -17.89 -64.90 16.37
C LEU G 442 -16.62 -64.08 16.25
N SER G 443 -15.72 -64.42 15.32
CA SER G 443 -14.46 -63.68 15.25
C SER G 443 -14.78 -62.23 14.86
N GLN G 444 -15.81 -62.05 14.04
CA GLN G 444 -16.23 -60.69 13.71
C GLN G 444 -16.87 -59.99 14.91
N ALA G 445 -17.74 -60.70 15.63
CA ALA G 445 -18.60 -60.06 16.62
C ALA G 445 -17.88 -59.74 17.93
N LEU G 446 -16.80 -60.46 18.21
CA LEU G 446 -16.12 -60.30 19.51
C LEU G 446 -15.31 -59.03 19.51
N GLN G 447 -15.47 -58.23 20.56
CA GLN G 447 -14.77 -56.95 20.64
C GLN G 447 -13.43 -57.14 21.35
N ALA G 448 -12.43 -57.61 20.60
CA ALA G 448 -11.17 -57.98 21.24
C ALA G 448 -10.02 -57.80 20.27
N GLY G 449 -8.86 -57.44 20.81
CA GLY G 449 -7.71 -57.17 19.97
C GLY G 449 -7.22 -58.37 19.20
N THR G 450 -7.26 -59.55 19.83
CA THR G 450 -6.90 -60.79 19.15
C THR G 450 -8.01 -61.81 19.34
N VAL G 451 -8.46 -62.44 18.26
CA VAL G 451 -9.36 -63.57 18.40
C VAL G 451 -8.74 -64.86 17.90
N TRP G 452 -8.64 -65.85 18.80
CA TRP G 452 -8.07 -67.13 18.43
C TRP G 452 -9.16 -68.10 18.04
N VAL G 453 -8.94 -68.85 16.97
CA VAL G 453 -9.94 -69.85 16.55
C VAL G 453 -9.39 -71.26 16.69
N ASN G 454 -10.01 -72.03 17.58
CA ASN G 454 -9.53 -73.39 17.87
C ASN G 454 -8.08 -73.40 18.32
N CYS G 455 -7.62 -72.31 18.92
CA CYS G 455 -6.29 -72.30 19.57
C CYS G 455 -6.26 -71.17 20.60
N TYR G 456 -5.11 -70.94 21.23
CA TYR G 456 -5.06 -69.92 22.29
C TYR G 456 -3.62 -69.56 22.51
N ASP G 457 -3.39 -68.28 22.84
CA ASP G 457 -2.05 -67.82 23.16
C ASP G 457 -1.08 -68.09 22.02
N VAL G 458 -1.57 -68.01 20.79
CA VAL G 458 -0.72 -68.16 19.62
C VAL G 458 -0.25 -66.77 19.18
N PHE G 459 0.99 -66.45 19.52
CA PHE G 459 1.62 -65.22 19.12
C PHE G 459 2.69 -65.50 18.09
N GLY G 460 2.81 -64.62 17.11
CA GLY G 460 4.01 -64.61 16.28
C GLY G 460 4.49 -63.18 16.22
N ALA G 461 5.82 -63.00 16.16
CA ALA G 461 6.39 -61.67 15.99
C ALA G 461 5.70 -60.90 14.85
N GLN G 462 5.14 -61.65 13.89
CA GLN G 462 4.54 -61.14 12.66
C GLN G 462 3.12 -60.60 12.85
N SER G 463 2.41 -61.02 13.91
CA SER G 463 1.01 -60.65 14.05
C SER G 463 0.77 -59.69 15.22
N PRO G 464 0.06 -58.57 14.99
CA PRO G 464 0.00 -57.54 16.03
C PRO G 464 -0.84 -57.98 17.23
N PHE G 465 -0.69 -57.28 18.33
CA PHE G 465 -1.32 -57.63 19.59
C PHE G 465 -1.50 -56.35 20.42
N GLY G 466 -2.65 -56.24 21.08
CA GLY G 466 -2.98 -55.03 21.84
C GLY G 466 -4.47 -54.91 22.06
N GLY G 467 -4.86 -53.97 22.90
CA GLY G 467 -6.20 -54.00 23.48
C GLY G 467 -7.25 -53.21 22.72
N TYR G 468 -8.51 -53.65 22.83
CA TYR G 468 -9.70 -52.80 22.66
C TYR G 468 -10.07 -52.20 24.02
N LYS G 469 -10.84 -51.11 24.02
CA LYS G 469 -11.42 -50.61 25.26
C LYS G 469 -10.28 -50.34 26.24
N MET G 470 -10.49 -50.69 27.51
CA MET G 470 -9.51 -50.36 28.57
C MET G 470 -8.40 -51.40 28.72
N SER G 471 -8.30 -52.29 27.74
CA SER G 471 -7.18 -53.24 27.71
C SER G 471 -5.97 -52.58 27.06
N GLY G 472 -6.16 -51.37 26.56
CA GLY G 472 -5.05 -50.51 26.12
C GLY G 472 -5.31 -49.80 24.80
N SER G 473 -4.24 -49.36 24.16
CA SER G 473 -4.32 -48.77 22.82
C SER G 473 -2.98 -48.90 22.11
N GLY G 474 -3.03 -48.84 20.78
CA GLY G 474 -1.88 -49.20 19.97
C GLY G 474 -1.70 -50.72 19.92
N ARG G 475 -0.75 -51.13 19.08
CA ARG G 475 -0.48 -52.55 18.87
C ARG G 475 1.03 -52.75 18.90
N GLU G 476 1.46 -53.88 19.46
CA GLU G 476 2.85 -54.36 19.33
C GLU G 476 2.92 -55.60 18.44
N LEU G 477 4.14 -55.92 18.01
CA LEU G 477 4.46 -56.94 17.02
C LEU G 477 3.96 -56.61 15.61
N GLY G 478 4.39 -57.41 14.65
CA GLY G 478 4.17 -57.13 13.23
C GLY G 478 4.55 -55.71 12.81
N GLU G 479 4.10 -55.34 11.61
CA GLU G 479 4.39 -54.04 11.05
C GLU G 479 3.76 -52.91 11.88
N TYR G 480 2.55 -53.16 12.39
CA TYR G 480 1.83 -52.20 13.19
C TYR G 480 2.68 -51.74 14.37
N GLY G 481 3.54 -52.63 14.87
CA GLY G 481 4.37 -52.35 16.03
C GLY G 481 5.35 -51.21 15.78
N LEU G 482 5.57 -50.85 14.52
CA LEU G 482 6.43 -49.73 14.18
C LEU G 482 5.75 -48.36 14.16
N GLN G 483 4.41 -48.35 14.08
CA GLN G 483 3.71 -47.08 13.85
C GLN G 483 3.97 -46.09 14.98
N ALA G 484 3.92 -46.57 16.23
CA ALA G 484 4.04 -45.71 17.40
C ALA G 484 5.48 -45.27 17.66
N TYR G 485 6.42 -45.91 16.97
CA TYR G 485 7.83 -45.55 17.02
C TYR G 485 8.33 -44.65 15.88
N THR G 486 7.39 -44.16 15.06
CA THR G 486 7.69 -43.38 13.88
C THR G 486 7.02 -42.01 14.01
N GLU G 487 7.76 -40.95 13.66
CA GLU G 487 7.20 -39.61 13.51
C GLU G 487 7.18 -39.27 12.01
N VAL G 488 6.02 -38.92 11.49
CA VAL G 488 5.91 -38.71 10.06
C VAL G 488 6.20 -37.27 9.69
N LYS G 489 7.21 -37.02 8.86
CA LYS G 489 7.42 -35.71 8.29
C LYS G 489 6.99 -35.63 6.82
N THR G 490 6.14 -34.66 6.48
CA THR G 490 5.86 -34.37 5.07
C THR G 490 6.79 -33.29 4.52
N VAL G 491 7.43 -33.54 3.39
CA VAL G 491 8.22 -32.51 2.72
C VAL G 491 7.56 -32.20 1.38
N THR G 492 7.19 -30.94 1.17
CA THR G 492 6.52 -30.56 -0.07
C THR G 492 7.26 -29.45 -0.80
N VAL G 493 7.78 -29.79 -1.98
CA VAL G 493 8.74 -28.97 -2.72
C VAL G 493 8.12 -28.44 -4.01
N LYS G 494 8.15 -27.12 -4.17
CA LYS G 494 7.75 -26.52 -5.44
C LYS G 494 8.65 -27.02 -6.57
N VAL G 495 8.05 -27.48 -7.68
CA VAL G 495 8.83 -27.91 -8.86
C VAL G 495 8.40 -27.13 -10.07
N PRO G 496 9.27 -27.05 -11.10
CA PRO G 496 8.88 -26.24 -12.28
C PRO G 496 7.53 -26.65 -12.90
N GLN G 497 7.33 -27.95 -13.15
CA GLN G 497 6.05 -28.39 -13.73
C GLN G 497 5.77 -29.85 -13.43
N LYS G 498 4.79 -30.12 -12.57
CA LYS G 498 4.45 -31.48 -12.15
C LYS G 498 3.84 -32.24 -13.35
N ASN G 499 4.44 -33.38 -13.70
CA ASN G 499 3.80 -34.35 -14.58
C ASN G 499 3.58 -35.68 -13.89
N SER G 500 2.55 -36.41 -14.33
CA SER G 500 2.32 -37.78 -13.87
C SER G 500 3.53 -38.73 -14.05
N ALA H 7 -12.91 -16.40 -11.37
CA ALA H 7 -14.34 -15.99 -11.46
C ALA H 7 -15.13 -16.54 -10.26
N VAL H 8 -15.86 -15.66 -9.59
CA VAL H 8 -16.57 -16.01 -8.37
C VAL H 8 -18.03 -15.57 -8.46
N PRO H 9 -18.98 -16.46 -8.16
CA PRO H 9 -20.36 -15.98 -8.11
C PRO H 9 -20.53 -14.85 -7.10
N ALA H 10 -21.48 -13.96 -7.35
CA ALA H 10 -21.63 -12.77 -6.55
C ALA H 10 -22.24 -13.17 -5.22
N PRO H 11 -21.63 -12.73 -4.10
CA PRO H 11 -22.12 -13.14 -2.79
C PRO H 11 -23.48 -12.53 -2.48
N ASN H 12 -24.40 -13.34 -1.98
CA ASN H 12 -25.49 -12.84 -1.15
C ASN H 12 -24.91 -12.41 0.20
N GLN H 13 -24.79 -11.10 0.39
CA GLN H 13 -24.03 -10.53 1.52
C GLN H 13 -24.76 -10.66 2.85
N GLN H 14 -25.97 -11.20 2.83
CA GLN H 14 -26.72 -11.49 4.05
C GLN H 14 -27.49 -12.81 3.95
N PRO H 15 -26.74 -13.93 4.02
CA PRO H 15 -27.36 -15.24 3.88
C PRO H 15 -28.30 -15.54 5.04
N GLU H 16 -29.40 -16.23 4.75
CA GLU H 16 -30.37 -16.58 5.78
C GLU H 16 -29.92 -17.82 6.55
N VAL H 17 -30.01 -17.77 7.88
CA VAL H 17 -29.66 -18.94 8.70
C VAL H 17 -30.86 -19.88 8.82
N PHE H 18 -30.62 -21.18 8.57
CA PHE H 18 -31.70 -22.15 8.57
C PHE H 18 -31.56 -23.11 9.72
N CYS H 19 -30.34 -23.24 10.24
CA CYS H 19 -30.01 -24.32 11.16
C CYS H 19 -29.25 -23.75 12.34
N ASN H 20 -29.80 -23.89 13.54
CA ASN H 20 -29.16 -23.32 14.72
C ASN H 20 -29.44 -24.12 15.99
N GLN H 21 -29.81 -25.38 15.81
CA GLN H 21 -30.01 -26.30 16.94
C GLN H 21 -29.03 -27.47 17.00
N ILE H 22 -29.18 -28.31 18.01
CA ILE H 22 -28.35 -29.48 18.19
C ILE H 22 -28.84 -30.55 17.21
N PHE H 23 -27.89 -31.26 16.60
CA PHE H 23 -28.22 -32.21 15.54
C PHE H 23 -27.96 -33.60 16.08
N ILE H 24 -29.01 -34.42 16.17
CA ILE H 24 -28.91 -35.72 16.78
C ILE H 24 -29.91 -36.64 16.14
N ASN H 25 -29.41 -37.78 15.68
CA ASN H 25 -30.24 -38.75 14.99
C ASN H 25 -30.96 -38.05 13.84
N ASN H 26 -30.22 -37.23 13.11
CA ASN H 26 -30.74 -36.53 11.95
C ASN H 26 -31.95 -35.66 12.27
N GLU H 27 -32.04 -35.19 13.51
CA GLU H 27 -33.13 -34.29 13.90
C GLU H 27 -32.55 -33.09 14.62
N TRP H 28 -33.31 -32.01 14.63
CA TRP H 28 -32.91 -30.80 15.34
C TRP H 28 -33.52 -30.73 16.74
N HIS H 29 -32.68 -30.48 17.75
CA HIS H 29 -33.12 -30.40 19.15
C HIS H 29 -32.64 -29.10 19.76
N ASP H 30 -33.49 -28.48 20.59
CA ASP H 30 -33.03 -27.46 21.54
C ASP H 30 -32.20 -28.11 22.64
N ALA H 31 -31.36 -27.33 23.32
CA ALA H 31 -30.68 -27.81 24.50
C ALA H 31 -31.69 -28.28 25.54
N VAL H 32 -31.30 -29.27 26.33
CA VAL H 32 -32.18 -29.76 27.39
C VAL H 32 -32.51 -28.64 28.38
N SER H 33 -31.56 -27.74 28.56
CA SER H 33 -31.77 -26.54 29.38
C SER H 33 -32.63 -25.49 28.68
N ARG H 34 -32.88 -25.65 27.39
CA ARG H 34 -33.55 -24.63 26.57
C ARG H 34 -32.72 -23.35 26.41
N LYS H 35 -31.52 -23.34 26.97
CA LYS H 35 -30.62 -22.21 26.79
C LYS H 35 -30.14 -22.05 25.35
N THR H 36 -29.71 -20.85 25.00
CA THR H 36 -29.10 -20.59 23.71
C THR H 36 -28.02 -19.53 23.91
N PHE H 37 -27.20 -19.35 22.89
CA PHE H 37 -26.14 -18.36 22.91
C PHE H 37 -26.06 -17.67 21.53
N PRO H 38 -25.58 -16.42 21.50
CA PRO H 38 -25.55 -15.69 20.25
C PRO H 38 -24.25 -15.94 19.51
N THR H 39 -24.32 -16.02 18.20
CA THR H 39 -23.09 -15.90 17.41
C THR H 39 -23.06 -14.57 16.66
N VAL H 40 -21.87 -13.99 16.62
CA VAL H 40 -21.67 -12.64 16.16
C VAL H 40 -20.89 -12.59 14.85
N ASN H 41 -21.46 -11.93 13.85
CA ASN H 41 -20.70 -11.35 12.75
C ASN H 41 -19.54 -10.44 13.20
N PRO H 42 -18.29 -10.90 13.08
CA PRO H 42 -17.14 -10.11 13.53
C PRO H 42 -16.82 -8.89 12.68
N SER H 43 -17.46 -8.78 11.51
CA SER H 43 -17.32 -7.57 10.70
C SER H 43 -18.03 -6.33 11.31
N THR H 44 -19.04 -6.57 12.13
CA THR H 44 -19.95 -5.53 12.56
C THR H 44 -20.17 -5.54 14.07
N GLY H 45 -19.80 -6.65 14.70
CA GLY H 45 -20.07 -6.84 16.12
C GLY H 45 -21.50 -7.22 16.41
N GLU H 46 -22.30 -7.44 15.35
CA GLU H 46 -23.75 -7.67 15.46
C GLU H 46 -24.12 -9.14 15.59
N VAL H 47 -25.16 -9.44 16.36
CA VAL H 47 -25.64 -10.81 16.52
C VAL H 47 -26.20 -11.30 15.20
N ILE H 48 -25.73 -12.46 14.74
CA ILE H 48 -26.35 -13.09 13.58
C ILE H 48 -27.61 -13.80 14.04
N CYS H 49 -27.47 -14.65 15.06
CA CYS H 49 -28.63 -15.34 15.58
C CYS H 49 -28.32 -16.02 16.90
N GLN H 50 -29.30 -16.74 17.41
CA GLN H 50 -29.12 -17.55 18.61
C GLN H 50 -28.90 -19.00 18.21
N VAL H 51 -28.10 -19.70 19.01
CA VAL H 51 -27.74 -21.10 18.77
C VAL H 51 -27.93 -21.92 20.03
N ALA H 52 -28.60 -23.05 19.89
CA ALA H 52 -28.76 -23.96 21.01
C ALA H 52 -27.45 -24.12 21.79
N GLU H 53 -27.52 -24.15 23.12
CA GLU H 53 -26.32 -24.21 23.92
C GLU H 53 -26.12 -25.56 24.61
N GLY H 54 -25.49 -26.49 23.90
CA GLY H 54 -25.30 -27.84 24.38
C GLY H 54 -24.42 -27.97 25.60
N ASP H 55 -24.78 -28.90 26.48
CA ASP H 55 -24.04 -29.15 27.70
C ASP H 55 -23.93 -30.65 27.85
N LYS H 56 -23.39 -31.08 28.99
CA LYS H 56 -23.19 -32.48 29.29
C LYS H 56 -24.38 -33.35 28.89
N GLU H 57 -25.60 -32.88 29.16
CA GLU H 57 -26.79 -33.71 29.00
C GLU H 57 -27.11 -33.92 27.52
N ASP H 58 -26.89 -32.88 26.72
CA ASP H 58 -27.00 -33.01 25.27
C ASP H 58 -25.90 -33.88 24.63
N VAL H 59 -24.68 -33.79 25.13
CA VAL H 59 -23.62 -34.71 24.73
C VAL H 59 -24.04 -36.16 24.96
N ASP H 60 -24.62 -36.42 26.13
CA ASP H 60 -25.02 -37.78 26.49
C ASP H 60 -26.08 -38.31 25.53
N LYS H 61 -27.02 -37.45 25.14
CA LYS H 61 -28.00 -37.85 24.13
C LYS H 61 -27.30 -38.18 22.82
N ALA H 62 -26.31 -37.38 22.46
CA ALA H 62 -25.61 -37.56 21.19
C ALA H 62 -24.80 -38.84 21.22
N VAL H 63 -24.10 -39.07 22.33
CA VAL H 63 -23.29 -40.29 22.47
C VAL H 63 -24.18 -41.52 22.39
N LYS H 64 -25.32 -41.48 23.08
CA LYS H 64 -26.22 -42.62 23.02
C LYS H 64 -26.71 -42.87 21.61
N ALA H 65 -27.02 -41.79 20.91
CA ALA H 65 -27.47 -41.91 19.52
C ALA H 65 -26.35 -42.52 18.65
N ALA H 66 -25.13 -41.99 18.77
CA ALA H 66 -23.92 -42.53 18.13
C ALA H 66 -23.75 -44.00 18.42
N ARG H 67 -23.71 -44.36 19.70
CA ARG H 67 -23.54 -45.74 20.10
C ARG H 67 -24.58 -46.64 19.44
N ALA H 68 -25.82 -46.20 19.44
CA ALA H 68 -26.88 -47.02 18.85
C ALA H 68 -26.61 -47.17 17.36
N ALA H 69 -26.20 -46.09 16.71
CA ALA H 69 -25.89 -46.17 15.27
C ALA H 69 -24.72 -47.11 15.00
N PHE H 70 -23.87 -47.30 16.01
CA PHE H 70 -22.70 -48.19 15.89
C PHE H 70 -22.88 -49.69 16.23
N GLN H 71 -24.09 -50.09 16.62
CA GLN H 71 -24.36 -51.47 17.04
C GLN H 71 -24.21 -52.51 15.92
N LEU H 72 -23.59 -53.64 16.22
CA LEU H 72 -23.43 -54.67 15.21
C LEU H 72 -24.78 -54.96 14.56
N GLY H 73 -24.81 -54.91 13.22
CA GLY H 73 -26.06 -55.16 12.52
C GLY H 73 -26.88 -53.94 12.14
N SER H 74 -26.47 -52.76 12.61
CA SER H 74 -27.15 -51.52 12.23
C SER H 74 -26.92 -51.23 10.74
N PRO H 75 -27.75 -50.35 10.15
CA PRO H 75 -27.53 -49.99 8.76
C PRO H 75 -26.10 -49.49 8.48
N TRP H 76 -25.58 -48.65 9.36
CA TRP H 76 -24.24 -48.10 9.15
C TRP H 76 -23.16 -49.19 9.22
N ARG H 77 -23.36 -50.18 10.09
CA ARG H 77 -22.33 -51.20 10.32
C ARG H 77 -22.36 -52.22 9.19
N ARG H 78 -23.56 -52.53 8.68
CA ARG H 78 -23.70 -53.48 7.59
C ARG H 78 -23.46 -52.86 6.24
N MET H 79 -23.45 -51.53 6.16
CA MET H 79 -23.32 -50.87 4.86
C MET H 79 -22.02 -51.26 4.16
N ASP H 80 -22.07 -51.56 2.87
CA ASP H 80 -20.83 -51.75 2.10
C ASP H 80 -19.87 -50.60 2.25
N ALA H 81 -18.60 -50.91 2.46
CA ALA H 81 -17.56 -49.86 2.47
C ALA H 81 -17.64 -48.93 1.26
N SER H 82 -17.81 -49.49 0.06
CA SER H 82 -17.92 -48.69 -1.15
C SER H 82 -19.10 -47.71 -1.08
N HIS H 83 -20.13 -48.08 -0.34
CA HIS H 83 -21.34 -47.23 -0.26
C HIS H 83 -21.15 -46.07 0.72
N ARG H 84 -20.33 -46.28 1.74
CA ARG H 84 -19.86 -45.16 2.56
C ARG H 84 -19.15 -44.13 1.68
N GLY H 85 -18.35 -44.61 0.73
CA GLY H 85 -17.72 -43.72 -0.25
C GLY H 85 -18.72 -42.95 -1.12
N ARG H 86 -19.71 -43.64 -1.66
CA ARG H 86 -20.82 -42.97 -2.37
C ARG H 86 -21.51 -41.89 -1.53
N LEU H 87 -21.76 -42.18 -0.24
CA LEU H 87 -22.43 -41.18 0.62
C LEU H 87 -21.54 -39.96 0.85
N LEU H 88 -20.24 -40.17 1.03
CA LEU H 88 -19.34 -39.03 1.14
C LEU H 88 -19.30 -38.24 -0.15
N ASN H 89 -19.37 -38.93 -1.28
CA ASN H 89 -19.37 -38.24 -2.58
C ASN H 89 -20.67 -37.48 -2.83
N ARG H 90 -21.77 -38.09 -2.41
CA ARG H 90 -23.06 -37.38 -2.43
C ARG H 90 -23.00 -36.11 -1.57
N LEU H 91 -22.43 -36.22 -0.37
CA LEU H 91 -22.31 -35.05 0.51
C LEU H 91 -21.46 -33.94 -0.10
N ALA H 92 -20.36 -34.30 -0.76
CA ALA H 92 -19.57 -33.28 -1.45
C ALA H 92 -20.35 -32.61 -2.60
N ASP H 93 -21.14 -33.39 -3.33
CA ASP H 93 -22.01 -32.88 -4.39
C ASP H 93 -23.08 -31.91 -3.83
N LEU H 94 -23.58 -32.20 -2.63
CA LEU H 94 -24.57 -31.34 -1.99
C LEU H 94 -23.92 -30.06 -1.46
N ILE H 95 -22.71 -30.20 -0.94
CA ILE H 95 -21.91 -29.04 -0.59
C ILE H 95 -21.59 -28.19 -1.82
N GLU H 96 -21.23 -28.81 -2.94
CA GLU H 96 -20.91 -28.04 -4.14
C GLU H 96 -22.13 -27.29 -4.70
N ARG H 97 -23.29 -27.93 -4.72
CA ARG H 97 -24.53 -27.28 -5.11
C ARG H 97 -24.73 -26.00 -4.31
N ASP H 98 -24.51 -26.08 -3.01
CA ASP H 98 -24.69 -24.96 -2.09
C ASP H 98 -23.40 -24.20 -1.78
N ARG H 99 -22.42 -24.23 -2.70
CA ARG H 99 -21.11 -23.58 -2.43
C ARG H 99 -21.18 -22.07 -2.21
N THR H 100 -21.99 -21.38 -3.00
CA THR H 100 -22.08 -19.91 -2.92
C THR H 100 -22.70 -19.52 -1.59
N TYR H 101 -23.79 -20.20 -1.23
CA TYR H 101 -24.41 -20.07 0.08
C TYR H 101 -23.43 -20.36 1.24
N LEU H 102 -22.82 -21.55 1.23
CA LEU H 102 -21.89 -21.91 2.32
C LEU H 102 -20.75 -20.92 2.47
N ALA H 103 -20.18 -20.49 1.35
CA ALA H 103 -19.03 -19.59 1.39
C ALA H 103 -19.46 -18.27 2.03
N ALA H 104 -20.70 -17.86 1.76
CA ALA H 104 -21.19 -16.57 2.26
C ALA H 104 -21.41 -16.66 3.76
N LEU H 105 -22.08 -17.72 4.18
CA LEU H 105 -22.30 -17.99 5.60
C LEU H 105 -20.99 -18.12 6.38
N GLU H 106 -19.99 -18.70 5.74
CA GLU H 106 -18.67 -18.85 6.36
C GLU H 106 -18.09 -17.47 6.60
N THR H 107 -18.16 -16.63 5.58
CA THR H 107 -17.69 -15.26 5.68
C THR H 107 -18.43 -14.48 6.78
N LEU H 108 -19.76 -14.55 6.75
CA LEU H 108 -20.62 -13.87 7.73
C LEU H 108 -20.24 -14.18 9.17
N ASP H 109 -20.22 -15.47 9.50
CA ASP H 109 -19.87 -15.95 10.84
C ASP H 109 -18.36 -15.82 11.19
N ASN H 110 -17.47 -15.94 10.21
CA ASN H 110 -16.05 -16.11 10.55
C ASN H 110 -15.18 -14.87 10.34
N GLY H 111 -15.49 -14.10 9.31
CA GLY H 111 -14.73 -12.90 9.01
C GLY H 111 -13.91 -12.96 7.73
N LYS H 112 -13.55 -14.16 7.26
CA LYS H 112 -12.62 -14.27 6.14
C LYS H 112 -13.26 -13.81 4.82
N PRO H 113 -12.44 -13.28 3.90
CA PRO H 113 -12.92 -12.78 2.63
C PRO H 113 -13.74 -13.83 1.84
N TYR H 114 -14.81 -13.38 1.19
CA TYR H 114 -15.75 -14.27 0.56
C TYR H 114 -15.09 -15.00 -0.60
N VAL H 115 -14.18 -14.29 -1.26
CA VAL H 115 -13.44 -14.82 -2.38
C VAL H 115 -12.61 -16.02 -1.92
N ILE H 116 -11.98 -15.89 -0.76
CA ILE H 116 -11.15 -16.96 -0.23
C ILE H 116 -12.02 -18.10 0.31
N SER H 117 -13.07 -17.79 1.05
CA SER H 117 -14.08 -18.78 1.41
C SER H 117 -14.46 -19.63 0.19
N TYR H 118 -14.60 -18.99 -0.95
CA TYR H 118 -15.22 -19.65 -2.10
C TYR H 118 -14.16 -20.46 -2.85
N LEU H 119 -12.99 -19.86 -3.04
CA LEU H 119 -11.96 -20.44 -3.91
C LEU H 119 -11.04 -21.38 -3.16
N VAL H 120 -10.92 -21.17 -1.85
CA VAL H 120 -9.99 -21.94 -1.07
C VAL H 120 -10.73 -22.87 -0.12
N ASP H 121 -11.42 -22.32 0.88
CA ASP H 121 -12.05 -23.13 1.89
C ASP H 121 -12.99 -24.16 1.29
N LEU H 122 -13.92 -23.70 0.45
CA LEU H 122 -14.93 -24.59 -0.06
C LEU H 122 -14.30 -25.57 -1.06
N ASP H 123 -13.27 -25.12 -1.77
CA ASP H 123 -12.56 -25.99 -2.70
C ASP H 123 -11.86 -27.13 -1.92
N MET H 124 -11.16 -26.78 -0.83
CA MET H 124 -10.51 -27.80 0.02
C MET H 124 -11.46 -28.74 0.74
N VAL H 125 -12.61 -28.22 1.16
CA VAL H 125 -13.65 -29.04 1.75
C VAL H 125 -14.07 -30.13 0.74
N LEU H 126 -14.34 -29.70 -0.49
CA LEU H 126 -14.80 -30.59 -1.53
C LEU H 126 -13.72 -31.64 -1.84
N LYS H 127 -12.46 -31.20 -1.88
CA LYS H 127 -11.36 -32.10 -2.24
C LYS H 127 -11.07 -33.11 -1.14
N CYS H 128 -11.19 -32.65 0.11
CA CYS H 128 -11.01 -33.51 1.28
C CYS H 128 -12.05 -34.61 1.31
N LEU H 129 -13.32 -34.24 1.28
CA LEU H 129 -14.40 -35.23 1.27
C LEU H 129 -14.31 -36.21 0.09
N ARG H 130 -14.00 -35.71 -1.11
CA ARG H 130 -13.83 -36.57 -2.28
C ARG H 130 -12.60 -37.47 -2.19
N TYR H 131 -11.49 -36.94 -1.70
CA TYR H 131 -10.32 -37.81 -1.45
C TYR H 131 -10.69 -38.96 -0.51
N TYR H 132 -11.31 -38.64 0.64
CA TYR H 132 -11.62 -39.69 1.60
C TYR H 132 -12.73 -40.64 1.16
N ALA H 133 -13.68 -40.15 0.38
CA ALA H 133 -14.67 -41.05 -0.22
C ALA H 133 -13.94 -42.19 -0.95
N GLY H 134 -12.88 -41.86 -1.66
CA GLY H 134 -12.06 -42.88 -2.30
C GLY H 134 -11.38 -43.87 -1.38
N TRP H 135 -11.04 -43.45 -0.15
CA TRP H 135 -10.41 -44.38 0.84
C TRP H 135 -11.34 -45.45 1.41
N ALA H 136 -12.65 -45.23 1.31
CA ALA H 136 -13.61 -45.98 2.13
C ALA H 136 -13.45 -47.50 1.99
N ASP H 137 -13.17 -47.95 0.77
CA ASP H 137 -13.08 -49.40 0.50
C ASP H 137 -11.68 -49.86 0.10
N LYS H 138 -10.67 -49.13 0.53
CA LYS H 138 -9.30 -49.38 0.11
C LYS H 138 -8.29 -49.49 1.25
N TYR H 139 -8.75 -49.37 2.50
CA TYR H 139 -7.82 -49.44 3.63
C TYR H 139 -7.69 -50.88 4.14
N HIS H 140 -6.80 -51.66 3.53
CA HIS H 140 -6.82 -53.12 3.69
C HIS H 140 -6.20 -53.54 5.03
N GLY H 141 -6.74 -54.61 5.61
CA GLY H 141 -5.97 -55.40 6.57
C GLY H 141 -4.98 -56.31 5.88
N LYS H 142 -4.43 -57.26 6.63
CA LYS H 142 -3.28 -58.02 6.15
C LYS H 142 -3.53 -59.50 6.38
N THR H 143 -2.99 -60.32 5.48
CA THR H 143 -2.78 -61.73 5.82
C THR H 143 -1.29 -61.94 6.10
N ILE H 144 -1.00 -62.74 7.12
CA ILE H 144 0.30 -62.70 7.76
C ILE H 144 0.88 -64.10 7.91
N PRO H 145 2.11 -64.31 7.40
CA PRO H 145 2.72 -65.64 7.41
C PRO H 145 3.35 -65.95 8.77
N ILE H 146 2.51 -66.07 9.80
CA ILE H 146 2.95 -66.44 11.15
C ILE H 146 3.54 -67.86 11.19
N ASP H 147 4.45 -68.10 12.12
CA ASP H 147 4.94 -69.45 12.41
C ASP H 147 3.82 -70.45 12.73
N GLY H 148 4.01 -71.71 12.35
CA GLY H 148 3.11 -72.78 12.84
C GLY H 148 1.97 -72.98 11.88
N ASP H 149 1.12 -73.97 12.17
CA ASP H 149 0.00 -74.25 11.28
C ASP H 149 -1.17 -73.38 11.68
N PHE H 150 -1.10 -72.10 11.30
CA PHE H 150 -2.16 -71.13 11.54
C PHE H 150 -2.33 -70.28 10.30
N PHE H 151 -3.56 -69.83 10.09
CA PHE H 151 -3.89 -68.71 9.22
C PHE H 151 -4.17 -67.48 10.11
N SER H 152 -3.37 -66.44 9.96
CA SER H 152 -3.48 -65.21 10.74
C SER H 152 -3.79 -64.02 9.82
N TYR H 153 -4.76 -63.20 10.20
CA TYR H 153 -5.05 -61.96 9.45
C TYR H 153 -5.52 -60.86 10.36
N THR H 154 -5.55 -59.65 9.83
CA THR H 154 -6.07 -58.53 10.59
C THR H 154 -7.30 -57.98 9.88
N ARG H 155 -8.27 -57.55 10.67
CA ARG H 155 -9.38 -56.73 10.20
C ARG H 155 -9.09 -55.33 10.67
N HIS H 156 -9.28 -54.36 9.78
CA HIS H 156 -9.21 -52.97 10.17
C HIS H 156 -10.66 -52.55 10.48
N GLU H 157 -10.99 -52.43 11.77
CA GLU H 157 -12.36 -52.14 12.20
C GLU H 157 -12.41 -50.67 12.61
N PRO H 158 -13.62 -50.10 12.71
CA PRO H 158 -13.73 -48.71 13.15
C PRO H 158 -13.43 -48.60 14.65
N VAL H 159 -12.85 -47.49 15.08
CA VAL H 159 -12.58 -47.28 16.49
C VAL H 159 -13.88 -47.16 17.30
N GLY H 160 -14.92 -46.60 16.69
CA GLY H 160 -16.26 -46.63 17.30
C GLY H 160 -16.79 -45.21 17.42
N VAL H 161 -17.24 -44.82 18.61
CA VAL H 161 -17.77 -43.47 18.84
C VAL H 161 -16.63 -42.48 18.96
N CYS H 162 -16.56 -41.56 18.00
CA CYS H 162 -15.46 -40.60 17.95
C CYS H 162 -15.90 -39.21 18.33
N GLY H 163 -15.28 -38.66 19.37
CA GLY H 163 -15.54 -37.27 19.74
C GLY H 163 -14.61 -36.32 19.02
N GLN H 164 -15.19 -35.34 18.33
CA GLN H 164 -14.40 -34.46 17.49
C GLN H 164 -14.66 -32.99 17.83
N ILE H 165 -13.61 -32.28 18.22
CA ILE H 165 -13.75 -30.90 18.71
C ILE H 165 -12.95 -29.99 17.82
N ILE H 166 -13.64 -29.06 17.18
CA ILE H 166 -13.00 -28.28 16.14
C ILE H 166 -13.08 -26.79 16.39
N PRO H 167 -12.04 -26.06 15.97
CA PRO H 167 -11.92 -24.65 16.25
C PRO H 167 -12.58 -23.79 15.18
N TRP H 168 -12.31 -22.49 15.24
CA TRP H 168 -13.11 -21.47 14.56
C TRP H 168 -12.37 -20.90 13.35
N ASN H 169 -11.07 -21.16 13.21
CA ASN H 169 -10.30 -20.53 12.14
C ASN H 169 -10.58 -21.06 10.73
N PHE H 170 -11.00 -22.32 10.60
CA PHE H 170 -11.40 -22.92 9.32
C PHE H 170 -12.58 -23.85 9.56
N PRO H 171 -13.76 -23.26 9.83
CA PRO H 171 -14.81 -24.09 10.45
C PRO H 171 -15.27 -25.21 9.52
N LEU H 172 -15.46 -24.91 8.24
CA LEU H 172 -15.96 -25.91 7.30
C LEU H 172 -14.84 -26.92 6.96
N LEU H 173 -13.62 -26.42 6.79
CA LEU H 173 -12.52 -27.27 6.37
C LEU H 173 -12.16 -28.23 7.49
N MET H 174 -12.14 -27.72 8.72
CA MET H 174 -11.82 -28.55 9.88
C MET H 174 -12.90 -29.59 10.07
N GLN H 175 -14.15 -29.20 9.84
CA GLN H 175 -15.24 -30.18 9.89
C GLN H 175 -14.96 -31.32 8.91
N ALA H 176 -14.58 -30.97 7.69
CA ALA H 176 -14.32 -31.99 6.66
C ALA H 176 -13.05 -32.83 6.94
N TRP H 177 -11.99 -32.20 7.46
CA TRP H 177 -10.78 -32.95 7.82
C TRP H 177 -11.12 -34.00 8.87
N LYS H 178 -12.18 -33.77 9.64
CA LYS H 178 -12.52 -34.69 10.73
C LYS H 178 -13.48 -35.73 10.22
N LEU H 179 -14.52 -35.29 9.51
CA LEU H 179 -15.58 -36.21 9.06
C LEU H 179 -15.07 -37.17 7.98
N GLY H 180 -14.24 -36.66 7.07
CA GLY H 180 -13.73 -37.45 5.94
C GLY H 180 -13.19 -38.81 6.34
N PRO H 181 -12.09 -38.82 7.13
CA PRO H 181 -11.45 -40.05 7.62
C PRO H 181 -12.32 -40.89 8.57
N ALA H 182 -13.06 -40.22 9.46
CA ALA H 182 -13.93 -40.91 10.41
C ALA H 182 -15.00 -41.69 9.67
N LEU H 183 -15.70 -41.02 8.76
CA LEU H 183 -16.79 -41.68 8.05
C LEU H 183 -16.29 -42.72 7.02
N ALA H 184 -15.19 -42.42 6.34
CA ALA H 184 -14.61 -43.38 5.40
C ALA H 184 -14.34 -44.75 6.04
N THR H 185 -13.96 -44.76 7.32
CA THR H 185 -13.62 -45.98 8.01
C THR H 185 -14.80 -46.50 8.83
N GLY H 186 -15.94 -45.85 8.72
CA GLY H 186 -17.17 -46.37 9.33
C GLY H 186 -17.37 -46.10 10.81
N ASN H 187 -16.68 -45.09 11.33
CA ASN H 187 -16.94 -44.61 12.68
C ASN H 187 -18.25 -43.81 12.78
N VAL H 188 -18.62 -43.48 14.01
CA VAL H 188 -19.70 -42.54 14.25
C VAL H 188 -19.13 -41.35 15.03
N VAL H 189 -19.79 -40.21 14.91
CA VAL H 189 -19.18 -38.95 15.33
C VAL H 189 -20.12 -38.19 16.29
N VAL H 190 -19.55 -37.72 17.39
CA VAL H 190 -20.15 -36.63 18.15
C VAL H 190 -19.23 -35.41 18.07
N MET H 191 -19.70 -34.37 17.40
CA MET H 191 -18.82 -33.26 17.04
C MET H 191 -19.22 -31.96 17.75
N LYS H 192 -18.24 -31.31 18.38
CA LYS H 192 -18.49 -30.03 18.99
C LYS H 192 -17.82 -28.95 18.17
N VAL H 193 -18.64 -28.00 17.71
CA VAL H 193 -18.14 -26.90 16.90
C VAL H 193 -17.90 -25.66 17.75
N ALA H 194 -17.08 -24.75 17.26
CA ALA H 194 -16.64 -23.62 18.06
C ALA H 194 -17.81 -22.65 18.23
N GLU H 195 -17.91 -22.07 19.41
CA GLU H 195 -18.98 -21.12 19.71
C GLU H 195 -18.91 -19.87 18.81
N GLN H 196 -17.72 -19.50 18.35
CA GLN H 196 -17.58 -18.39 17.40
C GLN H 196 -18.12 -18.69 16.00
N THR H 197 -18.20 -19.97 15.62
CA THR H 197 -18.48 -20.29 14.21
C THR H 197 -19.24 -21.61 14.03
N PRO H 198 -20.48 -21.66 14.55
CA PRO H 198 -21.15 -22.95 14.51
C PRO H 198 -22.05 -23.16 13.30
N LEU H 199 -22.35 -22.09 12.58
CA LEU H 199 -23.50 -22.10 11.68
C LEU H 199 -23.25 -22.94 10.41
N THR H 200 -22.06 -22.84 9.84
CA THR H 200 -21.79 -23.55 8.59
C THR H 200 -21.78 -25.05 8.79
N ALA H 201 -21.14 -25.50 9.87
CA ALA H 201 -21.13 -26.90 10.20
C ALA H 201 -22.52 -27.43 10.46
N LEU H 202 -23.41 -26.58 11.01
CA LEU H 202 -24.78 -27.02 11.28
C LEU H 202 -25.56 -27.14 9.97
N TYR H 203 -25.33 -26.22 9.04
CA TYR H 203 -25.93 -26.40 7.72
C TYR H 203 -25.44 -27.68 7.05
N VAL H 204 -24.15 -27.98 7.19
CA VAL H 204 -23.60 -29.19 6.62
C VAL H 204 -24.32 -30.42 7.21
N ALA H 205 -24.62 -30.38 8.50
CA ALA H 205 -25.41 -31.43 9.13
C ALA H 205 -26.69 -31.68 8.35
N ASN H 206 -27.32 -30.58 7.92
CA ASN H 206 -28.56 -30.71 7.16
C ASN H 206 -28.28 -31.47 5.86
N LEU H 207 -27.13 -31.19 5.26
CA LEU H 207 -26.73 -31.84 4.01
C LEU H 207 -26.38 -33.30 4.24
N ILE H 208 -25.85 -33.59 5.42
CA ILE H 208 -25.58 -34.96 5.83
C ILE H 208 -26.87 -35.77 5.90
N LYS H 209 -27.88 -35.20 6.55
CA LYS H 209 -29.22 -35.79 6.50
C LYS H 209 -29.66 -36.01 5.04
N GLU H 210 -29.51 -34.97 4.23
CA GLU H 210 -30.01 -35.04 2.86
C GLU H 210 -29.28 -36.09 2.01
N ALA H 211 -27.96 -36.23 2.21
CA ALA H 211 -27.16 -37.26 1.51
C ALA H 211 -27.56 -38.69 1.81
N GLY H 212 -28.25 -38.91 2.92
CA GLY H 212 -28.69 -40.26 3.25
C GLY H 212 -27.93 -41.01 4.33
N PHE H 213 -27.01 -40.34 5.02
CA PHE H 213 -26.37 -40.98 6.16
C PHE H 213 -27.43 -41.40 7.21
N PRO H 214 -27.30 -42.62 7.76
CA PRO H 214 -28.25 -43.08 8.78
C PRO H 214 -28.23 -42.21 10.04
N PRO H 215 -29.39 -42.15 10.74
CA PRO H 215 -29.49 -41.29 11.93
C PRO H 215 -28.50 -41.77 12.98
N GLY H 216 -27.86 -40.83 13.66
CA GLY H 216 -26.90 -41.18 14.72
C GLY H 216 -25.44 -41.20 14.27
N VAL H 217 -25.22 -41.23 12.96
CA VAL H 217 -23.84 -41.39 12.43
C VAL H 217 -23.02 -40.11 12.57
N VAL H 218 -23.65 -38.96 12.36
CA VAL H 218 -23.00 -37.68 12.73
C VAL H 218 -23.97 -36.90 13.60
N ASN H 219 -23.46 -36.44 14.74
CA ASN H 219 -24.24 -35.70 15.71
C ASN H 219 -23.42 -34.47 16.06
N ILE H 220 -24.04 -33.29 16.05
CA ILE H 220 -23.30 -32.04 16.26
C ILE H 220 -23.94 -31.30 17.45
N VAL H 221 -23.13 -31.04 18.47
CA VAL H 221 -23.53 -30.28 19.64
C VAL H 221 -22.72 -29.00 19.73
N PRO H 222 -23.34 -27.86 19.35
CA PRO H 222 -22.77 -26.54 19.59
C PRO H 222 -22.89 -26.22 21.07
N GLY H 223 -22.01 -25.35 21.57
CA GLY H 223 -21.87 -25.12 23.01
C GLY H 223 -20.49 -24.58 23.33
N PHE H 224 -20.18 -24.46 24.63
CA PHE H 224 -18.88 -23.93 25.10
C PHE H 224 -17.88 -25.05 25.41
N GLY H 225 -16.61 -24.68 25.54
CA GLY H 225 -15.53 -25.64 25.81
C GLY H 225 -15.64 -26.36 27.14
N PRO H 226 -15.67 -25.60 28.24
CA PRO H 226 -15.71 -26.16 29.59
C PRO H 226 -16.92 -27.07 29.83
N THR H 227 -17.93 -26.94 28.99
CA THR H 227 -19.13 -27.73 29.16
C THR H 227 -19.22 -28.84 28.09
N ALA H 228 -19.61 -28.47 26.88
CA ALA H 228 -19.77 -29.46 25.80
C ALA H 228 -18.47 -30.22 25.50
N GLY H 229 -17.38 -29.49 25.24
CA GLY H 229 -16.10 -30.11 24.93
C GLY H 229 -15.60 -31.06 26.01
N ALA H 230 -15.62 -30.59 27.26
CA ALA H 230 -15.16 -31.39 28.40
C ALA H 230 -15.98 -32.66 28.52
N ALA H 231 -17.29 -32.56 28.28
CA ALA H 231 -18.19 -33.69 28.42
C ALA H 231 -17.85 -34.81 27.41
N ILE H 232 -17.55 -34.43 26.16
CA ILE H 232 -17.05 -35.34 25.15
C ILE H 232 -15.74 -36.00 25.60
N ALA H 233 -14.80 -35.21 26.09
CA ALA H 233 -13.48 -35.70 26.46
C ALA H 233 -13.50 -36.68 27.63
N SER H 234 -14.50 -36.52 28.50
CA SER H 234 -14.58 -37.26 29.75
C SER H 234 -15.56 -38.42 29.64
N HIS H 235 -16.31 -38.48 28.54
CA HIS H 235 -17.36 -39.48 28.43
C HIS H 235 -16.82 -40.90 28.43
N GLU H 236 -17.46 -41.75 29.24
CA GLU H 236 -17.01 -43.10 29.50
C GLU H 236 -17.41 -44.04 28.37
N ASP H 237 -18.22 -43.55 27.44
CA ASP H 237 -18.58 -44.34 26.23
C ASP H 237 -18.06 -43.74 24.92
N VAL H 238 -17.19 -42.74 25.01
CA VAL H 238 -16.52 -42.22 23.84
C VAL H 238 -15.18 -42.95 23.68
N ASP H 239 -14.97 -43.53 22.49
CA ASP H 239 -13.83 -44.43 22.25
C ASP H 239 -12.56 -43.64 21.90
N LYS H 240 -12.75 -42.50 21.24
CA LYS H 240 -11.63 -41.73 20.69
C LYS H 240 -11.99 -40.26 20.59
N VAL H 241 -11.04 -39.39 20.90
CA VAL H 241 -11.24 -37.95 20.80
C VAL H 241 -10.19 -37.36 19.89
N ALA H 242 -10.61 -36.50 18.97
CA ALA H 242 -9.66 -35.71 18.21
C ALA H 242 -9.89 -34.23 18.48
N PHE H 243 -8.91 -33.57 19.06
CA PHE H 243 -9.03 -32.15 19.37
C PHE H 243 -8.12 -31.32 18.50
N THR H 244 -8.64 -30.23 17.95
CA THR H 244 -7.82 -29.22 17.29
C THR H 244 -8.05 -27.89 18.01
N GLY H 245 -6.96 -27.22 18.32
CA GLY H 245 -7.00 -25.95 19.04
C GLY H 245 -5.69 -25.70 19.75
N SER H 246 -5.77 -25.01 20.89
CA SER H 246 -4.58 -24.52 21.60
C SER H 246 -3.89 -25.64 22.37
N THR H 247 -2.55 -25.54 22.46
CA THR H 247 -1.75 -26.49 23.23
C THR H 247 -2.29 -26.70 24.65
N GLU H 248 -2.60 -25.58 25.31
CA GLU H 248 -3.08 -25.59 26.70
C GLU H 248 -4.37 -26.40 26.94
N ILE H 249 -5.29 -26.36 25.99
CA ILE H 249 -6.52 -27.17 26.08
C ILE H 249 -6.28 -28.63 25.65
N GLY H 250 -5.34 -28.82 24.73
CA GLY H 250 -4.81 -30.14 24.41
C GLY H 250 -4.49 -30.98 25.64
N ARG H 251 -3.87 -30.37 26.64
CA ARG H 251 -3.44 -31.09 27.85
C ARG H 251 -4.66 -31.53 28.68
N VAL H 252 -5.62 -30.62 28.81
CA VAL H 252 -6.93 -30.91 29.40
C VAL H 252 -7.62 -32.11 28.72
N ILE H 253 -7.53 -32.18 27.41
CA ILE H 253 -8.09 -33.30 26.65
C ILE H 253 -7.42 -34.64 27.06
N GLN H 254 -6.09 -34.68 27.09
CA GLN H 254 -5.38 -35.93 27.36
C GLN H 254 -5.54 -36.38 28.81
N VAL H 255 -5.66 -35.41 29.72
CA VAL H 255 -5.86 -35.70 31.13
C VAL H 255 -7.25 -36.33 31.31
N ALA H 256 -8.26 -35.69 30.73
CA ALA H 256 -9.65 -36.22 30.74
C ALA H 256 -9.72 -37.65 30.19
N ALA H 257 -9.02 -37.91 29.08
CA ALA H 257 -8.98 -39.23 28.48
C ALA H 257 -8.32 -40.23 29.43
N GLY H 258 -7.17 -39.86 29.97
CA GLY H 258 -6.52 -40.67 31.01
C GLY H 258 -7.43 -40.90 32.20
N SER H 259 -8.08 -39.83 32.66
CA SER H 259 -8.96 -39.88 33.84
C SER H 259 -10.20 -40.74 33.65
N SER H 260 -10.77 -40.74 32.46
CA SER H 260 -12.03 -41.45 32.24
C SER H 260 -11.86 -42.91 31.80
N ASN H 261 -11.97 -43.15 30.50
CA ASN H 261 -12.05 -44.50 30.00
C ASN H 261 -10.87 -44.90 29.13
N LEU H 262 -9.74 -44.20 29.26
CA LEU H 262 -8.57 -44.42 28.42
C LEU H 262 -8.83 -44.34 26.90
N LYS H 263 -9.85 -43.59 26.50
CA LYS H 263 -10.04 -43.25 25.09
C LYS H 263 -8.72 -42.95 24.36
N ARG H 264 -8.66 -43.36 23.10
CA ARG H 264 -7.58 -42.96 22.21
C ARG H 264 -7.66 -41.46 21.88
N VAL H 265 -6.50 -40.82 21.84
CA VAL H 265 -6.43 -39.37 21.66
C VAL H 265 -5.52 -39.00 20.47
N THR H 266 -6.00 -38.13 19.59
CA THR H 266 -5.08 -37.40 18.72
C THR H 266 -5.34 -35.90 18.87
N LEU H 267 -4.32 -35.09 18.57
CA LEU H 267 -4.33 -33.65 18.85
C LEU H 267 -3.61 -32.86 17.76
N GLU H 268 -4.22 -31.77 17.33
CA GLU H 268 -3.53 -30.80 16.47
C GLU H 268 -3.59 -29.41 17.15
N LEU H 269 -2.42 -28.96 17.61
CA LEU H 269 -2.32 -27.81 18.50
C LEU H 269 -1.59 -26.65 17.83
N GLY H 270 -1.10 -25.71 18.61
CA GLY H 270 -0.52 -24.49 18.05
C GLY H 270 0.82 -24.72 17.37
N GLY H 271 1.41 -23.63 16.86
CA GLY H 271 2.80 -23.64 16.43
C GLY H 271 3.42 -22.26 16.55
N LYS H 272 4.75 -22.19 16.42
CA LYS H 272 5.44 -20.95 16.12
C LYS H 272 6.40 -21.16 14.92
N SER H 273 5.85 -21.33 13.72
CA SER H 273 6.60 -21.95 12.60
C SER H 273 7.62 -21.05 11.92
N PRO H 274 8.86 -21.56 11.77
CA PRO H 274 9.91 -20.77 11.17
C PRO H 274 9.90 -20.86 9.64
N ASN H 275 10.03 -19.72 8.99
CA ASN H 275 10.10 -19.61 7.52
C ASN H 275 11.48 -19.05 7.13
N ILE H 276 12.34 -19.92 6.64
CA ILE H 276 13.76 -19.59 6.47
C ILE H 276 14.11 -19.13 5.06
N ILE H 277 14.54 -17.86 4.93
CA ILE H 277 14.96 -17.33 3.66
C ILE H 277 16.49 -17.28 3.51
N MET H 278 17.04 -18.25 2.80
CA MET H 278 18.46 -18.26 2.47
C MET H 278 18.77 -17.17 1.47
N SER H 279 20.04 -16.79 1.36
CA SER H 279 20.42 -15.63 0.56
C SER H 279 20.36 -15.86 -0.94
N ASP H 280 20.30 -17.12 -1.36
CA ASP H 280 20.13 -17.43 -2.80
C ASP H 280 18.66 -17.67 -3.17
N ALA H 281 17.73 -17.36 -2.27
CA ALA H 281 16.31 -17.46 -2.61
C ALA H 281 15.98 -16.52 -3.74
N ASP H 282 14.95 -16.87 -4.50
CA ASP H 282 14.28 -15.94 -5.41
C ASP H 282 13.55 -14.88 -4.60
N MET H 283 14.04 -13.63 -4.68
CA MET H 283 13.61 -12.57 -3.77
C MET H 283 12.14 -12.25 -3.96
N ASP H 284 11.74 -11.95 -5.18
CA ASP H 284 10.34 -11.64 -5.42
C ASP H 284 9.44 -12.74 -4.84
N TRP H 285 9.68 -13.97 -5.28
CA TRP H 285 8.93 -15.14 -4.84
C TRP H 285 8.92 -15.27 -3.30
N ALA H 286 10.09 -15.21 -2.66
CA ALA H 286 10.15 -15.36 -1.21
C ALA H 286 9.36 -14.29 -0.43
N VAL H 287 9.47 -13.04 -0.88
CA VAL H 287 8.75 -11.94 -0.22
C VAL H 287 7.25 -12.18 -0.24
N GLU H 288 6.71 -12.46 -1.43
CA GLU H 288 5.30 -12.75 -1.58
C GLU H 288 4.87 -13.94 -0.72
N GLN H 289 5.71 -14.97 -0.67
CA GLN H 289 5.36 -16.22 0.00
C GLN H 289 5.50 -16.09 1.51
N ALA H 290 6.46 -15.28 1.95
CA ALA H 290 6.56 -14.95 3.39
C ALA H 290 5.37 -14.13 3.86
N HIS H 291 4.93 -13.22 3.00
CA HIS H 291 3.70 -12.47 3.29
C HIS H 291 2.49 -13.40 3.46
N PHE H 292 2.21 -14.19 2.42
CA PHE H 292 1.14 -15.18 2.49
C PHE H 292 1.27 -16.04 3.73
N ALA H 293 2.50 -16.46 4.01
CA ALA H 293 2.75 -17.47 5.05
C ALA H 293 2.31 -16.97 6.42
N LEU H 294 2.48 -15.67 6.67
CA LEU H 294 2.11 -15.07 7.95
C LEU H 294 0.66 -14.58 7.97
N PHE H 295 0.26 -13.85 6.93
CA PHE H 295 -1.00 -13.10 6.96
C PHE H 295 -2.25 -13.85 6.53
N PHE H 296 -2.08 -15.01 5.91
CA PHE H 296 -3.24 -15.74 5.40
C PHE H 296 -4.29 -15.95 6.50
N ASN H 297 -5.57 -15.76 6.12
CA ASN H 297 -6.68 -15.99 7.04
C ASN H 297 -6.57 -15.13 8.32
N GLN H 298 -6.23 -13.86 8.14
CA GLN H 298 -6.11 -12.93 9.26
C GLN H 298 -5.04 -13.35 10.25
N GLY H 299 -4.05 -14.11 9.77
CA GLY H 299 -3.00 -14.63 10.66
C GLY H 299 -3.49 -15.80 11.49
N GLN H 300 -4.72 -16.22 11.25
CA GLN H 300 -5.34 -17.23 12.10
C GLN H 300 -5.12 -18.67 11.58
N CYS H 301 -3.85 -19.06 11.45
CA CYS H 301 -3.43 -20.38 10.98
C CYS H 301 -2.47 -20.99 11.98
N CYS H 302 -2.80 -22.18 12.50
CA CYS H 302 -1.90 -22.89 13.40
C CYS H 302 -0.47 -22.99 12.86
N CYS H 303 -0.31 -23.05 11.53
CA CYS H 303 1.00 -23.18 10.88
C CYS H 303 1.59 -21.87 10.41
N ALA H 304 0.99 -20.74 10.80
CA ALA H 304 1.46 -19.44 10.35
C ALA H 304 2.97 -19.36 10.41
N GLY H 305 3.58 -18.79 9.39
CA GLY H 305 5.02 -18.59 9.39
C GLY H 305 5.35 -17.34 10.20
N SER H 306 5.32 -17.48 11.51
CA SER H 306 5.36 -16.36 12.44
C SER H 306 6.76 -16.10 12.99
N ARG H 307 7.74 -16.82 12.44
CA ARG H 307 9.15 -16.45 12.57
C ARG H 307 9.81 -16.48 11.19
N THR H 308 9.96 -15.32 10.58
CA THR H 308 10.64 -15.22 9.32
C THR H 308 12.13 -14.94 9.52
N PHE H 309 12.94 -16.00 9.42
CA PHE H 309 14.39 -15.89 9.40
C PHE H 309 14.92 -15.53 8.02
N VAL H 310 15.66 -14.43 7.95
CA VAL H 310 16.15 -13.91 6.69
C VAL H 310 17.67 -13.75 6.81
N GLN H 311 18.42 -14.34 5.87
CA GLN H 311 19.90 -14.25 5.91
C GLN H 311 20.39 -12.81 5.72
N GLU H 312 21.44 -12.46 6.45
CA GLU H 312 21.79 -11.05 6.67
C GLU H 312 22.06 -10.27 5.40
N ASP H 313 22.64 -10.94 4.40
CA ASP H 313 23.00 -10.29 3.14
C ASP H 313 21.81 -9.83 2.32
N ILE H 314 20.62 -10.33 2.61
CA ILE H 314 19.43 -9.93 1.86
C ILE H 314 18.37 -9.32 2.80
N TYR H 315 18.70 -9.24 4.09
CA TYR H 315 17.78 -8.74 5.11
C TYR H 315 17.15 -7.38 4.77
N ASP H 316 18.00 -6.40 4.46
CA ASP H 316 17.50 -5.05 4.22
C ASP H 316 16.53 -5.04 3.08
N GLU H 317 16.92 -5.65 1.96
CA GLU H 317 16.06 -5.68 0.78
C GLU H 317 14.76 -6.42 1.07
N PHE H 318 14.87 -7.54 1.77
CA PHE H 318 13.71 -8.34 2.11
C PHE H 318 12.69 -7.55 2.97
N VAL H 319 13.20 -6.83 3.97
CA VAL H 319 12.34 -6.01 4.81
C VAL H 319 11.59 -4.93 4.01
N GLU H 320 12.35 -4.11 3.27
CA GLU H 320 11.73 -3.07 2.47
C GLU H 320 10.59 -3.63 1.59
N ARG H 321 10.90 -4.71 0.87
CA ARG H 321 9.88 -5.36 0.04
C ARG H 321 8.71 -5.83 0.89
N SER H 322 9.02 -6.32 2.10
CA SER H 322 7.99 -6.90 2.96
C SER H 322 7.04 -5.85 3.52
N VAL H 323 7.62 -4.71 3.90
CA VAL H 323 6.85 -3.61 4.48
C VAL H 323 5.93 -3.08 3.42
N ALA H 324 6.46 -2.85 2.23
CA ALA H 324 5.65 -2.38 1.12
C ALA H 324 4.45 -3.29 0.87
N ARG H 325 4.66 -4.59 1.02
CA ARG H 325 3.61 -5.57 0.67
C ARG H 325 2.57 -5.58 1.77
N ALA H 326 3.02 -5.41 3.01
CA ALA H 326 2.11 -5.35 4.13
C ALA H 326 1.27 -4.05 4.10
N LYS H 327 1.97 -2.93 3.94
CA LYS H 327 1.32 -1.61 3.84
C LYS H 327 0.26 -1.61 2.76
N SER H 328 0.49 -2.34 1.68
CA SER H 328 -0.49 -2.38 0.60
C SER H 328 -1.54 -3.49 0.70
N ARG H 329 -1.57 -4.21 1.82
CA ARG H 329 -2.55 -5.25 2.03
C ARG H 329 -3.93 -4.66 2.42
N VAL H 330 -4.98 -5.00 1.67
CA VAL H 330 -6.29 -4.39 1.86
C VAL H 330 -7.12 -5.01 2.99
N VAL H 331 -7.39 -4.19 4.01
CA VAL H 331 -8.28 -4.53 5.11
C VAL H 331 -9.66 -3.92 4.86
N GLY H 332 -10.73 -4.72 4.90
CA GLY H 332 -12.06 -4.18 4.66
C GLY H 332 -13.20 -5.17 4.76
N ASN H 333 -14.39 -4.71 4.39
CA ASN H 333 -15.56 -5.59 4.26
C ASN H 333 -15.23 -6.89 3.50
N PRO H 334 -15.28 -8.03 4.20
CA PRO H 334 -14.88 -9.29 3.57
C PRO H 334 -15.71 -9.68 2.34
N PHE H 335 -16.91 -9.12 2.22
CA PHE H 335 -17.68 -9.31 0.99
C PHE H 335 -17.22 -8.46 -0.19
N ASP H 336 -16.27 -7.56 0.04
CA ASP H 336 -15.70 -6.79 -1.08
C ASP H 336 -14.60 -7.54 -1.82
N SER H 337 -14.77 -7.69 -3.13
CA SER H 337 -13.83 -8.49 -3.93
C SER H 337 -12.37 -8.07 -3.77
N LYS H 338 -12.13 -6.84 -3.34
CA LYS H 338 -10.76 -6.34 -3.21
C LYS H 338 -10.15 -6.57 -1.84
N THR H 339 -10.99 -6.87 -0.85
CA THR H 339 -10.48 -7.16 0.51
C THR H 339 -9.55 -8.39 0.51
N GLU H 340 -8.40 -8.23 1.17
CA GLU H 340 -7.43 -9.31 1.33
C GLU H 340 -7.48 -9.85 2.76
N GLN H 341 -7.70 -8.93 3.71
CA GLN H 341 -7.80 -9.27 5.12
C GLN H 341 -9.14 -8.76 5.65
N GLY H 342 -9.82 -9.60 6.41
CA GLY H 342 -11.02 -9.18 7.10
C GLY H 342 -10.77 -8.94 8.58
N PRO H 343 -11.83 -9.05 9.39
CA PRO H 343 -11.64 -8.93 10.84
C PRO H 343 -11.09 -10.20 11.47
N GLN H 344 -10.49 -10.06 12.66
CA GLN H 344 -10.26 -11.17 13.56
C GLN H 344 -11.57 -11.77 14.08
N VAL H 345 -11.53 -13.01 14.54
CA VAL H 345 -12.78 -13.75 14.75
C VAL H 345 -13.72 -13.20 15.81
N ASP H 346 -13.14 -12.69 16.90
CA ASP H 346 -13.95 -12.08 17.94
C ASP H 346 -13.15 -11.09 18.77
N GLU H 347 -13.77 -10.57 19.82
CA GLU H 347 -13.22 -9.45 20.58
C GLU H 347 -12.08 -9.93 21.46
N THR H 348 -12.21 -11.12 21.99
CA THR H 348 -11.17 -11.66 22.83
C THR H 348 -9.88 -11.89 22.04
N GLN H 349 -10.00 -12.35 20.79
CA GLN H 349 -8.85 -12.46 19.89
C GLN H 349 -8.32 -11.08 19.51
N PHE H 350 -9.25 -10.19 19.12
CA PHE H 350 -8.94 -8.80 18.78
C PHE H 350 -8.04 -8.23 19.88
N LYS H 351 -8.48 -8.37 21.13
CA LYS H 351 -7.78 -7.78 22.28
C LYS H 351 -6.46 -8.47 22.55
N LYS H 352 -6.46 -9.79 22.45
CA LYS H 352 -5.23 -10.55 22.72
C LYS H 352 -4.11 -10.17 21.74
N ILE H 353 -4.48 -9.91 20.49
CA ILE H 353 -3.49 -9.56 19.46
C ILE H 353 -2.91 -8.18 19.74
N LEU H 354 -3.79 -7.20 20.01
CA LEU H 354 -3.35 -5.85 20.42
C LEU H 354 -2.41 -5.93 21.63
N GLY H 355 -2.77 -6.75 22.61
CA GLY H 355 -1.84 -7.06 23.71
C GLY H 355 -0.48 -7.54 23.25
N TYR H 356 -0.43 -8.39 22.24
CA TYR H 356 0.87 -8.90 21.77
C TYR H 356 1.67 -7.82 21.08
N ILE H 357 1.01 -7.03 20.25
CA ILE H 357 1.66 -5.94 19.55
C ILE H 357 2.30 -5.00 20.57
N ASN H 358 1.59 -4.77 21.67
CA ASN H 358 2.07 -3.90 22.74
C ASN H 358 3.34 -4.43 23.40
N THR H 359 3.33 -5.71 23.77
CA THR H 359 4.53 -6.41 24.24
C THR H 359 5.65 -6.35 23.19
N GLY H 360 5.25 -6.23 21.92
CA GLY H 360 6.20 -6.17 20.83
C GLY H 360 7.05 -4.93 20.97
N LYS H 361 6.37 -3.78 20.97
CA LYS H 361 6.99 -2.47 21.11
C LYS H 361 7.84 -2.38 22.38
N GLN H 362 7.26 -2.81 23.50
CA GLN H 362 7.88 -2.62 24.81
C GLN H 362 9.06 -3.57 25.05
N GLU H 363 9.29 -4.49 24.11
CA GLU H 363 10.43 -5.42 24.18
C GLU H 363 11.56 -4.95 23.26
N GLY H 364 11.31 -3.87 22.53
CA GLY H 364 12.31 -3.28 21.64
C GLY H 364 12.42 -3.87 20.25
N ALA H 365 11.38 -4.56 19.79
CA ALA H 365 11.29 -4.91 18.37
C ALA H 365 11.01 -3.63 17.60
N LYS H 366 11.54 -3.54 16.38
CA LYS H 366 11.33 -2.37 15.55
C LYS H 366 10.00 -2.45 14.75
N LEU H 367 8.98 -1.73 15.22
CA LEU H 367 7.72 -1.66 14.48
C LEU H 367 7.96 -0.94 13.16
N LEU H 368 7.58 -1.56 12.05
CA LEU H 368 7.89 -1.01 10.72
C LEU H 368 6.63 -0.66 9.95
N CYS H 369 5.49 -1.16 10.42
CA CYS H 369 4.22 -0.67 9.89
C CYS H 369 3.05 -1.29 10.64
N GLY H 370 1.88 -0.69 10.43
CA GLY H 370 0.69 -1.01 11.21
C GLY H 370 0.91 -0.73 12.68
N GLY H 371 0.18 -1.46 13.53
CA GLY H 371 0.46 -1.46 14.95
C GLY H 371 -0.79 -1.17 15.75
N GLY H 372 -1.88 -0.88 15.05
CA GLY H 372 -3.13 -0.57 15.74
C GLY H 372 -4.37 -0.95 14.98
N ILE H 373 -5.49 -0.38 15.42
CA ILE H 373 -6.81 -0.75 14.94
C ILE H 373 -7.03 -0.22 13.53
N ALA H 374 -7.73 -1.00 12.70
CA ALA H 374 -7.84 -0.69 11.27
C ALA H 374 -9.19 -0.06 10.91
N ALA H 375 -10.15 -0.16 11.82
CA ALA H 375 -11.46 0.49 11.67
C ALA H 375 -12.09 0.71 13.04
N ASP H 376 -13.16 1.51 13.10
CA ASP H 376 -13.88 1.68 14.36
C ASP H 376 -14.98 0.64 14.55
N ARG H 377 -15.48 0.06 13.46
CA ARG H 377 -16.53 -0.94 13.57
C ARG H 377 -15.96 -2.32 13.26
N GLY H 378 -16.12 -3.26 14.18
CA GLY H 378 -15.62 -4.63 13.99
C GLY H 378 -14.16 -4.78 14.38
N TYR H 379 -13.64 -6.00 14.27
CA TYR H 379 -12.36 -6.35 14.90
C TYR H 379 -11.18 -6.35 13.92
N PHE H 380 -11.08 -5.29 13.13
CA PHE H 380 -10.04 -5.14 12.12
C PHE H 380 -8.74 -4.64 12.72
N ILE H 381 -7.64 -5.33 12.43
CA ILE H 381 -6.31 -4.92 12.91
C ILE H 381 -5.38 -4.66 11.74
N GLN H 382 -4.46 -3.72 11.91
CA GLN H 382 -3.58 -3.32 10.81
C GLN H 382 -2.56 -4.41 10.55
N PRO H 383 -2.26 -4.67 9.28
CA PRO H 383 -1.13 -5.52 8.91
C PRO H 383 0.14 -4.96 9.56
N THR H 384 0.66 -5.68 10.55
CA THR H 384 1.78 -5.18 11.36
C THR H 384 3.06 -6.00 11.18
N VAL H 385 4.19 -5.31 11.06
CA VAL H 385 5.49 -5.95 10.81
C VAL H 385 6.52 -5.48 11.84
N PHE H 386 7.08 -6.43 12.58
CA PHE H 386 8.22 -6.18 13.44
C PHE H 386 9.52 -6.69 12.77
N GLY H 387 10.50 -5.80 12.64
CA GLY H 387 11.87 -6.18 12.25
C GLY H 387 12.81 -6.28 13.44
N ASP H 388 14.05 -6.72 13.18
CA ASP H 388 15.04 -6.99 14.23
C ASP H 388 14.55 -7.78 15.43
N VAL H 389 13.70 -8.78 15.20
CA VAL H 389 13.22 -9.63 16.29
C VAL H 389 14.29 -10.59 16.78
N GLN H 390 14.34 -10.81 18.09
CA GLN H 390 15.28 -11.72 18.73
C GLN H 390 14.56 -12.92 19.36
N ASP H 391 15.29 -14.02 19.55
CA ASP H 391 14.68 -15.29 19.95
C ASP H 391 13.99 -15.19 21.32
N GLY H 392 14.41 -14.20 22.12
CA GLY H 392 14.04 -14.14 23.53
C GLY H 392 12.75 -13.38 23.71
N MET H 393 12.40 -12.60 22.70
CA MET H 393 11.19 -11.80 22.78
C MET H 393 9.92 -12.65 22.85
N THR H 394 8.91 -12.10 23.51
CA THR H 394 7.63 -12.76 23.64
C THR H 394 7.02 -13.00 22.28
N ILE H 395 7.06 -12.00 21.40
CA ILE H 395 6.48 -12.14 20.08
C ILE H 395 7.19 -13.21 19.23
N ALA H 396 8.44 -13.55 19.58
CA ALA H 396 9.17 -14.60 18.87
C ALA H 396 8.89 -16.00 19.42
N LYS H 397 8.27 -16.09 20.59
CA LYS H 397 8.13 -17.35 21.31
C LYS H 397 6.67 -17.82 21.36
N GLU H 398 5.73 -16.89 21.30
CA GLU H 398 4.33 -17.21 21.56
C GLU H 398 3.46 -17.07 20.33
N GLU H 399 2.50 -17.98 20.21
CA GLU H 399 1.59 -17.98 19.08
C GLU H 399 0.62 -16.79 19.16
N ILE H 400 0.78 -15.83 18.24
CA ILE H 400 -0.02 -14.62 18.25
C ILE H 400 -1.38 -14.75 17.59
N PHE H 401 -1.44 -15.50 16.49
CA PHE H 401 -2.70 -15.82 15.78
C PHE H 401 -3.33 -14.59 15.11
N GLY H 402 -2.45 -13.70 14.67
CA GLY H 402 -2.88 -12.38 14.24
C GLY H 402 -2.03 -11.91 13.08
N PRO H 403 -2.44 -10.82 12.43
CA PRO H 403 -1.68 -10.26 11.31
C PRO H 403 -0.37 -9.60 11.77
N VAL H 404 0.46 -10.33 12.51
CA VAL H 404 1.63 -9.75 13.15
C VAL H 404 2.91 -10.50 12.77
N MET H 405 3.68 -9.93 11.84
CA MET H 405 4.89 -10.55 11.31
C MET H 405 6.15 -10.26 12.14
N GLN H 406 6.95 -11.30 12.41
CA GLN H 406 8.27 -11.16 13.01
C GLN H 406 9.39 -11.49 12.01
N ILE H 407 10.30 -10.55 11.79
CA ILE H 407 11.45 -10.79 10.93
C ILE H 407 12.74 -10.82 11.73
N LEU H 408 13.48 -11.93 11.59
CA LEU H 408 14.70 -12.18 12.34
C LEU H 408 15.89 -12.31 11.41
N LYS H 409 17.05 -11.84 11.83
CA LYS H 409 18.26 -11.95 11.01
C LYS H 409 19.11 -13.13 11.49
N PHE H 410 19.70 -13.86 10.54
CA PHE H 410 20.68 -14.88 10.85
C PHE H 410 21.86 -14.83 9.88
N LYS H 411 22.95 -15.47 10.26
CA LYS H 411 24.13 -15.55 9.40
C LYS H 411 24.30 -16.88 8.66
N THR H 412 24.42 -17.99 9.40
CA THR H 412 24.78 -19.26 8.78
C THR H 412 23.65 -20.30 8.85
N ILE H 413 23.81 -21.37 8.07
CA ILE H 413 22.78 -22.39 7.91
C ILE H 413 22.69 -23.25 9.15
N GLU H 414 23.85 -23.61 9.71
CA GLU H 414 23.92 -24.33 10.99
C GLU H 414 23.31 -23.52 12.13
N GLU H 415 23.53 -22.21 12.11
CA GLU H 415 22.87 -21.35 13.10
C GLU H 415 21.35 -21.37 12.98
N VAL H 416 20.80 -21.19 11.79
CA VAL H 416 19.34 -21.06 11.67
C VAL H 416 18.63 -22.35 12.05
N VAL H 417 19.29 -23.48 11.79
CA VAL H 417 18.79 -24.77 12.21
C VAL H 417 18.52 -24.78 13.71
N GLY H 418 19.54 -24.37 14.46
CA GLY H 418 19.49 -24.38 15.93
C GLY H 418 18.36 -23.51 16.44
N ARG H 419 18.27 -22.30 15.91
CA ARG H 419 17.25 -21.33 16.36
C ARG H 419 15.81 -21.71 15.95
N ALA H 420 15.68 -22.24 14.73
CA ALA H 420 14.39 -22.70 14.25
C ALA H 420 13.93 -23.88 15.08
N ASN H 421 14.85 -24.76 15.45
CA ASN H 421 14.48 -25.93 16.26
C ASN H 421 14.28 -25.67 17.76
N ASN H 422 14.78 -24.54 18.24
CA ASN H 422 14.68 -24.24 19.67
C ASN H 422 13.26 -23.77 19.98
N SER H 423 12.37 -24.74 20.15
CA SER H 423 10.95 -24.48 20.28
C SER H 423 10.27 -25.74 20.81
N THR H 424 9.27 -25.57 21.65
CA THR H 424 8.45 -26.69 22.09
C THR H 424 7.33 -27.00 21.07
N TYR H 425 7.25 -26.16 20.05
CA TYR H 425 6.36 -26.35 18.93
C TYR H 425 7.16 -26.91 17.76
N GLY H 426 6.47 -27.63 16.87
CA GLY H 426 7.09 -28.17 15.66
C GLY H 426 6.05 -28.59 14.64
N LEU H 427 5.12 -27.70 14.34
CA LEU H 427 4.03 -28.01 13.42
C LEU H 427 4.43 -27.95 11.95
N ALA H 428 5.05 -26.84 11.56
CA ALA H 428 5.46 -26.64 10.18
C ALA H 428 6.76 -25.86 10.13
N ALA H 429 7.37 -25.82 8.95
CA ALA H 429 8.53 -24.98 8.68
C ALA H 429 8.68 -24.81 7.18
N ALA H 430 9.52 -23.87 6.75
CA ALA H 430 9.73 -23.64 5.33
C ALA H 430 11.15 -23.20 5.06
N VAL H 431 11.63 -23.50 3.86
CA VAL H 431 12.96 -23.10 3.42
C VAL H 431 12.87 -22.56 1.98
N PHE H 432 13.43 -21.38 1.74
CA PHE H 432 13.49 -20.78 0.41
C PHE H 432 14.93 -20.69 -0.02
N THR H 433 15.28 -21.41 -1.09
CA THR H 433 16.66 -21.54 -1.55
C THR H 433 16.67 -22.18 -2.94
N LYS H 434 17.66 -21.80 -3.74
CA LYS H 434 17.80 -22.40 -5.08
C LYS H 434 18.69 -23.64 -5.04
N ASP H 435 19.37 -23.85 -3.93
CA ASP H 435 20.43 -24.84 -3.87
C ASP H 435 19.89 -26.20 -3.41
N LEU H 436 20.19 -27.24 -4.18
CA LEU H 436 19.71 -28.61 -3.89
C LEU H 436 20.17 -29.10 -2.51
N ASP H 437 21.47 -28.95 -2.24
CA ASP H 437 22.02 -29.44 -0.96
C ASP H 437 21.46 -28.71 0.26
N LYS H 438 21.28 -27.39 0.17
CA LYS H 438 20.71 -26.66 1.29
C LYS H 438 19.25 -27.10 1.55
N ALA H 439 18.46 -27.23 0.49
CA ALA H 439 17.08 -27.66 0.66
C ALA H 439 16.98 -29.00 1.37
N ASN H 440 17.85 -29.95 0.98
CA ASN H 440 17.85 -31.29 1.57
C ASN H 440 18.45 -31.29 2.98
N TYR H 441 19.51 -30.53 3.17
CA TYR H 441 20.07 -30.38 4.50
C TYR H 441 19.02 -29.86 5.47
N LEU H 442 18.36 -28.79 5.09
CA LEU H 442 17.35 -28.18 5.96
C LEU H 442 16.11 -29.05 6.16
N SER H 443 15.52 -29.58 5.09
CA SER H 443 14.26 -30.33 5.24
C SER H 443 14.46 -31.54 6.18
N GLN H 444 15.64 -32.13 6.14
CA GLN H 444 15.94 -33.24 7.04
C GLN H 444 16.14 -32.76 8.51
N ALA H 445 16.89 -31.66 8.69
CA ALA H 445 17.27 -31.18 10.02
C ALA H 445 16.12 -30.54 10.80
N LEU H 446 15.15 -29.96 10.11
CA LEU H 446 14.11 -29.18 10.81
C LEU H 446 13.12 -30.10 11.50
N GLN H 447 12.78 -29.80 12.75
CA GLN H 447 11.99 -30.71 13.55
C GLN H 447 10.55 -30.21 13.48
N ALA H 448 9.86 -30.59 12.42
CA ALA H 448 8.55 -30.05 12.09
C ALA H 448 7.77 -31.14 11.33
N GLY H 449 6.45 -31.16 11.51
CA GLY H 449 5.59 -32.10 10.80
C GLY H 449 5.52 -31.96 9.29
N THR H 450 5.64 -30.72 8.80
CA THR H 450 5.65 -30.43 7.37
C THR H 450 6.76 -29.41 7.13
N VAL H 451 7.59 -29.66 6.13
CA VAL H 451 8.57 -28.69 5.68
C VAL H 451 8.25 -28.38 4.22
N TRP H 452 8.07 -27.10 3.95
CA TRP H 452 7.77 -26.64 2.60
C TRP H 452 9.08 -26.13 2.03
N VAL H 453 9.32 -26.43 0.75
CA VAL H 453 10.48 -25.89 0.04
C VAL H 453 10.06 -24.97 -1.10
N ASN H 454 10.49 -23.71 -1.02
CA ASN H 454 10.06 -22.66 -1.95
C ASN H 454 8.56 -22.49 -2.10
N CYS H 455 7.83 -22.82 -1.04
CA CYS H 455 6.42 -22.52 -0.99
C CYS H 455 6.01 -22.51 0.48
N TYR H 456 4.72 -22.32 0.74
CA TYR H 456 4.20 -22.26 2.09
C TYR H 456 2.73 -22.56 2.05
N ASP H 457 2.25 -23.24 3.08
CA ASP H 457 0.82 -23.50 3.23
C ASP H 457 0.29 -24.29 2.04
N VAL H 458 1.13 -25.18 1.51
CA VAL H 458 0.67 -26.09 0.46
C VAL H 458 0.17 -27.38 1.09
N PHE H 459 -1.15 -27.50 1.17
CA PHE H 459 -1.81 -28.67 1.68
C PHE H 459 -2.38 -29.49 0.54
N GLY H 460 -2.27 -30.80 0.64
CA GLY H 460 -3.07 -31.67 -0.21
C GLY H 460 -3.84 -32.65 0.64
N ALA H 461 -5.07 -32.95 0.23
CA ALA H 461 -5.82 -34.03 0.88
C ALA H 461 -4.96 -35.30 0.94
N GLN H 462 -4.03 -35.43 -0.01
CA GLN H 462 -3.15 -36.60 -0.14
C GLN H 462 -1.97 -36.61 0.85
N SER H 463 -1.56 -35.43 1.31
CA SER H 463 -0.36 -35.32 2.14
C SER H 463 -0.68 -35.11 3.61
N PRO H 464 -0.15 -35.97 4.50
CA PRO H 464 -0.49 -35.87 5.92
C PRO H 464 0.05 -34.58 6.58
N PHE H 465 -0.60 -34.19 7.68
CA PHE H 465 -0.33 -32.92 8.38
C PHE H 465 -0.57 -33.14 9.88
N GLY H 466 0.37 -32.69 10.71
CA GLY H 466 0.28 -32.79 12.17
C GLY H 466 1.60 -32.40 12.81
N GLY H 467 1.64 -32.30 14.14
CA GLY H 467 2.81 -31.70 14.80
C GLY H 467 3.89 -32.67 15.26
N TYR H 468 5.12 -32.16 15.37
CA TYR H 468 6.11 -32.67 16.32
C TYR H 468 5.96 -31.96 17.69
N LYS H 469 6.56 -32.57 18.71
CA LYS H 469 6.61 -32.00 20.05
C LYS H 469 5.22 -31.61 20.57
N MET H 470 5.07 -30.37 21.01
CA MET H 470 3.80 -29.98 21.64
C MET H 470 2.84 -29.30 20.68
N SER H 471 3.12 -29.42 19.38
CA SER H 471 2.20 -28.98 18.35
C SER H 471 1.14 -30.04 18.06
N GLY H 472 1.25 -31.20 18.73
CA GLY H 472 0.25 -32.26 18.60
C GLY H 472 0.80 -33.67 18.45
N SER H 473 -0.08 -34.63 18.19
CA SER H 473 0.32 -36.02 17.96
C SER H 473 -0.66 -36.70 17.01
N GLY H 474 -0.14 -37.63 16.20
CA GLY H 474 -0.93 -38.17 15.10
C GLY H 474 -0.92 -37.31 13.84
N ARG H 475 -1.50 -37.82 12.77
CA ARG H 475 -1.58 -37.06 11.53
C ARG H 475 -2.98 -36.99 10.95
N GLU H 476 -3.26 -35.89 10.25
CA GLU H 476 -4.46 -35.76 9.46
C GLU H 476 -4.12 -35.72 7.98
N LEU H 477 -5.09 -36.09 7.15
CA LEU H 477 -4.93 -36.18 5.70
C LEU H 477 -4.09 -37.39 5.27
N GLY H 478 -4.07 -37.65 3.97
CA GLY H 478 -3.42 -38.85 3.43
C GLY H 478 -3.95 -40.17 3.96
N GLU H 479 -3.27 -41.24 3.58
CA GLU H 479 -3.52 -42.55 4.18
C GLU H 479 -3.41 -42.49 5.71
N TYR H 480 -2.52 -41.61 6.18
CA TYR H 480 -2.13 -41.60 7.59
C TYR H 480 -3.30 -41.15 8.46
N GLY H 481 -4.17 -40.33 7.91
CA GLY H 481 -5.34 -39.85 8.64
C GLY H 481 -6.35 -40.95 8.93
N LEU H 482 -6.15 -42.14 8.32
CA LEU H 482 -7.03 -43.28 8.63
C LEU H 482 -6.58 -44.08 9.84
N GLN H 483 -5.30 -43.97 10.20
CA GLN H 483 -4.74 -44.77 11.29
C GLN H 483 -5.47 -44.60 12.63
N ALA H 484 -5.71 -43.35 13.01
CA ALA H 484 -6.34 -43.01 14.27
C ALA H 484 -7.79 -43.47 14.33
N TYR H 485 -8.36 -43.76 13.17
CA TYR H 485 -9.78 -44.08 13.10
C TYR H 485 -10.10 -45.56 12.91
N THR H 486 -9.07 -46.39 13.11
CA THR H 486 -9.12 -47.82 12.85
C THR H 486 -8.67 -48.50 14.15
N GLU H 487 -9.38 -49.56 14.53
CA GLU H 487 -8.90 -50.46 15.57
C GLU H 487 -8.49 -51.76 14.88
N VAL H 488 -7.29 -52.24 15.16
CA VAL H 488 -6.79 -53.44 14.51
C VAL H 488 -7.12 -54.70 15.30
N LYS H 489 -7.84 -55.62 14.66
CA LYS H 489 -8.11 -56.94 15.25
C LYS H 489 -7.31 -58.04 14.54
N THR H 490 -6.59 -58.84 15.30
CA THR H 490 -5.88 -59.98 14.75
C THR H 490 -6.77 -61.21 14.94
N VAL H 491 -6.98 -61.98 13.86
CA VAL H 491 -7.65 -63.29 13.95
C VAL H 491 -6.65 -64.37 13.53
N THR H 492 -6.49 -65.39 14.36
CA THR H 492 -5.44 -66.36 14.18
C THR H 492 -6.08 -67.72 14.34
N VAL H 493 -6.13 -68.45 13.22
CA VAL H 493 -6.96 -69.64 13.12
C VAL H 493 -6.09 -70.88 12.99
N LYS H 494 -6.38 -71.89 13.80
CA LYS H 494 -5.74 -73.19 13.62
C LYS H 494 -6.13 -73.82 12.28
N VAL H 495 -5.13 -74.25 11.52
CA VAL H 495 -5.40 -74.93 10.26
C VAL H 495 -4.73 -76.30 10.22
N PRO H 496 -5.22 -77.19 9.36
CA PRO H 496 -4.66 -78.56 9.35
C PRO H 496 -3.16 -78.60 9.02
N GLN H 497 -2.74 -77.88 7.98
CA GLN H 497 -1.32 -77.88 7.63
C GLN H 497 -0.97 -76.67 6.80
N LYS H 498 -0.20 -75.74 7.39
CA LYS H 498 0.15 -74.46 6.76
C LYS H 498 1.15 -74.76 5.66
N ASN H 499 0.87 -74.27 4.46
CA ASN H 499 1.89 -74.22 3.41
C ASN H 499 2.09 -72.81 2.88
N SER H 500 3.27 -72.52 2.34
CA SER H 500 3.54 -71.22 1.71
C SER H 500 2.57 -70.95 0.56
NA NA I . -14.20 13.45 -18.07
C GAI J . -14.57 50.08 -20.64
N1 GAI J . -14.93 50.97 -21.46
N2 GAI J . -14.57 48.79 -21.00
N3 GAI J . -14.19 50.42 -19.41
C GAI K . 0.79 70.02 -16.18
N1 GAI K . 0.43 71.19 -15.91
N2 GAI K . 1.15 69.70 -17.43
N3 GAI K . 0.82 69.10 -15.20
C1 EDO L . -16.71 60.68 -13.32
O1 EDO L . -15.42 60.79 -13.88
C2 EDO L . -16.62 60.37 -11.83
O2 EDO L . -15.62 59.37 -11.58
C1 EDO M . -27.74 18.22 -5.73
O1 EDO M . -28.51 18.92 -4.77
C2 EDO M . -28.67 17.76 -6.83
O2 EDO M . -28.81 18.83 -7.75
C1 I3E N . -3.39 23.43 -6.17
C2 I3E N . -2.30 22.79 -6.74
C3 I3E N . -1.99 23.03 -8.08
C4 I3E N . -2.74 23.92 -8.83
C5 I3E N . -3.82 24.56 -8.25
C6 I3E N . -4.15 24.32 -6.92
C7 I3E N . -3.75 23.19 -4.73
C8 I3E N . -2.60 22.46 -4.04
C9 I3E N . -2.40 24.17 -10.26
O9 I3E N . -1.92 23.27 -10.94
C10 I3E N . -2.62 25.50 -10.89
C11 I3E N . -1.80 25.84 -12.11
NA NA O . 15.66 63.85 -38.77
C GAI P . 13.86 38.26 -12.63
N1 GAI P . 13.63 38.66 -13.82
N2 GAI P . 14.41 37.06 -12.44
N3 GAI P . 13.58 39.03 -11.57
C GAI Q . -2.97 27.49 3.08
N1 GAI Q . -3.06 26.75 2.05
N2 GAI Q . -2.86 26.94 4.29
N3 GAI Q . -2.99 28.83 2.98
C1 EDO R . 21.16 70.26 -41.70
O1 EDO R . 20.99 70.88 -40.45
C2 EDO R . 21.41 71.36 -42.74
O2 EDO R . 20.22 72.12 -42.93
C1 I3E S . 2.38 65.53 -25.10
C2 I3E S . 1.37 65.41 -26.04
C3 I3E S . 1.23 64.21 -26.74
C4 I3E S . 2.10 63.15 -26.48
C5 I3E S . 3.10 63.29 -25.54
C6 I3E S . 3.24 64.48 -24.84
C7 I3E S . 2.56 66.82 -24.32
C8 I3E S . 1.47 67.81 -24.71
C9 I3E S . 1.98 61.86 -27.23
O9 I3E S . 1.70 61.89 -28.42
C10 I3E S . 2.22 60.55 -26.58
C11 I3E S . 1.67 59.32 -27.28
C1 EDO T . 13.97 38.11 0.89
O1 EDO T . 13.28 39.00 0.02
C2 EDO T . 14.36 36.89 0.09
O2 EDO T . 13.19 36.18 -0.30
NA NA U . -33.84 55.30 26.21
C GAI V . 0.52 43.67 19.76
N1 GAI V . -0.20 44.60 20.23
N2 GAI V . 0.36 43.24 18.50
N3 GAI V . 1.47 43.12 20.53
C GAI W . 21.05 50.25 6.15
N1 GAI W . 19.93 50.23 5.54
N2 GAI W . 22.05 49.48 5.74
N3 GAI W . 21.21 51.04 7.21
C GAI X . -42.67 67.68 28.18
N1 GAI X . -43.47 67.41 27.25
N2 GAI X . -41.79 66.76 28.60
N3 GAI X . -42.69 68.90 28.74
C1 EDO Y . 7.89 35.92 10.70
O1 EDO Y . 8.21 37.14 11.37
C2 EDO Y . 6.55 36.09 9.97
O2 EDO Y . 6.25 37.47 9.70
C1 EDO Z . -42.05 52.04 27.49
O1 EDO Z . -42.04 51.64 26.13
C2 EDO Z . -43.48 52.26 27.96
O2 EDO Z . -43.99 53.38 27.24
C1 EDO AA . -35.61 38.36 17.96
O1 EDO AA . -36.81 38.21 17.23
C2 EDO AA . -35.95 38.29 19.43
O2 EDO AA . -36.92 37.25 19.60
C1 EDO BA . -39.07 68.16 31.43
O1 EDO BA . -39.72 67.23 30.57
C2 EDO BA . -39.28 69.57 30.90
O2 EDO BA . -40.66 69.78 30.63
C1 I3E CA . -25.95 59.22 9.16
C2 I3E CA . -25.93 60.59 9.34
C3 I3E CA . -25.15 61.14 10.36
C4 I3E CA . -24.39 60.32 11.18
C5 I3E CA . -24.42 58.95 11.01
C6 I3E CA . -25.19 58.40 9.99
C7 I3E CA . -26.77 58.57 8.07
C8 I3E CA . -27.59 59.63 7.35
C9 I3E CA . -23.57 60.90 12.28
O9 I3E CA . -24.05 61.82 12.92
C10 I3E CA . -22.24 60.37 12.65
C11 I3E CA . -21.34 61.27 13.48
C GAI DA . -24.92 55.91 -0.21
N1 GAI DA . -25.26 56.40 0.90
N2 GAI DA . -25.82 55.77 -1.18
N3 GAI DA . -23.65 55.51 -0.40
NA NA EA . 26.82 70.47 23.24
C GAI FA . -5.96 71.44 6.42
N1 GAI FA . -6.68 72.48 6.38
N2 GAI FA . -5.88 70.63 5.36
N3 GAI FA . -5.28 71.16 7.52
C1 EDO GA . -11.12 69.28 -5.63
O1 EDO GA . -11.98 68.78 -4.61
C2 EDO GA . -10.28 68.15 -6.22
O2 EDO GA . -9.28 67.72 -5.30
C1 I3E HA . 20.44 55.26 14.65
C2 I3E HA . 20.46 54.62 15.90
C3 I3E HA . 19.55 54.99 16.88
C4 I3E HA . 18.63 56.00 16.64
C5 I3E HA . 18.62 56.63 15.40
C6 I3E HA . 19.52 56.26 14.41
C7 I3E HA . 21.41 54.88 13.56
C8 I3E HA . 22.40 53.84 14.06
C9 I3E HA . 17.65 56.43 17.68
O9 I3E HA . 17.99 56.56 18.85
C10 I3E HA . 16.25 56.73 17.31
C11 I3E HA . 15.19 56.50 18.37
NA NA IA . 36.21 -67.29 -17.03
C GAI JA . 1.63 -71.87 -6.65
N1 GAI JA . 1.35 -71.08 -5.70
N2 GAI JA . 0.94 -73.01 -6.83
N3 GAI JA . 2.62 -71.58 -7.51
C1 EDO KA . -6.39 -70.39 3.61
O1 EDO KA . -7.09 -69.89 2.47
C2 EDO KA . -5.95 -69.23 4.48
O2 EDO KA . -4.67 -68.77 4.08
C1 EDO LA . 38.40 -71.99 0.85
O1 EDO LA . 37.64 -71.48 1.93
C2 EDO LA . 37.60 -73.12 0.23
O2 EDO LA . 37.00 -73.84 1.30
C1 I3E MA . 26.95 -52.33 -9.69
C2 I3E MA . 27.09 -51.64 -10.89
C3 I3E MA . 26.42 -52.10 -12.03
C4 I3E MA . 25.62 -53.24 -11.97
C5 I3E MA . 25.48 -53.91 -10.76
C6 I3E MA . 26.15 -53.46 -9.62
C7 I3E MA . 27.65 -51.87 -8.43
C8 I3E MA . 28.44 -50.60 -8.66
C9 I3E MA . 24.90 -53.74 -13.19
O9 I3E MA . 25.47 -53.74 -14.27
C10 I3E MA . 23.55 -54.30 -13.13
C11 I3E MA . 22.84 -54.53 -14.45
C GAI NA . 24.99 -47.32 -1.33
N1 GAI NA . 23.79 -47.68 -1.14
N2 GAI NA . 25.70 -47.84 -2.32
N3 GAI NA . 25.56 -46.41 -0.53
C GAI OA . -20.47 -58.81 -4.53
N1 GAI OA . -21.45 -58.81 -3.74
N2 GAI OA . -20.63 -59.23 -5.79
N3 GAI OA . -19.26 -58.39 -4.13
NA NA PA . -23.50 -58.87 -32.14
C GAI QA . 6.94 -43.17 -18.83
N1 GAI QA . 6.63 -42.92 -17.61
N2 GAI QA . 6.32 -44.15 -19.51
N3 GAI QA . 7.89 -42.47 -19.44
C GAI RA . -29.74 -72.30 -35.93
N1 GAI RA . -30.73 -72.06 -35.17
N2 GAI RA . -29.60 -73.52 -36.45
N3 GAI RA . -28.86 -71.32 -36.22
C1 EDO SA . 9.98 -35.43 -8.14
O1 EDO SA . 9.34 -36.70 -8.06
C2 EDO SA . 10.97 -35.40 -9.29
O2 EDO SA . 11.90 -36.49 -9.18
C1 EDO TA . -31.67 -56.64 -35.44
O1 EDO TA . -31.70 -56.18 -34.08
C2 EDO TA . -33.05 -57.11 -35.83
O2 EDO TA . -33.29 -58.39 -35.27
C1 EDO UA . -29.11 -42.56 -24.79
O1 EDO UA . -30.47 -42.78 -24.42
C2 EDO UA . -29.09 -42.09 -26.24
O2 EDO UA . -29.02 -40.68 -26.22
C1 EDO VA . -0.49 -32.29 -26.25
O1 EDO VA . 0.72 -33.05 -26.31
C2 EDO VA . -0.83 -31.81 -27.67
O2 EDO VA . -0.86 -32.90 -28.58
C1 EDO WA . -25.64 -73.68 -37.59
O1 EDO WA . -26.94 -74.23 -37.79
C2 EDO WA . -25.45 -72.35 -38.31
O2 EDO WA . -26.54 -71.49 -38.02
C1 I3E XA . -18.69 -61.86 -13.91
C2 I3E XA . -18.53 -63.21 -14.16
C3 I3E XA . -17.52 -63.64 -15.01
C4 I3E XA . -16.66 -62.72 -15.61
C5 I3E XA . -16.83 -61.36 -15.36
C6 I3E XA . -17.83 -60.93 -14.49
C7 I3E XA . -19.77 -61.35 -12.97
C8 I3E XA . -20.53 -62.48 -12.31
C9 I3E XA . -15.59 -63.16 -16.56
O9 I3E XA . -15.85 -64.02 -17.39
C10 I3E XA . -14.24 -62.59 -16.53
C11 I3E XA . -13.13 -63.50 -17.04
C1 EDO YA . 15.56 -34.95 3.00
O1 EDO YA . 14.24 -34.42 3.12
C2 EDO YA . 15.49 -36.20 2.14
O2 EDO YA . 14.69 -37.18 2.82
NA NA ZA . 12.17 -61.74 41.87
C GAI AB . 12.54 -36.44 15.47
N1 GAI AB . 12.19 -36.86 16.61
N2 GAI AB . 12.37 -37.22 14.39
N3 GAI AB . 13.08 -35.24 15.32
C GAI BB . -1.88 -27.89 -3.61
N1 GAI BB . -1.79 -29.12 -3.31
N2 GAI BB . -1.66 -27.47 -4.85
N3 GAI BB . -2.18 -27.01 -2.67
C1 EDO CB . 26.99 -66.02 30.65
O1 EDO CB . 26.84 -67.42 30.53
C2 EDO CB . 27.91 -65.76 31.82
O2 EDO CB . 28.13 -66.99 32.51
C1 I3E DB . 2.50 -64.73 25.63
C2 I3E DB . 1.33 -64.82 26.38
C3 I3E DB . 0.90 -63.73 27.11
C4 I3E DB . 1.63 -62.54 27.10
C5 I3E DB . 2.79 -62.46 26.35
C6 I3E DB . 3.24 -63.56 25.61
C7 I3E DB . 2.98 -65.91 24.83
C8 I3E DB . 2.18 -67.12 25.24
C9 I3E DB . 1.17 -61.37 27.90
O9 I3E DB . 0.69 -61.56 29.01
C10 I3E DB . 1.33 -59.99 27.44
C11 I3E DB . 0.46 -58.90 28.06
NA NA EB . -19.16 -15.63 14.52
C GAI FB . -15.07 -51.75 17.48
N1 GAI FB . -15.54 -52.69 18.21
N2 GAI FB . -14.64 -52.01 16.23
N3 GAI FB . -15.02 -50.49 17.93
C GAI GB . 3.18 -69.60 16.69
N1 GAI GB . 2.96 -70.78 16.33
N2 GAI GB . 3.35 -68.65 15.77
N3 GAI GB . 3.25 -69.28 17.97
C1 EDO HB . -14.16 -62.87 9.99
O1 EDO HB . -13.26 -62.43 10.99
C2 EDO HB . -13.96 -62.17 8.65
O2 EDO HB . -13.08 -61.04 8.74
C1 EDO IB . -11.47 -46.54 24.83
O1 EDO IB . -11.77 -47.30 26.00
C2 EDO IB . -11.65 -47.36 23.56
O2 EDO IB . -12.85 -48.15 23.57
C1 EDO JB . -28.93 -22.87 0.12
O1 EDO JB . -29.52 -22.12 -0.92
C2 EDO JB . -29.47 -22.35 1.44
O2 EDO JB . -30.69 -21.66 1.17
C1 I3E KB . -4.74 -24.25 5.60
C2 I3E KB . -3.92 -23.39 6.33
C3 I3E KB . -3.81 -23.52 7.70
C4 I3E KB . -4.53 -24.52 8.35
C5 I3E KB . -5.35 -25.38 7.63
C6 I3E KB . -5.45 -25.25 6.25
C7 I3E KB . -4.85 -24.10 4.10
C8 I3E KB . -3.98 -22.92 3.64
C9 I3E KB . -4.42 -24.64 9.83
O9 I3E KB . -4.01 -23.67 10.47
C10 I3E KB . -4.82 -25.88 10.55
C11 I3E KB . -4.26 -26.07 11.95
#